data_8BUT
#
_entry.id   8BUT
#
_cell.length_a   249.701
_cell.length_b   249.701
_cell.length_c   218.495
_cell.angle_alpha   90.000
_cell.angle_beta   90.000
_cell.angle_gamma   120.000
#
_symmetry.space_group_name_H-M   'P 31 2 1'
#
loop_
_entity.id
_entity.type
_entity.pdbx_description
1 polymer 'DNA damage-binding protein 1'
2 polymer 'Cyclin-dependent kinase 12'
3 polymer Cyclin-K
4 non-polymer 'SULFATE ION'
5 non-polymer 2-[[6-[[4-(2-hydroxyethyloxy)phenyl]methylamino]-9-propan-2-yl-purin-2-yl]amino]butan-1-ol
#
loop_
_entity_poly.entity_id
_entity_poly.type
_entity_poly.pdbx_seq_one_letter_code
_entity_poly.pdbx_strand_id
1 'polypeptide(L)'
;GGGRMSYNYVVTAQKPTAVNGCVTGHFTSAEDLNLLIAKNTRLEIYVVTAEGLRPVKEVGMYGKIAVMELFRPKGESKDL
LFILTAKYNACILEYKQSGESIDIITRAHGNVQDRIGRPSETGIIGIIDPECRMIGLRLYDGLFKVIPLDRDNKELKAFN
IRLEELHVIDVKFLYGCQAPTICFVYQDPQGRHVKTYEVSLREKEFNKGPWKQENVEAEASMVIAVPEPFGGAIIIGQES
ITYHNGDKYLAIAPPIIKQSTIVCHNRVDPNGSRYLLGDMEGRLFMLLLEKEEQMDGTVTLKDLRVELLGETSIAECLTY
LDNGVVFVGSRLGDSQLVKLNVDSNEQGSYVVAMETFTNLGPIVDMCVVDLERQGQGQLVTCSGAFKEGSLRIIRNGIGG
NGNSGEIQKLHIRTVPLYESPRKICYQEVSQCFGVLSSRIEVQDTSGGTTALRPSASTQALSSSVSSSKLFSSSTAPHET
SFGEEVEVHNLLIIDQHTFEVLHAHQFLQNEYALSLVSCKLGKDPNTYFIVGTAMVYPEEAEPKQGRIVVFQYSDGKLQT
VAEKEVKGAVYSMVEFNGKLLASINSTVRLYEWTTEKELRTECNHYNNIMALYLKTKGDFILVGDLMRSVLLLAYKPMEG
NFEEIARDFNPNWMSAVEILDDDNFLGAENAFNLFVCQKDSAATTDEERQHLQEVGLFHLGEFVNVFCHGSLVMQNLGET
STPTQGSVLFGTVNGMIGLVTSLSESWYNLLLDMQNRLNKVIKSVGKIEHSFWRSFHTERKTEPATGFIDGDLIESFLDI
SRPKMQEVVANLQYDDGSGMKREATADDLIKVVEELTRIH
;
A,D,G
2 'polypeptide(L)'
;GGGRRQTESDWGKRCVDKFDIIGIIGEGTYGQVYKAKDKDTGELVALKKVRLDNEKEGFPITAIREIKILRQLIHRSVVN
MKEIVTDKQDALDFKKDKGAFYLVFEYMDHDLMGLLESGLVHFSEDHIKSFMKQLMEGLEYCHKKNFLHRDIKCSNILLN
NSGQIKLADFGLARLYNSEESRPY(TPO)NKVITLWYRPPELLLGEERYTPAIDVWSCGCILGELFTKKPIFQANLELAQ
LELISRLCGSPCPAVWPDVIRLPYFNTMKPKKQYRRRLREEFSFIPSAALDLLDHMLTLDPSKRCTAEQTLQSDFLKDVE
LSKMAPPDLPHWQDCHELWSKKRRRQRQ
;
B,E,H
3 'polypeptide(L)'
;GGGRMKENKENSSPSVTSANLDHTKPCWYWDKKDLAHTPSQLEGLDPATEARYRREGARFIFDVGTRLGLHYDTLATGII
YFHRFYMFHSFKQFPRYVTGACCLFLAGKVEETPKKCKDIIKTARSLLNDVQFGQFGDDPKEEVMVLERILLQTIKFDLQ
VEHPYQFLLKYAKQLKGDKNKIQKLVQMAWTFVNDSLCTTLSLQWEPEIIAVAVMYLAGRLCKFEIQEWTSKPMYRRWWE
QFVQDVPVDVLEDICHQILDLYSQGKQQMPH
;
C,F,I
#
# COMPACT_ATOMS: atom_id res chain seq x y z
N MET A 5 11.72 -49.21 -34.70
CA MET A 5 12.09 -48.46 -35.93
C MET A 5 10.81 -47.97 -36.64
N SER A 6 10.96 -46.98 -37.50
CA SER A 6 9.86 -46.40 -38.25
C SER A 6 10.16 -46.47 -39.74
N TYR A 7 9.09 -46.56 -40.54
CA TYR A 7 9.19 -46.74 -41.98
C TYR A 7 8.33 -45.71 -42.67
N ASN A 8 8.92 -44.91 -43.56
CA ASN A 8 8.21 -43.83 -44.21
C ASN A 8 8.61 -43.72 -45.67
N TYR A 9 7.77 -43.00 -46.43
CA TYR A 9 7.86 -42.88 -47.87
C TYR A 9 7.68 -41.41 -48.23
N VAL A 10 8.56 -40.89 -49.09
CA VAL A 10 8.56 -39.47 -49.43
C VAL A 10 8.62 -39.32 -50.94
N VAL A 11 7.65 -38.61 -51.50
CA VAL A 11 7.58 -38.37 -52.94
C VAL A 11 7.39 -36.88 -53.21
N THR A 12 7.77 -36.48 -54.43
CA THR A 12 7.55 -35.13 -54.91
C THR A 12 6.21 -35.07 -55.64
N ALA A 13 5.34 -34.16 -55.22
CA ALA A 13 4.10 -33.90 -55.94
C ALA A 13 4.26 -32.80 -56.97
N GLN A 14 5.08 -31.79 -56.68
CA GLN A 14 5.42 -30.73 -57.63
C GLN A 14 6.91 -30.49 -57.55
N LYS A 15 7.59 -30.55 -58.69
CA LYS A 15 9.03 -30.35 -58.70
C LYS A 15 9.39 -28.90 -58.38
N PRO A 16 10.62 -28.66 -57.97
CA PRO A 16 11.04 -27.27 -57.71
C PRO A 16 10.82 -26.38 -58.92
N THR A 17 10.24 -25.20 -58.67
CA THR A 17 9.91 -24.26 -59.74
C THR A 17 10.77 -23.01 -59.74
N ALA A 18 11.44 -22.68 -58.64
CA ALA A 18 12.22 -21.47 -58.58
C ALA A 18 13.49 -21.62 -59.42
N VAL A 19 13.86 -20.57 -60.13
CA VAL A 19 15.05 -20.59 -60.98
C VAL A 19 16.25 -20.19 -60.15
N ASN A 20 17.21 -21.11 -60.02
CA ASN A 20 18.43 -20.87 -59.27
C ASN A 20 19.59 -20.43 -60.15
N GLY A 21 19.55 -20.70 -61.44
CA GLY A 21 20.58 -20.22 -62.34
C GLY A 21 20.23 -20.51 -63.77
N CYS A 22 20.84 -19.75 -64.68
CA CYS A 22 20.54 -19.91 -66.10
C CYS A 22 21.69 -19.37 -66.94
N VAL A 23 22.07 -20.16 -67.97
CA VAL A 23 23.15 -19.80 -68.88
C VAL A 23 22.74 -20.12 -70.31
N THR A 24 23.41 -19.46 -71.26
CA THR A 24 23.19 -19.69 -72.68
C THR A 24 24.49 -20.12 -73.34
N GLY A 25 24.38 -21.01 -74.31
CA GLY A 25 25.54 -21.49 -75.03
C GLY A 25 25.15 -22.54 -76.04
N HIS A 26 26.15 -23.16 -76.65
CA HIS A 26 25.97 -24.16 -77.69
C HIS A 26 26.29 -25.52 -77.09
N PHE A 27 25.35 -26.04 -76.31
CA PHE A 27 25.52 -27.27 -75.56
C PHE A 27 25.02 -28.49 -76.33
N THR A 28 23.79 -28.43 -76.86
CA THR A 28 23.24 -29.60 -77.55
C THR A 28 23.90 -29.80 -78.91
N SER A 29 24.20 -28.70 -79.61
CA SER A 29 24.90 -28.77 -80.88
C SER A 29 25.71 -27.50 -81.05
N ALA A 30 26.81 -27.59 -81.79
CA ALA A 30 27.62 -26.41 -82.05
C ALA A 30 26.85 -25.35 -82.83
N GLU A 31 25.68 -25.69 -83.37
CA GLU A 31 24.90 -24.78 -84.19
C GLU A 31 23.77 -24.08 -83.43
N ASP A 32 22.98 -24.83 -82.67
CA ASP A 32 21.83 -24.25 -81.97
C ASP A 32 22.26 -23.55 -80.69
N LEU A 33 21.59 -22.43 -80.39
CA LEU A 33 21.78 -21.73 -79.12
C LEU A 33 20.81 -22.28 -78.08
N ASN A 34 21.35 -22.74 -76.95
CA ASN A 34 20.58 -23.44 -75.94
C ASN A 34 20.53 -22.60 -74.68
N LEU A 35 19.39 -22.63 -74.00
CA LEU A 35 19.24 -22.01 -72.70
C LEU A 35 19.13 -23.12 -71.66
N LEU A 36 20.10 -23.18 -70.74
CA LEU A 36 20.09 -24.15 -69.66
C LEU A 36 19.60 -23.46 -68.39
N ILE A 37 18.48 -23.94 -67.86
CA ILE A 37 17.87 -23.38 -66.65
C ILE A 37 18.07 -24.40 -65.53
N ALA A 38 18.57 -23.93 -64.39
CA ALA A 38 18.84 -24.80 -63.25
C ALA A 38 17.84 -24.48 -62.14
N LYS A 39 16.99 -25.45 -61.83
CA LYS A 39 16.19 -25.45 -60.60
C LYS A 39 16.80 -26.47 -59.65
N ASN A 40 16.53 -26.31 -58.36
CA ASN A 40 17.20 -27.14 -57.37
C ASN A 40 17.10 -28.61 -57.76
N THR A 41 18.23 -29.24 -58.10
CA THR A 41 18.38 -30.64 -58.48
C THR A 41 17.82 -30.94 -59.88
N ARG A 42 17.25 -29.96 -60.58
CA ARG A 42 16.64 -30.17 -61.89
C ARG A 42 17.34 -29.29 -62.92
N LEU A 43 17.79 -29.89 -64.01
CA LEU A 43 18.40 -29.18 -65.12
C LEU A 43 17.47 -29.25 -66.33
N GLU A 44 17.07 -28.08 -66.84
CA GLU A 44 16.21 -27.98 -68.01
C GLU A 44 17.00 -27.42 -69.18
N ILE A 45 16.93 -28.08 -70.33
CA ILE A 45 17.64 -27.68 -71.54
C ILE A 45 16.62 -27.23 -72.56
N TYR A 46 16.83 -26.03 -73.12
CA TYR A 46 15.96 -25.45 -74.14
C TYR A 46 16.80 -25.06 -75.35
N VAL A 47 16.12 -24.92 -76.49
CA VAL A 47 16.72 -24.43 -77.73
C VAL A 47 15.99 -23.16 -78.13
N VAL A 48 16.74 -22.10 -78.43
CA VAL A 48 16.15 -20.79 -78.69
C VAL A 48 15.51 -20.77 -80.07
N THR A 49 14.26 -20.33 -80.14
CA THR A 49 13.50 -20.14 -81.36
C THR A 49 13.06 -18.68 -81.48
N ALA A 50 12.55 -18.32 -82.66
CA ALA A 50 12.09 -16.95 -82.88
C ALA A 50 10.83 -16.61 -82.07
N GLU A 51 10.04 -17.60 -81.69
CA GLU A 51 8.86 -17.35 -80.87
C GLU A 51 9.13 -17.47 -79.38
N GLY A 52 10.09 -18.32 -79.00
CA GLY A 52 10.31 -18.64 -77.61
C GLY A 52 11.36 -19.71 -77.47
N LEU A 53 11.10 -20.68 -76.62
CA LEU A 53 12.00 -21.81 -76.36
C LEU A 53 11.36 -23.13 -76.77
N ARG A 54 12.18 -24.04 -77.30
CA ARG A 54 11.72 -25.40 -77.57
C ARG A 54 12.36 -26.34 -76.54
N PRO A 55 11.59 -26.97 -75.66
CA PRO A 55 12.21 -27.90 -74.70
C PRO A 55 12.74 -29.12 -75.43
N VAL A 56 13.89 -29.61 -74.98
CA VAL A 56 14.55 -30.75 -75.58
C VAL A 56 14.82 -31.86 -74.58
N LYS A 57 15.24 -31.52 -73.37
CA LYS A 57 15.64 -32.51 -72.41
C LYS A 57 15.60 -31.93 -71.00
N GLU A 58 15.22 -32.77 -70.04
CA GLU A 58 15.31 -32.43 -68.62
C GLU A 58 15.87 -33.63 -67.85
N VAL A 59 16.93 -33.39 -67.09
CA VAL A 59 17.52 -34.41 -66.24
C VAL A 59 17.46 -33.93 -64.80
N GLY A 60 17.38 -34.88 -63.89
CA GLY A 60 17.53 -34.62 -62.47
C GLY A 60 18.87 -35.18 -62.01
N MET A 61 19.57 -34.40 -61.20
CA MET A 61 20.83 -34.79 -60.61
C MET A 61 20.60 -35.11 -59.15
N TYR A 62 21.39 -36.05 -58.63
CA TYR A 62 21.35 -36.40 -57.21
C TYR A 62 22.18 -35.41 -56.40
N GLY A 63 21.80 -34.15 -56.50
CA GLY A 63 22.54 -33.08 -55.85
C GLY A 63 21.91 -31.74 -56.13
N LYS A 64 22.16 -30.80 -55.22
CA LYS A 64 21.73 -29.42 -55.39
C LYS A 64 22.73 -28.70 -56.29
N ILE A 65 22.24 -28.13 -57.38
CA ILE A 65 23.12 -27.52 -58.38
C ILE A 65 23.57 -26.15 -57.86
N ALA A 66 24.86 -26.02 -57.55
CA ALA A 66 25.43 -24.77 -57.07
C ALA A 66 26.14 -23.98 -58.18
N VAL A 67 26.97 -24.65 -58.98
CA VAL A 67 27.68 -24.01 -60.08
C VAL A 67 27.19 -24.63 -61.38
N MET A 68 26.96 -23.78 -62.37
CA MET A 68 26.58 -24.22 -63.70
C MET A 68 27.20 -23.27 -64.72
N GLU A 69 28.11 -23.78 -65.54
CA GLU A 69 28.81 -22.97 -66.53
C GLU A 69 29.06 -23.81 -67.77
N LEU A 70 29.02 -23.14 -68.92
CA LEU A 70 29.28 -23.76 -70.21
C LEU A 70 30.64 -23.29 -70.72
N PHE A 71 31.45 -24.23 -71.21
CA PHE A 71 32.78 -23.93 -71.72
C PHE A 71 33.06 -24.82 -72.92
N ARG A 72 33.93 -24.35 -73.81
CA ARG A 72 34.30 -25.09 -75.01
C ARG A 72 35.82 -25.10 -75.14
N PRO A 73 36.48 -26.15 -74.65
CA PRO A 73 37.94 -26.21 -74.76
C PRO A 73 38.37 -26.50 -76.19
N LYS A 74 39.56 -26.02 -76.54
CA LYS A 74 40.11 -26.25 -77.87
C LYS A 74 40.08 -27.74 -78.22
N GLY A 75 39.51 -28.04 -79.39
CA GLY A 75 39.36 -29.39 -79.87
C GLY A 75 37.95 -29.93 -79.77
N GLU A 76 37.10 -29.29 -78.99
CA GLU A 76 35.70 -29.70 -78.88
C GLU A 76 34.88 -28.97 -79.94
N SER A 77 33.89 -29.67 -80.47
CA SER A 77 33.00 -29.06 -81.47
C SER A 77 31.96 -28.16 -80.82
N LYS A 78 31.59 -28.44 -79.58
CA LYS A 78 30.48 -27.75 -78.93
C LYS A 78 30.79 -27.57 -77.46
N ASP A 79 29.94 -26.81 -76.78
CA ASP A 79 30.16 -26.46 -75.40
C ASP A 79 29.97 -27.67 -74.49
N LEU A 80 30.78 -27.72 -73.44
CA LEU A 80 30.62 -28.70 -72.37
C LEU A 80 30.06 -28.01 -71.13
N LEU A 81 29.42 -28.78 -70.27
CA LEU A 81 28.74 -28.27 -69.10
C LEU A 81 29.47 -28.69 -67.85
N PHE A 82 29.80 -27.72 -67.00
CA PHE A 82 30.35 -28.00 -65.67
C PHE A 82 29.28 -27.75 -64.63
N ILE A 83 29.14 -28.67 -63.69
CA ILE A 83 28.20 -28.54 -62.58
C ILE A 83 28.90 -29.00 -61.32
N LEU A 84 28.69 -28.25 -60.23
CA LEU A 84 29.19 -28.60 -58.91
C LEU A 84 28.02 -28.60 -57.95
N THR A 85 27.86 -29.68 -57.20
CA THR A 85 26.75 -29.76 -56.27
C THR A 85 27.15 -29.11 -54.95
N ALA A 86 26.14 -28.81 -54.12
CA ALA A 86 26.42 -28.23 -52.81
C ALA A 86 27.14 -29.22 -51.91
N LYS A 87 27.05 -30.52 -52.20
CA LYS A 87 27.80 -31.52 -51.46
C LYS A 87 29.21 -31.68 -52.04
N TYR A 88 29.60 -30.79 -52.95
CA TYR A 88 30.94 -30.72 -53.52
C TYR A 88 31.19 -31.85 -54.52
N ASN A 89 30.13 -32.37 -55.14
CA ASN A 89 30.26 -33.33 -56.24
C ASN A 89 30.39 -32.53 -57.53
N ALA A 90 31.53 -32.67 -58.21
CA ALA A 90 31.78 -31.98 -59.46
C ALA A 90 31.75 -32.96 -60.64
N CYS A 91 31.42 -32.44 -61.81
CA CYS A 91 31.36 -33.27 -63.02
C CYS A 91 31.37 -32.38 -64.26
N ILE A 92 31.80 -32.96 -65.38
CA ILE A 92 31.72 -32.34 -66.70
C ILE A 92 30.80 -33.19 -67.56
N LEU A 93 29.81 -32.56 -68.18
CA LEU A 93 28.74 -33.26 -68.88
C LEU A 93 28.77 -32.91 -70.37
N GLU A 94 28.33 -33.88 -71.19
CA GLU A 94 28.22 -33.68 -72.63
C GLU A 94 26.88 -34.17 -73.13
N TYR A 95 26.25 -33.37 -73.99
CA TYR A 95 25.01 -33.75 -74.65
C TYR A 95 25.32 -34.62 -75.86
N LYS A 96 24.64 -35.76 -75.95
CA LYS A 96 24.80 -36.67 -77.08
C LYS A 96 23.44 -37.19 -77.50
N GLN A 97 23.16 -37.09 -78.81
CA GLN A 97 21.88 -37.48 -79.39
C GLN A 97 22.11 -38.38 -80.58
N SER A 98 21.45 -39.53 -80.59
CA SER A 98 21.51 -40.48 -81.70
C SER A 98 20.09 -40.72 -82.21
N GLY A 99 19.68 -39.94 -83.21
CA GLY A 99 18.33 -40.03 -83.69
C GLY A 99 17.34 -39.55 -82.65
N GLU A 100 16.46 -40.43 -82.20
CA GLU A 100 15.46 -40.10 -81.19
C GLU A 100 15.99 -40.26 -79.76
N SER A 101 17.15 -40.89 -79.59
CA SER A 101 17.71 -41.18 -78.27
C SER A 101 18.59 -40.02 -77.78
N ILE A 102 18.20 -39.40 -76.67
CA ILE A 102 18.94 -38.31 -76.06
C ILE A 102 19.49 -38.79 -74.72
N ASP A 103 20.80 -38.64 -74.51
CA ASP A 103 21.44 -39.03 -73.26
C ASP A 103 22.50 -37.99 -72.89
N ILE A 104 22.80 -37.92 -71.59
CA ILE A 104 23.79 -37.00 -71.03
C ILE A 104 25.01 -37.77 -70.56
N ILE A 105 26.18 -37.43 -71.12
CA ILE A 105 27.42 -38.15 -70.89
C ILE A 105 28.17 -37.50 -69.73
N THR A 106 28.69 -38.32 -68.83
CA THR A 106 29.55 -37.86 -67.74
C THR A 106 31.01 -38.00 -68.20
N ARG A 107 31.64 -36.88 -68.56
CA ARG A 107 33.00 -36.93 -69.08
C ARG A 107 34.04 -36.98 -67.96
N ALA A 108 33.79 -36.30 -66.85
CA ALA A 108 34.71 -36.30 -65.71
C ALA A 108 33.89 -36.08 -64.46
N HIS A 109 34.37 -36.62 -63.33
CA HIS A 109 33.63 -36.47 -62.08
C HIS A 109 34.54 -36.70 -60.88
N GLY A 110 34.14 -36.14 -59.75
CA GLY A 110 34.86 -36.30 -58.51
C GLY A 110 34.26 -35.42 -57.44
N ASN A 111 34.71 -35.64 -56.21
CA ASN A 111 34.31 -34.84 -55.07
C ASN A 111 35.45 -33.94 -54.63
N VAL A 112 35.21 -32.63 -54.61
CA VAL A 112 36.26 -31.66 -54.37
C VAL A 112 36.25 -31.17 -52.91
N GLN A 113 35.61 -31.91 -52.02
CA GLN A 113 35.51 -31.48 -50.63
C GLN A 113 36.86 -31.60 -49.94
N ASP A 114 37.21 -30.58 -49.15
CA ASP A 114 38.43 -30.58 -48.36
C ASP A 114 38.15 -31.05 -46.94
N ARG A 115 39.12 -31.77 -46.36
CA ARG A 115 38.99 -32.24 -44.99
C ARG A 115 38.88 -31.09 -44.01
N ILE A 116 39.67 -30.04 -44.21
CA ILE A 116 39.71 -28.89 -43.30
C ILE A 116 39.49 -27.62 -44.12
N GLY A 117 38.47 -26.85 -43.75
CA GLY A 117 38.21 -25.57 -44.39
C GLY A 117 36.98 -24.92 -43.78
N ARG A 118 36.93 -23.59 -43.90
CA ARG A 118 35.78 -22.84 -43.41
C ARG A 118 34.91 -22.42 -44.58
N PRO A 119 33.65 -22.87 -44.66
CA PRO A 119 32.78 -22.43 -45.75
C PRO A 119 32.60 -20.92 -45.76
N SER A 120 32.68 -20.34 -46.96
CA SER A 120 32.66 -18.89 -47.13
C SER A 120 31.27 -18.31 -46.93
N GLU A 121 31.23 -17.02 -46.54
CA GLU A 121 29.95 -16.35 -46.30
C GLU A 121 29.15 -16.20 -47.58
N THR A 122 29.79 -15.77 -48.66
CA THR A 122 29.10 -15.52 -49.92
C THR A 122 28.90 -16.78 -50.75
N GLY A 123 29.12 -17.96 -50.17
CA GLY A 123 28.79 -19.21 -50.82
C GLY A 123 29.81 -19.66 -51.85
N ILE A 124 29.50 -20.82 -52.45
CA ILE A 124 30.36 -21.39 -53.48
C ILE A 124 30.36 -20.49 -54.70
N ILE A 125 31.54 -20.20 -55.23
CA ILE A 125 31.69 -19.46 -56.48
C ILE A 125 32.49 -20.33 -57.45
N GLY A 126 32.00 -20.42 -58.69
CA GLY A 126 32.70 -21.16 -59.72
C GLY A 126 32.86 -20.36 -61.00
N ILE A 127 34.09 -20.27 -61.50
CA ILE A 127 34.38 -19.52 -62.72
C ILE A 127 35.35 -20.34 -63.57
N ILE A 128 35.29 -20.11 -64.88
CA ILE A 128 36.12 -20.83 -65.83
C ILE A 128 36.94 -19.83 -66.64
N ASP A 129 38.18 -20.20 -66.91
CA ASP A 129 39.10 -19.34 -67.66
C ASP A 129 38.55 -19.07 -69.06
N PRO A 130 38.77 -17.88 -69.61
CA PRO A 130 38.33 -17.62 -70.99
C PRO A 130 38.98 -18.55 -72.00
N GLU A 131 40.21 -18.97 -71.75
CA GLU A 131 40.88 -19.96 -72.60
C GLU A 131 40.58 -21.39 -72.16
N CYS A 132 39.63 -21.56 -71.23
CA CYS A 132 39.24 -22.88 -70.75
C CYS A 132 40.45 -23.72 -70.35
N ARG A 133 41.37 -23.09 -69.62
CA ARG A 133 42.53 -23.80 -69.10
C ARG A 133 42.29 -24.39 -67.72
N MET A 134 41.41 -23.78 -66.92
CA MET A 134 41.19 -24.24 -65.56
C MET A 134 39.82 -23.81 -65.09
N ILE A 135 39.33 -24.48 -64.04
CA ILE A 135 38.10 -24.10 -63.35
C ILE A 135 38.50 -23.55 -61.99
N GLY A 136 38.07 -22.33 -61.68
CA GLY A 136 38.32 -21.73 -60.39
C GLY A 136 37.15 -21.97 -59.45
N LEU A 137 37.46 -22.40 -58.23
CA LEU A 137 36.45 -22.63 -57.22
C LEU A 137 36.84 -21.89 -55.94
N ARG A 138 35.89 -21.14 -55.39
CA ARG A 138 36.04 -20.50 -54.09
C ARG A 138 35.07 -21.20 -53.15
N LEU A 139 35.58 -22.21 -52.43
CA LEU A 139 34.77 -22.99 -51.50
C LEU A 139 34.98 -22.60 -50.05
N TYR A 140 36.22 -22.28 -49.65
CA TYR A 140 36.53 -22.00 -48.26
C TYR A 140 37.28 -20.68 -48.15
N ASP A 141 37.09 -20.02 -47.00
CA ASP A 141 37.81 -18.79 -46.72
C ASP A 141 39.32 -19.04 -46.77
N GLY A 142 40.04 -18.14 -47.41
CA GLY A 142 41.48 -18.21 -47.44
C GLY A 142 42.06 -19.22 -48.40
N LEU A 143 41.23 -19.89 -49.20
CA LEU A 143 41.71 -20.89 -50.15
C LEU A 143 41.04 -20.71 -51.51
N PHE A 144 41.84 -20.86 -52.56
CA PHE A 144 41.37 -20.85 -53.95
C PHE A 144 41.75 -22.19 -54.58
N LYS A 145 40.74 -22.95 -55.01
CA LYS A 145 40.97 -24.27 -55.57
C LYS A 145 40.93 -24.21 -57.09
N VAL A 146 41.89 -24.90 -57.72
CA VAL A 146 42.05 -24.89 -59.16
C VAL A 146 41.91 -26.32 -59.67
N ILE A 147 40.95 -26.54 -60.56
CA ILE A 147 40.85 -27.79 -61.32
C ILE A 147 41.40 -27.51 -62.72
N PRO A 148 42.61 -27.97 -63.05
CA PRO A 148 43.11 -27.73 -64.41
C PRO A 148 42.36 -28.58 -65.42
N LEU A 149 41.99 -27.96 -66.54
CA LEU A 149 41.21 -28.63 -67.57
C LEU A 149 42.13 -29.28 -68.61
N ASP A 150 42.93 -30.24 -68.16
CA ASP A 150 43.72 -31.06 -69.06
C ASP A 150 42.94 -32.30 -69.45
N ARG A 151 43.28 -32.86 -70.62
CA ARG A 151 42.57 -34.02 -71.14
C ARG A 151 42.62 -35.21 -70.18
N ASP A 152 43.67 -35.32 -69.39
CA ASP A 152 43.86 -36.50 -68.55
C ASP A 152 43.16 -36.40 -67.20
N ASN A 153 42.68 -35.23 -66.82
CA ASN A 153 42.08 -35.04 -65.50
C ASN A 153 40.61 -35.50 -65.48
N LYS A 154 40.44 -36.80 -65.69
CA LYS A 154 39.09 -37.35 -65.72
C LYS A 154 38.48 -37.45 -64.32
N GLU A 155 39.29 -37.40 -63.28
CA GLU A 155 38.82 -37.43 -61.90
C GLU A 155 38.68 -36.03 -61.31
N LEU A 156 38.95 -34.99 -62.07
CA LEU A 156 38.87 -33.61 -61.60
C LEU A 156 39.69 -33.41 -60.33
N LYS A 157 40.92 -33.90 -60.35
CA LYS A 157 41.85 -33.65 -59.26
C LYS A 157 42.24 -32.17 -59.24
N ALA A 158 42.46 -31.65 -58.04
CA ALA A 158 42.66 -30.22 -57.89
C ALA A 158 43.62 -29.95 -56.74
N PHE A 159 44.15 -28.72 -56.73
CA PHE A 159 45.04 -28.24 -55.69
C PHE A 159 44.56 -26.88 -55.19
N ASN A 160 44.96 -26.54 -53.98
CA ASN A 160 44.61 -25.28 -53.35
C ASN A 160 45.79 -24.32 -53.36
N ILE A 161 45.50 -23.05 -53.60
CA ILE A 161 46.48 -21.97 -53.51
C ILE A 161 46.12 -21.11 -52.31
N ARG A 162 47.09 -20.89 -51.42
CA ARG A 162 46.84 -20.04 -50.26
C ARG A 162 46.44 -18.64 -50.73
N LEU A 163 45.37 -18.11 -50.14
CA LEU A 163 44.84 -16.80 -50.48
C LEU A 163 44.86 -15.93 -49.23
N GLU A 164 45.63 -14.83 -49.28
CA GLU A 164 45.76 -13.97 -48.11
C GLU A 164 44.44 -13.33 -47.73
N GLU A 165 43.66 -12.92 -48.71
CA GLU A 165 42.40 -12.21 -48.47
C GLU A 165 41.34 -13.22 -48.05
N LEU A 166 40.99 -13.22 -46.77
CA LEU A 166 40.13 -14.26 -46.22
C LEU A 166 38.67 -14.09 -46.59
N HIS A 167 38.19 -12.85 -46.66
CA HIS A 167 36.77 -12.56 -46.90
C HIS A 167 36.61 -12.02 -48.32
N VAL A 168 36.33 -12.91 -49.27
CA VAL A 168 36.16 -12.56 -50.68
C VAL A 168 34.68 -12.41 -50.98
N ILE A 169 34.32 -11.36 -51.68
CA ILE A 169 32.93 -11.10 -52.04
C ILE A 169 32.56 -11.76 -53.37
N ASP A 170 33.31 -11.47 -54.43
CA ASP A 170 33.06 -12.04 -55.75
C ASP A 170 34.37 -12.07 -56.53
N VAL A 171 34.49 -13.05 -57.42
CA VAL A 171 35.69 -13.22 -58.24
C VAL A 171 35.30 -13.67 -59.64
N LYS A 172 36.07 -13.22 -60.63
CA LYS A 172 35.85 -13.58 -62.03
C LYS A 172 37.20 -13.70 -62.72
N PHE A 173 37.26 -14.52 -63.76
CA PHE A 173 38.43 -14.55 -64.63
C PHE A 173 38.34 -13.39 -65.61
N LEU A 174 39.46 -12.71 -65.82
CA LEU A 174 39.50 -11.55 -66.69
C LEU A 174 39.81 -11.95 -68.14
N TYR A 175 39.44 -11.06 -69.06
CA TYR A 175 39.74 -11.23 -70.47
C TYR A 175 40.95 -10.39 -70.84
N GLY A 176 41.69 -10.83 -71.84
CA GLY A 176 42.78 -10.03 -72.38
C GLY A 176 44.02 -9.99 -71.52
N CYS A 177 44.36 -11.08 -70.84
CA CYS A 177 45.53 -11.15 -69.99
C CYS A 177 46.54 -12.16 -70.53
N GLN A 178 47.82 -11.87 -70.28
CA GLN A 178 48.89 -12.73 -70.78
C GLN A 178 48.88 -14.09 -70.10
N ALA A 179 48.41 -14.15 -68.86
CA ALA A 179 48.27 -15.37 -68.09
C ALA A 179 46.87 -15.41 -67.50
N PRO A 180 46.38 -16.59 -67.11
CA PRO A 180 45.09 -16.65 -66.42
C PRO A 180 45.08 -15.71 -65.22
N THR A 181 44.13 -14.77 -65.19
CA THR A 181 44.10 -13.74 -64.16
C THR A 181 42.72 -13.68 -63.53
N ILE A 182 42.69 -13.54 -62.21
CA ILE A 182 41.45 -13.41 -61.45
C ILE A 182 41.36 -11.98 -60.90
N CYS A 183 40.16 -11.41 -60.99
CA CYS A 183 39.84 -10.12 -60.38
C CYS A 183 38.72 -10.34 -59.37
N PHE A 184 38.93 -9.88 -58.14
CA PHE A 184 37.99 -10.15 -57.06
C PHE A 184 37.91 -8.97 -56.11
N VAL A 185 36.73 -8.78 -55.52
CA VAL A 185 36.52 -7.83 -54.44
C VAL A 185 36.59 -8.59 -53.12
N TYR A 186 37.33 -8.02 -52.15
CA TYR A 186 37.48 -8.64 -50.84
C TYR A 186 37.24 -7.59 -49.76
N GLN A 187 37.00 -8.07 -48.55
CA GLN A 187 36.73 -7.19 -47.41
C GLN A 187 37.70 -7.47 -46.27
N ASP A 188 38.29 -6.41 -45.73
CA ASP A 188 39.12 -6.47 -44.54
C ASP A 188 38.70 -5.31 -43.64
N PRO A 189 39.31 -5.12 -42.47
CA PRO A 189 38.82 -4.05 -41.58
C PRO A 189 38.87 -2.65 -42.17
N GLN A 190 39.65 -2.42 -43.22
CA GLN A 190 39.78 -1.08 -43.78
C GLN A 190 38.75 -0.79 -44.86
N GLY A 191 37.78 -1.68 -45.07
CA GLY A 191 36.82 -1.53 -46.15
C GLY A 191 36.91 -2.63 -47.19
N ARG A 192 36.38 -2.37 -48.39
CA ARG A 192 36.43 -3.32 -49.49
C ARG A 192 37.38 -2.84 -50.57
N HIS A 193 38.02 -3.79 -51.23
CA HIS A 193 39.05 -3.50 -52.21
C HIS A 193 38.88 -4.42 -53.40
N VAL A 194 39.44 -4.00 -54.53
CA VAL A 194 39.51 -4.82 -55.73
C VAL A 194 40.98 -5.12 -55.97
N LYS A 195 41.28 -6.37 -56.33
CA LYS A 195 42.65 -6.83 -56.43
C LYS A 195 42.73 -7.90 -57.51
N THR A 196 43.94 -8.08 -58.07
CA THR A 196 44.16 -9.06 -59.12
C THR A 196 45.32 -9.98 -58.77
N TYR A 197 45.21 -11.22 -59.25
CA TYR A 197 46.28 -12.21 -59.17
C TYR A 197 46.40 -12.91 -60.52
N GLU A 198 47.57 -13.48 -60.77
CA GLU A 198 47.79 -14.38 -61.89
C GLU A 198 47.90 -15.81 -61.37
N VAL A 199 47.32 -16.75 -62.10
CA VAL A 199 47.27 -18.15 -61.70
C VAL A 199 48.25 -18.91 -62.58
N SER A 200 49.24 -19.54 -61.96
CA SER A 200 50.25 -20.32 -62.67
C SER A 200 50.03 -21.80 -62.41
N LEU A 201 49.54 -22.53 -63.42
CA LEU A 201 49.37 -23.97 -63.28
C LEU A 201 50.71 -24.67 -63.13
N ARG A 202 51.78 -24.09 -63.70
CA ARG A 202 53.10 -24.72 -63.61
C ARG A 202 53.65 -24.59 -62.20
N GLU A 203 53.60 -23.39 -61.61
CA GLU A 203 54.09 -23.18 -60.26
C GLU A 203 53.07 -23.52 -59.19
N LYS A 204 51.78 -23.57 -59.53
CA LYS A 204 50.72 -23.88 -58.56
C LYS A 204 50.71 -22.87 -57.41
N GLU A 205 50.71 -21.59 -57.79
CA GLU A 205 50.60 -20.49 -56.83
C GLU A 205 50.17 -19.24 -57.57
N PHE A 206 49.90 -18.18 -56.81
CA PHE A 206 49.60 -16.88 -57.38
C PHE A 206 50.89 -16.10 -57.66
N ASN A 207 50.85 -15.29 -58.71
CA ASN A 207 51.87 -14.30 -59.00
C ASN A 207 51.21 -12.92 -59.00
N LYS A 208 52.05 -11.88 -58.91
CA LYS A 208 51.54 -10.52 -58.88
C LYS A 208 50.60 -10.26 -60.05
N GLY A 209 49.50 -9.57 -59.77
CA GLY A 209 48.47 -9.33 -60.74
C GLY A 209 48.76 -8.18 -61.67
N PRO A 210 48.02 -8.10 -62.78
CA PRO A 210 48.33 -7.08 -63.78
C PRO A 210 48.14 -5.64 -63.32
N TRP A 211 47.17 -5.34 -62.46
CA TRP A 211 46.99 -3.97 -62.01
C TRP A 211 46.73 -3.92 -60.52
N LYS A 212 47.01 -2.73 -59.97
CA LYS A 212 47.10 -2.56 -58.53
C LYS A 212 45.72 -2.62 -57.88
N GLN A 213 45.73 -2.76 -56.56
CA GLN A 213 44.51 -2.72 -55.78
C GLN A 213 43.93 -1.30 -55.79
N GLU A 214 42.59 -1.23 -55.78
CA GLU A 214 41.87 0.02 -55.65
C GLU A 214 40.81 -0.13 -54.56
N ASN A 215 40.67 0.91 -53.74
CA ASN A 215 39.59 0.95 -52.76
C ASN A 215 38.26 1.19 -53.45
N VAL A 216 37.24 0.43 -53.08
CA VAL A 216 35.95 0.45 -53.74
C VAL A 216 34.85 0.65 -52.71
N GLU A 217 33.63 0.84 -53.23
CA GLU A 217 32.46 1.05 -52.40
C GLU A 217 32.36 0.00 -51.30
N ALA A 218 31.87 0.44 -50.14
CA ALA A 218 31.75 -0.46 -48.99
C ALA A 218 30.83 -1.63 -49.25
N GLU A 219 29.83 -1.46 -50.13
CA GLU A 219 28.89 -2.52 -50.47
C GLU A 219 29.07 -3.02 -51.91
N ALA A 220 30.29 -2.98 -52.43
CA ALA A 220 30.61 -3.58 -53.72
C ALA A 220 30.20 -5.05 -53.72
N SER A 221 29.27 -5.40 -54.62
CA SER A 221 28.62 -6.71 -54.60
C SER A 221 29.07 -7.66 -55.70
N MET A 222 29.25 -7.18 -56.94
CA MET A 222 29.45 -8.07 -58.07
C MET A 222 30.60 -7.59 -58.95
N VAL A 223 31.30 -8.57 -59.54
CA VAL A 223 32.40 -8.33 -60.47
C VAL A 223 31.96 -8.78 -61.86
N ILE A 224 32.04 -7.88 -62.84
CA ILE A 224 31.72 -8.19 -64.23
C ILE A 224 33.01 -8.16 -65.02
N ALA A 225 33.31 -9.25 -65.72
CA ALA A 225 34.51 -9.35 -66.54
C ALA A 225 34.19 -8.80 -67.92
N VAL A 226 34.82 -7.68 -68.29
CA VAL A 226 34.53 -7.04 -69.57
C VAL A 226 35.31 -7.74 -70.68
N PRO A 227 34.73 -7.88 -71.88
CA PRO A 227 35.41 -8.64 -72.94
C PRO A 227 36.61 -7.95 -73.57
N GLU A 228 37.20 -8.61 -74.57
CA GLU A 228 38.48 -8.18 -75.12
C GLU A 228 38.48 -6.75 -75.65
N PRO A 229 37.44 -6.26 -76.32
CA PRO A 229 37.52 -4.90 -76.87
C PRO A 229 37.86 -3.85 -75.82
N PHE A 230 37.28 -3.95 -74.62
CA PHE A 230 37.58 -3.04 -73.53
C PHE A 230 38.61 -3.59 -72.56
N GLY A 231 38.40 -4.82 -72.09
CA GLY A 231 39.26 -5.38 -71.05
C GLY A 231 38.86 -4.87 -69.69
N GLY A 232 39.55 -5.37 -68.67
CA GLY A 232 39.27 -4.90 -67.32
C GLY A 232 38.01 -5.51 -66.73
N ALA A 233 37.47 -4.81 -65.73
CA ALA A 233 36.31 -5.29 -65.00
C ALA A 233 35.42 -4.13 -64.58
N ILE A 234 34.15 -4.43 -64.35
CA ILE A 234 33.18 -3.49 -63.80
C ILE A 234 32.75 -3.99 -62.43
N ILE A 235 32.62 -3.07 -61.47
CA ILE A 235 32.24 -3.38 -60.10
C ILE A 235 30.91 -2.71 -59.79
N ILE A 236 29.90 -3.51 -59.46
CA ILE A 236 28.56 -3.03 -59.17
C ILE A 236 28.40 -2.94 -57.65
N GLY A 237 27.92 -1.79 -57.18
CA GLY A 237 27.66 -1.60 -55.76
C GLY A 237 26.22 -1.23 -55.49
N GLN A 238 25.97 -0.53 -54.38
CA GLN A 238 24.62 -0.03 -54.12
C GLN A 238 24.37 1.31 -54.78
N GLU A 239 25.32 2.23 -54.70
CA GLU A 239 25.14 3.58 -55.21
C GLU A 239 26.02 3.90 -56.41
N SER A 240 27.03 3.06 -56.72
CA SER A 240 28.03 3.43 -57.70
C SER A 240 28.39 2.22 -58.56
N ILE A 241 28.73 2.51 -59.82
CA ILE A 241 29.27 1.52 -60.76
C ILE A 241 30.63 2.02 -61.21
N THR A 242 31.65 1.16 -61.13
CA THR A 242 33.01 1.56 -61.42
C THR A 242 33.65 0.60 -62.42
N TYR A 243 34.51 1.15 -63.29
CA TYR A 243 35.29 0.37 -64.23
C TYR A 243 36.77 0.50 -63.87
N HIS A 244 37.47 -0.63 -63.87
CA HIS A 244 38.88 -0.67 -63.49
C HIS A 244 39.67 -1.40 -64.55
N ASN A 245 40.82 -0.84 -64.93
CA ASN A 245 41.74 -1.51 -65.85
C ASN A 245 43.08 -0.80 -65.84
N GLY A 246 44.00 -1.24 -64.99
CA GLY A 246 45.31 -0.62 -64.90
C GLY A 246 45.23 0.84 -64.49
N ASP A 247 45.59 1.74 -65.42
CA ASP A 247 45.57 3.17 -65.15
C ASP A 247 44.19 3.78 -65.34
N LYS A 248 43.27 3.08 -66.02
CA LYS A 248 41.97 3.64 -66.32
C LYS A 248 41.00 3.44 -65.15
N TYR A 249 40.25 4.48 -64.82
CA TYR A 249 39.22 4.38 -63.78
C TYR A 249 38.07 5.33 -64.11
N LEU A 250 36.87 4.77 -64.25
CA LEU A 250 35.65 5.53 -64.47
C LEU A 250 34.65 5.11 -63.39
N ALA A 251 33.83 6.07 -62.95
CA ALA A 251 32.85 5.82 -61.89
C ALA A 251 31.59 6.64 -62.18
N ILE A 252 30.46 5.96 -62.27
CA ILE A 252 29.16 6.60 -62.46
C ILE A 252 28.28 6.24 -61.27
N ALA A 253 27.59 7.24 -60.72
CA ALA A 253 26.74 7.08 -59.54
C ALA A 253 25.37 7.70 -59.79
N PRO A 254 24.56 7.09 -60.64
CA PRO A 254 23.22 7.65 -60.91
C PRO A 254 22.30 7.45 -59.72
N PRO A 255 21.42 8.41 -59.44
CA PRO A 255 20.56 8.27 -58.24
C PRO A 255 19.56 7.14 -58.34
N ILE A 256 19.27 6.64 -59.55
CA ILE A 256 18.20 5.65 -59.71
C ILE A 256 18.63 4.33 -59.09
N ILE A 257 19.90 3.95 -59.22
CA ILE A 257 20.31 2.65 -58.72
C ILE A 257 20.32 2.62 -57.19
N LYS A 258 20.47 3.79 -56.54
CA LYS A 258 20.51 3.82 -55.08
C LYS A 258 19.21 3.32 -54.46
N GLN A 259 18.08 3.46 -55.17
CA GLN A 259 16.79 3.15 -54.57
C GLN A 259 16.65 1.67 -54.26
N SER A 260 17.19 0.79 -55.11
CA SER A 260 17.04 -0.65 -54.95
C SER A 260 18.34 -1.36 -55.26
N THR A 261 18.62 -2.41 -54.50
CA THR A 261 19.89 -3.13 -54.64
C THR A 261 19.91 -3.93 -55.94
N ILE A 262 21.02 -3.85 -56.67
CA ILE A 262 21.19 -4.59 -57.92
C ILE A 262 21.75 -5.96 -57.61
N VAL A 263 21.12 -7.01 -58.15
CA VAL A 263 21.48 -8.37 -57.77
C VAL A 263 21.97 -9.22 -58.93
N CYS A 264 21.66 -8.89 -60.19
CA CYS A 264 22.01 -9.76 -61.31
C CYS A 264 22.49 -8.95 -62.51
N HIS A 265 23.46 -9.52 -63.23
CA HIS A 265 24.06 -8.88 -64.40
C HIS A 265 24.22 -9.89 -65.53
N ASN A 266 24.14 -9.39 -66.78
CA ASN A 266 24.39 -10.23 -67.95
C ASN A 266 24.83 -9.35 -69.11
N ARG A 267 25.55 -9.97 -70.06
CA ARG A 267 26.12 -9.28 -71.21
C ARG A 267 25.21 -9.40 -72.43
N VAL A 268 24.79 -8.26 -72.98
CA VAL A 268 23.95 -8.27 -74.18
C VAL A 268 24.81 -8.39 -75.43
N ASP A 269 25.82 -7.52 -75.55
CA ASP A 269 26.62 -7.47 -76.76
C ASP A 269 27.92 -8.22 -76.50
N PRO A 270 28.26 -9.24 -77.30
CA PRO A 270 29.49 -10.00 -77.02
C PRO A 270 30.74 -9.15 -76.87
N ASN A 271 30.80 -7.98 -77.53
CA ASN A 271 31.95 -7.11 -77.39
C ASN A 271 31.98 -6.35 -76.07
N GLY A 272 30.90 -6.41 -75.28
CA GLY A 272 30.85 -5.76 -73.99
C GLY A 272 30.27 -4.37 -73.99
N SER A 273 29.70 -3.91 -75.11
CA SER A 273 29.16 -2.55 -75.17
C SER A 273 27.97 -2.39 -74.23
N ARG A 274 27.12 -3.42 -74.12
CA ARG A 274 25.88 -3.32 -73.37
C ARG A 274 25.76 -4.45 -72.36
N TYR A 275 25.39 -4.09 -71.13
CA TYR A 275 25.13 -5.06 -70.06
C TYR A 275 23.75 -4.79 -69.48
N LEU A 276 23.10 -5.85 -68.99
CA LEU A 276 21.80 -5.73 -68.35
C LEU A 276 21.96 -5.86 -66.83
N LEU A 277 21.20 -5.07 -66.09
CA LEU A 277 21.25 -5.05 -64.63
C LEU A 277 19.83 -5.10 -64.07
N GLY A 278 19.65 -5.87 -62.99
CA GLY A 278 18.35 -5.97 -62.35
C GLY A 278 18.46 -5.74 -60.85
N ASP A 279 17.38 -5.22 -60.27
CA ASP A 279 17.36 -4.87 -58.85
C ASP A 279 16.16 -5.53 -58.18
N MET A 280 16.17 -5.52 -56.85
CA MET A 280 15.18 -6.26 -56.08
C MET A 280 13.76 -5.74 -56.26
N GLU A 281 13.59 -4.53 -56.76
CA GLU A 281 12.26 -4.02 -57.05
C GLU A 281 11.80 -4.40 -58.45
N GLY A 282 12.61 -5.16 -59.18
CA GLY A 282 12.26 -5.63 -60.51
C GLY A 282 12.60 -4.70 -61.65
N ARG A 283 13.23 -3.56 -61.40
CA ARG A 283 13.59 -2.67 -62.49
C ARG A 283 14.74 -3.26 -63.29
N LEU A 284 14.67 -3.12 -64.61
CA LEU A 284 15.69 -3.62 -65.52
C LEU A 284 16.38 -2.42 -66.19
N PHE A 285 17.70 -2.38 -66.08
CA PHE A 285 18.50 -1.27 -66.59
C PHE A 285 19.41 -1.81 -67.69
N MET A 286 19.80 -0.93 -68.61
CA MET A 286 20.82 -1.24 -69.61
C MET A 286 22.06 -0.45 -69.24
N LEU A 287 23.16 -1.14 -68.98
CA LEU A 287 24.44 -0.49 -68.70
C LEU A 287 25.21 -0.38 -70.01
N LEU A 288 25.56 0.84 -70.38
CA LEU A 288 26.14 1.12 -71.69
C LEU A 288 27.60 1.53 -71.54
N LEU A 289 28.47 0.91 -72.34
CA LEU A 289 29.88 1.26 -72.38
C LEU A 289 30.11 2.12 -73.62
N GLU A 290 30.35 3.41 -73.42
CA GLU A 290 30.53 4.36 -74.51
C GLU A 290 31.97 4.31 -74.99
N LYS A 291 32.17 3.96 -76.26
CA LYS A 291 33.50 3.77 -76.80
C LYS A 291 34.10 5.04 -77.35
N GLU A 292 35.43 5.13 -77.27
CA GLU A 292 36.20 6.19 -77.90
C GLU A 292 37.42 5.54 -78.54
N GLU A 293 37.50 5.57 -79.87
CA GLU A 293 38.64 5.02 -80.59
C GLU A 293 39.65 6.13 -80.88
N GLN A 294 40.90 5.91 -80.52
CA GLN A 294 41.93 6.90 -80.76
C GLN A 294 42.53 6.73 -82.15
N MET A 295 43.25 7.76 -82.61
CA MET A 295 43.92 7.68 -83.90
C MET A 295 44.95 6.55 -83.90
N ASP A 296 45.40 6.12 -82.72
CA ASP A 296 46.31 4.99 -82.61
C ASP A 296 45.73 3.70 -83.15
N GLY A 297 44.41 3.65 -83.38
CA GLY A 297 43.75 2.41 -83.72
C GLY A 297 43.25 1.62 -82.54
N THR A 298 43.52 2.08 -81.32
CA THR A 298 43.08 1.40 -80.12
C THR A 298 41.71 1.89 -79.70
N VAL A 299 41.05 1.10 -78.86
CA VAL A 299 39.70 1.39 -78.39
C VAL A 299 39.76 1.48 -76.87
N THR A 300 39.22 2.56 -76.32
CA THR A 300 39.17 2.78 -74.89
C THR A 300 37.73 2.98 -74.45
N LEU A 301 37.52 2.93 -73.14
CA LEU A 301 36.21 3.15 -72.55
C LEU A 301 36.08 4.62 -72.21
N LYS A 302 35.10 5.30 -72.82
CA LYS A 302 34.95 6.73 -72.63
C LYS A 302 34.12 7.06 -71.40
N ASP A 303 32.95 6.42 -71.25
CA ASP A 303 32.09 6.70 -70.11
C ASP A 303 31.12 5.54 -69.93
N LEU A 304 30.46 5.54 -68.77
CA LEU A 304 29.45 4.56 -68.42
C LEU A 304 28.12 5.27 -68.21
N ARG A 305 27.03 4.67 -68.68
CA ARG A 305 25.71 5.24 -68.53
C ARG A 305 24.73 4.11 -68.25
N VAL A 306 23.75 4.39 -67.39
CA VAL A 306 22.72 3.42 -67.01
C VAL A 306 21.38 3.99 -67.43
N GLU A 307 20.57 3.18 -68.11
CA GLU A 307 19.27 3.61 -68.60
C GLU A 307 18.20 2.60 -68.20
N LEU A 308 17.14 3.08 -67.54
CA LEU A 308 16.04 2.23 -67.13
C LEU A 308 15.19 1.82 -68.33
N LEU A 309 14.96 0.51 -68.47
CA LEU A 309 14.17 -0.05 -69.56
C LEU A 309 12.73 -0.35 -69.17
N GLY A 310 12.50 -0.88 -67.97
CA GLY A 310 11.14 -1.21 -67.55
C GLY A 310 11.16 -2.06 -66.29
N GLU A 311 10.08 -2.80 -66.08
CA GLU A 311 9.92 -3.61 -64.88
C GLU A 311 9.73 -5.08 -65.25
N THR A 312 10.44 -5.96 -64.55
CA THR A 312 10.29 -7.40 -64.68
C THR A 312 10.06 -8.00 -63.31
N SER A 313 9.91 -9.32 -63.26
CA SER A 313 9.88 -10.04 -61.99
C SER A 313 11.24 -9.96 -61.30
N ILE A 314 11.23 -9.96 -59.97
CA ILE A 314 12.49 -9.98 -59.22
C ILE A 314 13.27 -11.20 -59.66
N ALA A 315 14.47 -10.97 -60.20
CA ALA A 315 15.18 -11.97 -60.98
C ALA A 315 16.43 -12.44 -60.26
N GLU A 316 16.54 -13.76 -60.05
CA GLU A 316 17.80 -14.32 -59.57
C GLU A 316 18.85 -14.34 -60.67
N CYS A 317 18.46 -14.69 -61.89
CA CYS A 317 19.38 -14.73 -63.02
C CYS A 317 18.69 -14.10 -64.22
N LEU A 318 19.45 -13.31 -64.98
CA LEU A 318 19.03 -12.78 -66.28
C LEU A 318 19.95 -13.32 -67.35
N THR A 319 19.39 -13.64 -68.51
CA THR A 319 20.17 -14.07 -69.66
C THR A 319 19.52 -13.57 -70.94
N TYR A 320 20.27 -12.77 -71.70
CA TYR A 320 19.82 -12.32 -73.02
C TYR A 320 19.92 -13.49 -73.99
N LEU A 321 18.87 -13.67 -74.79
CA LEU A 321 18.83 -14.77 -75.75
C LEU A 321 19.19 -14.26 -77.14
N ASP A 322 18.20 -13.75 -77.86
CA ASP A 322 18.43 -13.19 -79.19
C ASP A 322 17.32 -12.18 -79.47
N ASN A 323 17.58 -11.31 -80.44
CA ASN A 323 16.63 -10.26 -80.80
C ASN A 323 16.45 -9.42 -79.54
N GLY A 324 15.24 -9.23 -79.04
CA GLY A 324 14.99 -8.57 -77.79
C GLY A 324 14.61 -9.51 -76.67
N VAL A 325 14.72 -10.82 -76.86
CA VAL A 325 14.20 -11.77 -75.88
C VAL A 325 15.21 -11.94 -74.75
N VAL A 326 14.73 -11.79 -73.52
CA VAL A 326 15.52 -11.96 -72.32
C VAL A 326 14.73 -12.91 -71.42
N PHE A 327 15.42 -13.87 -70.82
CA PHE A 327 14.76 -14.75 -69.86
C PHE A 327 15.00 -14.20 -68.46
N VAL A 328 13.90 -13.99 -67.74
CA VAL A 328 13.95 -13.45 -66.38
C VAL A 328 13.75 -14.66 -65.48
N GLY A 329 14.84 -15.14 -64.89
CA GLY A 329 14.76 -16.26 -63.98
C GLY A 329 14.50 -15.78 -62.58
N SER A 330 13.34 -16.13 -62.02
CA SER A 330 12.89 -15.58 -60.75
C SER A 330 12.81 -16.68 -59.70
N ARG A 331 13.37 -16.41 -58.53
CA ARG A 331 13.26 -17.30 -57.38
C ARG A 331 12.16 -16.89 -56.42
N LEU A 332 11.82 -15.60 -56.38
CA LEU A 332 10.78 -15.09 -55.51
C LEU A 332 9.43 -14.95 -56.21
N GLY A 333 9.42 -14.97 -57.55
CA GLY A 333 8.19 -14.84 -58.30
C GLY A 333 8.24 -15.62 -59.60
N ASP A 334 7.23 -15.44 -60.44
CA ASP A 334 7.18 -16.16 -61.70
C ASP A 334 8.28 -15.70 -62.64
N SER A 335 8.88 -16.65 -63.34
CA SER A 335 9.87 -16.33 -64.36
C SER A 335 9.17 -15.85 -65.62
N GLN A 336 9.93 -15.25 -66.53
CA GLN A 336 9.33 -14.59 -67.68
C GLN A 336 10.26 -14.62 -68.87
N LEU A 337 9.66 -14.56 -70.05
CA LEU A 337 10.33 -14.16 -71.28
C LEU A 337 9.80 -12.77 -71.62
N VAL A 338 10.70 -11.80 -71.79
CA VAL A 338 10.31 -10.44 -72.09
C VAL A 338 11.07 -9.97 -73.32
N LYS A 339 10.45 -9.10 -74.10
CA LYS A 339 11.07 -8.53 -75.29
C LYS A 339 11.42 -7.07 -75.01
N LEU A 340 12.66 -6.71 -75.34
CA LEU A 340 13.13 -5.33 -75.21
C LEU A 340 12.93 -4.64 -76.56
N ASN A 341 12.20 -3.54 -76.55
CA ASN A 341 11.90 -2.79 -77.77
C ASN A 341 12.80 -1.56 -77.85
N VAL A 342 13.07 -1.14 -79.08
CA VAL A 342 13.86 0.07 -79.29
C VAL A 342 13.03 1.30 -78.97
N ASP A 343 11.74 1.26 -79.30
CA ASP A 343 10.82 2.35 -79.00
C ASP A 343 10.05 2.03 -77.73
N SER A 344 9.93 3.02 -76.85
CA SER A 344 9.16 2.86 -75.64
C SER A 344 7.67 2.92 -75.96
N ASN A 345 6.87 2.33 -75.08
CA ASN A 345 5.42 2.39 -75.26
C ASN A 345 4.92 3.70 -74.66
N GLU A 346 3.59 3.87 -74.64
CA GLU A 346 3.01 5.13 -74.18
C GLU A 346 3.22 5.38 -72.69
N GLN A 347 3.61 4.37 -71.93
CA GLN A 347 3.89 4.53 -70.51
C GLN A 347 5.37 4.81 -70.25
N GLY A 348 6.20 4.80 -71.28
CA GLY A 348 7.62 5.02 -71.14
C GLY A 348 8.46 3.78 -70.97
N SER A 349 7.86 2.59 -71.09
CA SER A 349 8.56 1.34 -70.87
C SER A 349 9.02 0.73 -72.18
N TYR A 350 10.21 0.12 -72.17
CA TYR A 350 10.74 -0.61 -73.30
C TYR A 350 10.57 -2.12 -73.15
N VAL A 351 9.92 -2.59 -72.08
CA VAL A 351 9.83 -4.01 -71.75
C VAL A 351 8.37 -4.42 -71.82
N VAL A 352 8.10 -5.49 -72.57
CA VAL A 352 6.76 -6.05 -72.72
C VAL A 352 6.84 -7.55 -72.50
N ALA A 353 6.02 -8.05 -71.58
CA ALA A 353 6.06 -9.47 -71.23
C ALA A 353 5.53 -10.32 -72.38
N MET A 354 6.24 -11.41 -72.66
CA MET A 354 5.81 -12.39 -73.66
C MET A 354 5.13 -13.59 -73.02
N GLU A 355 5.85 -14.33 -72.18
CA GLU A 355 5.34 -15.51 -71.52
C GLU A 355 5.63 -15.44 -70.04
N THR A 356 4.82 -16.16 -69.27
CA THR A 356 4.98 -16.23 -67.82
C THR A 356 5.07 -17.70 -67.42
N PHE A 357 6.15 -18.05 -66.72
CA PHE A 357 6.41 -19.41 -66.27
C PHE A 357 6.07 -19.51 -64.79
N THR A 358 5.13 -20.40 -64.47
CA THR A 358 4.65 -20.52 -63.10
C THR A 358 5.78 -20.88 -62.14
N ASN A 359 5.94 -20.06 -61.10
CA ASN A 359 6.86 -20.34 -60.00
C ASN A 359 6.07 -20.26 -58.71
N LEU A 360 5.91 -21.38 -58.01
CA LEU A 360 5.25 -21.34 -56.72
C LEU A 360 6.03 -20.54 -55.69
N GLY A 361 7.25 -20.09 -56.03
CA GLY A 361 7.98 -19.20 -55.17
C GLY A 361 8.15 -19.78 -53.79
N PRO A 362 8.64 -18.97 -52.86
CA PRO A 362 8.70 -19.41 -51.46
C PRO A 362 7.31 -19.69 -50.93
N ILE A 363 7.11 -20.93 -50.45
CA ILE A 363 5.84 -21.32 -49.84
C ILE A 363 6.02 -21.11 -48.34
N VAL A 364 5.57 -19.93 -47.87
CA VAL A 364 5.74 -19.60 -46.46
C VAL A 364 4.77 -20.41 -45.60
N ASP A 365 3.52 -20.55 -46.06
CA ASP A 365 2.52 -21.32 -45.33
C ASP A 365 1.54 -21.86 -46.37
N MET A 366 0.69 -22.80 -45.94
CA MET A 366 -0.33 -23.35 -46.82
C MET A 366 -1.34 -24.13 -45.99
N CYS A 367 -2.53 -24.30 -46.55
CA CYS A 367 -3.59 -25.08 -45.93
C CYS A 367 -4.31 -25.90 -47.00
N VAL A 368 -4.82 -27.08 -46.61
CA VAL A 368 -5.58 -27.92 -47.52
C VAL A 368 -7.05 -27.75 -47.18
N VAL A 369 -7.84 -27.31 -48.16
CA VAL A 369 -9.25 -27.00 -47.96
C VAL A 369 -10.05 -27.47 -49.17
N ASP A 370 -11.20 -28.10 -48.91
CA ASP A 370 -12.12 -28.57 -49.94
C ASP A 370 -13.12 -27.46 -50.28
N LEU A 371 -12.79 -26.68 -51.32
CA LEU A 371 -13.60 -25.52 -51.67
C LEU A 371 -14.91 -25.91 -52.32
N GLU A 372 -14.90 -26.95 -53.18
CA GLU A 372 -16.05 -27.36 -53.95
C GLU A 372 -16.85 -28.51 -53.36
N ARG A 373 -16.55 -28.94 -52.13
CA ARG A 373 -17.22 -30.06 -51.47
C ARG A 373 -17.07 -31.39 -52.21
N GLN A 374 -16.04 -31.51 -53.05
CA GLN A 374 -15.82 -32.74 -53.80
C GLN A 374 -15.08 -33.81 -53.00
N GLY A 375 -14.51 -33.47 -51.84
CA GLY A 375 -13.67 -34.41 -51.13
C GLY A 375 -12.29 -34.54 -51.71
N GLN A 376 -12.04 -33.89 -52.86
CA GLN A 376 -10.73 -33.92 -53.50
C GLN A 376 -9.71 -33.13 -52.70
N GLY A 377 -10.08 -31.95 -52.24
CA GLY A 377 -9.19 -31.11 -51.49
C GLY A 377 -8.33 -30.26 -52.40
N GLN A 378 -8.14 -29.01 -52.00
CA GLN A 378 -7.35 -28.03 -52.73
C GLN A 378 -6.34 -27.43 -51.77
N LEU A 379 -5.19 -27.07 -52.32
CA LEU A 379 -4.08 -26.52 -51.56
C LEU A 379 -3.97 -25.05 -51.90
N VAL A 380 -4.20 -24.18 -50.91
CA VAL A 380 -4.02 -22.75 -51.07
C VAL A 380 -2.70 -22.39 -50.37
N THR A 381 -1.76 -21.81 -51.11
CA THR A 381 -0.42 -21.60 -50.62
C THR A 381 -0.11 -20.11 -50.57
N CYS A 382 0.59 -19.70 -49.50
CA CYS A 382 1.20 -18.37 -49.44
C CYS A 382 2.52 -18.44 -50.20
N SER A 383 2.56 -17.84 -51.39
CA SER A 383 3.68 -17.96 -52.30
C SER A 383 4.21 -16.60 -52.70
N GLY A 384 5.52 -16.54 -52.93
CA GLY A 384 6.18 -15.33 -53.40
C GLY A 384 6.56 -14.39 -52.27
N ALA A 385 7.21 -13.29 -52.68
CA ALA A 385 7.57 -12.24 -51.75
C ALA A 385 7.50 -10.89 -52.45
N PHE A 386 7.23 -9.85 -51.67
CA PHE A 386 7.21 -8.46 -52.15
C PHE A 386 6.23 -8.36 -53.30
N LYS A 387 6.61 -7.78 -54.43
CA LYS A 387 5.69 -7.59 -55.55
C LYS A 387 5.17 -8.91 -56.08
N GLU A 388 5.93 -9.98 -55.91
CA GLU A 388 5.57 -11.27 -56.44
C GLU A 388 4.66 -12.06 -55.51
N GLY A 389 4.32 -11.51 -54.35
CA GLY A 389 3.47 -12.24 -53.42
C GLY A 389 2.15 -12.63 -54.06
N SER A 390 1.72 -13.85 -53.79
CA SER A 390 0.52 -14.39 -54.42
C SER A 390 -0.04 -15.50 -53.56
N LEU A 391 -1.33 -15.77 -53.77
CA LEU A 391 -2.00 -16.96 -53.25
C LEU A 391 -2.21 -17.91 -54.42
N ARG A 392 -1.80 -19.16 -54.26
CA ARG A 392 -1.89 -20.14 -55.33
C ARG A 392 -2.81 -21.27 -54.91
N ILE A 393 -3.90 -21.46 -55.65
CA ILE A 393 -4.85 -22.54 -55.41
C ILE A 393 -4.51 -23.67 -56.36
N ILE A 394 -4.19 -24.84 -55.81
CA ILE A 394 -3.67 -25.97 -56.57
C ILE A 394 -4.60 -27.16 -56.43
N ARG A 395 -4.97 -27.77 -57.56
CA ARG A 395 -5.82 -28.95 -57.59
C ARG A 395 -5.24 -29.94 -58.59
N ASN A 396 -5.52 -31.23 -58.36
CA ASN A 396 -5.11 -32.29 -59.27
C ASN A 396 -6.16 -32.49 -60.36
N GLY A 397 -5.72 -32.56 -61.61
CA GLY A 397 -6.62 -32.71 -62.73
C GLY A 397 -5.92 -33.10 -64.03
N GLN A 408 -2.63 -35.56 -67.24
CA GLN A 408 -2.08 -35.64 -65.88
C GLN A 408 -1.18 -34.44 -65.58
N LYS A 409 -1.76 -33.43 -64.95
CA LYS A 409 -1.02 -32.23 -64.57
C LYS A 409 -1.78 -31.57 -63.42
N LEU A 410 -1.10 -30.65 -62.73
CA LEU A 410 -1.70 -29.90 -61.64
C LEU A 410 -2.23 -28.57 -62.16
N HIS A 411 -3.46 -28.24 -61.75
CA HIS A 411 -4.07 -26.96 -62.12
C HIS A 411 -3.80 -25.94 -61.02
N ILE A 412 -3.21 -24.81 -61.41
CA ILE A 412 -2.77 -23.78 -60.48
C ILE A 412 -3.42 -22.45 -60.85
N ARG A 413 -4.12 -21.85 -59.89
CA ARG A 413 -4.67 -20.52 -60.03
C ARG A 413 -3.86 -19.54 -59.17
N THR A 414 -3.62 -18.35 -59.70
CA THR A 414 -2.79 -17.35 -59.04
C THR A 414 -3.62 -16.14 -58.65
N VAL A 415 -3.51 -15.73 -57.38
CA VAL A 415 -4.16 -14.53 -56.88
C VAL A 415 -3.07 -13.51 -56.55
N PRO A 416 -2.85 -12.49 -57.38
CA PRO A 416 -1.77 -11.53 -57.10
C PRO A 416 -2.08 -10.68 -55.89
N LEU A 417 -1.09 -10.56 -54.99
CA LEU A 417 -1.22 -9.73 -53.79
C LEU A 417 -0.28 -8.53 -53.79
N TYR A 418 0.84 -8.60 -54.51
CA TYR A 418 1.81 -7.51 -54.60
C TYR A 418 2.41 -7.14 -53.25
N GLU A 419 2.22 -7.98 -52.25
CA GLU A 419 2.87 -7.84 -50.95
C GLU A 419 3.15 -9.25 -50.44
N SER A 420 4.00 -9.34 -49.41
CA SER A 420 4.48 -10.63 -48.94
C SER A 420 3.40 -11.34 -48.11
N PRO A 421 2.96 -12.54 -48.50
CA PRO A 421 2.06 -13.31 -47.64
C PRO A 421 2.84 -14.15 -46.64
N ARG A 422 2.31 -14.22 -45.41
CA ARG A 422 3.02 -14.83 -44.29
C ARG A 422 2.34 -16.08 -43.76
N LYS A 423 1.05 -16.01 -43.42
CA LYS A 423 0.32 -17.17 -42.92
C LYS A 423 -1.09 -17.17 -43.51
N ILE A 424 -1.66 -18.37 -43.66
CA ILE A 424 -3.01 -18.53 -44.19
C ILE A 424 -3.76 -19.55 -43.35
N CYS A 425 -5.06 -19.31 -43.15
CA CYS A 425 -5.94 -20.22 -42.42
C CYS A 425 -7.35 -20.04 -42.96
N TYR A 426 -8.07 -21.15 -43.10
CA TYR A 426 -9.40 -21.14 -43.69
C TYR A 426 -10.48 -21.13 -42.61
N GLN A 427 -11.50 -20.29 -42.83
CA GLN A 427 -12.65 -20.16 -41.92
C GLN A 427 -13.91 -20.45 -42.74
N GLU A 428 -14.42 -21.67 -42.62
CA GLU A 428 -15.57 -22.07 -43.46
C GLU A 428 -16.81 -21.26 -43.10
N VAL A 429 -17.06 -21.03 -41.81
CA VAL A 429 -18.27 -20.34 -41.39
C VAL A 429 -18.45 -19.04 -42.15
N SER A 430 -17.35 -18.36 -42.48
CA SER A 430 -17.38 -17.08 -43.17
C SER A 430 -17.12 -17.18 -44.65
N GLN A 431 -16.98 -18.40 -45.19
CA GLN A 431 -16.71 -18.60 -46.62
C GLN A 431 -15.55 -17.71 -47.09
N CYS A 432 -14.49 -17.65 -46.29
CA CYS A 432 -13.36 -16.78 -46.62
C CYS A 432 -12.09 -17.32 -45.97
N PHE A 433 -10.96 -16.80 -46.44
CA PHE A 433 -9.64 -17.09 -45.88
C PHE A 433 -9.11 -15.90 -45.08
N GLY A 434 -8.39 -16.19 -44.01
CA GLY A 434 -7.60 -15.19 -43.31
C GLY A 434 -6.15 -15.33 -43.70
N VAL A 435 -5.55 -14.21 -44.13
CA VAL A 435 -4.17 -14.20 -44.60
C VAL A 435 -3.41 -13.05 -43.96
N LEU A 436 -2.26 -13.38 -43.35
CA LEU A 436 -1.35 -12.39 -42.82
C LEU A 436 -0.38 -11.96 -43.91
N SER A 437 -0.15 -10.65 -44.01
CA SER A 437 0.70 -10.11 -45.07
C SER A 437 1.48 -8.94 -44.54
N SER A 438 2.60 -8.63 -45.21
CA SER A 438 3.42 -7.48 -44.88
C SER A 438 3.84 -6.81 -46.16
N ARG A 439 3.84 -5.47 -46.14
CA ARG A 439 4.24 -4.66 -47.28
C ARG A 439 5.33 -3.70 -46.85
N ILE A 440 6.16 -3.30 -47.80
CA ILE A 440 7.31 -2.45 -47.54
C ILE A 440 6.93 -1.00 -47.84
N GLU A 441 6.99 -0.15 -46.82
CA GLU A 441 6.91 1.29 -46.99
C GLU A 441 8.25 1.90 -46.60
N VAL A 442 8.46 3.14 -47.03
CA VAL A 442 9.73 3.82 -46.84
C VAL A 442 9.48 5.14 -46.12
N GLN A 443 10.37 5.48 -45.18
CA GLN A 443 10.26 6.75 -44.48
C GLN A 443 10.31 7.89 -45.48
N ASP A 444 9.33 8.79 -45.42
CA ASP A 444 9.22 9.88 -46.38
C ASP A 444 9.34 11.22 -45.67
N THR A 445 9.34 12.29 -46.47
CA THR A 445 9.58 13.62 -45.92
C THR A 445 8.48 14.06 -44.96
N SER A 446 7.32 13.42 -45.00
CA SER A 446 6.25 13.80 -44.07
C SER A 446 6.52 13.33 -42.66
N GLY A 447 7.51 12.47 -42.45
CA GLY A 447 7.71 11.81 -41.19
C GLY A 447 7.06 10.45 -41.09
N GLY A 448 6.06 10.19 -41.92
CA GLY A 448 5.44 8.88 -42.03
C GLY A 448 6.14 8.02 -43.06
N THR A 449 5.39 7.08 -43.64
CA THR A 449 5.92 6.20 -44.66
C THR A 449 4.98 6.17 -45.85
N THR A 450 5.56 5.83 -47.00
CA THR A 450 4.84 5.77 -48.27
C THR A 450 5.11 4.43 -48.93
N ALA A 451 4.06 3.78 -49.41
CA ALA A 451 4.19 2.48 -50.05
C ALA A 451 4.71 2.63 -51.48
N LEU A 452 5.61 1.71 -51.87
CA LEU A 452 6.21 1.79 -53.20
C LEU A 452 5.19 1.48 -54.30
N ARG A 453 4.15 0.72 -53.98
CA ARG A 453 3.12 0.34 -54.94
C ARG A 453 1.87 -0.04 -54.18
N PRO A 454 0.70 0.06 -54.79
CA PRO A 454 -0.51 -0.45 -54.14
C PRO A 454 -0.50 -1.97 -54.08
N SER A 455 -1.15 -2.51 -53.05
CA SER A 455 -1.13 -3.94 -52.82
C SER A 455 -2.39 -4.36 -52.08
N ALA A 456 -2.47 -5.66 -51.79
CA ALA A 456 -3.70 -6.23 -51.26
C ALA A 456 -4.20 -5.47 -50.03
N SER A 457 -3.29 -5.11 -49.13
CA SER A 457 -3.70 -4.48 -47.89
C SER A 457 -4.25 -3.07 -48.12
N THR A 458 -3.88 -2.43 -49.23
CA THR A 458 -4.36 -1.09 -49.56
C THR A 458 -5.55 -1.10 -50.51
N GLN A 459 -5.84 -2.23 -51.16
CA GLN A 459 -6.93 -2.33 -52.12
C GLN A 459 -8.12 -3.13 -51.57
N ALA A 460 -8.20 -3.30 -50.26
CA ALA A 460 -9.32 -4.00 -49.66
C ALA A 460 -10.59 -3.16 -49.77
N LEU A 461 -11.75 -3.84 -49.82
CA LEU A 461 -13.01 -3.13 -49.90
C LEU A 461 -13.22 -2.26 -48.67
N SER A 462 -13.20 -2.86 -47.49
CA SER A 462 -13.24 -2.14 -46.22
C SER A 462 -11.92 -2.34 -45.49
N SER A 463 -11.57 -1.39 -44.63
CA SER A 463 -10.28 -1.44 -43.94
C SER A 463 -10.43 -0.96 -42.51
N SER A 464 -9.42 -1.28 -41.69
CA SER A 464 -9.39 -0.87 -40.30
C SER A 464 -7.94 -0.82 -39.83
N VAL A 465 -7.68 0.06 -38.86
CA VAL A 465 -6.34 0.24 -38.30
C VAL A 465 -6.40 0.06 -36.79
N SER A 466 -5.41 -0.62 -36.23
CA SER A 466 -5.41 -0.92 -34.80
C SER A 466 -5.34 0.35 -33.96
N SER A 467 -6.17 0.40 -32.92
CA SER A 467 -6.18 1.50 -31.97
C SER A 467 -5.68 1.10 -30.59
N SER A 468 -5.03 -0.05 -30.46
CA SER A 468 -4.64 -0.55 -29.15
C SER A 468 -3.70 0.44 -28.46
N LYS A 469 -3.92 0.62 -27.16
CA LYS A 469 -3.10 1.53 -26.36
C LYS A 469 -2.16 0.76 -25.44
N LEU A 470 -2.05 -0.56 -25.62
CA LEU A 470 -1.24 -1.37 -24.72
C LEU A 470 0.19 -0.87 -24.65
N PHE A 471 0.81 -0.65 -25.81
CA PHE A 471 2.18 -0.16 -25.91
C PHE A 471 2.23 1.36 -26.10
N SER A 472 1.11 2.05 -25.91
CA SER A 472 1.06 3.50 -26.11
C SER A 472 1.96 4.28 -25.16
N SER A 473 2.28 3.72 -23.99
CA SER A 473 3.07 4.49 -23.04
C SER A 473 4.49 4.68 -23.52
N SER A 474 5.00 3.72 -24.30
CA SER A 474 6.30 3.81 -24.94
C SER A 474 7.40 4.37 -24.04
N THR A 475 7.82 5.62 -24.27
CA THR A 475 8.95 6.23 -23.57
C THR A 475 10.27 5.62 -24.02
N ALA A 476 10.24 4.88 -25.14
CA ALA A 476 11.39 4.27 -25.78
C ALA A 476 11.65 4.94 -27.12
N PRO A 477 12.74 5.70 -27.29
CA PRO A 477 12.95 6.43 -28.55
C PRO A 477 13.39 5.52 -29.70
N HIS A 478 12.75 5.68 -30.86
CA HIS A 478 13.11 4.95 -32.07
C HIS A 478 13.25 5.96 -33.22
N GLU A 479 14.47 6.42 -33.49
CA GLU A 479 14.69 7.43 -34.53
C GLU A 479 14.51 6.85 -35.93
N THR A 480 13.98 7.68 -36.83
CA THR A 480 13.72 7.31 -38.21
C THR A 480 14.50 8.23 -39.15
N SER A 481 15.17 7.63 -40.14
CA SER A 481 15.91 8.35 -41.16
C SER A 481 15.19 8.19 -42.49
N PHE A 482 15.08 9.28 -43.24
CA PHE A 482 14.41 9.23 -44.53
C PHE A 482 15.05 8.18 -45.43
N GLY A 483 14.21 7.39 -46.11
CA GLY A 483 14.66 6.37 -47.03
C GLY A 483 14.71 4.98 -46.46
N GLU A 484 14.68 4.84 -45.14
CA GLU A 484 14.72 3.52 -44.52
C GLU A 484 13.42 2.76 -44.76
N GLU A 485 13.54 1.44 -44.90
CA GLU A 485 12.38 0.59 -45.12
C GLU A 485 11.76 0.16 -43.81
N VAL A 486 10.45 -0.08 -43.84
CA VAL A 486 9.70 -0.63 -42.72
C VAL A 486 8.71 -1.64 -43.26
N GLU A 487 8.33 -2.60 -42.41
CA GLU A 487 7.30 -3.56 -42.77
C GLU A 487 6.00 -3.12 -42.12
N VAL A 488 4.90 -3.20 -42.89
CA VAL A 488 3.56 -2.94 -42.38
C VAL A 488 2.78 -4.23 -42.51
N HIS A 489 2.29 -4.75 -41.39
CA HIS A 489 1.63 -6.05 -41.35
C HIS A 489 0.12 -5.90 -41.29
N ASN A 490 -0.59 -6.81 -41.97
CA ASN A 490 -2.02 -6.73 -42.09
C ASN A 490 -2.63 -8.12 -41.97
N LEU A 491 -3.89 -8.15 -41.58
CA LEU A 491 -4.72 -9.36 -41.67
C LEU A 491 -5.71 -9.13 -42.81
N LEU A 492 -5.65 -10.00 -43.83
CA LEU A 492 -6.51 -9.90 -44.99
C LEU A 492 -7.64 -10.90 -44.88
N ILE A 493 -8.86 -10.45 -45.18
CA ILE A 493 -10.02 -11.33 -45.29
C ILE A 493 -10.34 -11.47 -46.77
N ILE A 494 -10.25 -12.70 -47.28
CA ILE A 494 -10.33 -12.98 -48.71
C ILE A 494 -11.43 -14.00 -48.98
N ASP A 495 -12.31 -13.67 -49.93
CA ASP A 495 -13.43 -14.55 -50.27
C ASP A 495 -12.94 -15.83 -50.94
N GLN A 496 -13.57 -16.96 -50.59
CA GLN A 496 -13.10 -18.25 -51.06
C GLN A 496 -13.45 -18.53 -52.51
N HIS A 497 -14.43 -17.83 -53.08
CA HIS A 497 -14.83 -18.06 -54.47
C HIS A 497 -14.22 -17.02 -55.40
N THR A 498 -14.39 -15.73 -55.09
CA THR A 498 -13.84 -14.67 -55.93
C THR A 498 -12.38 -14.39 -55.62
N PHE A 499 -11.93 -14.73 -54.40
CA PHE A 499 -10.58 -14.41 -53.95
C PHE A 499 -10.32 -12.92 -54.03
N GLU A 500 -11.33 -12.14 -53.66
CA GLU A 500 -11.26 -10.69 -53.59
C GLU A 500 -10.99 -10.28 -52.15
N VAL A 501 -10.14 -9.27 -51.97
CA VAL A 501 -9.81 -8.83 -50.62
C VAL A 501 -11.02 -8.08 -50.06
N LEU A 502 -11.68 -8.70 -49.07
CA LEU A 502 -12.89 -8.09 -48.50
C LEU A 502 -12.54 -7.09 -47.41
N HIS A 503 -11.53 -7.38 -46.60
CA HIS A 503 -11.17 -6.50 -45.50
C HIS A 503 -9.68 -6.62 -45.25
N ALA A 504 -9.09 -5.54 -44.75
CA ALA A 504 -7.69 -5.54 -44.36
C ALA A 504 -7.55 -4.73 -43.08
N HIS A 505 -6.92 -5.33 -42.08
CA HIS A 505 -6.68 -4.71 -40.79
C HIS A 505 -5.19 -4.46 -40.64
N GLN A 506 -4.80 -3.21 -40.47
CA GLN A 506 -3.39 -2.85 -40.30
C GLN A 506 -3.03 -2.92 -38.82
N PHE A 507 -1.98 -3.66 -38.50
CA PHE A 507 -1.55 -3.79 -37.12
C PHE A 507 -0.73 -2.55 -36.71
N LEU A 508 -0.35 -2.52 -35.44
CA LEU A 508 0.33 -1.36 -34.89
C LEU A 508 1.66 -1.13 -35.59
N GLN A 509 2.15 0.11 -35.49
CA GLN A 509 3.47 0.43 -36.02
C GLN A 509 4.52 -0.42 -35.31
N ASN A 510 5.37 -1.08 -36.10
CA ASN A 510 6.43 -1.95 -35.61
C ASN A 510 5.90 -3.25 -35.02
N GLU A 511 4.65 -3.61 -35.31
CA GLU A 511 4.07 -4.86 -34.86
C GLU A 511 4.10 -5.86 -36.00
N TYR A 512 4.66 -7.04 -35.76
CA TYR A 512 4.71 -8.11 -36.75
C TYR A 512 3.65 -9.15 -36.43
N ALA A 513 2.92 -9.58 -37.45
CA ALA A 513 1.97 -10.68 -37.32
C ALA A 513 2.70 -11.97 -37.64
N LEU A 514 2.77 -12.87 -36.66
CA LEU A 514 3.55 -14.10 -36.78
C LEU A 514 2.71 -15.36 -36.85
N SER A 515 1.50 -15.35 -36.28
CA SER A 515 0.70 -16.57 -36.16
C SER A 515 -0.77 -16.25 -36.34
N LEU A 516 -1.51 -17.21 -36.90
CA LEU A 516 -2.91 -17.00 -37.23
C LEU A 516 -3.68 -18.32 -37.11
N VAL A 517 -4.84 -18.27 -36.44
CA VAL A 517 -5.73 -19.43 -36.34
C VAL A 517 -7.18 -18.97 -36.48
N SER A 518 -8.02 -19.90 -36.92
CA SER A 518 -9.47 -19.69 -36.98
C SER A 518 -10.13 -20.83 -36.23
N CYS A 519 -10.90 -20.50 -35.20
CA CYS A 519 -11.47 -21.53 -34.33
C CYS A 519 -12.54 -20.92 -33.42
N LYS A 520 -13.31 -21.81 -32.81
CA LYS A 520 -14.18 -21.48 -31.68
C LYS A 520 -13.46 -21.83 -30.38
N LEU A 521 -13.75 -21.08 -29.32
CA LEU A 521 -13.15 -21.33 -28.02
C LEU A 521 -14.22 -21.48 -26.96
N GLY A 522 -13.94 -22.35 -25.99
CA GLY A 522 -14.81 -22.52 -24.84
C GLY A 522 -16.25 -22.79 -25.23
N LYS A 523 -17.16 -22.13 -24.53
CA LYS A 523 -18.59 -22.20 -24.79
C LYS A 523 -19.05 -21.07 -25.71
N ASP A 524 -18.12 -20.39 -26.36
CA ASP A 524 -18.46 -19.27 -27.23
C ASP A 524 -18.81 -19.80 -28.61
N PRO A 525 -20.04 -19.60 -29.10
CA PRO A 525 -20.42 -20.15 -30.40
C PRO A 525 -19.83 -19.40 -31.59
N ASN A 526 -19.25 -18.22 -31.37
CA ASN A 526 -18.71 -17.43 -32.47
C ASN A 526 -17.39 -18.01 -32.94
N THR A 527 -17.15 -17.95 -34.26
CA THR A 527 -15.89 -18.37 -34.85
C THR A 527 -15.01 -17.14 -35.06
N TYR A 528 -13.79 -17.19 -34.53
CA TYR A 528 -12.92 -16.02 -34.53
C TYR A 528 -11.66 -16.25 -35.36
N PHE A 529 -11.12 -15.14 -35.86
CA PHE A 529 -9.74 -15.08 -36.33
C PHE A 529 -8.88 -14.59 -35.18
N ILE A 530 -7.84 -15.34 -34.84
CA ILE A 530 -6.93 -14.97 -33.75
C ILE A 530 -5.53 -14.82 -34.31
N VAL A 531 -4.87 -13.72 -33.96
CA VAL A 531 -3.55 -13.40 -34.50
C VAL A 531 -2.59 -13.16 -33.34
N GLY A 532 -1.41 -13.76 -33.42
CA GLY A 532 -0.34 -13.53 -32.47
C GLY A 532 0.75 -12.68 -33.08
N THR A 533 1.16 -11.64 -32.34
CA THR A 533 2.07 -10.64 -32.87
C THR A 533 3.26 -10.45 -31.95
N ALA A 534 4.23 -9.68 -32.43
CA ALA A 534 5.42 -9.34 -31.67
C ALA A 534 5.83 -7.92 -32.01
N MET A 535 6.22 -7.15 -31.00
CA MET A 535 6.72 -5.79 -31.20
C MET A 535 8.20 -5.87 -31.53
N VAL A 536 8.53 -5.50 -32.77
CA VAL A 536 9.84 -5.70 -33.34
C VAL A 536 10.50 -4.34 -33.44
N TYR A 537 11.54 -4.12 -32.64
CA TYR A 537 12.34 -2.92 -32.73
C TYR A 537 13.77 -3.29 -33.08
N PRO A 538 14.43 -2.53 -33.97
CA PRO A 538 15.78 -2.92 -34.39
C PRO A 538 16.76 -3.09 -33.23
N GLU A 539 16.53 -2.39 -32.12
CA GLU A 539 17.46 -2.43 -31.01
C GLU A 539 17.46 -3.78 -30.30
N GLU A 540 16.33 -4.49 -30.31
CA GLU A 540 16.18 -5.70 -29.52
C GLU A 540 16.68 -6.93 -30.25
N ALA A 541 17.39 -7.79 -29.50
CA ALA A 541 17.81 -9.07 -30.05
C ALA A 541 16.63 -10.02 -30.15
N GLU A 542 15.87 -10.16 -29.07
CA GLU A 542 14.64 -10.94 -29.04
C GLU A 542 13.47 -10.04 -28.65
N PRO A 543 12.32 -10.17 -29.33
CA PRO A 543 11.17 -9.31 -28.99
C PRO A 543 10.72 -9.54 -27.55
N LYS A 544 10.39 -8.44 -26.87
CA LYS A 544 9.95 -8.50 -25.48
C LYS A 544 8.51 -8.06 -25.27
N GLN A 545 7.79 -7.74 -26.33
CA GLN A 545 6.39 -7.34 -26.24
C GLN A 545 5.60 -8.04 -27.34
N GLY A 546 4.32 -8.27 -27.08
CA GLY A 546 3.48 -8.98 -28.03
C GLY A 546 2.02 -8.86 -27.65
N ARG A 547 1.17 -9.18 -28.63
CA ARG A 547 -0.28 -9.14 -28.46
C ARG A 547 -0.88 -10.42 -29.00
N ILE A 548 -1.90 -10.93 -28.33
CA ILE A 548 -2.78 -11.96 -28.86
C ILE A 548 -4.12 -11.28 -29.08
N VAL A 549 -4.58 -11.25 -30.32
CA VAL A 549 -5.75 -10.46 -30.70
C VAL A 549 -6.82 -11.41 -31.22
N VAL A 550 -8.05 -11.21 -30.73
CA VAL A 550 -9.21 -11.97 -31.17
C VAL A 550 -10.06 -11.06 -32.05
N PHE A 551 -10.29 -11.49 -33.28
CA PHE A 551 -11.09 -10.76 -34.25
C PHE A 551 -12.33 -11.57 -34.57
N GLN A 552 -13.43 -10.88 -34.89
CA GLN A 552 -14.59 -11.53 -35.45
C GLN A 552 -14.94 -10.88 -36.78
N TYR A 553 -14.95 -11.67 -37.83
CA TYR A 553 -15.38 -11.22 -39.14
C TYR A 553 -16.88 -11.44 -39.25
N SER A 554 -17.64 -10.34 -39.29
CA SER A 554 -19.09 -10.42 -39.35
C SER A 554 -19.61 -9.28 -40.22
N ASP A 555 -20.43 -9.63 -41.21
CA ASP A 555 -21.10 -8.65 -42.06
C ASP A 555 -20.11 -7.68 -42.70
N GLY A 556 -19.06 -8.25 -43.31
CA GLY A 556 -18.12 -7.45 -44.06
C GLY A 556 -17.15 -6.63 -43.25
N LYS A 557 -17.22 -6.70 -41.93
CA LYS A 557 -16.35 -5.93 -41.05
C LYS A 557 -15.67 -6.86 -40.06
N LEU A 558 -14.45 -6.49 -39.70
CA LEU A 558 -13.67 -7.22 -38.71
C LEU A 558 -13.71 -6.43 -37.41
N GLN A 559 -14.15 -7.08 -36.33
CA GLN A 559 -14.35 -6.42 -35.06
C GLN A 559 -13.41 -7.06 -34.04
N THR A 560 -12.64 -6.24 -33.34
CA THR A 560 -11.73 -6.77 -32.32
C THR A 560 -12.53 -7.13 -31.08
N VAL A 561 -12.50 -8.41 -30.69
CA VAL A 561 -13.26 -8.85 -29.51
C VAL A 561 -12.43 -8.72 -28.24
N ALA A 562 -11.16 -9.11 -28.25
CA ALA A 562 -10.35 -9.02 -27.04
C ALA A 562 -8.88 -9.02 -27.42
N GLU A 563 -8.06 -8.49 -26.52
CA GLU A 563 -6.62 -8.48 -26.66
C GLU A 563 -5.98 -8.99 -25.37
N LYS A 564 -4.87 -9.72 -25.51
CA LYS A 564 -4.10 -10.24 -24.38
C LYS A 564 -2.65 -9.84 -24.58
N GLU A 565 -2.08 -9.13 -23.60
CA GLU A 565 -0.70 -8.68 -23.68
C GLU A 565 0.24 -9.79 -23.22
N VAL A 566 1.27 -10.04 -24.01
CA VAL A 566 2.29 -11.04 -23.66
C VAL A 566 3.65 -10.36 -23.67
N LYS A 567 4.60 -10.98 -22.97
CA LYS A 567 5.96 -10.47 -22.85
C LYS A 567 6.91 -11.15 -23.83
N GLY A 568 6.54 -11.17 -25.11
CA GLY A 568 7.38 -11.79 -26.11
C GLY A 568 6.65 -11.91 -27.42
N ALA A 569 7.25 -12.69 -28.32
CA ALA A 569 6.69 -12.90 -29.66
C ALA A 569 5.83 -14.17 -29.64
N VAL A 570 4.62 -14.07 -30.17
CA VAL A 570 3.72 -15.22 -30.27
C VAL A 570 4.06 -15.90 -31.60
N TYR A 571 5.06 -16.77 -31.57
CA TYR A 571 5.54 -17.37 -32.81
C TYR A 571 4.52 -18.34 -33.38
N SER A 572 3.84 -19.13 -32.54
CA SER A 572 2.95 -20.16 -33.02
C SER A 572 1.75 -20.31 -32.10
N MET A 573 0.58 -20.53 -32.69
CA MET A 573 -0.65 -20.79 -31.95
C MET A 573 -1.38 -21.97 -32.58
N VAL A 574 -2.15 -22.67 -31.76
CA VAL A 574 -2.93 -23.81 -32.22
C VAL A 574 -4.06 -24.04 -31.23
N GLU A 575 -5.24 -24.35 -31.77
CA GLU A 575 -6.39 -24.64 -30.91
C GLU A 575 -6.21 -25.99 -30.23
N PHE A 576 -6.53 -26.04 -28.94
CA PHE A 576 -6.30 -27.23 -28.11
C PHE A 576 -7.58 -27.51 -27.32
N ASN A 577 -8.46 -28.33 -27.90
CA ASN A 577 -9.65 -28.81 -27.21
C ASN A 577 -10.40 -27.65 -26.55
N GLY A 578 -10.76 -26.66 -27.37
CA GLY A 578 -11.48 -25.51 -26.91
C GLY A 578 -10.65 -24.45 -26.22
N LYS A 579 -9.35 -24.68 -26.04
CA LYS A 579 -8.45 -23.74 -25.42
C LYS A 579 -7.44 -23.29 -26.46
N LEU A 580 -6.75 -22.18 -26.17
CA LEU A 580 -5.79 -21.59 -27.10
C LEU A 580 -4.39 -21.88 -26.60
N LEU A 581 -3.63 -22.62 -27.40
CA LEU A 581 -2.25 -22.97 -27.09
C LEU A 581 -1.34 -22.04 -27.89
N ALA A 582 -0.55 -21.25 -27.18
CA ALA A 582 0.32 -20.25 -27.80
C ALA A 582 1.73 -20.40 -27.24
N SER A 583 2.71 -20.13 -28.09
CA SER A 583 4.12 -20.15 -27.71
C SER A 583 4.63 -18.71 -27.71
N ILE A 584 5.03 -18.21 -26.55
CA ILE A 584 5.59 -16.88 -26.41
C ILE A 584 7.06 -17.03 -26.03
N ASN A 585 7.95 -16.85 -27.01
CA ASN A 585 9.39 -17.01 -26.80
C ASN A 585 9.68 -18.40 -26.23
N SER A 586 10.32 -18.47 -25.05
CA SER A 586 10.59 -19.77 -24.45
C SER A 586 9.33 -20.44 -23.93
N THR A 587 8.35 -19.67 -23.47
CA THR A 587 7.18 -20.24 -22.81
C THR A 587 6.19 -20.84 -23.82
N VAL A 588 5.59 -21.96 -23.42
CA VAL A 588 4.45 -22.55 -24.11
C VAL A 588 3.28 -22.48 -23.15
N ARG A 589 2.20 -21.80 -23.57
CA ARG A 589 1.11 -21.43 -22.68
C ARG A 589 -0.22 -21.92 -23.22
N LEU A 590 -1.12 -22.26 -22.29
CA LEU A 590 -2.49 -22.67 -22.60
C LEU A 590 -3.45 -21.67 -21.96
N TYR A 591 -4.29 -21.05 -22.79
CA TYR A 591 -5.25 -20.05 -22.38
C TYR A 591 -6.66 -20.62 -22.43
N GLU A 592 -7.49 -20.28 -21.44
CA GLU A 592 -8.91 -20.56 -21.51
C GLU A 592 -9.67 -19.30 -21.96
N TRP A 593 -10.80 -19.53 -22.63
CA TRP A 593 -11.66 -18.46 -23.11
C TRP A 593 -12.86 -18.35 -22.15
N THR A 594 -12.91 -17.28 -21.37
CA THR A 594 -13.90 -17.16 -20.32
C THR A 594 -15.26 -16.75 -20.87
N THR A 595 -16.28 -16.83 -20.03
CA THR A 595 -17.59 -16.35 -20.41
C THR A 595 -17.62 -14.83 -20.59
N GLU A 596 -16.60 -14.12 -20.10
CA GLU A 596 -16.47 -12.69 -20.35
C GLU A 596 -15.68 -12.38 -21.62
N LYS A 597 -15.44 -13.37 -22.47
CA LYS A 597 -14.78 -13.16 -23.77
C LYS A 597 -13.42 -12.51 -23.58
N GLU A 598 -12.62 -13.09 -22.68
CA GLU A 598 -11.25 -12.69 -22.46
C GLU A 598 -10.42 -13.95 -22.23
N LEU A 599 -9.15 -13.89 -22.63
CA LEU A 599 -8.26 -15.03 -22.50
C LEU A 599 -7.71 -15.12 -21.09
N ARG A 600 -7.67 -16.33 -20.54
CA ARG A 600 -7.20 -16.54 -19.17
C ARG A 600 -6.16 -17.65 -19.18
N THR A 601 -4.98 -17.34 -18.65
CA THR A 601 -3.90 -18.31 -18.56
C THR A 601 -4.27 -19.45 -17.65
N GLU A 602 -3.91 -20.67 -18.05
CA GLU A 602 -4.13 -21.86 -17.23
C GLU A 602 -2.82 -22.49 -16.78
N CYS A 603 -1.97 -22.89 -17.72
CA CYS A 603 -0.72 -23.58 -17.40
C CYS A 603 0.38 -23.17 -18.38
N ASN A 604 1.63 -23.25 -17.92
CA ASN A 604 2.78 -22.85 -18.74
C ASN A 604 3.89 -23.90 -18.69
N HIS A 605 4.67 -23.96 -19.76
CA HIS A 605 5.90 -24.76 -19.81
C HIS A 605 7.04 -23.86 -20.26
N TYR A 606 8.20 -23.98 -19.61
CA TYR A 606 9.29 -23.05 -19.83
C TYR A 606 10.60 -23.69 -20.31
N ASN A 607 10.68 -25.02 -20.41
CA ASN A 607 11.94 -25.66 -20.80
C ASN A 607 12.09 -25.62 -22.31
N ASN A 608 12.24 -24.41 -22.83
CA ASN A 608 12.48 -24.20 -24.24
C ASN A 608 13.45 -23.04 -24.41
N ILE A 609 14.10 -23.00 -25.57
CA ILE A 609 14.96 -21.89 -25.94
C ILE A 609 14.20 -20.88 -26.79
N MET A 610 13.55 -21.36 -27.84
CA MET A 610 12.61 -20.58 -28.63
C MET A 610 11.57 -21.55 -29.17
N ALA A 611 10.33 -21.43 -28.67
CA ALA A 611 9.25 -22.33 -29.07
C ALA A 611 8.67 -21.82 -30.39
N LEU A 612 9.33 -22.21 -31.48
CA LEU A 612 8.99 -21.68 -32.79
C LEU A 612 7.76 -22.34 -33.38
N TYR A 613 7.58 -23.64 -33.17
CA TYR A 613 6.55 -24.41 -33.87
C TYR A 613 5.75 -25.25 -32.88
N LEU A 614 4.46 -25.39 -33.17
CA LEU A 614 3.55 -26.13 -32.31
C LEU A 614 2.61 -26.99 -33.14
N LYS A 615 2.33 -28.21 -32.64
CA LYS A 615 1.39 -29.13 -33.26
C LYS A 615 0.73 -29.94 -32.16
N THR A 616 -0.54 -30.30 -32.36
CA THR A 616 -1.31 -30.99 -31.34
C THR A 616 -2.03 -32.21 -31.92
N LYS A 617 -2.09 -33.27 -31.12
CA LYS A 617 -2.92 -34.44 -31.42
C LYS A 617 -3.50 -34.92 -30.10
N GLY A 618 -4.81 -34.79 -29.92
CA GLY A 618 -5.40 -35.20 -28.66
C GLY A 618 -4.93 -34.25 -27.57
N ASP A 619 -4.50 -34.80 -26.44
CA ASP A 619 -3.91 -33.99 -25.39
C ASP A 619 -2.39 -33.92 -25.46
N PHE A 620 -1.81 -34.31 -26.60
CA PHE A 620 -0.36 -34.28 -26.81
C PHE A 620 0.03 -33.06 -27.64
N ILE A 621 1.20 -32.50 -27.33
CA ILE A 621 1.73 -31.33 -28.00
C ILE A 621 3.16 -31.61 -28.44
N LEU A 622 3.48 -31.25 -29.68
CA LEU A 622 4.83 -31.32 -30.21
C LEU A 622 5.38 -29.91 -30.35
N VAL A 623 6.50 -29.65 -29.68
CA VAL A 623 7.10 -28.32 -29.64
C VAL A 623 8.41 -28.36 -30.41
N GLY A 624 8.58 -27.42 -31.34
CA GLY A 624 9.79 -27.30 -32.13
C GLY A 624 10.61 -26.11 -31.66
N ASP A 625 11.89 -26.33 -31.45
CA ASP A 625 12.79 -25.34 -30.88
C ASP A 625 13.79 -24.89 -31.92
N LEU A 626 14.33 -23.68 -31.74
CA LEU A 626 15.30 -23.15 -32.69
C LEU A 626 16.52 -24.05 -32.76
N MET A 627 16.91 -24.66 -31.64
CA MET A 627 18.16 -25.41 -31.59
C MET A 627 18.08 -26.71 -30.82
N ARG A 628 16.96 -27.04 -30.17
CA ARG A 628 16.85 -28.24 -29.35
C ARG A 628 15.89 -29.27 -29.94
N SER A 629 15.66 -29.22 -31.26
CA SER A 629 14.88 -30.26 -31.94
C SER A 629 13.44 -30.21 -31.44
N VAL A 630 12.91 -31.33 -30.97
CA VAL A 630 11.49 -31.42 -30.63
C VAL A 630 11.27 -32.04 -29.25
N LEU A 631 10.24 -31.56 -28.56
CA LEU A 631 9.83 -32.06 -27.24
C LEU A 631 8.38 -32.49 -27.33
N LEU A 632 8.06 -33.67 -26.83
CA LEU A 632 6.69 -34.17 -26.76
C LEU A 632 6.08 -33.76 -25.41
N LEU A 633 5.19 -32.77 -25.44
CA LEU A 633 4.45 -32.35 -24.25
C LEU A 633 3.12 -33.08 -24.17
N ALA A 634 2.55 -33.10 -22.96
CA ALA A 634 1.22 -33.63 -22.74
C ALA A 634 0.47 -32.75 -21.77
N TYR A 635 -0.81 -32.52 -22.06
CA TYR A 635 -1.70 -31.80 -21.14
C TYR A 635 -2.36 -32.81 -20.23
N LYS A 636 -2.19 -32.64 -18.93
CA LYS A 636 -2.79 -33.55 -17.97
C LYS A 636 -4.04 -32.92 -17.39
N PRO A 637 -5.24 -33.29 -17.86
CA PRO A 637 -6.45 -32.57 -17.42
C PRO A 637 -6.73 -32.72 -15.94
N MET A 638 -6.39 -33.86 -15.34
CA MET A 638 -6.67 -34.03 -13.92
C MET A 638 -5.96 -32.97 -13.09
N GLU A 639 -4.76 -32.56 -13.52
CA GLU A 639 -3.95 -31.61 -12.76
C GLU A 639 -3.99 -30.19 -13.29
N GLY A 640 -4.42 -29.99 -14.53
CA GLY A 640 -4.43 -28.66 -15.13
C GLY A 640 -3.05 -28.08 -15.42
N ASN A 641 -2.13 -28.89 -15.93
CA ASN A 641 -0.78 -28.45 -16.21
C ASN A 641 -0.16 -29.34 -17.29
N PHE A 642 1.02 -28.95 -17.75
CA PHE A 642 1.77 -29.71 -18.73
C PHE A 642 2.71 -30.73 -18.09
N GLU A 643 3.01 -31.79 -18.85
CA GLU A 643 4.02 -32.78 -18.49
C GLU A 643 4.94 -33.05 -19.69
N GLU A 644 6.24 -33.12 -19.42
CA GLU A 644 7.22 -33.43 -20.45
C GLU A 644 7.24 -34.94 -20.65
N ILE A 645 6.89 -35.38 -21.86
CA ILE A 645 6.85 -36.81 -22.16
C ILE A 645 8.21 -37.31 -22.65
N ALA A 646 8.76 -36.67 -23.67
CA ALA A 646 9.97 -37.16 -24.32
C ALA A 646 10.61 -36.03 -25.11
N ARG A 647 11.94 -35.97 -25.10
CA ARG A 647 12.68 -34.98 -25.88
C ARG A 647 13.73 -35.64 -26.76
N ASP A 648 13.98 -35.02 -27.92
CA ASP A 648 15.10 -35.38 -28.78
C ASP A 648 16.32 -34.59 -28.31
N PHE A 649 17.28 -35.29 -27.69
CA PHE A 649 18.46 -34.62 -27.16
C PHE A 649 19.45 -34.22 -28.26
N ASN A 650 19.45 -34.91 -29.38
CA ASN A 650 20.31 -34.52 -30.50
C ASN A 650 19.97 -33.09 -30.95
N PRO A 651 20.95 -32.23 -31.17
CA PRO A 651 20.63 -30.82 -31.50
C PRO A 651 20.33 -30.62 -32.97
N ASN A 652 19.15 -30.05 -33.27
CA ASN A 652 18.76 -29.73 -34.63
C ASN A 652 18.08 -28.37 -34.69
N TRP A 653 18.37 -27.63 -35.76
CA TRP A 653 17.72 -26.35 -36.07
C TRP A 653 16.43 -26.63 -36.85
N MET A 654 15.28 -26.37 -36.23
CA MET A 654 14.01 -26.75 -36.83
C MET A 654 13.50 -25.66 -37.77
N SER A 655 12.85 -26.10 -38.85
CA SER A 655 12.16 -25.23 -39.79
C SER A 655 10.68 -25.51 -39.88
N ALA A 656 10.26 -26.74 -39.56
CA ALA A 656 8.86 -27.12 -39.50
C ALA A 656 8.77 -28.49 -38.86
N VAL A 657 7.66 -28.75 -38.18
CA VAL A 657 7.42 -30.04 -37.53
C VAL A 657 6.01 -30.50 -37.84
N GLU A 658 5.77 -31.78 -37.60
CA GLU A 658 4.45 -32.36 -37.82
C GLU A 658 4.37 -33.68 -37.05
N ILE A 659 3.15 -34.00 -36.61
CA ILE A 659 2.86 -35.24 -35.91
C ILE A 659 2.35 -36.23 -36.93
N LEU A 660 3.01 -37.38 -37.04
CA LEU A 660 2.59 -38.43 -37.96
C LEU A 660 1.53 -39.34 -37.32
N ASP A 661 1.77 -39.77 -36.09
CA ASP A 661 0.81 -40.55 -35.33
C ASP A 661 1.17 -40.39 -33.85
N ASP A 662 0.48 -41.13 -32.99
CA ASP A 662 0.66 -40.93 -31.56
C ASP A 662 2.09 -41.19 -31.11
N ASP A 663 2.89 -41.89 -31.91
CA ASP A 663 4.25 -42.25 -31.53
C ASP A 663 5.34 -41.67 -32.42
N ASN A 664 5.05 -41.36 -33.68
CA ASN A 664 6.05 -40.89 -34.63
C ASN A 664 5.89 -39.40 -34.89
N PHE A 665 7.02 -38.69 -34.94
CA PHE A 665 7.02 -37.24 -35.10
C PHE A 665 8.02 -36.84 -36.18
N LEU A 666 7.59 -35.94 -37.06
CA LEU A 666 8.36 -35.55 -38.22
C LEU A 666 8.95 -34.17 -38.03
N GLY A 667 10.20 -34.00 -38.46
CA GLY A 667 10.89 -32.73 -38.33
C GLY A 667 11.66 -32.41 -39.59
N ALA A 668 11.90 -31.11 -39.78
CA ALA A 668 12.63 -30.60 -40.93
C ALA A 668 13.74 -29.70 -40.41
N GLU A 669 14.94 -29.89 -40.93
CA GLU A 669 16.12 -29.18 -40.46
C GLU A 669 16.43 -28.03 -41.41
N ASN A 670 17.19 -27.06 -40.91
CA ASN A 670 17.63 -25.94 -41.74
C ASN A 670 18.74 -26.34 -42.70
N ALA A 671 19.26 -27.56 -42.59
CA ALA A 671 20.27 -28.08 -43.50
C ALA A 671 19.66 -28.84 -44.67
N PHE A 672 18.34 -28.73 -44.86
CA PHE A 672 17.62 -29.42 -45.92
C PHE A 672 17.47 -30.91 -45.64
N ASN A 673 17.34 -31.28 -44.36
CA ASN A 673 17.20 -32.68 -43.95
C ASN A 673 15.87 -32.89 -43.24
N LEU A 674 15.41 -34.16 -43.25
CA LEU A 674 14.18 -34.58 -42.59
C LEU A 674 14.49 -35.73 -41.65
N PHE A 675 13.89 -35.69 -40.45
CA PHE A 675 14.08 -36.76 -39.48
C PHE A 675 12.76 -37.10 -38.81
N VAL A 676 12.65 -38.36 -38.35
CA VAL A 676 11.45 -38.87 -37.69
C VAL A 676 11.85 -39.40 -36.31
N CYS A 677 11.26 -38.81 -35.27
CA CYS A 677 11.49 -39.22 -33.89
C CYS A 677 10.33 -40.05 -33.39
N GLN A 678 10.63 -41.04 -32.54
CA GLN A 678 9.61 -41.89 -31.95
C GLN A 678 9.88 -42.08 -30.46
N LYS A 679 8.80 -42.27 -29.70
CA LYS A 679 8.93 -42.65 -28.31
C LYS A 679 9.60 -44.01 -28.22
N ASP A 680 10.51 -44.17 -27.25
CA ASP A 680 11.28 -45.41 -27.24
C ASP A 680 10.45 -46.61 -26.81
N SER A 681 9.18 -46.40 -26.47
CA SER A 681 8.23 -47.48 -26.17
C SER A 681 8.81 -48.54 -25.24
N ALA A 682 9.78 -48.17 -24.41
CA ALA A 682 10.36 -49.09 -23.43
C ALA A 682 10.11 -48.47 -22.06
N ALA A 683 9.26 -49.12 -21.26
CA ALA A 683 8.91 -48.63 -19.95
C ALA A 683 9.82 -49.18 -18.86
N THR A 684 10.83 -49.97 -19.23
CA THR A 684 11.79 -50.48 -18.26
C THR A 684 12.28 -49.37 -17.35
N THR A 685 12.86 -48.32 -17.94
CA THR A 685 13.32 -47.14 -17.23
C THR A 685 12.56 -45.91 -17.70
N ASP A 686 12.24 -45.00 -16.77
CA ASP A 686 11.60 -43.75 -17.17
C ASP A 686 12.48 -42.96 -18.13
N GLU A 687 13.81 -43.09 -17.98
CA GLU A 687 14.72 -42.35 -18.83
C GLU A 687 14.57 -42.77 -20.29
N GLU A 688 14.36 -44.06 -20.54
CA GLU A 688 14.15 -44.53 -21.91
C GLU A 688 12.91 -43.92 -22.53
N ARG A 689 11.82 -43.82 -21.76
CA ARG A 689 10.60 -43.21 -22.30
C ARG A 689 10.85 -41.75 -22.63
N GLN A 690 11.59 -41.05 -21.76
CA GLN A 690 11.84 -39.62 -21.94
C GLN A 690 12.81 -39.33 -23.07
N HIS A 691 13.43 -40.35 -23.66
CA HIS A 691 14.37 -40.17 -24.77
C HIS A 691 13.62 -40.43 -26.07
N LEU A 692 13.62 -39.45 -26.97
CA LEU A 692 13.08 -39.63 -28.30
C LEU A 692 14.23 -40.06 -29.20
N GLN A 693 14.13 -41.24 -29.80
CA GLN A 693 15.21 -41.77 -30.62
C GLN A 693 14.91 -41.42 -32.06
N GLU A 694 15.83 -40.72 -32.71
CA GLU A 694 15.69 -40.44 -34.14
C GLU A 694 15.83 -41.75 -34.91
N VAL A 695 14.74 -42.20 -35.52
CA VAL A 695 14.72 -43.46 -36.25
C VAL A 695 14.72 -43.24 -37.76
N GLY A 696 14.38 -42.04 -38.23
CA GLY A 696 14.43 -41.74 -39.64
C GLY A 696 15.32 -40.56 -39.94
N LEU A 697 16.22 -40.72 -40.91
CA LEU A 697 17.11 -39.65 -41.35
C LEU A 697 17.09 -39.62 -42.87
N PHE A 698 16.96 -38.43 -43.45
CA PHE A 698 16.82 -38.31 -44.89
C PHE A 698 17.15 -36.89 -45.32
N HIS A 699 18.04 -36.76 -46.30
CA HIS A 699 18.38 -35.47 -46.89
C HIS A 699 17.38 -35.18 -48.00
N LEU A 700 16.48 -34.23 -47.78
CA LEU A 700 15.47 -33.94 -48.79
C LEU A 700 16.05 -33.09 -49.92
N GLY A 701 16.93 -32.15 -49.60
CA GLY A 701 17.45 -31.21 -50.55
C GLY A 701 16.64 -29.94 -50.70
N GLU A 702 15.56 -29.79 -49.94
CA GLU A 702 14.72 -28.61 -49.97
C GLU A 702 14.53 -28.09 -48.56
N PHE A 703 14.14 -26.83 -48.46
CA PHE A 703 13.88 -26.19 -47.17
C PHE A 703 12.38 -26.22 -46.93
N VAL A 704 11.95 -26.96 -45.91
CA VAL A 704 10.52 -27.14 -45.64
C VAL A 704 10.08 -26.08 -44.64
N ASN A 705 9.03 -25.33 -45.01
CA ASN A 705 8.46 -24.31 -44.15
C ASN A 705 7.17 -24.73 -43.48
N VAL A 706 6.35 -25.54 -44.13
CA VAL A 706 5.01 -25.87 -43.64
C VAL A 706 4.77 -27.36 -43.88
N PHE A 707 4.40 -28.06 -42.81
CA PHE A 707 3.81 -29.40 -42.92
C PHE A 707 2.31 -29.27 -42.75
N CYS A 708 1.56 -30.05 -43.52
CA CYS A 708 0.10 -29.92 -43.55
C CYS A 708 -0.53 -31.26 -43.88
N HIS A 709 -1.39 -31.75 -42.99
CA HIS A 709 -2.11 -32.99 -43.25
C HIS A 709 -3.15 -32.78 -44.35
N GLY A 710 -3.20 -33.71 -45.28
CA GLY A 710 -4.15 -33.65 -46.38
C GLY A 710 -3.54 -34.22 -47.63
N SER A 711 -4.41 -34.46 -48.61
CA SER A 711 -3.99 -34.95 -49.91
C SER A 711 -4.85 -34.33 -50.99
N LEU A 712 -4.23 -34.06 -52.13
CA LEU A 712 -4.90 -33.48 -53.29
C LEU A 712 -5.63 -34.52 -54.12
N VAL A 713 -5.30 -35.81 -53.97
CA VAL A 713 -5.92 -36.81 -54.82
C VAL A 713 -7.41 -36.87 -54.52
N MET A 714 -8.20 -36.94 -55.58
CA MET A 714 -9.65 -37.00 -55.44
C MET A 714 -10.02 -38.32 -54.78
N GLN A 715 -10.90 -38.28 -53.80
CA GLN A 715 -11.37 -39.47 -53.11
C GLN A 715 -12.83 -39.72 -53.50
N ASN A 716 -13.05 -40.81 -54.22
CA ASN A 716 -14.40 -41.24 -54.57
C ASN A 716 -14.87 -42.35 -53.65
N LEU A 717 -14.13 -42.60 -52.56
CA LEU A 717 -14.41 -43.70 -51.64
C LEU A 717 -14.13 -45.04 -52.32
N GLY A 718 -13.91 -45.02 -53.64
CA GLY A 718 -13.54 -46.17 -54.45
C GLY A 718 -12.06 -46.42 -54.66
N GLU A 719 -11.19 -45.59 -54.09
CA GLU A 719 -9.75 -45.70 -54.35
C GLU A 719 -9.21 -46.99 -53.77
N THR A 720 -8.53 -47.78 -54.59
CA THR A 720 -7.85 -48.95 -54.07
C THR A 720 -6.97 -48.52 -52.90
N SER A 721 -7.15 -49.17 -51.75
CA SER A 721 -6.42 -48.80 -50.55
C SER A 721 -4.93 -49.01 -50.81
N THR A 722 -4.19 -47.90 -50.85
CA THR A 722 -2.78 -47.96 -51.17
C THR A 722 -1.99 -48.56 -50.00
N PRO A 723 -0.84 -49.18 -50.30
CA PRO A 723 0.02 -49.66 -49.20
C PRO A 723 0.41 -48.56 -48.26
N THR A 724 0.55 -47.34 -48.77
CA THR A 724 0.91 -46.20 -47.94
C THR A 724 -0.29 -45.78 -47.11
N GLN A 725 -0.04 -45.43 -45.86
CA GLN A 725 -1.09 -44.98 -44.95
C GLN A 725 -0.69 -43.65 -44.35
N GLY A 726 -1.62 -42.70 -44.35
CA GLY A 726 -1.37 -41.34 -43.92
C GLY A 726 -0.97 -40.44 -45.07
N SER A 727 -1.08 -39.13 -44.84
CA SER A 727 -0.76 -38.16 -45.88
C SER A 727 -0.40 -36.82 -45.27
N VAL A 728 0.88 -36.43 -45.40
CA VAL A 728 1.37 -35.14 -44.98
C VAL A 728 1.99 -34.45 -46.19
N LEU A 729 1.46 -33.27 -46.54
CA LEU A 729 2.04 -32.43 -47.58
C LEU A 729 3.00 -31.42 -46.94
N PHE A 730 3.99 -31.00 -47.71
CA PHE A 730 4.90 -29.95 -47.24
C PHE A 730 5.30 -29.04 -48.39
N GLY A 731 5.44 -27.76 -48.08
CA GLY A 731 5.89 -26.75 -49.02
C GLY A 731 7.29 -26.31 -48.70
N THR A 732 8.04 -25.89 -49.73
CA THR A 732 9.44 -25.57 -49.58
C THR A 732 9.74 -24.19 -50.17
N VAL A 733 10.97 -23.73 -49.94
CA VAL A 733 11.36 -22.39 -50.39
C VAL A 733 11.45 -22.31 -51.91
N ASN A 734 11.79 -23.41 -52.57
CA ASN A 734 11.97 -23.43 -54.01
C ASN A 734 10.71 -23.80 -54.76
N GLY A 735 9.56 -23.80 -54.08
CA GLY A 735 8.30 -24.15 -54.70
C GLY A 735 7.98 -25.63 -54.72
N MET A 736 8.96 -26.49 -54.43
CA MET A 736 8.73 -27.92 -54.41
C MET A 736 7.67 -28.26 -53.36
N ILE A 737 6.70 -29.09 -53.77
CA ILE A 737 5.71 -29.66 -52.88
C ILE A 737 5.93 -31.16 -52.81
N GLY A 738 6.05 -31.70 -51.59
CA GLY A 738 6.27 -33.12 -51.39
C GLY A 738 5.20 -33.72 -50.49
N LEU A 739 5.30 -35.04 -50.33
CA LEU A 739 4.33 -35.79 -49.55
C LEU A 739 5.05 -36.88 -48.79
N VAL A 740 4.73 -37.01 -47.50
CA VAL A 740 5.29 -38.03 -46.63
C VAL A 740 4.16 -38.96 -46.20
N THR A 741 4.42 -40.26 -46.24
CA THR A 741 3.44 -41.26 -45.82
C THR A 741 4.17 -42.44 -45.20
N SER A 742 3.44 -43.20 -44.39
CA SER A 742 4.00 -44.33 -43.65
C SER A 742 3.84 -45.65 -44.41
N LEU A 743 4.69 -46.61 -44.04
CA LEU A 743 4.71 -47.94 -44.64
C LEU A 743 4.70 -48.99 -43.53
N SER A 744 4.26 -50.20 -43.88
CA SER A 744 4.45 -51.35 -43.01
C SER A 744 5.87 -51.88 -43.16
N GLU A 745 6.33 -52.60 -42.13
CA GLU A 745 7.69 -53.13 -42.17
C GLU A 745 7.91 -53.95 -43.44
N SER A 746 6.93 -54.79 -43.80
CA SER A 746 7.06 -55.61 -45.00
C SER A 746 7.20 -54.75 -46.25
N TRP A 747 6.39 -53.71 -46.38
CA TRP A 747 6.43 -52.88 -47.58
C TRP A 747 7.72 -52.07 -47.66
N TYR A 748 8.20 -51.59 -46.51
CA TYR A 748 9.45 -50.85 -46.50
C TYR A 748 10.61 -51.72 -46.98
N ASN A 749 10.77 -52.88 -46.37
CA ASN A 749 11.86 -53.77 -46.77
C ASN A 749 11.82 -54.08 -48.25
N LEU A 750 10.63 -54.36 -48.78
CA LEU A 750 10.50 -54.66 -50.20
C LEU A 750 10.98 -53.48 -51.03
N LEU A 751 10.53 -52.27 -50.68
CA LEU A 751 10.89 -51.10 -51.46
C LEU A 751 12.34 -50.70 -51.25
N LEU A 752 12.85 -50.87 -50.02
CA LEU A 752 14.25 -50.57 -49.76
C LEU A 752 15.17 -51.50 -50.55
N ASP A 753 14.89 -52.80 -50.51
CA ASP A 753 15.68 -53.74 -51.30
C ASP A 753 15.63 -53.37 -52.77
N MET A 754 14.47 -52.90 -53.24
CA MET A 754 14.33 -52.50 -54.63
C MET A 754 15.20 -51.28 -54.94
N GLN A 755 15.28 -50.33 -54.01
CA GLN A 755 16.13 -49.16 -54.24
C GLN A 755 17.57 -49.58 -54.46
N ASN A 756 18.10 -50.43 -53.58
CA ASN A 756 19.47 -50.90 -53.74
C ASN A 756 19.68 -51.56 -55.08
N ARG A 757 18.66 -52.24 -55.60
CA ARG A 757 18.76 -52.84 -56.93
C ARG A 757 18.67 -51.77 -58.01
N LEU A 758 17.78 -50.80 -57.85
CA LEU A 758 17.65 -49.74 -58.85
C LEU A 758 18.91 -48.90 -58.93
N ASN A 759 19.57 -48.65 -57.79
CA ASN A 759 20.75 -47.81 -57.80
C ASN A 759 21.91 -48.44 -58.57
N LYS A 760 21.98 -49.77 -58.59
CA LYS A 760 23.00 -50.43 -59.41
C LYS A 760 22.66 -50.33 -60.88
N VAL A 761 21.38 -50.30 -61.23
CA VAL A 761 20.95 -50.33 -62.63
C VAL A 761 20.94 -48.94 -63.24
N ILE A 762 20.43 -47.95 -62.51
CA ILE A 762 20.18 -46.63 -63.09
C ILE A 762 21.49 -45.83 -63.13
N LYS A 763 21.75 -45.20 -64.26
CA LYS A 763 22.94 -44.36 -64.45
C LYS A 763 22.63 -42.95 -64.00
N SER A 764 23.45 -42.42 -63.09
CA SER A 764 23.24 -41.08 -62.56
C SER A 764 24.04 -40.05 -63.35
N VAL A 765 23.47 -38.86 -63.48
CA VAL A 765 24.18 -37.75 -64.09
C VAL A 765 25.31 -37.31 -63.18
N GLY A 766 26.51 -37.21 -63.72
CA GLY A 766 27.68 -36.91 -62.93
C GLY A 766 28.21 -38.08 -62.12
N LYS A 767 27.60 -39.26 -62.26
CA LYS A 767 28.01 -40.45 -61.53
C LYS A 767 28.02 -40.18 -60.02
N ILE A 768 26.93 -39.59 -59.55
CA ILE A 768 26.74 -39.30 -58.13
C ILE A 768 26.03 -40.48 -57.48
N GLU A 769 26.64 -41.06 -56.45
CA GLU A 769 26.00 -42.16 -55.73
C GLU A 769 24.72 -41.69 -55.06
N HIS A 770 23.63 -42.41 -55.32
CA HIS A 770 22.34 -42.04 -54.74
C HIS A 770 22.40 -42.09 -53.22
N SER A 771 23.02 -43.13 -52.66
CA SER A 771 23.07 -43.26 -51.21
C SER A 771 23.71 -42.04 -50.56
N PHE A 772 24.76 -41.49 -51.19
CA PHE A 772 25.40 -40.29 -50.67
C PHE A 772 24.46 -39.09 -50.73
N TRP A 773 23.77 -38.94 -51.86
CA TRP A 773 22.87 -37.78 -52.03
C TRP A 773 21.84 -37.73 -50.92
N ARG A 774 21.21 -38.86 -50.60
CA ARG A 774 20.16 -38.88 -49.59
C ARG A 774 20.70 -39.01 -48.17
N SER A 775 22.02 -39.10 -47.99
CA SER A 775 22.59 -39.19 -46.64
C SER A 775 22.37 -37.88 -45.88
N PHE A 776 21.97 -38.01 -44.62
CA PHE A 776 21.82 -36.86 -43.73
C PHE A 776 23.12 -36.06 -43.71
N HIS A 777 23.06 -34.75 -43.97
CA HIS A 777 24.28 -33.96 -44.08
C HIS A 777 24.13 -32.61 -43.40
N THR A 778 24.98 -32.37 -42.41
CA THR A 778 25.20 -31.07 -41.81
C THR A 778 26.68 -30.75 -42.00
N GLU A 779 27.06 -29.48 -41.87
CA GLU A 779 28.48 -29.17 -42.02
C GLU A 779 29.32 -30.08 -41.11
N ARG A 780 28.77 -30.44 -39.96
CA ARG A 780 29.48 -31.21 -38.95
C ARG A 780 29.33 -32.72 -39.14
N LYS A 781 28.18 -33.19 -39.62
CA LYS A 781 27.88 -34.60 -39.65
C LYS A 781 27.38 -35.09 -41.00
N THR A 782 27.66 -36.36 -41.29
CA THR A 782 27.10 -37.06 -42.44
C THR A 782 26.71 -38.47 -42.00
N GLU A 783 25.44 -38.81 -42.16
CA GLU A 783 24.94 -40.12 -41.77
C GLU A 783 24.17 -40.76 -42.92
N PRO A 784 24.19 -42.09 -43.00
CA PRO A 784 23.39 -42.76 -44.04
C PRO A 784 21.91 -42.63 -43.75
N ALA A 785 21.13 -42.51 -44.82
CA ALA A 785 19.69 -42.37 -44.68
C ALA A 785 19.11 -43.63 -44.04
N THR A 786 18.00 -43.45 -43.32
CA THR A 786 17.36 -44.57 -42.64
C THR A 786 15.88 -44.27 -42.47
N GLY A 787 15.06 -45.31 -42.64
CA GLY A 787 13.64 -45.21 -42.40
C GLY A 787 12.85 -44.48 -43.47
N PHE A 788 13.47 -44.14 -44.59
CA PHE A 788 12.81 -43.36 -45.64
C PHE A 788 13.03 -44.03 -46.98
N ILE A 789 11.97 -44.14 -47.77
CA ILE A 789 12.05 -44.66 -49.13
C ILE A 789 11.98 -43.47 -50.08
N ASP A 790 13.00 -43.32 -50.91
CA ASP A 790 13.00 -42.24 -51.90
C ASP A 790 11.99 -42.58 -52.99
N GLY A 791 10.74 -42.17 -52.81
CA GLY A 791 9.71 -42.55 -53.74
C GLY A 791 10.00 -42.10 -55.17
N ASP A 792 10.73 -40.99 -55.31
CA ASP A 792 11.09 -40.53 -56.65
C ASP A 792 12.01 -41.52 -57.33
N LEU A 793 12.79 -42.27 -56.55
CA LEU A 793 13.59 -43.34 -57.11
C LEU A 793 12.71 -44.53 -57.47
N ILE A 794 11.80 -44.91 -56.56
CA ILE A 794 10.88 -46.01 -56.83
C ILE A 794 10.04 -45.72 -58.06
N GLU A 795 9.52 -44.49 -58.18
CA GLU A 795 8.68 -44.17 -59.32
C GLU A 795 9.45 -44.10 -60.63
N SER A 796 10.79 -44.11 -60.59
CA SER A 796 11.58 -44.13 -61.81
C SER A 796 11.71 -45.54 -62.39
N PHE A 797 11.29 -46.56 -61.65
CA PHE A 797 11.29 -47.92 -62.18
C PHE A 797 10.44 -48.02 -63.45
N LEU A 798 9.34 -47.26 -63.50
CA LEU A 798 8.44 -47.30 -64.64
C LEU A 798 9.00 -46.62 -65.89
N ASP A 799 10.16 -45.96 -65.79
CA ASP A 799 10.75 -45.26 -66.92
C ASP A 799 11.99 -45.93 -67.47
N ILE A 800 12.56 -46.91 -66.77
CA ILE A 800 13.74 -47.59 -67.24
C ILE A 800 13.34 -48.64 -68.27
N SER A 801 14.29 -48.99 -69.14
CA SER A 801 13.99 -49.90 -70.25
C SER A 801 13.69 -51.30 -69.74
N ARG A 802 13.00 -52.08 -70.58
CA ARG A 802 12.62 -53.43 -70.18
C ARG A 802 13.80 -54.29 -69.78
N PRO A 803 14.92 -54.32 -70.50
CA PRO A 803 16.07 -55.09 -70.02
C PRO A 803 16.48 -54.70 -68.61
N LYS A 804 16.46 -53.41 -68.31
CA LYS A 804 16.83 -52.96 -66.98
C LYS A 804 15.79 -53.40 -65.95
N MET A 805 14.51 -53.37 -66.31
CA MET A 805 13.46 -53.79 -65.39
C MET A 805 13.66 -55.23 -64.94
N GLN A 806 13.88 -56.13 -65.90
CA GLN A 806 14.06 -57.54 -65.57
C GLN A 806 15.34 -57.76 -64.77
N GLU A 807 16.39 -57.00 -65.08
CA GLU A 807 17.62 -57.09 -64.32
C GLU A 807 17.39 -56.71 -62.86
N VAL A 808 16.50 -55.74 -62.62
CA VAL A 808 16.23 -55.28 -61.25
C VAL A 808 15.52 -56.36 -60.44
N VAL A 809 14.54 -57.04 -61.05
CA VAL A 809 13.72 -58.00 -60.31
C VAL A 809 14.37 -59.35 -60.10
N ALA A 810 15.56 -59.58 -60.65
CA ALA A 810 16.21 -60.87 -60.49
C ALA A 810 16.50 -61.14 -59.01
N ASN A 811 16.16 -62.35 -58.57
CA ASN A 811 16.43 -62.77 -57.20
C ASN A 811 15.75 -61.90 -56.16
N LEU A 812 14.49 -61.52 -56.42
CA LEU A 812 13.73 -60.68 -55.50
C LEU A 812 12.69 -61.56 -54.82
N GLN A 813 12.70 -61.55 -53.49
CA GLN A 813 11.82 -62.38 -52.67
C GLN A 813 10.92 -61.52 -51.78
N TYR A 814 9.70 -61.99 -51.57
CA TYR A 814 8.69 -61.32 -50.76
C TYR A 814 8.80 -61.78 -49.31
N ASP A 815 8.18 -61.03 -48.39
CA ASP A 815 8.27 -61.37 -46.98
C ASP A 815 6.97 -61.00 -46.26
N ASP A 816 6.66 -61.76 -45.20
CA ASP A 816 5.54 -61.51 -44.30
C ASP A 816 4.19 -61.37 -45.01
N GLY A 817 4.09 -61.83 -46.24
CA GLY A 817 2.89 -61.68 -47.03
C GLY A 817 2.00 -62.91 -46.92
N SER A 818 1.11 -63.05 -47.92
CA SER A 818 0.33 -64.27 -48.01
C SER A 818 1.25 -65.46 -48.26
N GLY A 819 2.30 -65.23 -49.05
CA GLY A 819 3.35 -66.21 -49.28
C GLY A 819 4.63 -65.67 -48.66
N MET A 820 5.23 -66.42 -47.73
CA MET A 820 6.40 -65.91 -47.02
C MET A 820 7.50 -65.48 -47.98
N LYS A 821 7.93 -66.37 -48.87
CA LYS A 821 8.91 -66.04 -49.89
C LYS A 821 8.30 -66.23 -51.28
N ARG A 822 8.29 -65.16 -52.09
CA ARG A 822 7.75 -65.23 -53.43
C ARG A 822 8.65 -64.46 -54.38
N GLU A 823 8.86 -65.03 -55.57
CA GLU A 823 9.65 -64.37 -56.61
C GLU A 823 8.83 -63.31 -57.35
N ALA A 824 9.41 -62.12 -57.50
CA ALA A 824 8.78 -61.03 -58.23
C ALA A 824 9.14 -61.04 -59.71
N THR A 825 8.19 -60.58 -60.54
CA THR A 825 8.43 -60.38 -61.97
C THR A 825 8.35 -58.89 -62.30
N ALA A 826 8.92 -58.52 -63.44
CA ALA A 826 8.93 -57.13 -63.87
C ALA A 826 7.51 -56.57 -64.04
N ASP A 827 6.57 -57.41 -64.49
CA ASP A 827 5.19 -56.95 -64.62
C ASP A 827 4.54 -56.74 -63.26
N ASP A 828 4.88 -57.58 -62.28
CA ASP A 828 4.31 -57.43 -60.95
C ASP A 828 4.71 -56.08 -60.34
N LEU A 829 5.99 -55.73 -60.44
CA LEU A 829 6.43 -54.46 -59.87
C LEU A 829 5.84 -53.27 -60.62
N ILE A 830 5.66 -53.40 -61.94
CA ILE A 830 5.06 -52.30 -62.69
C ILE A 830 3.70 -51.95 -62.10
N LYS A 831 2.95 -52.96 -61.67
CA LYS A 831 1.66 -52.71 -61.02
C LYS A 831 1.83 -52.05 -59.66
N VAL A 832 2.81 -52.50 -58.87
CA VAL A 832 3.01 -51.95 -57.53
C VAL A 832 3.39 -50.48 -57.60
N VAL A 833 4.38 -50.15 -58.43
CA VAL A 833 4.81 -48.75 -58.52
C VAL A 833 3.68 -47.88 -59.05
N GLU A 834 2.94 -48.38 -60.05
CA GLU A 834 1.83 -47.59 -60.58
C GLU A 834 0.81 -47.26 -59.50
N GLU A 835 0.55 -48.21 -58.59
CA GLU A 835 -0.34 -47.90 -57.46
C GLU A 835 0.27 -46.83 -56.57
N LEU A 836 1.60 -46.86 -56.40
CA LEU A 836 2.25 -45.85 -55.57
C LEU A 836 2.19 -44.48 -56.22
N THR A 837 2.17 -44.41 -57.56
CA THR A 837 2.05 -43.13 -58.23
C THR A 837 0.66 -42.51 -58.09
N ARG A 838 -0.30 -43.24 -57.54
CA ARG A 838 -1.66 -42.75 -57.40
C ARG A 838 -1.92 -42.06 -56.06
N ILE A 839 -0.90 -41.91 -55.22
CA ILE A 839 -1.06 -41.15 -53.98
C ILE A 839 -0.86 -39.66 -54.18
N HIS A 840 -0.49 -39.24 -55.39
CA HIS A 840 -0.30 -37.82 -55.70
C HIS A 840 -0.61 -37.58 -57.18
N THR B 7 23.79 -25.04 8.64
CA THR B 7 24.67 -24.11 7.94
C THR B 7 24.74 -24.44 6.45
N GLU B 8 25.43 -23.59 5.69
CA GLU B 8 25.56 -23.81 4.24
C GLU B 8 26.33 -25.08 3.91
N SER B 9 27.05 -25.65 4.88
CA SER B 9 27.95 -26.76 4.62
C SER B 9 27.31 -28.13 4.85
N ASP B 10 26.15 -28.20 5.51
CA ASP B 10 25.52 -29.46 5.86
C ASP B 10 24.74 -29.97 4.64
N TRP B 11 25.49 -30.53 3.69
CA TRP B 11 24.92 -31.04 2.45
C TRP B 11 24.26 -32.39 2.69
N GLY B 12 23.38 -32.78 1.76
CA GLY B 12 22.73 -34.06 1.78
C GLY B 12 21.45 -34.12 2.60
N LYS B 13 21.10 -33.06 3.32
CA LYS B 13 19.89 -33.02 4.13
C LYS B 13 18.76 -32.24 3.49
N ARG B 14 19.04 -31.07 2.92
CA ARG B 14 17.99 -30.25 2.34
C ARG B 14 17.28 -31.05 1.25
N CYS B 15 15.96 -30.90 1.17
CA CYS B 15 15.19 -31.69 0.23
C CYS B 15 15.12 -31.00 -1.13
N VAL B 16 14.86 -31.80 -2.16
CA VAL B 16 14.68 -31.28 -3.51
C VAL B 16 13.35 -30.55 -3.65
N ASP B 17 12.50 -30.60 -2.63
CA ASP B 17 11.26 -29.85 -2.67
C ASP B 17 11.51 -28.37 -2.90
N LYS B 18 12.65 -27.88 -2.46
CA LYS B 18 12.96 -26.46 -2.53
C LYS B 18 13.15 -25.96 -3.95
N PHE B 19 13.26 -26.86 -4.92
CA PHE B 19 13.43 -26.48 -6.32
C PHE B 19 12.17 -26.83 -7.10
N ASP B 20 11.76 -25.90 -7.96
CA ASP B 20 10.69 -26.16 -8.91
C ASP B 20 11.36 -26.70 -10.17
N ILE B 21 10.97 -27.91 -10.58
CA ILE B 21 11.62 -28.56 -11.72
C ILE B 21 11.01 -28.01 -12.99
N ILE B 22 11.86 -27.45 -13.86
CA ILE B 22 11.40 -26.88 -15.11
C ILE B 22 11.36 -27.93 -16.21
N GLY B 23 12.39 -28.76 -16.31
CA GLY B 23 12.42 -29.78 -17.32
C GLY B 23 13.76 -30.48 -17.37
N ILE B 24 13.84 -31.44 -18.28
CA ILE B 24 15.03 -32.25 -18.48
C ILE B 24 15.85 -31.60 -19.59
N ILE B 25 17.03 -31.09 -19.24
CA ILE B 25 17.89 -30.43 -20.22
C ILE B 25 18.83 -31.41 -20.90
N GLY B 26 19.06 -32.57 -20.29
CA GLY B 26 19.90 -33.58 -20.92
C GLY B 26 19.88 -34.86 -20.10
N GLU B 27 20.50 -35.88 -20.66
CA GLU B 27 20.72 -37.13 -19.94
C GLU B 27 22.18 -37.18 -19.55
N GLY B 28 22.46 -37.35 -18.26
CA GLY B 28 23.83 -37.42 -17.81
C GLY B 28 24.24 -38.87 -17.77
N THR B 29 25.48 -39.11 -17.36
CA THR B 29 25.97 -40.48 -17.44
C THR B 29 25.48 -41.28 -16.24
N TYR B 30 25.52 -40.70 -15.04
CA TYR B 30 25.00 -41.39 -13.87
C TYR B 30 23.52 -41.13 -13.65
N GLY B 31 22.96 -40.08 -14.25
CA GLY B 31 21.53 -39.83 -14.14
C GLY B 31 21.13 -38.68 -15.03
N GLN B 32 19.83 -38.39 -15.06
CA GLN B 32 19.32 -37.34 -15.92
C GLN B 32 19.50 -35.98 -15.26
N VAL B 33 19.71 -34.96 -16.09
CA VAL B 33 19.99 -33.61 -15.63
C VAL B 33 18.78 -32.73 -15.89
N TYR B 34 18.34 -32.03 -14.85
CA TYR B 34 17.13 -31.21 -14.90
C TYR B 34 17.48 -29.75 -14.65
N LYS B 35 16.72 -28.87 -15.29
CA LYS B 35 16.74 -27.45 -15.00
C LYS B 35 15.68 -27.16 -13.94
N ALA B 36 16.06 -26.44 -12.90
CA ALA B 36 15.12 -26.14 -11.83
C ALA B 36 15.35 -24.70 -11.37
N LYS B 37 14.35 -24.16 -10.69
CA LYS B 37 14.41 -22.81 -10.13
C LYS B 37 14.30 -22.94 -8.62
N ASP B 38 15.20 -22.27 -7.91
CA ASP B 38 15.14 -22.27 -6.46
C ASP B 38 13.92 -21.50 -6.01
N LYS B 39 13.08 -22.11 -5.17
CA LYS B 39 11.88 -21.45 -4.71
C LYS B 39 12.20 -20.23 -3.84
N ASP B 40 13.26 -20.31 -3.04
CA ASP B 40 13.56 -19.26 -2.08
C ASP B 40 14.20 -18.04 -2.74
N THR B 41 15.19 -18.26 -3.61
CA THR B 41 15.97 -17.17 -4.20
C THR B 41 15.57 -16.85 -5.64
N GLY B 42 15.02 -17.83 -6.36
CA GLY B 42 14.70 -17.64 -7.76
C GLY B 42 15.87 -17.86 -8.67
N GLU B 43 16.97 -18.42 -8.18
CA GLU B 43 18.13 -18.66 -9.03
C GLU B 43 17.90 -19.92 -9.83
N LEU B 44 18.24 -19.87 -11.11
CA LEU B 44 18.15 -21.06 -11.94
C LEU B 44 19.32 -21.97 -11.65
N VAL B 45 19.05 -23.27 -11.61
CA VAL B 45 20.04 -24.28 -11.28
C VAL B 45 19.90 -25.43 -12.26
N ALA B 46 20.94 -26.25 -12.31
CA ALA B 46 20.92 -27.50 -13.06
C ALA B 46 21.09 -28.62 -12.03
N LEU B 47 20.14 -29.54 -11.98
CA LEU B 47 20.13 -30.61 -10.99
C LEU B 47 20.51 -31.93 -11.66
N LYS B 48 21.56 -32.56 -11.14
CA LYS B 48 22.07 -33.84 -11.66
C LYS B 48 21.70 -34.95 -10.68
N LYS B 49 21.02 -35.97 -11.16
CA LYS B 49 20.44 -37.02 -10.32
C LYS B 49 21.36 -38.23 -10.23
N VAL B 50 21.60 -38.70 -9.01
CA VAL B 50 22.47 -39.83 -8.75
C VAL B 50 21.64 -40.93 -8.13
N ARG B 51 21.44 -42.03 -8.86
CA ARG B 51 20.59 -43.11 -8.39
C ARG B 51 21.47 -44.22 -7.82
N LEU B 52 21.31 -44.51 -6.53
CA LEU B 52 21.95 -45.63 -5.88
C LEU B 52 21.04 -46.85 -5.81
N ASP B 53 19.83 -46.76 -6.38
CA ASP B 53 18.90 -47.87 -6.32
C ASP B 53 19.45 -49.13 -6.98
N ASN B 54 20.33 -48.96 -7.98
CA ASN B 54 20.93 -50.13 -8.62
C ASN B 54 21.62 -51.02 -7.59
N GLU B 55 22.32 -50.40 -6.64
CA GLU B 55 22.99 -51.11 -5.56
C GLU B 55 23.95 -52.17 -6.07
N LYS B 56 24.40 -52.03 -7.32
CA LYS B 56 25.47 -52.90 -7.82
C LYS B 56 26.79 -52.56 -7.13
N GLU B 57 27.17 -51.28 -7.17
CA GLU B 57 28.32 -50.78 -6.44
C GLU B 57 27.99 -49.51 -5.66
N GLY B 58 26.71 -49.29 -5.35
CA GLY B 58 26.35 -48.17 -4.51
C GLY B 58 26.43 -46.85 -5.24
N PHE B 59 26.80 -45.81 -4.49
CA PHE B 59 26.91 -44.48 -5.06
C PHE B 59 27.92 -44.49 -6.21
N PRO B 60 27.56 -43.99 -7.39
CA PRO B 60 28.48 -44.07 -8.53
C PRO B 60 29.77 -43.32 -8.26
N ILE B 61 30.90 -43.95 -8.61
CA ILE B 61 32.19 -43.30 -8.43
C ILE B 61 32.30 -42.05 -9.30
N THR B 62 31.70 -42.05 -10.48
CA THR B 62 31.75 -40.88 -11.35
C THR B 62 31.21 -39.66 -10.61
N ALA B 63 30.11 -39.81 -9.88
CA ALA B 63 29.59 -38.71 -9.08
C ALA B 63 30.52 -38.41 -7.90
N ILE B 64 31.07 -39.46 -7.27
CA ILE B 64 31.99 -39.25 -6.16
C ILE B 64 33.17 -38.40 -6.62
N ARG B 65 33.71 -38.69 -7.82
CA ARG B 65 34.81 -37.89 -8.34
C ARG B 65 34.39 -36.43 -8.47
N GLU B 66 33.23 -36.18 -9.04
CA GLU B 66 32.78 -34.81 -9.26
C GLU B 66 32.55 -34.09 -7.94
N ILE B 67 32.00 -34.78 -6.93
CA ILE B 67 31.78 -34.17 -5.63
C ILE B 67 33.12 -33.88 -4.95
N LYS B 68 34.02 -34.87 -4.96
CA LYS B 68 35.32 -34.70 -4.32
C LYS B 68 36.11 -33.55 -4.93
N ILE B 69 36.13 -33.48 -6.26
CA ILE B 69 36.99 -32.51 -6.95
C ILE B 69 36.37 -31.12 -6.97
N LEU B 70 35.08 -31.02 -7.28
CA LEU B 70 34.49 -29.70 -7.49
C LEU B 70 34.29 -28.93 -6.20
N ARG B 71 34.30 -29.60 -5.04
CA ARG B 71 34.34 -28.85 -3.78
C ARG B 71 35.74 -28.34 -3.46
N GLN B 72 36.77 -28.81 -4.19
CA GLN B 72 38.12 -28.27 -4.07
C GLN B 72 38.40 -27.15 -5.05
N LEU B 73 37.83 -27.22 -6.26
CA LEU B 73 38.19 -26.32 -7.33
C LEU B 73 37.26 -25.11 -7.32
N ILE B 74 37.85 -23.92 -7.26
CA ILE B 74 37.13 -22.66 -7.28
C ILE B 74 37.82 -21.80 -8.33
N HIS B 75 37.19 -21.68 -9.50
CA HIS B 75 37.72 -20.86 -10.58
C HIS B 75 36.56 -20.36 -11.43
N ARG B 76 36.75 -19.18 -12.02
CA ARG B 76 35.68 -18.59 -12.83
C ARG B 76 35.29 -19.48 -13.99
N SER B 77 36.26 -20.22 -14.55
CA SER B 77 36.04 -21.07 -15.70
C SER B 77 35.81 -22.52 -15.30
N VAL B 78 35.41 -22.77 -14.06
CA VAL B 78 35.11 -24.13 -13.59
C VAL B 78 33.73 -24.11 -12.96
N VAL B 79 32.89 -25.08 -13.35
CA VAL B 79 31.52 -25.14 -12.89
C VAL B 79 31.50 -25.33 -11.37
N ASN B 80 30.58 -24.63 -10.71
CA ASN B 80 30.46 -24.69 -9.26
C ASN B 80 29.30 -25.60 -8.84
N MET B 81 29.58 -26.55 -7.95
CA MET B 81 28.53 -27.33 -7.31
C MET B 81 28.04 -26.56 -6.08
N LYS B 82 26.78 -26.12 -6.12
CA LYS B 82 26.27 -25.30 -5.03
C LYS B 82 25.93 -26.13 -3.79
N GLU B 83 25.26 -27.26 -3.97
CA GLU B 83 24.88 -28.11 -2.83
C GLU B 83 24.40 -29.45 -3.34
N ILE B 84 24.08 -30.34 -2.40
CA ILE B 84 23.54 -31.66 -2.70
C ILE B 84 22.25 -31.81 -1.90
N VAL B 85 21.16 -32.19 -2.59
CA VAL B 85 19.85 -32.30 -1.98
C VAL B 85 19.30 -33.69 -2.27
N THR B 86 18.27 -34.07 -1.51
CA THR B 86 17.76 -35.43 -1.54
C THR B 86 16.25 -35.45 -1.73
N ASP B 87 15.78 -36.61 -2.21
CA ASP B 87 14.36 -36.92 -2.25
C ASP B 87 13.81 -37.07 -0.84
N LYS B 88 12.49 -36.88 -0.70
CA LYS B 88 11.88 -37.06 0.61
C LYS B 88 12.23 -38.47 1.10
N GLN B 89 13.04 -38.55 2.15
CA GLN B 89 13.48 -39.86 2.62
C GLN B 89 12.45 -40.52 3.54
N ASP B 90 12.52 -41.85 3.61
CA ASP B 90 11.63 -42.62 4.47
C ASP B 90 11.97 -42.36 5.94
N ALA B 91 10.93 -42.27 6.76
CA ALA B 91 11.08 -41.99 8.18
C ALA B 91 11.29 -43.28 8.98
N LEU B 92 12.33 -43.29 9.82
CA LEU B 92 12.69 -44.45 10.66
C LEU B 92 13.13 -45.69 9.91
N ASP B 93 12.95 -45.71 8.59
CA ASP B 93 13.31 -46.85 7.74
C ASP B 93 14.44 -46.49 6.79
N PHE B 94 15.67 -46.36 7.30
CA PHE B 94 16.77 -45.99 6.40
C PHE B 94 17.02 -47.07 5.36
N LYS B 95 16.89 -48.35 5.75
CA LYS B 95 17.07 -49.45 4.79
C LYS B 95 16.05 -49.42 3.65
N LYS B 96 14.78 -49.11 3.96
CA LYS B 96 13.78 -49.12 2.90
C LYS B 96 14.03 -48.01 1.87
N ASP B 97 14.55 -46.86 2.30
CA ASP B 97 14.69 -45.73 1.41
C ASP B 97 15.58 -46.07 0.22
N LYS B 98 15.06 -45.82 -0.98
CA LYS B 98 15.81 -45.98 -2.21
C LYS B 98 15.87 -44.67 -2.98
N GLY B 99 15.50 -43.56 -2.35
CA GLY B 99 15.48 -42.31 -3.07
C GLY B 99 16.87 -41.85 -3.40
N ALA B 100 16.99 -41.12 -4.50
CA ALA B 100 18.30 -40.73 -5.02
C ALA B 100 18.60 -39.28 -4.63
N PHE B 101 19.89 -38.94 -4.62
CA PHE B 101 20.33 -37.60 -4.29
C PHE B 101 20.50 -36.83 -5.59
N TYR B 102 20.40 -35.50 -5.51
CA TYR B 102 20.55 -34.63 -6.67
C TYR B 102 21.68 -33.64 -6.41
N LEU B 103 22.59 -33.49 -7.39
CA LEU B 103 23.71 -32.57 -7.29
C LEU B 103 23.34 -31.24 -7.96
N VAL B 104 23.45 -30.13 -7.21
CA VAL B 104 23.00 -28.82 -7.67
C VAL B 104 24.15 -28.01 -8.25
N PHE B 105 23.86 -27.32 -9.36
CA PHE B 105 24.81 -26.55 -10.13
C PHE B 105 24.11 -25.29 -10.61
N GLU B 106 24.88 -24.38 -11.22
CA GLU B 106 24.31 -23.21 -11.87
C GLU B 106 23.89 -23.57 -13.29
N TYR B 107 22.76 -23.01 -13.76
CA TYR B 107 22.32 -23.24 -15.12
C TYR B 107 23.14 -22.37 -16.07
N MET B 108 23.71 -22.98 -17.10
CA MET B 108 24.43 -22.27 -18.15
C MET B 108 23.54 -22.23 -19.39
N ASP B 109 23.50 -21.06 -20.05
CA ASP B 109 22.50 -20.85 -21.10
C ASP B 109 22.65 -21.86 -22.24
N HIS B 110 23.88 -22.27 -22.58
CA HIS B 110 24.09 -23.16 -23.71
C HIS B 110 25.25 -24.10 -23.43
N ASP B 111 25.45 -25.04 -24.36
CA ASP B 111 26.66 -25.86 -24.43
C ASP B 111 27.22 -25.72 -25.85
N LEU B 112 28.56 -25.78 -25.97
CA LEU B 112 29.17 -25.44 -27.26
C LEU B 112 28.71 -26.40 -28.35
N MET B 113 28.55 -27.69 -28.03
CA MET B 113 28.11 -28.64 -29.03
C MET B 113 26.74 -28.24 -29.58
N GLY B 114 25.85 -27.75 -28.72
CA GLY B 114 24.54 -27.34 -29.19
C GLY B 114 24.60 -26.11 -30.08
N LEU B 115 25.46 -25.16 -29.73
CA LEU B 115 25.58 -23.96 -30.54
C LEU B 115 26.22 -24.26 -31.89
N LEU B 116 27.30 -25.05 -31.87
CA LEU B 116 27.97 -25.41 -33.10
C LEU B 116 27.08 -26.29 -33.98
N GLU B 117 26.37 -27.25 -33.37
CA GLU B 117 25.57 -28.19 -34.14
C GLU B 117 24.41 -27.49 -34.85
N SER B 118 23.80 -26.50 -34.19
CA SER B 118 22.72 -25.76 -34.83
C SER B 118 23.24 -24.86 -35.96
N GLY B 119 24.54 -24.60 -36.00
CA GLY B 119 25.09 -23.71 -37.00
C GLY B 119 24.74 -22.26 -36.80
N LEU B 120 24.03 -21.96 -35.71
CA LEU B 120 23.55 -20.62 -35.42
C LEU B 120 24.60 -19.69 -34.86
N VAL B 121 25.72 -20.21 -34.37
CA VAL B 121 26.69 -19.38 -33.67
C VAL B 121 27.79 -19.03 -34.65
N HIS B 122 28.24 -17.78 -34.60
CA HIS B 122 29.35 -17.30 -35.40
C HIS B 122 30.45 -16.76 -34.50
N PHE B 123 31.67 -17.25 -34.68
CA PHE B 123 32.80 -16.91 -33.82
C PHE B 123 33.82 -16.02 -34.55
N SER B 124 33.97 -14.79 -34.08
CA SER B 124 35.04 -13.91 -34.54
C SER B 124 36.35 -14.24 -33.83
N GLU B 125 37.46 -13.73 -34.36
CA GLU B 125 38.76 -13.97 -33.73
C GLU B 125 38.73 -13.54 -32.26
N ASP B 126 38.24 -12.32 -31.99
CA ASP B 126 38.19 -11.86 -30.60
C ASP B 126 37.30 -12.76 -29.76
N HIS B 127 36.20 -13.26 -30.33
CA HIS B 127 35.36 -14.18 -29.57
C HIS B 127 36.13 -15.45 -29.23
N ILE B 128 36.93 -15.96 -30.16
CA ILE B 128 37.70 -17.16 -29.91
C ILE B 128 38.77 -16.91 -28.86
N LYS B 129 39.34 -15.69 -28.84
CA LYS B 129 40.36 -15.37 -27.85
C LYS B 129 39.77 -15.42 -26.45
N SER B 130 38.63 -14.77 -26.24
CA SER B 130 38.00 -14.78 -24.93
C SER B 130 37.61 -16.19 -24.52
N PHE B 131 37.11 -16.98 -25.46
CA PHE B 131 36.73 -18.36 -25.16
C PHE B 131 37.95 -19.18 -24.74
N MET B 132 38.97 -19.23 -25.58
CA MET B 132 40.12 -20.08 -25.30
C MET B 132 40.83 -19.66 -24.02
N LYS B 133 40.94 -18.36 -23.77
CA LYS B 133 41.62 -17.90 -22.58
C LYS B 133 40.94 -18.40 -21.31
N GLN B 134 39.61 -18.34 -21.28
CA GLN B 134 38.88 -18.84 -20.11
C GLN B 134 39.09 -20.34 -19.94
N LEU B 135 38.98 -21.09 -21.03
CA LEU B 135 39.16 -22.53 -20.96
C LEU B 135 40.55 -22.89 -20.45
N MET B 136 41.58 -22.24 -21.01
CA MET B 136 42.94 -22.56 -20.61
C MET B 136 43.22 -22.11 -19.19
N GLU B 137 42.65 -20.97 -18.77
CA GLU B 137 42.82 -20.57 -17.37
C GLU B 137 42.22 -21.59 -16.44
N GLY B 138 41.02 -22.08 -16.75
CA GLY B 138 40.43 -23.13 -15.94
C GLY B 138 41.29 -24.38 -15.97
N LEU B 139 41.75 -24.77 -17.15
CA LEU B 139 42.60 -25.95 -17.26
C LEU B 139 43.91 -25.77 -16.50
N GLU B 140 44.51 -24.59 -16.58
CA GLU B 140 45.72 -24.31 -15.81
C GLU B 140 45.47 -24.43 -14.31
N TYR B 141 44.35 -23.87 -13.83
CA TYR B 141 44.02 -24.02 -12.41
C TYR B 141 43.90 -25.48 -12.05
N CYS B 142 43.19 -26.26 -12.88
CA CYS B 142 43.01 -27.68 -12.61
C CYS B 142 44.34 -28.44 -12.71
N HIS B 143 45.13 -28.14 -13.73
CA HIS B 143 46.41 -28.84 -13.88
C HIS B 143 47.38 -28.47 -12.77
N LYS B 144 47.34 -27.22 -12.29
CA LYS B 144 48.18 -26.84 -11.16
C LYS B 144 47.78 -27.57 -9.89
N LYS B 145 46.48 -27.86 -9.73
CA LYS B 145 46.01 -28.68 -8.62
C LYS B 145 46.25 -30.17 -8.85
N ASN B 146 46.85 -30.53 -9.99
CA ASN B 146 47.21 -31.91 -10.33
C ASN B 146 45.98 -32.79 -10.55
N PHE B 147 44.93 -32.23 -11.14
CA PHE B 147 43.74 -32.98 -11.53
C PHE B 147 43.67 -33.01 -13.06
N LEU B 148 43.31 -34.16 -13.62
CA LEU B 148 43.18 -34.32 -15.07
C LEU B 148 41.71 -34.51 -15.42
N HIS B 149 41.21 -33.71 -16.37
CA HIS B 149 39.79 -33.80 -16.73
C HIS B 149 39.47 -35.13 -17.42
N ARG B 150 40.25 -35.48 -18.45
CA ARG B 150 40.18 -36.77 -19.12
C ARG B 150 38.95 -36.95 -19.99
N ASP B 151 38.07 -35.95 -20.08
CA ASP B 151 36.92 -36.03 -20.98
C ASP B 151 36.59 -34.65 -21.56
N ILE B 152 37.56 -34.03 -22.22
CA ILE B 152 37.36 -32.69 -22.79
C ILE B 152 36.62 -32.84 -24.12
N LYS B 153 35.44 -32.23 -24.20
CA LYS B 153 34.60 -32.30 -25.39
C LYS B 153 33.76 -31.03 -25.48
N CYS B 154 33.35 -30.70 -26.71
CA CYS B 154 32.56 -29.49 -26.92
C CYS B 154 31.29 -29.47 -26.07
N SER B 155 30.72 -30.65 -25.80
CA SER B 155 29.53 -30.75 -24.97
C SER B 155 29.80 -30.41 -23.51
N ASN B 156 31.04 -30.54 -23.06
CA ASN B 156 31.40 -30.28 -21.68
C ASN B 156 31.89 -28.86 -21.47
N ILE B 157 31.76 -28.00 -22.49
CA ILE B 157 32.05 -26.58 -22.37
C ILE B 157 30.71 -25.85 -22.36
N LEU B 158 30.28 -25.37 -21.19
CA LEU B 158 29.04 -24.62 -21.08
C LEU B 158 29.33 -23.12 -21.14
N LEU B 159 28.45 -22.39 -21.83
CA LEU B 159 28.66 -20.97 -22.12
C LEU B 159 27.41 -20.18 -21.72
N ASN B 160 27.58 -19.16 -20.91
CA ASN B 160 26.48 -18.24 -20.63
C ASN B 160 26.42 -17.17 -21.71
N ASN B 161 25.24 -16.58 -21.88
CA ASN B 161 25.06 -15.57 -22.93
C ASN B 161 25.98 -14.38 -22.70
N SER B 162 26.45 -14.21 -21.46
CA SER B 162 27.39 -13.15 -21.12
C SER B 162 28.76 -13.37 -21.70
N GLY B 163 29.04 -14.56 -22.26
CA GLY B 163 30.36 -14.88 -22.76
C GLY B 163 31.23 -15.65 -21.79
N GLN B 164 30.71 -15.98 -20.61
CA GLN B 164 31.46 -16.77 -19.65
C GLN B 164 31.49 -18.25 -20.05
N ILE B 165 32.66 -18.86 -19.94
CA ILE B 165 32.87 -20.26 -20.23
C ILE B 165 33.19 -20.97 -18.92
N LYS B 166 32.66 -22.18 -18.76
CA LYS B 166 32.93 -23.00 -17.59
C LYS B 166 33.09 -24.45 -18.02
N LEU B 167 34.12 -25.11 -17.51
CA LEU B 167 34.32 -26.55 -17.73
C LEU B 167 33.39 -27.29 -16.79
N ALA B 168 32.86 -28.44 -17.23
CA ALA B 168 31.68 -28.97 -16.57
C ALA B 168 31.68 -30.44 -16.14
N ASP B 169 32.01 -31.40 -17.01
CA ASP B 169 31.90 -32.80 -16.61
C ASP B 169 33.23 -33.32 -16.07
N PHE B 170 33.31 -33.42 -14.75
CA PHE B 170 34.48 -33.95 -14.08
C PHE B 170 34.26 -35.40 -13.63
N GLY B 171 33.51 -36.16 -14.42
CA GLY B 171 33.19 -37.51 -14.02
C GLY B 171 34.37 -38.47 -14.09
N LEU B 172 35.27 -38.27 -15.05
CA LEU B 172 36.43 -39.13 -15.22
C LEU B 172 37.71 -38.53 -14.63
N ALA B 173 37.62 -37.38 -13.96
CA ALA B 173 38.82 -36.69 -13.51
C ALA B 173 39.53 -37.40 -12.36
N ARG B 174 40.85 -37.45 -12.44
CA ARG B 174 41.70 -38.12 -11.45
C ARG B 174 42.99 -37.35 -11.26
N LEU B 175 43.62 -37.58 -10.11
CA LEU B 175 44.87 -36.92 -9.77
C LEU B 175 46.05 -37.53 -10.53
N TYR B 176 47.02 -36.67 -10.87
CA TYR B 176 48.21 -37.04 -11.63
C TYR B 176 49.42 -36.86 -10.71
N ASN B 177 50.25 -37.90 -10.60
CA ASN B 177 51.48 -37.82 -9.83
C ASN B 177 52.66 -37.90 -10.79
N SER B 178 53.45 -36.83 -10.83
CA SER B 178 54.62 -36.79 -11.70
C SER B 178 55.70 -37.77 -11.23
N GLU B 179 55.90 -37.88 -9.92
CA GLU B 179 56.94 -38.76 -9.40
C GLU B 179 56.56 -40.23 -9.56
N GLU B 180 55.34 -40.60 -9.20
CA GLU B 180 54.83 -41.96 -9.32
C GLU B 180 53.95 -42.12 -10.55
N SER B 181 54.45 -42.81 -11.57
CA SER B 181 53.59 -43.22 -12.68
C SER B 181 52.63 -44.31 -12.20
N ARG B 182 51.35 -44.18 -12.59
CA ARG B 182 50.31 -45.09 -12.12
C ARG B 182 49.54 -45.69 -13.30
N PRO B 183 49.04 -46.92 -13.17
CA PRO B 183 48.20 -47.47 -14.24
C PRO B 183 46.88 -46.71 -14.32
N TYR B 184 46.56 -46.22 -15.52
CA TYR B 184 45.32 -45.48 -15.73
C TYR B 184 44.42 -46.06 -16.82
N ASN B 186 43.11 -46.41 -20.14
CA ASN B 186 43.60 -46.09 -21.47
C ASN B 186 42.66 -45.24 -22.31
N LYS B 187 41.43 -45.73 -22.46
CA LYS B 187 40.43 -45.15 -23.36
C LYS B 187 39.52 -44.20 -22.58
N VAL B 188 40.02 -42.97 -22.36
CA VAL B 188 39.27 -42.00 -21.58
C VAL B 188 38.56 -40.95 -22.44
N ILE B 189 39.27 -40.27 -23.34
CA ILE B 189 38.63 -39.18 -24.07
C ILE B 189 37.86 -39.72 -25.27
N THR B 190 36.83 -38.99 -25.68
CA THR B 190 36.06 -39.38 -26.86
C THR B 190 36.95 -39.35 -28.09
N LEU B 191 36.69 -40.27 -29.02
CA LEU B 191 37.64 -40.52 -30.10
C LEU B 191 37.97 -39.22 -30.86
N TRP B 192 36.97 -38.36 -31.07
CA TRP B 192 37.21 -37.15 -31.86
C TRP B 192 38.19 -36.21 -31.18
N TYR B 193 38.24 -36.20 -29.85
CA TYR B 193 39.12 -35.33 -29.09
C TYR B 193 40.19 -36.11 -28.33
N ARG B 194 40.44 -37.37 -28.71
CA ARG B 194 41.40 -38.20 -27.97
C ARG B 194 42.81 -37.95 -28.48
N PRO B 195 43.81 -37.88 -27.61
CA PRO B 195 45.17 -37.59 -28.06
C PRO B 195 45.79 -38.81 -28.72
N PRO B 196 46.82 -38.61 -29.54
CA PRO B 196 47.43 -39.76 -30.24
C PRO B 196 48.08 -40.76 -29.31
N GLU B 197 48.57 -40.30 -28.15
CA GLU B 197 49.22 -41.17 -27.20
C GLU B 197 48.27 -42.23 -26.65
N LEU B 198 47.03 -41.84 -26.37
CA LEU B 198 46.03 -42.78 -25.87
C LEU B 198 45.56 -43.72 -26.96
N LEU B 199 45.56 -43.27 -28.21
CA LEU B 199 45.23 -44.18 -29.31
C LEU B 199 46.23 -45.32 -29.35
N LEU B 200 47.50 -45.02 -29.07
CA LEU B 200 48.54 -46.03 -28.97
C LEU B 200 48.61 -46.64 -27.58
N GLY B 201 47.76 -46.22 -26.66
CA GLY B 201 47.62 -46.93 -25.40
C GLY B 201 48.72 -46.70 -24.39
N GLU B 202 49.12 -45.45 -24.14
CA GLU B 202 50.16 -45.19 -23.15
C GLU B 202 49.75 -45.81 -21.81
N GLU B 203 48.57 -45.46 -21.31
CA GLU B 203 48.02 -46.02 -20.09
C GLU B 203 48.57 -45.22 -18.91
N ARG B 204 49.73 -44.60 -19.11
CA ARG B 204 50.32 -43.66 -18.15
C ARG B 204 50.39 -42.32 -18.86
N TYR B 205 49.28 -41.60 -18.86
CA TYR B 205 49.20 -40.40 -19.68
C TYR B 205 49.58 -39.18 -18.85
N THR B 206 50.00 -38.15 -19.56
CA THR B 206 50.38 -36.88 -18.95
C THR B 206 49.18 -35.96 -18.92
N PRO B 207 49.26 -34.83 -18.20
CA PRO B 207 48.17 -33.85 -18.28
C PRO B 207 48.00 -33.28 -19.68
N ALA B 208 48.99 -33.48 -20.56
CA ALA B 208 48.91 -32.97 -21.92
C ALA B 208 47.78 -33.59 -22.73
N ILE B 209 47.18 -34.69 -22.24
CA ILE B 209 46.04 -35.27 -22.95
C ILE B 209 44.91 -34.24 -23.05
N ASP B 210 44.69 -33.48 -21.98
CA ASP B 210 43.64 -32.45 -22.00
C ASP B 210 44.01 -31.33 -22.99
N VAL B 211 45.30 -30.99 -23.08
CA VAL B 211 45.71 -29.93 -24.00
C VAL B 211 45.35 -30.30 -25.44
N TRP B 212 45.70 -31.53 -25.85
CA TRP B 212 45.40 -31.96 -27.21
C TRP B 212 43.93 -31.74 -27.54
N SER B 213 43.04 -32.13 -26.60
CA SER B 213 41.62 -31.94 -26.81
C SER B 213 41.28 -30.46 -27.04
N CYS B 214 41.80 -29.59 -26.17
CA CYS B 214 41.49 -28.17 -26.31
C CYS B 214 42.03 -27.60 -27.62
N GLY B 215 43.14 -28.15 -28.13
CA GLY B 215 43.61 -27.72 -29.43
C GLY B 215 42.65 -28.11 -30.53
N CYS B 216 42.14 -29.35 -30.45
CA CYS B 216 41.11 -29.79 -31.38
C CYS B 216 39.91 -28.85 -31.37
N ILE B 217 39.57 -28.31 -30.19
CA ILE B 217 38.48 -27.34 -30.10
C ILE B 217 38.89 -26.04 -30.77
N LEU B 218 40.14 -25.62 -30.59
CA LEU B 218 40.60 -24.38 -31.22
C LEU B 218 40.42 -24.43 -32.72
N GLY B 219 40.83 -25.54 -33.35
CA GLY B 219 40.63 -25.67 -34.78
C GLY B 219 39.17 -25.76 -35.17
N GLU B 220 38.36 -26.39 -34.31
CA GLU B 220 36.93 -26.53 -34.62
C GLU B 220 36.20 -25.20 -34.55
N LEU B 221 36.71 -24.26 -33.74
CA LEU B 221 36.07 -22.95 -33.68
C LEU B 221 36.32 -22.16 -34.95
N PHE B 222 37.48 -22.35 -35.58
CA PHE B 222 37.77 -21.69 -36.84
C PHE B 222 37.05 -22.34 -38.01
N THR B 223 37.01 -23.68 -38.05
CA THR B 223 36.40 -24.37 -39.17
C THR B 223 34.91 -24.60 -39.00
N LYS B 224 34.40 -24.54 -37.77
CA LYS B 224 32.99 -24.80 -37.44
C LYS B 224 32.64 -26.26 -37.63
N LYS B 225 33.64 -27.13 -37.77
CA LYS B 225 33.50 -28.57 -37.98
C LYS B 225 34.62 -29.24 -37.20
N PRO B 226 34.31 -30.32 -36.47
CA PRO B 226 35.38 -31.03 -35.75
C PRO B 226 36.51 -31.43 -36.69
N ILE B 227 37.75 -31.33 -36.19
CA ILE B 227 38.91 -31.52 -37.05
C ILE B 227 39.10 -32.99 -37.38
N PHE B 228 39.05 -33.86 -36.38
CA PHE B 228 39.31 -35.29 -36.56
C PHE B 228 38.06 -36.05 -36.18
N GLN B 229 37.29 -36.46 -37.18
CA GLN B 229 36.06 -37.21 -36.99
C GLN B 229 36.25 -38.60 -37.58
N ALA B 230 36.19 -39.62 -36.72
CA ALA B 230 36.32 -40.99 -37.15
C ALA B 230 35.57 -41.88 -36.17
N ASN B 231 35.30 -43.10 -36.59
CA ASN B 231 34.57 -44.07 -35.78
C ASN B 231 35.45 -45.16 -35.20
N LEU B 232 36.68 -45.30 -35.66
CA LEU B 232 37.55 -46.37 -35.24
C LEU B 232 38.89 -45.78 -34.82
N GLU B 233 39.53 -46.41 -33.83
CA GLU B 233 40.74 -45.84 -33.27
C GLU B 233 41.84 -45.71 -34.32
N LEU B 234 41.97 -46.72 -35.17
CA LEU B 234 42.99 -46.66 -36.22
C LEU B 234 42.67 -45.56 -37.23
N ALA B 235 41.41 -45.42 -37.62
CA ALA B 235 41.04 -44.36 -38.56
C ALA B 235 41.35 -42.99 -38.00
N GLN B 236 41.17 -42.81 -36.69
CA GLN B 236 41.49 -41.54 -36.07
C GLN B 236 42.98 -41.25 -36.17
N LEU B 237 43.81 -42.25 -35.89
CA LEU B 237 45.25 -42.08 -36.03
C LEU B 237 45.63 -41.70 -37.45
N GLU B 238 44.94 -42.26 -38.44
CA GLU B 238 45.21 -41.91 -39.83
C GLU B 238 44.88 -40.45 -40.10
N LEU B 239 43.71 -39.98 -39.63
CA LEU B 239 43.33 -38.59 -39.86
C LEU B 239 44.30 -37.65 -39.14
N ILE B 240 44.59 -37.94 -37.88
CA ILE B 240 45.56 -37.13 -37.15
C ILE B 240 46.92 -37.18 -37.84
N SER B 241 47.32 -38.36 -38.31
CA SER B 241 48.63 -38.49 -38.95
C SER B 241 48.72 -37.65 -40.21
N ARG B 242 47.64 -37.58 -41.00
CA ARG B 242 47.70 -36.79 -42.23
C ARG B 242 47.97 -35.32 -41.94
N LEU B 243 47.38 -34.79 -40.87
CA LEU B 243 47.53 -33.37 -40.58
C LEU B 243 48.74 -33.11 -39.70
N CYS B 244 48.91 -33.86 -38.61
CA CYS B 244 49.99 -33.61 -37.66
C CYS B 244 51.27 -34.36 -38.00
N GLY B 245 51.21 -35.27 -38.97
CA GLY B 245 52.34 -36.12 -39.28
C GLY B 245 52.22 -37.50 -38.66
N SER B 246 52.80 -38.48 -39.33
CA SER B 246 52.71 -39.85 -38.85
C SER B 246 53.62 -40.02 -37.63
N PRO B 247 53.17 -40.75 -36.61
CA PRO B 247 54.06 -41.05 -35.48
C PRO B 247 55.32 -41.76 -35.95
N CYS B 248 56.47 -41.22 -35.55
CA CYS B 248 57.76 -41.76 -35.94
C CYS B 248 58.76 -41.41 -34.85
N PRO B 249 59.85 -42.18 -34.74
CA PRO B 249 60.81 -41.91 -33.64
C PRO B 249 61.45 -40.54 -33.71
N ALA B 250 61.59 -39.95 -34.90
CA ALA B 250 62.23 -38.64 -35.03
C ALA B 250 61.44 -37.56 -34.28
N VAL B 251 60.11 -37.59 -34.38
CA VAL B 251 59.29 -36.58 -33.73
C VAL B 251 58.80 -37.03 -32.36
N TRP B 252 58.84 -38.33 -32.07
CA TRP B 252 58.29 -38.88 -30.84
C TRP B 252 59.26 -39.97 -30.40
N PRO B 253 60.40 -39.59 -29.81
CA PRO B 253 61.47 -40.58 -29.56
C PRO B 253 60.99 -41.80 -28.82
N ASP B 254 60.04 -41.64 -27.90
CA ASP B 254 59.56 -42.72 -27.06
C ASP B 254 58.34 -43.42 -27.65
N VAL B 255 58.00 -43.13 -28.91
CA VAL B 255 56.82 -43.76 -29.52
C VAL B 255 56.99 -45.27 -29.59
N ILE B 256 58.25 -45.74 -29.71
CA ILE B 256 58.48 -47.17 -29.80
C ILE B 256 58.11 -47.90 -28.53
N ARG B 257 58.09 -47.21 -27.38
CA ARG B 257 57.68 -47.85 -26.14
C ARG B 257 56.18 -48.04 -26.03
N LEU B 258 55.40 -47.35 -26.86
CA LEU B 258 53.95 -47.41 -26.72
C LEU B 258 53.47 -48.78 -27.20
N PRO B 259 52.50 -49.37 -26.51
CA PRO B 259 52.11 -50.76 -26.86
C PRO B 259 51.76 -50.97 -28.32
N TYR B 260 50.96 -50.10 -28.92
CA TYR B 260 50.38 -50.35 -30.23
C TYR B 260 51.13 -49.67 -31.36
N PHE B 261 52.34 -49.16 -31.12
CA PHE B 261 53.06 -48.44 -32.17
C PHE B 261 53.32 -49.32 -33.38
N ASN B 262 53.83 -50.53 -33.16
CA ASN B 262 54.01 -51.46 -34.27
C ASN B 262 52.67 -51.97 -34.79
N THR B 263 51.71 -52.18 -33.88
CA THR B 263 50.41 -52.70 -34.28
C THR B 263 49.64 -51.70 -35.12
N MET B 264 49.46 -50.48 -34.62
CA MET B 264 48.66 -49.44 -35.27
C MET B 264 49.56 -48.54 -36.11
N LYS B 265 49.67 -48.86 -37.41
CA LYS B 265 50.45 -48.01 -38.30
C LYS B 265 49.56 -47.26 -39.29
N PRO B 266 49.83 -45.99 -39.57
CA PRO B 266 49.11 -45.30 -40.64
C PRO B 266 49.50 -45.82 -42.01
N LYS B 267 48.65 -45.53 -43.00
CA LYS B 267 48.90 -46.00 -44.36
C LYS B 267 50.29 -45.61 -44.85
N LYS B 268 50.70 -44.37 -44.59
CA LYS B 268 51.97 -43.84 -45.03
C LYS B 268 52.65 -43.20 -43.83
N GLN B 269 53.90 -42.77 -44.03
CA GLN B 269 54.55 -41.89 -43.05
C GLN B 269 54.29 -40.46 -43.54
N TYR B 270 53.12 -39.95 -43.17
CA TYR B 270 52.70 -38.65 -43.67
C TYR B 270 53.58 -37.55 -43.07
N ARG B 271 53.80 -36.49 -43.85
CA ARG B 271 54.46 -35.30 -43.36
C ARG B 271 53.46 -34.37 -42.69
N ARG B 272 53.97 -33.48 -41.84
CA ARG B 272 53.09 -32.53 -41.15
C ARG B 272 52.63 -31.47 -42.14
N ARG B 273 51.32 -31.21 -42.13
CA ARG B 273 50.70 -30.24 -43.04
C ARG B 273 49.84 -29.23 -42.29
N LEU B 274 49.95 -29.16 -40.97
CA LEU B 274 49.01 -28.37 -40.18
C LEU B 274 49.00 -26.92 -40.65
N ARG B 275 50.18 -26.31 -40.80
CA ARG B 275 50.24 -24.92 -41.21
C ARG B 275 49.65 -24.71 -42.60
N GLU B 276 49.84 -25.67 -43.51
CA GLU B 276 49.29 -25.53 -44.85
C GLU B 276 47.76 -25.62 -44.83
N GLU B 277 47.22 -26.68 -44.21
CA GLU B 277 45.78 -26.88 -44.26
C GLU B 277 45.04 -25.85 -43.42
N PHE B 278 45.68 -25.29 -42.39
CA PHE B 278 45.10 -24.22 -41.59
C PHE B 278 45.69 -22.84 -41.94
N SER B 279 46.02 -22.62 -43.22
CA SER B 279 46.63 -21.35 -43.60
C SER B 279 45.65 -20.19 -43.38
N PHE B 280 44.34 -20.46 -43.42
CA PHE B 280 43.37 -19.39 -43.19
C PHE B 280 43.34 -18.92 -41.73
N ILE B 281 43.81 -19.73 -40.80
CA ILE B 281 43.84 -19.31 -39.39
C ILE B 281 44.87 -18.21 -39.21
N PRO B 282 44.60 -17.20 -38.38
CA PRO B 282 45.63 -16.17 -38.12
C PRO B 282 46.93 -16.77 -37.60
N SER B 283 48.03 -16.09 -37.92
CA SER B 283 49.36 -16.62 -37.60
C SER B 283 49.52 -16.83 -36.10
N ALA B 284 49.06 -15.88 -35.29
CA ALA B 284 49.19 -16.01 -33.85
C ALA B 284 48.48 -17.26 -33.35
N ALA B 285 47.30 -17.54 -33.88
CA ALA B 285 46.56 -18.73 -33.47
C ALA B 285 47.14 -20.01 -34.07
N LEU B 286 47.58 -19.94 -35.33
CA LEU B 286 48.13 -21.13 -35.99
C LEU B 286 49.32 -21.69 -35.22
N ASP B 287 50.17 -20.81 -34.68
CA ASP B 287 51.29 -21.27 -33.88
C ASP B 287 50.81 -21.99 -32.62
N LEU B 288 49.75 -21.48 -32.00
CA LEU B 288 49.18 -22.17 -30.84
C LEU B 288 48.66 -23.55 -31.23
N LEU B 289 47.97 -23.65 -32.36
CA LEU B 289 47.47 -24.95 -32.80
C LEU B 289 48.62 -25.93 -33.01
N ASP B 290 49.68 -25.49 -33.69
CA ASP B 290 50.79 -26.38 -33.98
C ASP B 290 51.37 -26.98 -32.70
N HIS B 291 51.52 -26.15 -31.67
CA HIS B 291 52.11 -26.61 -30.42
C HIS B 291 51.12 -27.46 -29.62
N MET B 292 49.85 -27.05 -29.56
CA MET B 292 48.86 -27.84 -28.84
C MET B 292 48.65 -29.20 -29.50
N LEU B 293 48.71 -29.25 -30.83
CA LEU B 293 48.52 -30.50 -31.57
C LEU B 293 49.87 -31.12 -31.94
N THR B 294 50.73 -31.26 -30.93
CA THR B 294 52.03 -31.89 -31.08
C THR B 294 51.94 -33.35 -30.67
N LEU B 295 52.48 -34.23 -31.51
CA LEU B 295 52.31 -35.66 -31.29
C LEU B 295 52.94 -36.10 -29.97
N ASP B 296 54.16 -35.66 -29.71
CA ASP B 296 54.88 -36.10 -28.51
C ASP B 296 54.36 -35.36 -27.29
N PRO B 297 53.75 -36.06 -26.32
CA PRO B 297 53.22 -35.33 -25.15
C PRO B 297 54.27 -34.55 -24.38
N SER B 298 55.53 -34.98 -24.44
CA SER B 298 56.59 -34.25 -23.77
C SER B 298 57.01 -32.97 -24.50
N LYS B 299 56.69 -32.86 -25.80
CA LYS B 299 56.94 -31.66 -26.58
C LYS B 299 55.70 -30.81 -26.73
N ARG B 300 54.53 -31.33 -26.37
CA ARG B 300 53.29 -30.58 -26.45
C ARG B 300 53.27 -29.50 -25.37
N CYS B 301 52.81 -28.31 -25.75
CA CYS B 301 52.80 -27.18 -24.84
C CYS B 301 51.90 -27.45 -23.63
N THR B 302 52.13 -26.70 -22.56
CA THR B 302 51.35 -26.79 -21.34
C THR B 302 50.26 -25.73 -21.33
N ALA B 303 49.37 -25.84 -20.35
CA ALA B 303 48.30 -24.86 -20.21
C ALA B 303 48.85 -23.47 -19.94
N GLU B 304 49.81 -23.37 -19.02
CA GLU B 304 50.41 -22.07 -18.73
C GLU B 304 51.08 -21.50 -19.97
N GLN B 305 51.76 -22.34 -20.76
CA GLN B 305 52.42 -21.86 -21.95
C GLN B 305 51.41 -21.30 -22.95
N THR B 306 50.24 -21.93 -23.07
CA THR B 306 49.21 -21.40 -23.96
C THR B 306 48.71 -20.04 -23.49
N LEU B 307 48.56 -19.86 -22.17
CA LEU B 307 48.17 -18.55 -21.66
C LEU B 307 49.24 -17.50 -21.95
N GLN B 308 50.51 -17.91 -21.98
CA GLN B 308 51.63 -17.04 -22.33
C GLN B 308 51.98 -17.16 -23.81
N SER B 309 50.98 -17.03 -24.67
CA SER B 309 51.15 -17.05 -26.12
C SER B 309 50.70 -15.71 -26.69
N ASP B 310 51.29 -15.34 -27.84
CA ASP B 310 50.90 -14.10 -28.49
C ASP B 310 49.40 -14.03 -28.69
N PHE B 311 48.75 -15.18 -28.87
CA PHE B 311 47.32 -15.20 -29.15
C PHE B 311 46.51 -14.84 -27.91
N LEU B 312 46.87 -15.40 -26.75
CA LEU B 312 46.05 -15.26 -25.56
C LEU B 312 46.66 -14.41 -24.46
N LYS B 313 47.94 -14.05 -24.55
CA LYS B 313 48.57 -13.36 -23.43
C LYS B 313 47.95 -11.98 -23.24
N ASP B 314 47.75 -11.23 -24.32
CA ASP B 314 47.28 -9.85 -24.25
C ASP B 314 45.76 -9.74 -24.32
N VAL B 315 45.03 -10.86 -24.32
CA VAL B 315 43.58 -10.81 -24.24
C VAL B 315 43.18 -10.37 -22.84
N GLU B 316 42.29 -9.39 -22.75
CA GLU B 316 41.82 -8.88 -21.48
C GLU B 316 40.45 -9.48 -21.19
N LEU B 317 40.36 -10.22 -20.07
CA LEU B 317 39.11 -10.89 -19.75
C LEU B 317 37.99 -9.91 -19.43
N SER B 318 38.31 -8.65 -19.12
CA SER B 318 37.26 -7.70 -18.82
C SER B 318 36.29 -7.57 -20.00
N LYS B 319 36.84 -7.44 -21.21
CA LYS B 319 36.05 -7.37 -22.45
C LYS B 319 35.66 -8.78 -22.89
N MET B 320 34.59 -9.30 -22.28
CA MET B 320 34.16 -10.67 -22.60
C MET B 320 33.77 -10.82 -24.06
N ALA B 321 33.23 -9.76 -24.68
CA ALA B 321 32.76 -9.81 -26.05
C ALA B 321 31.87 -11.02 -26.26
N PRO B 322 30.57 -10.92 -26.00
CA PRO B 322 29.67 -12.09 -26.13
C PRO B 322 29.58 -12.54 -27.58
N PRO B 323 29.53 -13.85 -27.83
CA PRO B 323 29.46 -14.33 -29.22
C PRO B 323 28.12 -14.02 -29.84
N ASP B 324 28.08 -14.07 -31.17
CA ASP B 324 26.86 -13.78 -31.89
C ASP B 324 25.92 -14.97 -31.69
N LEU B 325 25.09 -14.90 -30.67
CA LEU B 325 24.19 -15.98 -30.29
C LEU B 325 22.90 -15.85 -31.07
N PRO B 326 22.16 -16.95 -31.23
CA PRO B 326 20.94 -16.92 -32.05
C PRO B 326 20.05 -15.74 -31.72
N HIS B 327 19.52 -15.10 -32.76
CA HIS B 327 18.66 -13.95 -32.58
C HIS B 327 17.27 -14.28 -33.13
N TRP B 328 16.36 -13.31 -33.03
CA TRP B 328 15.00 -13.51 -33.52
C TRP B 328 15.00 -13.58 -35.04
N GLN B 329 15.85 -12.75 -35.67
CA GLN B 329 15.97 -12.73 -37.12
C GLN B 329 16.40 -14.08 -37.67
N ASP B 330 17.14 -14.87 -36.88
CA ASP B 330 17.65 -16.12 -37.41
C ASP B 330 16.57 -17.19 -37.49
N CYS B 331 15.46 -17.00 -36.80
CA CYS B 331 14.35 -17.93 -36.92
C CYS B 331 13.75 -17.80 -38.32
N THR C 24 30.36 -22.66 3.79
CA THR C 24 31.16 -23.28 2.75
C THR C 24 31.55 -24.71 3.11
N LYS C 25 32.59 -24.86 3.96
CA LYS C 25 33.06 -26.17 4.38
C LYS C 25 32.77 -26.43 5.86
N PRO C 26 32.52 -27.68 6.24
CA PRO C 26 32.14 -27.98 7.62
C PRO C 26 33.33 -28.03 8.56
N CYS C 27 33.04 -27.89 9.85
CA CYS C 27 34.06 -27.99 10.90
C CYS C 27 34.07 -29.42 11.41
N TRP C 28 35.22 -30.08 11.30
CA TRP C 28 35.34 -31.50 11.67
C TRP C 28 36.21 -31.72 12.90
N TYR C 29 36.34 -30.71 13.77
CA TYR C 29 37.19 -30.82 14.94
C TYR C 29 36.43 -30.39 16.19
N TRP C 30 36.56 -31.19 17.25
CA TRP C 30 35.91 -30.97 18.52
C TRP C 30 36.96 -30.82 19.62
N ASP C 31 36.51 -30.32 20.78
CA ASP C 31 37.35 -30.25 21.97
C ASP C 31 37.22 -31.54 22.78
N LYS C 32 38.31 -31.90 23.46
CA LYS C 32 38.32 -33.11 24.28
C LYS C 32 37.10 -33.16 25.21
N LYS C 33 36.80 -32.03 25.84
CA LYS C 33 35.67 -31.99 26.77
C LYS C 33 34.37 -32.37 26.09
N ASP C 34 34.26 -32.12 24.78
CA ASP C 34 33.02 -32.41 24.07
C ASP C 34 32.78 -33.90 23.91
N LEU C 35 33.83 -34.72 23.98
CA LEU C 35 33.65 -36.17 23.78
C LEU C 35 32.89 -36.82 24.93
N ALA C 36 32.65 -36.11 26.02
CA ALA C 36 31.79 -36.61 27.08
C ALA C 36 30.31 -36.58 26.70
N HIS C 37 29.98 -36.02 25.53
CA HIS C 37 28.59 -35.84 25.13
C HIS C 37 28.32 -36.37 23.72
N THR C 38 29.00 -37.44 23.34
CA THR C 38 28.63 -38.11 22.10
C THR C 38 27.32 -38.88 22.31
N PRO C 39 26.60 -39.15 21.23
CA PRO C 39 25.38 -39.97 21.38
C PRO C 39 25.63 -41.25 22.16
N SER C 40 26.78 -41.89 21.96
CA SER C 40 27.09 -43.12 22.68
C SER C 40 27.17 -42.87 24.18
N GLN C 41 27.87 -41.81 24.58
CA GLN C 41 27.98 -41.50 26.00
C GLN C 41 26.61 -41.29 26.63
N LEU C 42 25.74 -40.55 25.95
CA LEU C 42 24.44 -40.19 26.50
C LEU C 42 23.44 -41.33 26.51
N GLU C 43 23.71 -42.42 25.79
CA GLU C 43 22.89 -43.62 25.87
C GLU C 43 23.39 -44.59 26.92
N GLY C 44 24.28 -44.15 27.82
CA GLY C 44 24.73 -44.96 28.93
C GLY C 44 26.06 -45.64 28.72
N LEU C 45 26.69 -45.47 27.57
CA LEU C 45 28.01 -46.02 27.33
C LEU C 45 29.06 -45.20 28.08
N ASP C 46 29.98 -45.89 28.80
CA ASP C 46 30.96 -45.14 29.57
C ASP C 46 32.17 -44.77 28.71
N PRO C 47 32.98 -43.81 29.15
CA PRO C 47 34.08 -43.35 28.29
C PRO C 47 35.02 -44.46 27.86
N ALA C 48 35.35 -45.38 28.77
CA ALA C 48 36.28 -46.45 28.43
C ALA C 48 35.72 -47.33 27.32
N THR C 49 34.42 -47.64 27.39
CA THR C 49 33.82 -48.53 26.40
C THR C 49 33.81 -47.90 25.01
N GLU C 50 33.41 -46.62 24.90
CA GLU C 50 33.42 -45.98 23.59
C GLU C 50 34.84 -45.92 23.04
N ALA C 51 35.83 -45.69 23.92
CA ALA C 51 37.22 -45.73 23.48
C ALA C 51 37.56 -47.10 22.93
N ARG C 52 37.19 -48.16 23.66
CA ARG C 52 37.45 -49.52 23.20
C ARG C 52 36.72 -49.78 21.89
N TYR C 53 35.46 -49.35 21.78
CA TYR C 53 34.73 -49.57 20.55
C TYR C 53 35.40 -48.86 19.37
N ARG C 54 36.04 -47.72 19.61
CA ARG C 54 36.72 -47.01 18.55
C ARG C 54 38.04 -47.68 18.18
N ARG C 55 38.81 -48.10 19.18
CA ARG C 55 40.03 -48.84 18.92
C ARG C 55 39.73 -50.07 18.06
N GLU C 56 38.65 -50.78 18.39
CA GLU C 56 38.32 -52.01 17.66
C GLU C 56 37.86 -51.70 16.24
N GLY C 57 36.97 -50.72 16.08
CA GLY C 57 36.52 -50.37 14.74
C GLY C 57 37.65 -49.90 13.86
N ALA C 58 38.52 -49.05 14.39
CA ALA C 58 39.67 -48.58 13.63
C ALA C 58 40.59 -49.74 13.28
N ARG C 59 40.96 -50.56 14.28
CA ARG C 59 41.86 -51.68 14.01
C ARG C 59 41.24 -52.66 13.02
N PHE C 60 39.91 -52.78 13.05
CA PHE C 60 39.19 -53.61 12.07
C PHE C 60 39.32 -53.04 10.67
N ILE C 61 39.03 -51.74 10.50
CA ILE C 61 39.19 -51.11 9.19
C ILE C 61 40.62 -51.28 8.71
N PHE C 62 41.59 -51.06 9.60
CA PHE C 62 42.99 -51.15 9.23
C PHE C 62 43.35 -52.57 8.79
N ASP C 63 42.91 -53.57 9.56
CA ASP C 63 43.27 -54.95 9.25
C ASP C 63 42.58 -55.43 7.98
N VAL C 64 41.30 -55.11 7.82
CA VAL C 64 40.58 -55.55 6.62
C VAL C 64 41.22 -54.97 5.37
N GLY C 65 41.48 -53.67 5.38
CA GLY C 65 42.08 -53.05 4.20
C GLY C 65 43.49 -53.51 3.95
N THR C 66 44.25 -53.75 5.02
CA THR C 66 45.62 -54.25 4.85
C THR C 66 45.62 -55.62 4.20
N ARG C 67 44.67 -56.49 4.59
CA ARG C 67 44.56 -57.80 3.94
C ARG C 67 44.26 -57.63 2.46
N LEU C 68 43.45 -56.64 2.11
CA LEU C 68 43.10 -56.36 0.73
C LEU C 68 44.20 -55.61 -0.03
N GLY C 69 45.28 -55.24 0.65
CA GLY C 69 46.38 -54.54 -0.01
C GLY C 69 46.12 -53.09 -0.30
N LEU C 70 45.37 -52.40 0.57
CA LEU C 70 44.97 -51.03 0.30
C LEU C 70 46.04 -50.03 0.74
N HIS C 71 46.12 -48.94 -0.01
CA HIS C 71 47.02 -47.84 0.29
C HIS C 71 46.75 -47.30 1.69
N TYR C 72 47.79 -46.75 2.32
CA TYR C 72 47.64 -46.28 3.70
C TYR C 72 46.67 -45.11 3.80
N ASP C 73 46.62 -44.26 2.77
CA ASP C 73 45.64 -43.17 2.77
C ASP C 73 44.21 -43.73 2.76
N THR C 74 43.97 -44.79 1.99
CA THR C 74 42.63 -45.36 1.94
C THR C 74 42.20 -45.87 3.31
N LEU C 75 43.11 -46.53 4.03
CA LEU C 75 42.79 -46.99 5.38
C LEU C 75 42.47 -45.81 6.29
N ALA C 76 43.30 -44.77 6.24
CA ALA C 76 43.09 -43.61 7.11
C ALA C 76 41.77 -42.92 6.80
N THR C 77 41.47 -42.74 5.51
CA THR C 77 40.22 -42.08 5.13
C THR C 77 39.01 -42.84 5.69
N GLY C 78 39.00 -44.16 5.54
CA GLY C 78 37.93 -44.95 6.12
C GLY C 78 37.86 -44.77 7.63
N ILE C 79 39.01 -44.71 8.29
CA ILE C 79 39.03 -44.55 9.73
C ILE C 79 38.50 -43.17 10.13
N ILE C 80 38.83 -42.14 9.34
CA ILE C 80 38.35 -40.80 9.64
C ILE C 80 36.84 -40.72 9.45
N TYR C 81 36.33 -41.30 8.37
CA TYR C 81 34.88 -41.43 8.21
C TYR C 81 34.28 -42.12 9.43
N PHE C 82 34.88 -43.23 9.84
CA PHE C 82 34.41 -43.98 11.00
C PHE C 82 34.35 -43.10 12.25
N HIS C 83 35.46 -42.42 12.57
CA HIS C 83 35.49 -41.60 13.77
C HIS C 83 34.46 -40.47 13.70
N ARG C 84 34.37 -39.80 12.56
CA ARG C 84 33.39 -38.72 12.42
C ARG C 84 31.97 -39.26 12.56
N PHE C 85 31.71 -40.43 11.97
CA PHE C 85 30.37 -40.99 12.01
C PHE C 85 29.82 -41.04 13.44
N TYR C 86 30.62 -41.57 14.37
CA TYR C 86 30.15 -41.79 15.73
C TYR C 86 30.27 -40.56 16.60
N MET C 87 30.54 -39.40 16.01
CA MET C 87 30.23 -38.13 16.64
C MET C 87 28.78 -37.72 16.41
N PHE C 88 28.10 -38.36 15.47
CA PHE C 88 26.71 -38.06 15.16
C PHE C 88 25.76 -39.20 15.44
N HIS C 89 26.25 -40.39 15.80
CA HIS C 89 25.40 -41.55 16.04
C HIS C 89 25.94 -42.33 17.23
N SER C 90 25.12 -43.24 17.74
CA SER C 90 25.48 -44.03 18.91
C SER C 90 25.93 -45.43 18.50
N PHE C 91 26.93 -45.96 19.20
CA PHE C 91 27.40 -47.31 18.92
C PHE C 91 26.34 -48.37 19.22
N LYS C 92 25.35 -48.06 20.06
CA LYS C 92 24.34 -49.07 20.38
C LYS C 92 23.33 -49.28 19.27
N GLN C 93 23.18 -48.31 18.36
CA GLN C 93 22.23 -48.42 17.26
C GLN C 93 22.88 -48.72 15.92
N PHE C 94 24.19 -48.54 15.81
CA PHE C 94 24.92 -48.81 14.56
C PHE C 94 26.11 -49.71 14.88
N PRO C 95 26.03 -51.00 14.56
CA PRO C 95 27.18 -51.89 14.79
C PRO C 95 28.47 -51.37 14.17
N ARG C 96 29.54 -51.37 14.98
CA ARG C 96 30.81 -50.77 14.56
C ARG C 96 31.39 -51.50 13.35
N TYR C 97 31.38 -52.83 13.37
CA TYR C 97 32.05 -53.56 12.29
C TYR C 97 31.33 -53.35 10.96
N VAL C 98 30.01 -53.18 10.98
CA VAL C 98 29.30 -52.84 9.75
C VAL C 98 29.69 -51.44 9.30
N THR C 99 29.62 -50.48 10.22
CA THR C 99 30.06 -49.12 9.91
C THR C 99 31.48 -49.10 9.37
N GLY C 100 32.39 -49.79 10.05
CA GLY C 100 33.76 -49.85 9.56
C GLY C 100 33.86 -50.36 8.14
N ALA C 101 33.20 -51.48 7.86
CA ALA C 101 33.22 -52.03 6.51
C ALA C 101 32.66 -51.04 5.49
N CYS C 102 31.57 -50.35 5.86
CA CYS C 102 30.99 -49.34 4.98
C CYS C 102 31.98 -48.18 4.75
N CYS C 103 32.62 -47.72 5.82
CA CYS C 103 33.59 -46.63 5.69
C CYS C 103 34.71 -47.01 4.73
N LEU C 104 35.26 -48.22 4.90
CA LEU C 104 36.33 -48.67 4.02
C LEU C 104 35.85 -48.78 2.58
N PHE C 105 34.64 -49.31 2.38
CA PHE C 105 34.08 -49.42 1.05
C PHE C 105 34.03 -48.05 0.37
N LEU C 106 33.50 -47.05 1.07
CA LEU C 106 33.43 -45.72 0.48
C LEU C 106 34.82 -45.12 0.32
N ALA C 107 35.68 -45.28 1.33
CA ALA C 107 37.03 -44.74 1.24
C ALA C 107 37.72 -45.23 -0.02
N GLY C 108 37.54 -46.51 -0.37
CA GLY C 108 38.14 -47.03 -1.58
C GLY C 108 37.73 -46.27 -2.82
N LYS C 109 36.45 -45.92 -2.93
CA LYS C 109 36.01 -45.16 -4.09
C LYS C 109 36.52 -43.73 -4.04
N VAL C 110 36.54 -43.12 -2.85
CA VAL C 110 36.99 -41.73 -2.74
C VAL C 110 38.47 -41.62 -3.11
N GLU C 111 39.29 -42.53 -2.60
CA GLU C 111 40.73 -42.48 -2.80
C GLU C 111 41.18 -43.20 -4.08
N GLU C 112 40.25 -43.66 -4.91
CA GLU C 112 40.55 -44.33 -6.17
C GLU C 112 41.32 -45.63 -5.96
N THR C 113 41.00 -46.33 -4.87
CA THR C 113 41.49 -47.69 -4.63
C THR C 113 40.29 -48.59 -4.39
N PRO C 114 39.40 -48.70 -5.37
CA PRO C 114 38.09 -49.30 -5.12
C PRO C 114 38.16 -50.80 -4.87
N LYS C 115 37.23 -51.28 -4.07
CA LYS C 115 37.04 -52.70 -3.82
C LYS C 115 35.56 -53.02 -3.90
N LYS C 116 35.24 -54.25 -4.31
CA LYS C 116 33.86 -54.68 -4.36
C LYS C 116 33.38 -54.99 -2.94
N CYS C 117 32.12 -54.65 -2.65
CA CYS C 117 31.60 -54.86 -1.32
C CYS C 117 31.69 -56.33 -0.90
N LYS C 118 31.48 -57.26 -1.84
CA LYS C 118 31.55 -58.68 -1.50
C LYS C 118 32.94 -59.08 -1.01
N ASP C 119 33.99 -58.45 -1.54
CA ASP C 119 35.35 -58.79 -1.11
C ASP C 119 35.63 -58.26 0.30
N ILE C 120 35.09 -57.09 0.63
CA ILE C 120 35.27 -56.57 1.99
C ILE C 120 34.56 -57.47 2.99
N ILE C 121 33.35 -57.93 2.64
CA ILE C 121 32.63 -58.86 3.52
C ILE C 121 33.44 -60.15 3.68
N LYS C 122 33.93 -60.69 2.56
CA LYS C 122 34.73 -61.91 2.61
C LYS C 122 35.90 -61.76 3.57
N THR C 123 36.62 -60.64 3.47
CA THR C 123 37.75 -60.41 4.36
C THR C 123 37.27 -60.19 5.79
N ALA C 124 36.18 -59.44 5.96
CA ALA C 124 35.66 -59.20 7.30
C ALA C 124 35.28 -60.50 7.97
N ARG C 125 34.69 -61.43 7.22
CA ARG C 125 34.34 -62.73 7.79
C ARG C 125 35.57 -63.52 8.19
N SER C 126 36.64 -63.44 7.39
CA SER C 126 37.86 -64.16 7.73
C SER C 126 38.42 -63.67 9.05
N LEU C 127 38.32 -62.38 9.33
CA LEU C 127 38.98 -61.80 10.49
C LEU C 127 38.09 -61.74 11.72
N LEU C 128 36.77 -61.86 11.56
CA LEU C 128 35.83 -61.77 12.67
C LEU C 128 35.36 -63.15 13.09
N ASN C 129 35.14 -63.33 14.38
CA ASN C 129 34.57 -64.58 14.88
C ASN C 129 33.08 -64.62 14.56
N ASP C 130 32.42 -65.70 14.97
CA ASP C 130 31.00 -65.84 14.65
C ASP C 130 30.14 -64.80 15.37
N VAL C 131 30.44 -64.52 16.64
CA VAL C 131 29.66 -63.52 17.37
C VAL C 131 29.81 -62.15 16.72
N GLN C 132 31.04 -61.76 16.40
CA GLN C 132 31.29 -60.45 15.83
C GLN C 132 30.60 -60.30 14.48
N PHE C 133 30.73 -61.31 13.61
CA PHE C 133 30.11 -61.24 12.30
C PHE C 133 28.59 -61.25 12.38
N GLY C 134 28.01 -61.57 13.54
CA GLY C 134 26.57 -61.49 13.69
C GLY C 134 26.02 -60.09 13.50
N GLN C 135 26.87 -59.07 13.67
CA GLN C 135 26.42 -57.69 13.46
C GLN C 135 25.93 -57.49 12.02
N PHE C 136 26.57 -58.16 11.07
CA PHE C 136 26.20 -58.03 9.66
C PHE C 136 24.85 -58.67 9.36
N GLY C 137 24.26 -59.36 10.34
CA GLY C 137 22.93 -59.89 10.17
C GLY C 137 22.90 -61.01 9.15
N ASP C 138 21.70 -61.19 8.58
CA ASP C 138 21.47 -62.31 7.67
C ASP C 138 22.07 -62.04 6.29
N ASP C 139 22.18 -60.79 5.88
CA ASP C 139 22.71 -60.40 4.57
C ASP C 139 23.79 -59.36 4.80
N PRO C 140 25.05 -59.77 4.96
CA PRO C 140 26.10 -58.78 5.25
C PRO C 140 26.22 -57.67 4.21
N LYS C 141 26.28 -58.02 2.92
CA LYS C 141 26.44 -56.99 1.90
C LYS C 141 25.35 -55.94 1.98
N GLU C 142 24.09 -56.38 2.12
CA GLU C 142 22.98 -55.43 2.16
C GLU C 142 23.12 -54.47 3.33
N GLU C 143 23.45 -54.98 4.52
CA GLU C 143 23.58 -54.11 5.68
C GLU C 143 24.62 -53.03 5.43
N VAL C 144 25.73 -53.39 4.77
CA VAL C 144 26.78 -52.44 4.48
C VAL C 144 26.33 -51.46 3.39
N MET C 145 25.84 -51.99 2.27
CA MET C 145 25.48 -51.10 1.15
C MET C 145 24.39 -50.13 1.54
N VAL C 146 23.44 -50.57 2.37
CA VAL C 146 22.37 -49.68 2.81
C VAL C 146 22.94 -48.52 3.61
N LEU C 147 23.95 -48.79 4.43
CA LEU C 147 24.50 -47.77 5.31
C LEU C 147 25.18 -46.64 4.54
N GLU C 148 25.61 -46.88 3.29
CA GLU C 148 26.31 -45.85 2.54
C GLU C 148 25.52 -44.54 2.48
N ARG C 149 24.20 -44.64 2.35
CA ARG C 149 23.39 -43.43 2.31
C ARG C 149 23.58 -42.59 3.56
N ILE C 150 23.47 -43.22 4.74
CA ILE C 150 23.62 -42.50 5.99
C ILE C 150 25.03 -41.97 6.14
N LEU C 151 26.03 -42.76 5.76
CA LEU C 151 27.42 -42.31 5.89
C LEU C 151 27.66 -41.03 5.11
N LEU C 152 27.26 -41.00 3.83
CA LEU C 152 27.46 -39.82 3.00
C LEU C 152 26.76 -38.60 3.60
N GLN C 153 25.50 -38.76 4.01
CA GLN C 153 24.80 -37.63 4.64
C GLN C 153 25.46 -37.23 5.94
N THR C 154 25.96 -38.21 6.71
CA THR C 154 26.57 -37.91 8.00
C THR C 154 27.84 -37.11 7.84
N ILE C 155 28.71 -37.50 6.90
CA ILE C 155 29.98 -36.80 6.70
C ILE C 155 29.74 -35.60 5.78
N LYS C 156 28.47 -35.25 5.57
CA LYS C 156 28.09 -34.02 4.87
C LYS C 156 28.74 -33.94 3.50
N PHE C 157 28.92 -35.09 2.85
CA PHE C 157 29.50 -35.18 1.51
C PHE C 157 30.85 -34.46 1.42
N ASP C 158 31.52 -34.25 2.55
CA ASP C 158 32.88 -33.72 2.56
C ASP C 158 33.82 -34.92 2.49
N LEU C 159 34.16 -35.34 1.28
CA LEU C 159 34.89 -36.58 1.07
C LEU C 159 36.40 -36.40 1.07
N GLN C 160 36.90 -35.20 0.74
CA GLN C 160 38.33 -34.98 0.66
C GLN C 160 38.90 -34.89 2.07
N VAL C 161 39.87 -35.73 2.38
CA VAL C 161 40.52 -35.77 3.69
C VAL C 161 42.03 -35.76 3.52
N GLU C 162 42.69 -34.96 4.35
CA GLU C 162 44.14 -34.90 4.45
C GLU C 162 44.59 -35.67 5.69
N HIS C 163 45.76 -36.28 5.60
CA HIS C 163 46.24 -37.17 6.65
C HIS C 163 47.64 -36.75 7.08
N PRO C 164 48.04 -37.08 8.31
CA PRO C 164 49.37 -36.67 8.79
C PRO C 164 50.50 -37.17 7.91
N TYR C 165 50.30 -38.26 7.14
CA TYR C 165 51.39 -38.85 6.39
C TYR C 165 52.02 -37.85 5.43
N GLN C 166 51.21 -37.14 4.64
CA GLN C 166 51.78 -36.27 3.63
C GLN C 166 52.63 -35.17 4.27
N PHE C 167 52.17 -34.65 5.41
CA PHE C 167 52.90 -33.59 6.09
C PHE C 167 54.15 -34.11 6.76
N LEU C 168 54.12 -35.35 7.27
CA LEU C 168 55.32 -35.92 7.87
C LEU C 168 56.43 -36.01 6.84
N LEU C 169 56.08 -36.37 5.60
CA LEU C 169 57.05 -36.43 4.51
C LEU C 169 57.40 -35.03 3.99
N LYS C 170 56.40 -34.16 3.81
CA LYS C 170 56.68 -32.82 3.30
C LYS C 170 57.63 -32.09 4.24
N TYR C 171 57.40 -32.20 5.55
CA TYR C 171 58.26 -31.51 6.51
C TYR C 171 59.61 -32.19 6.64
N ALA C 172 59.63 -33.54 6.60
CA ALA C 172 60.88 -34.26 6.71
C ALA C 172 61.81 -33.95 5.54
N LYS C 173 61.24 -33.74 4.34
CA LYS C 173 62.06 -33.43 3.18
C LYS C 173 62.85 -32.15 3.35
N GLN C 174 62.40 -31.24 4.21
CA GLN C 174 63.08 -30.00 4.46
C GLN C 174 64.15 -30.13 5.55
N LEU C 175 64.33 -31.32 6.11
CA LEU C 175 65.37 -31.58 7.08
C LEU C 175 66.61 -32.08 6.34
N LYS C 176 67.77 -31.53 6.66
CA LYS C 176 69.04 -31.94 6.06
C LYS C 176 69.99 -32.39 7.15
N GLY C 177 70.51 -33.60 7.01
CA GLY C 177 71.38 -34.16 8.04
C GLY C 177 71.68 -35.62 7.74
N ASP C 178 72.13 -36.32 8.77
CA ASP C 178 72.39 -37.76 8.64
C ASP C 178 71.14 -38.49 8.19
N LYS C 179 71.23 -39.18 7.06
CA LYS C 179 70.06 -39.87 6.52
C LYS C 179 69.53 -40.89 7.53
N ASN C 180 70.44 -41.65 8.16
CA ASN C 180 70.00 -42.68 9.10
C ASN C 180 69.35 -42.07 10.33
N LYS C 181 69.91 -40.98 10.87
CA LYS C 181 69.29 -40.34 12.03
C LYS C 181 67.88 -39.84 11.71
N ILE C 182 67.70 -39.21 10.54
CA ILE C 182 66.38 -38.71 10.18
C ILE C 182 65.43 -39.85 9.87
N GLN C 183 65.85 -40.78 9.02
CA GLN C 183 64.96 -41.87 8.61
C GLN C 183 64.41 -42.60 9.84
N LYS C 184 65.23 -42.75 10.89
CA LYS C 184 64.71 -43.30 12.13
C LYS C 184 63.60 -42.43 12.68
N LEU C 185 63.79 -41.10 12.63
CA LEU C 185 62.75 -40.18 13.08
C LEU C 185 61.46 -40.39 12.29
N VAL C 186 61.56 -40.49 10.97
CA VAL C 186 60.37 -40.60 10.14
C VAL C 186 59.61 -41.88 10.46
N GLN C 187 60.31 -43.03 10.46
CA GLN C 187 59.62 -44.29 10.68
C GLN C 187 58.96 -44.33 12.05
N MET C 188 59.67 -43.86 13.09
CA MET C 188 59.07 -43.84 14.42
C MET C 188 57.84 -42.94 14.44
N ALA C 189 57.94 -41.77 13.82
CA ALA C 189 56.78 -40.89 13.72
C ALA C 189 55.69 -41.54 12.88
N TRP C 190 56.06 -42.19 11.78
CA TRP C 190 55.07 -42.88 10.95
C TRP C 190 54.32 -43.92 11.76
N THR C 191 55.02 -44.69 12.59
CA THR C 191 54.34 -45.64 13.47
C THR C 191 53.36 -44.91 14.39
N PHE C 192 53.77 -43.77 14.94
CA PHE C 192 52.88 -43.02 15.82
C PHE C 192 51.63 -42.55 15.08
N VAL C 193 51.78 -42.18 13.80
CA VAL C 193 50.60 -41.80 13.02
C VAL C 193 49.63 -42.97 12.90
N ASN C 194 50.15 -44.15 12.55
CA ASN C 194 49.28 -45.32 12.42
C ASN C 194 48.54 -45.57 13.74
N ASP C 195 49.23 -45.36 14.86
CA ASP C 195 48.65 -45.59 16.17
C ASP C 195 47.60 -44.53 16.52
N SER C 196 47.82 -43.28 16.08
CA SER C 196 46.88 -42.20 16.38
C SER C 196 45.54 -42.41 15.69
N LEU C 197 45.46 -43.33 14.74
CA LEU C 197 44.20 -43.59 14.05
C LEU C 197 43.21 -44.31 14.94
N CYS C 198 43.67 -44.95 16.01
CA CYS C 198 42.78 -45.61 16.95
C CYS C 198 42.22 -44.66 18.00
N THR C 199 42.60 -43.39 17.96
CA THR C 199 42.21 -42.41 18.95
C THR C 199 41.36 -41.31 18.31
N THR C 200 40.81 -40.47 19.16
CA THR C 200 40.02 -39.32 18.73
C THR C 200 40.87 -38.10 18.41
N LEU C 201 42.19 -38.26 18.30
CA LEU C 201 43.04 -37.14 17.89
C LEU C 201 42.64 -36.65 16.50
N SER C 202 42.25 -37.57 15.62
CA SER C 202 41.76 -37.20 14.30
C SER C 202 40.59 -36.23 14.39
N LEU C 203 39.86 -36.23 15.50
CA LEU C 203 38.74 -35.34 15.70
C LEU C 203 39.10 -34.10 16.50
N GLN C 204 40.33 -34.00 17.00
CA GLN C 204 40.74 -32.87 17.82
C GLN C 204 41.69 -31.91 17.13
N TRP C 205 42.59 -32.40 16.27
CA TRP C 205 43.65 -31.56 15.73
C TRP C 205 43.81 -31.83 14.25
N GLU C 206 44.05 -30.77 13.48
CA GLU C 206 44.27 -30.91 12.06
C GLU C 206 45.45 -31.87 11.81
N PRO C 207 45.49 -32.52 10.64
CA PRO C 207 46.59 -33.45 10.38
C PRO C 207 47.96 -32.81 10.44
N GLU C 208 48.08 -31.55 10.00
CA GLU C 208 49.37 -30.87 10.06
C GLU C 208 49.96 -30.90 11.46
N ILE C 209 49.12 -30.60 12.46
CA ILE C 209 49.60 -30.59 13.84
C ILE C 209 50.01 -32.00 14.27
N ILE C 210 49.21 -33.00 13.88
CA ILE C 210 49.54 -34.37 14.23
C ILE C 210 50.92 -34.74 13.69
N ALA C 211 51.19 -34.39 12.44
CA ALA C 211 52.49 -34.71 11.85
C ALA C 211 53.61 -34.09 12.65
N VAL C 212 53.45 -32.83 13.06
CA VAL C 212 54.45 -32.18 13.89
C VAL C 212 54.56 -32.89 15.23
N ALA C 213 53.41 -33.20 15.84
CA ALA C 213 53.43 -33.83 17.16
C ALA C 213 54.22 -35.14 17.13
N VAL C 214 54.04 -35.94 16.09
CA VAL C 214 54.73 -37.23 16.02
C VAL C 214 56.23 -37.01 15.76
N MET C 215 56.58 -35.99 14.97
CA MET C 215 57.99 -35.63 14.84
C MET C 215 58.56 -35.19 16.17
N TYR C 216 57.81 -34.35 16.90
CA TYR C 216 58.22 -33.92 18.23
C TYR C 216 58.42 -35.11 19.16
N LEU C 217 57.47 -36.04 19.18
CA LEU C 217 57.58 -37.19 20.07
C LEU C 217 58.79 -38.03 19.73
N ALA C 218 58.95 -38.40 18.46
CA ALA C 218 60.08 -39.23 18.06
C ALA C 218 61.40 -38.55 18.41
N GLY C 219 61.49 -37.23 18.25
CA GLY C 219 62.69 -36.52 18.60
C GLY C 219 63.06 -36.66 20.07
N ARG C 220 62.07 -36.47 20.94
CA ARG C 220 62.31 -36.64 22.37
C ARG C 220 62.79 -38.06 22.67
N LEU C 221 62.12 -39.06 22.10
CA LEU C 221 62.48 -40.45 22.37
C LEU C 221 63.86 -40.78 21.83
N CYS C 222 64.19 -40.29 20.63
CA CYS C 222 65.50 -40.56 20.02
C CYS C 222 66.58 -39.59 20.48
N LYS C 223 66.26 -38.64 21.36
CA LYS C 223 67.22 -37.66 21.85
C LYS C 223 67.86 -36.89 20.69
N PHE C 224 67.05 -36.54 19.70
CA PHE C 224 67.48 -35.73 18.57
C PHE C 224 67.00 -34.30 18.77
N GLU C 225 67.80 -33.34 18.31
CA GLU C 225 67.44 -31.92 18.35
C GLU C 225 67.15 -31.48 16.91
N ILE C 226 65.87 -31.52 16.54
CA ILE C 226 65.47 -31.36 15.15
C ILE C 226 65.84 -30.00 14.61
N GLN C 227 65.92 -28.98 15.47
CA GLN C 227 66.18 -27.63 14.97
C GLN C 227 67.46 -27.58 14.14
N GLU C 228 68.46 -28.39 14.49
CA GLU C 228 69.74 -28.31 13.79
C GLU C 228 69.57 -28.65 12.31
N TRP C 229 68.63 -29.55 11.98
CA TRP C 229 68.40 -29.93 10.59
C TRP C 229 67.57 -28.90 9.84
N THR C 230 66.89 -28.01 10.55
CA THR C 230 66.03 -27.03 9.89
C THR C 230 66.91 -25.92 9.29
N SER C 231 66.30 -25.15 8.37
CA SER C 231 67.04 -24.06 7.73
C SER C 231 67.43 -22.98 8.74
N LYS C 232 66.69 -22.85 9.85
CA LYS C 232 66.99 -21.90 10.91
C LYS C 232 67.49 -22.66 12.13
N PRO C 233 68.80 -22.89 12.25
CA PRO C 233 69.31 -23.79 13.30
C PRO C 233 69.24 -23.21 14.71
N MET C 234 69.01 -21.90 14.87
CA MET C 234 68.87 -21.30 16.19
C MET C 234 67.44 -21.11 16.58
N TYR C 235 66.52 -21.59 15.78
CA TYR C 235 65.09 -21.47 16.05
C TYR C 235 64.71 -22.72 16.84
N ARG C 236 64.78 -22.60 18.17
CA ARG C 236 64.54 -23.75 19.03
C ARG C 236 63.15 -24.33 18.79
N ARG C 237 62.19 -23.49 18.41
CA ARG C 237 60.86 -23.92 18.04
C ARG C 237 60.92 -24.36 16.58
N TRP C 238 61.28 -25.63 16.36
CA TRP C 238 61.55 -26.07 14.99
C TRP C 238 60.26 -26.20 14.19
N TRP C 239 59.13 -26.45 14.86
CA TRP C 239 57.87 -26.68 14.15
C TRP C 239 57.22 -25.39 13.66
N GLU C 240 57.55 -24.25 14.27
CA GLU C 240 56.86 -23.01 13.90
C GLU C 240 57.13 -22.62 12.45
N GLN C 241 58.16 -23.18 11.82
CA GLN C 241 58.39 -22.93 10.40
C GLN C 241 57.52 -23.81 9.51
N PHE C 242 56.91 -24.87 10.05
CA PHE C 242 56.01 -25.73 9.30
C PHE C 242 54.54 -25.46 9.58
N VAL C 243 54.18 -25.29 10.86
CA VAL C 243 52.81 -25.09 11.29
C VAL C 243 52.79 -23.87 12.21
N GLN C 244 52.04 -22.84 11.82
CA GLN C 244 52.01 -21.61 12.59
C GLN C 244 50.97 -21.73 13.71
N ASP C 245 51.27 -21.08 14.83
CA ASP C 245 50.32 -20.92 15.93
C ASP C 245 50.04 -22.24 16.65
N VAL C 246 51.09 -23.03 16.88
CA VAL C 246 50.93 -24.29 17.63
C VAL C 246 51.67 -24.15 18.95
N PRO C 247 50.97 -24.06 20.07
CA PRO C 247 51.67 -24.05 21.37
C PRO C 247 52.24 -25.42 21.69
N VAL C 248 53.30 -25.42 22.50
CA VAL C 248 53.90 -26.68 22.91
C VAL C 248 52.88 -27.55 23.62
N ASP C 249 52.00 -26.91 24.40
CA ASP C 249 50.99 -27.63 25.17
C ASP C 249 50.18 -28.55 24.26
N VAL C 250 49.82 -28.07 23.07
CA VAL C 250 49.12 -28.91 22.12
C VAL C 250 49.95 -30.13 21.80
N LEU C 251 51.21 -29.93 21.40
CA LEU C 251 52.07 -31.05 21.07
C LEU C 251 52.24 -32.01 22.24
N GLU C 252 52.31 -31.48 23.47
CA GLU C 252 52.42 -32.36 24.62
C GLU C 252 51.13 -33.13 24.86
N ASP C 253 49.99 -32.44 24.73
CA ASP C 253 48.71 -33.14 24.86
C ASP C 253 48.61 -34.29 23.88
N ILE C 254 49.04 -34.07 22.64
CA ILE C 254 49.01 -35.13 21.64
C ILE C 254 49.97 -36.25 22.02
N CYS C 255 51.20 -35.88 22.37
CA CYS C 255 52.18 -36.89 22.77
C CYS C 255 51.67 -37.71 23.94
N HIS C 256 51.11 -37.04 24.96
CA HIS C 256 50.62 -37.76 26.14
C HIS C 256 49.61 -38.82 25.75
N GLN C 257 48.65 -38.46 24.89
CA GLN C 257 47.62 -39.41 24.47
C GLN C 257 48.23 -40.58 23.70
N ILE C 258 49.19 -40.30 22.81
CA ILE C 258 49.82 -41.39 22.06
C ILE C 258 50.58 -42.31 23.00
N LEU C 259 51.35 -41.74 23.94
CA LEU C 259 52.10 -42.54 24.88
C LEU C 259 51.18 -43.33 25.81
N ASP C 260 50.00 -42.78 26.14
CA ASP C 260 49.07 -43.50 27.00
C ASP C 260 48.63 -44.79 26.35
N LEU C 261 48.43 -44.77 25.04
CA LEU C 261 48.04 -45.99 24.32
C LEU C 261 49.09 -47.07 24.54
N TYR C 262 50.38 -46.71 24.46
CA TYR C 262 51.43 -47.69 24.69
C TYR C 262 51.46 -48.14 26.15
N SER C 263 51.26 -47.23 27.10
CA SER C 263 51.29 -47.64 28.51
C SER C 263 50.16 -48.61 28.82
N GLN C 264 48.96 -48.33 28.30
CA GLN C 264 47.83 -49.23 28.54
C GLN C 264 48.07 -50.59 27.89
N GLY C 265 48.56 -50.62 26.65
CA GLY C 265 48.80 -51.88 26.02
C GLY C 265 50.04 -52.54 26.57
N LYS C 266 50.29 -53.77 26.12
CA LYS C 266 51.52 -54.47 26.48
C LYS C 266 52.66 -54.02 25.58
N GLN C 267 52.33 -53.40 24.45
CA GLN C 267 53.32 -52.90 23.51
C GLN C 267 54.07 -51.70 24.10
N GLN C 268 55.31 -51.52 23.65
CA GLN C 268 56.17 -50.43 24.09
C GLN C 268 56.55 -49.54 22.91
N MET C 269 57.17 -48.40 23.24
CA MET C 269 57.56 -47.44 22.20
C MET C 269 58.44 -48.15 21.17
N PRO C 270 58.26 -47.88 19.88
CA PRO C 270 59.00 -48.66 18.88
C PRO C 270 60.51 -48.57 19.03
N HIS C 271 61.04 -47.36 19.19
CA HIS C 271 62.49 -47.13 19.27
C HIS C 271 63.30 -48.15 18.47
N MET D 5 -23.37 -21.07 55.44
CA MET D 5 -22.10 -21.84 55.56
C MET D 5 -22.23 -23.17 54.83
N SER D 6 -21.09 -23.85 54.65
CA SER D 6 -21.03 -25.15 53.98
C SER D 6 -20.41 -26.17 54.92
N TYR D 7 -20.82 -27.43 54.74
CA TYR D 7 -20.43 -28.51 55.63
C TYR D 7 -19.90 -29.66 54.78
N ASN D 8 -18.67 -30.09 55.07
CA ASN D 8 -18.01 -31.11 54.26
C ASN D 8 -17.23 -32.06 55.17
N TYR D 9 -16.88 -33.20 54.59
CA TYR D 9 -16.25 -34.33 55.27
C TYR D 9 -15.07 -34.77 54.42
N VAL D 10 -13.92 -35.01 55.07
CA VAL D 10 -12.68 -35.32 54.35
C VAL D 10 -12.05 -36.56 54.98
N VAL D 11 -11.82 -37.59 54.15
CA VAL D 11 -11.21 -38.83 54.61
C VAL D 11 -10.05 -39.20 53.69
N THR D 12 -9.17 -40.03 54.23
CA THR D 12 -8.07 -40.61 53.46
C THR D 12 -8.51 -41.95 52.88
N ALA D 13 -8.41 -42.08 51.56
CA ALA D 13 -8.66 -43.37 50.91
C ALA D 13 -7.39 -44.19 50.75
N GLN D 14 -6.26 -43.53 50.50
CA GLN D 14 -4.95 -44.18 50.47
C GLN D 14 -3.99 -43.29 51.24
N LYS D 15 -3.29 -43.88 52.21
CA LYS D 15 -2.37 -43.11 53.02
C LYS D 15 -1.16 -42.68 52.20
N PRO D 16 -0.43 -41.67 52.66
CA PRO D 16 0.78 -41.25 51.94
C PRO D 16 1.72 -42.42 51.73
N THR D 17 2.23 -42.54 50.50
CA THR D 17 3.13 -43.62 50.14
C THR D 17 4.57 -43.18 49.93
N ALA D 18 4.80 -41.90 49.70
CA ALA D 18 6.15 -41.41 49.43
C ALA D 18 6.98 -41.37 50.70
N VAL D 19 8.24 -41.75 50.57
CA VAL D 19 9.17 -41.80 51.69
C VAL D 19 9.82 -40.43 51.82
N ASN D 20 9.61 -39.76 52.96
CA ASN D 20 10.19 -38.45 53.21
C ASN D 20 11.47 -38.53 54.03
N GLY D 21 11.66 -39.60 54.79
CA GLY D 21 12.90 -39.79 55.53
C GLY D 21 12.89 -41.15 56.20
N CYS D 22 14.08 -41.62 56.54
CA CYS D 22 14.20 -42.93 57.19
C CYS D 22 15.52 -42.98 57.96
N VAL D 23 15.47 -43.60 59.15
CA VAL D 23 16.62 -43.72 60.03
C VAL D 23 16.68 -45.15 60.56
N THR D 24 17.87 -45.55 61.01
CA THR D 24 18.10 -46.85 61.61
C THR D 24 18.64 -46.67 63.03
N GLY D 25 18.28 -47.60 63.90
CA GLY D 25 18.71 -47.50 65.28
C GLY D 25 18.10 -48.60 66.11
N HIS D 26 18.26 -48.46 67.42
CA HIS D 26 17.75 -49.42 68.41
C HIS D 26 16.65 -48.73 69.22
N PHE D 27 15.47 -48.60 68.61
CA PHE D 27 14.35 -47.86 69.19
C PHE D 27 13.44 -48.74 70.04
N THR D 28 13.01 -49.89 69.49
CA THR D 28 12.10 -50.76 70.22
C THR D 28 12.80 -51.54 71.32
N SER D 29 14.03 -52.01 71.06
CA SER D 29 14.81 -52.70 72.07
C SER D 29 16.29 -52.46 71.80
N ALA D 30 17.10 -52.52 72.86
CA ALA D 30 18.53 -52.38 72.69
C ALA D 30 19.12 -53.49 71.84
N GLU D 31 18.37 -54.56 71.61
CA GLU D 31 18.79 -55.70 70.82
C GLU D 31 18.32 -55.61 69.37
N ASP D 32 17.10 -55.15 69.16
CA ASP D 32 16.54 -55.10 67.82
C ASP D 32 17.16 -54.00 66.99
N LEU D 33 17.40 -54.29 65.71
CA LEU D 33 17.78 -53.27 64.74
C LEU D 33 16.49 -52.76 64.08
N ASN D 34 16.27 -51.45 64.15
CA ASN D 34 15.03 -50.84 63.69
C ASN D 34 15.25 -49.95 62.49
N LEU D 35 14.32 -50.01 61.56
CA LEU D 35 14.22 -49.06 60.45
C LEU D 35 12.93 -48.29 60.64
N LEU D 36 13.05 -46.98 60.86
CA LEU D 36 11.90 -46.11 60.98
C LEU D 36 11.73 -45.34 59.68
N ILE D 37 10.60 -45.50 59.02
CA ILE D 37 10.31 -44.86 57.75
C ILE D 37 9.25 -43.79 58.00
N ALA D 38 9.52 -42.58 57.52
CA ALA D 38 8.64 -41.43 57.72
C ALA D 38 7.94 -41.06 56.43
N LYS D 39 6.62 -41.15 56.45
CA LYS D 39 5.73 -40.57 55.44
C LYS D 39 5.11 -39.31 56.03
N ASN D 40 4.52 -38.49 55.15
CA ASN D 40 4.15 -37.13 55.53
C ASN D 40 3.54 -37.05 56.93
N THR D 41 2.53 -37.85 57.21
CA THR D 41 1.90 -37.87 58.52
C THR D 41 1.98 -39.23 59.22
N ARG D 42 2.65 -40.22 58.60
CA ARG D 42 2.68 -41.59 59.10
C ARG D 42 4.09 -41.99 59.46
N LEU D 43 4.27 -42.55 60.66
CA LEU D 43 5.54 -43.11 61.11
C LEU D 43 5.42 -44.63 61.16
N GLU D 44 6.28 -45.32 60.41
CA GLU D 44 6.30 -46.76 60.32
C GLU D 44 7.56 -47.31 60.98
N ILE D 45 7.40 -48.30 61.85
CA ILE D 45 8.50 -48.91 62.59
C ILE D 45 8.66 -50.35 62.12
N TYR D 46 9.88 -50.72 61.73
CA TYR D 46 10.20 -52.06 61.27
C TYR D 46 11.37 -52.62 62.06
N VAL D 47 11.51 -53.95 62.02
CA VAL D 47 12.64 -54.66 62.62
C VAL D 47 13.37 -55.42 61.52
N VAL D 48 14.70 -55.26 61.46
CA VAL D 48 15.50 -55.83 60.39
C VAL D 48 15.73 -57.31 60.63
N THR D 49 15.44 -58.11 59.61
CA THR D 49 15.69 -59.54 59.57
C THR D 49 16.57 -59.87 58.37
N ALA D 50 17.05 -61.11 58.32
CA ALA D 50 17.80 -61.56 57.16
C ALA D 50 16.90 -61.67 55.93
N GLU D 51 15.59 -61.76 56.13
CA GLU D 51 14.61 -61.92 55.07
C GLU D 51 14.12 -60.60 54.47
N GLY D 52 13.94 -59.59 55.31
CA GLY D 52 13.38 -58.33 54.89
C GLY D 52 13.08 -57.49 56.11
N LEU D 53 11.95 -56.79 56.10
CA LEU D 53 11.53 -55.96 57.21
C LEU D 53 10.33 -56.62 57.89
N ARG D 54 10.33 -56.61 59.21
CA ARG D 54 9.19 -57.11 59.98
C ARG D 54 8.46 -55.95 60.64
N PRO D 55 7.22 -55.67 60.25
CA PRO D 55 6.49 -54.55 60.85
C PRO D 55 6.13 -54.84 62.30
N VAL D 56 6.16 -53.78 63.12
CA VAL D 56 5.84 -53.86 64.53
C VAL D 56 4.74 -52.90 64.92
N LYS D 57 4.79 -51.66 64.43
CA LYS D 57 3.84 -50.65 64.85
C LYS D 57 3.83 -49.52 63.83
N GLU D 58 2.64 -48.94 63.62
CA GLU D 58 2.49 -47.75 62.79
C GLU D 58 1.59 -46.74 63.49
N VAL D 59 2.06 -45.51 63.63
CA VAL D 59 1.29 -44.44 64.24
C VAL D 59 1.12 -43.28 63.27
N GLY D 60 0.03 -42.55 63.45
CA GLY D 60 -0.19 -41.28 62.75
C GLY D 60 -0.01 -40.12 63.72
N MET D 61 0.62 -39.06 63.22
CA MET D 61 0.83 -37.83 63.99
C MET D 61 -0.01 -36.70 63.44
N TYR D 62 -0.38 -35.77 64.32
CA TYR D 62 -1.11 -34.57 63.92
C TYR D 62 -0.14 -33.49 63.43
N GLY D 63 0.62 -33.84 62.41
CA GLY D 63 1.65 -32.94 61.91
C GLY D 63 2.43 -33.57 60.78
N LYS D 64 3.04 -32.71 59.97
CA LYS D 64 3.97 -33.13 58.93
C LYS D 64 5.35 -33.35 59.54
N ILE D 65 5.92 -34.54 59.36
CA ILE D 65 7.20 -34.88 59.98
C ILE D 65 8.31 -34.17 59.21
N ALA D 66 8.96 -33.20 59.86
CA ALA D 66 10.07 -32.46 59.26
C ALA D 66 11.42 -33.03 59.67
N VAL D 67 11.63 -33.27 60.96
CA VAL D 67 12.87 -33.86 61.47
C VAL D 67 12.55 -35.19 62.14
N MET D 68 13.37 -36.20 61.87
CA MET D 68 13.24 -37.50 62.52
C MET D 68 14.63 -38.08 62.74
N GLU D 69 15.02 -38.25 64.00
CA GLU D 69 16.36 -38.72 64.34
C GLU D 69 16.29 -39.58 65.59
N LEU D 70 17.17 -40.58 65.66
CA LEU D 70 17.28 -41.45 66.83
C LEU D 70 18.54 -41.10 67.60
N PHE D 71 18.41 -40.99 68.93
CA PHE D 71 19.53 -40.67 69.80
C PHE D 71 19.35 -41.45 71.10
N ARG D 72 20.46 -41.65 71.80
CA ARG D 72 20.47 -42.40 73.05
C ARG D 72 21.23 -41.62 74.12
N PRO D 73 20.54 -40.87 74.96
CA PRO D 73 21.25 -40.06 75.96
C PRO D 73 21.85 -40.91 77.06
N LYS D 74 22.92 -40.37 77.66
CA LYS D 74 23.61 -41.06 78.74
C LYS D 74 22.61 -41.48 79.81
N GLY D 75 22.63 -42.78 80.14
CA GLY D 75 21.73 -43.33 81.14
C GLY D 75 20.55 -44.12 80.59
N GLU D 76 20.26 -44.01 79.30
CA GLU D 76 19.13 -44.72 78.72
C GLU D 76 19.50 -46.13 78.28
N SER D 77 18.50 -47.02 78.35
CA SER D 77 18.68 -48.41 77.94
C SER D 77 18.64 -48.58 76.42
N LYS D 78 17.90 -47.73 75.72
CA LYS D 78 17.72 -47.87 74.29
C LYS D 78 17.51 -46.49 73.67
N ASP D 79 17.49 -46.44 72.34
CA ASP D 79 17.41 -45.18 71.64
C ASP D 79 16.04 -44.52 71.84
N LEU D 80 16.04 -43.19 71.88
CA LEU D 80 14.84 -42.38 71.86
C LEU D 80 14.71 -41.69 70.51
N LEU D 81 13.48 -41.32 70.17
CA LEU D 81 13.15 -40.74 68.88
C LEU D 81 12.76 -39.28 69.05
N PHE D 82 13.40 -38.40 68.28
CA PHE D 82 13.03 -36.99 68.21
C PHE D 82 12.34 -36.70 66.89
N ILE D 83 11.23 -35.98 66.94
CA ILE D 83 10.48 -35.58 65.76
C ILE D 83 10.06 -34.12 65.87
N LEU D 84 10.19 -33.38 64.77
CA LEU D 84 9.74 -32.00 64.67
C LEU D 84 8.85 -31.85 63.45
N THR D 85 7.65 -31.31 63.63
CA THR D 85 6.71 -31.15 62.53
C THR D 85 6.90 -29.80 61.82
N ALA D 86 6.29 -29.69 60.63
CA ALA D 86 6.38 -28.46 59.86
C ALA D 86 5.72 -27.28 60.54
N LYS D 87 4.78 -27.53 61.45
CA LYS D 87 4.19 -26.48 62.27
C LYS D 87 4.99 -26.22 63.54
N TYR D 88 6.18 -26.82 63.65
CA TYR D 88 7.11 -26.59 64.74
C TYR D 88 6.67 -27.27 66.04
N ASN D 89 5.98 -28.40 65.91
CA ASN D 89 5.66 -29.24 67.05
C ASN D 89 6.81 -30.22 67.28
N ALA D 90 7.47 -30.09 68.43
CA ALA D 90 8.60 -30.93 68.79
C ALA D 90 8.19 -31.94 69.85
N CYS D 91 8.85 -33.09 69.86
CA CYS D 91 8.57 -34.11 70.86
C CYS D 91 9.70 -35.13 70.86
N ILE D 92 9.85 -35.79 72.01
CA ILE D 92 10.73 -36.95 72.16
C ILE D 92 9.86 -38.14 72.51
N LEU D 93 10.02 -39.23 71.77
CA LEU D 93 9.13 -40.39 71.87
C LEU D 93 9.91 -41.60 72.36
N GLU D 94 9.19 -42.49 73.05
CA GLU D 94 9.74 -43.74 73.57
C GLU D 94 8.83 -44.89 73.21
N TYR D 95 9.42 -45.97 72.71
CA TYR D 95 8.67 -47.20 72.46
C TYR D 95 8.56 -47.99 73.77
N LYS D 96 7.35 -48.37 74.14
CA LYS D 96 7.12 -49.16 75.33
C LYS D 96 6.08 -50.23 75.04
N GLN D 97 6.45 -51.48 75.31
CA GLN D 97 5.59 -52.63 75.03
C GLN D 97 5.55 -53.54 76.25
N SER D 98 4.34 -53.87 76.68
CA SER D 98 4.09 -54.81 77.78
C SER D 98 3.22 -55.92 77.21
N GLY D 99 3.86 -57.01 76.77
CA GLY D 99 3.16 -58.08 76.11
C GLY D 99 2.69 -57.66 74.73
N GLU D 100 1.39 -57.76 74.48
CA GLU D 100 0.82 -57.36 73.20
C GLU D 100 0.44 -55.88 73.15
N SER D 101 0.47 -55.17 74.28
CA SER D 101 0.05 -53.78 74.32
C SER D 101 1.23 -52.91 73.92
N ILE D 102 1.10 -52.21 72.79
CA ILE D 102 2.14 -51.34 72.27
C ILE D 102 1.66 -49.90 72.38
N ASP D 103 2.49 -49.04 72.95
CA ASP D 103 2.18 -47.62 73.09
C ASP D 103 3.44 -46.82 72.77
N ILE D 104 3.24 -45.60 72.30
CA ILE D 104 4.33 -44.66 72.04
C ILE D 104 4.18 -43.53 73.05
N ILE D 105 5.17 -43.38 73.91
CA ILE D 105 5.10 -42.47 75.05
C ILE D 105 5.73 -41.14 74.68
N THR D 106 5.07 -40.06 75.08
CA THR D 106 5.59 -38.71 74.87
C THR D 106 6.41 -38.31 76.09
N ARG D 107 7.74 -38.33 75.95
CA ARG D 107 8.61 -38.00 77.06
C ARG D 107 8.78 -36.49 77.22
N ALA D 108 8.79 -35.75 76.11
CA ALA D 108 8.88 -34.31 76.13
C ALA D 108 8.16 -33.76 74.91
N HIS D 109 7.59 -32.57 75.05
CA HIS D 109 6.87 -31.99 73.93
C HIS D 109 6.72 -30.49 74.11
N GLY D 110 6.60 -29.79 72.98
CA GLY D 110 6.42 -28.35 72.97
C GLY D 110 6.51 -27.84 71.55
N ASN D 111 6.15 -26.57 71.40
CA ASN D 111 6.20 -25.89 70.11
C ASN D 111 7.39 -24.93 70.11
N VAL D 112 8.29 -25.09 69.15
CA VAL D 112 9.54 -24.35 69.14
C VAL D 112 9.50 -23.15 68.20
N GLN D 113 8.31 -22.70 67.82
CA GLN D 113 8.19 -21.58 66.89
C GLN D 113 8.58 -20.27 67.55
N ASP D 114 9.31 -19.44 66.80
CA ASP D 114 9.72 -18.12 67.26
C ASP D 114 8.73 -17.08 66.75
N ARG D 115 8.50 -16.04 67.56
CA ARG D 115 7.58 -14.99 67.14
C ARG D 115 8.08 -14.30 65.87
N ILE D 116 9.39 -14.02 65.82
CA ILE D 116 9.99 -13.28 64.72
C ILE D 116 11.14 -14.09 64.16
N GLY D 117 11.09 -14.39 62.87
CA GLY D 117 12.16 -15.09 62.20
C GLY D 117 11.77 -15.30 60.74
N ARG D 118 12.78 -15.46 59.89
CA ARG D 118 12.54 -15.72 58.48
C ARG D 118 12.78 -17.20 58.21
N PRO D 119 11.78 -17.96 57.77
CA PRO D 119 12.03 -19.37 57.44
C PRO D 119 13.11 -19.51 56.39
N SER D 120 14.02 -20.45 56.62
CA SER D 120 15.19 -20.58 55.77
C SER D 120 14.82 -21.15 54.41
N GLU D 121 15.65 -20.82 53.41
CA GLU D 121 15.37 -21.26 52.05
C GLU D 121 15.46 -22.77 51.91
N THR D 122 16.48 -23.39 52.50
CA THR D 122 16.69 -24.83 52.40
C THR D 122 15.90 -25.64 53.43
N GLY D 123 14.93 -25.02 54.11
CA GLY D 123 14.01 -25.75 54.96
C GLY D 123 14.58 -26.08 56.33
N ILE D 124 13.73 -26.72 57.14
CA ILE D 124 14.10 -27.08 58.50
C ILE D 124 15.22 -28.10 58.48
N ILE D 125 16.25 -27.88 59.31
CA ILE D 125 17.32 -28.84 59.53
C ILE D 125 17.37 -29.15 61.02
N GLY D 126 17.49 -30.45 61.35
CA GLY D 126 17.61 -30.88 62.72
C GLY D 126 18.80 -31.80 62.95
N ILE D 127 19.63 -31.48 63.94
CA ILE D 127 20.81 -32.28 64.25
C ILE D 127 20.94 -32.45 65.75
N ILE D 128 21.55 -33.57 66.16
CA ILE D 128 21.75 -33.89 67.57
C ILE D 128 23.24 -34.12 67.82
N ASP D 129 23.71 -33.68 68.98
CA ASP D 129 25.10 -33.81 69.34
C ASP D 129 25.49 -35.29 69.43
N PRO D 130 26.72 -35.65 69.05
CA PRO D 130 27.12 -37.07 69.19
C PRO D 130 27.07 -37.57 70.61
N GLU D 131 27.32 -36.72 71.59
CA GLU D 131 27.21 -37.07 73.00
C GLU D 131 25.81 -36.84 73.54
N CYS D 132 24.83 -36.60 72.65
CA CYS D 132 23.44 -36.41 73.04
C CYS D 132 23.31 -35.36 74.14
N ARG D 133 24.03 -34.24 73.96
CA ARG D 133 23.95 -33.13 74.89
C ARG D 133 22.88 -32.10 74.50
N MET D 134 22.60 -31.96 73.21
CA MET D 134 21.67 -30.92 72.77
C MET D 134 21.07 -31.31 71.43
N ILE D 135 19.95 -30.67 71.10
CA ILE D 135 19.33 -30.78 69.79
C ILE D 135 19.52 -29.44 69.09
N GLY D 136 20.15 -29.47 67.91
CA GLY D 136 20.33 -28.28 67.11
C GLY D 136 19.23 -28.16 66.07
N LEU D 137 18.65 -26.97 65.98
CA LEU D 137 17.60 -26.69 65.00
C LEU D 137 17.96 -25.45 64.21
N ARG D 138 17.85 -25.55 62.88
CA ARG D 138 17.99 -24.40 61.98
C ARG D 138 16.60 -24.15 61.41
N LEU D 139 15.86 -23.25 62.04
CA LEU D 139 14.50 -22.91 61.63
C LEU D 139 14.42 -21.62 60.84
N TYR D 140 15.21 -20.61 61.21
CA TYR D 140 15.14 -19.30 60.60
C TYR D 140 16.53 -18.85 60.19
N ASP D 141 16.58 -18.05 59.12
CA ASP D 141 17.84 -17.48 58.69
C ASP D 141 18.42 -16.65 59.84
N GLY D 142 19.72 -16.81 60.07
CA GLY D 142 20.41 -16.00 61.04
C GLY D 142 20.20 -16.38 62.49
N LEU D 143 19.44 -17.44 62.77
CA LEU D 143 19.20 -17.87 64.14
C LEU D 143 19.41 -19.38 64.23
N PHE D 144 20.07 -19.81 65.29
CA PHE D 144 20.31 -21.22 65.59
C PHE D 144 19.67 -21.53 66.94
N LYS D 145 18.73 -22.47 66.96
CA LYS D 145 17.98 -22.80 68.16
C LYS D 145 18.57 -24.06 68.79
N VAL D 146 18.77 -24.02 70.11
CA VAL D 146 19.38 -25.12 70.85
C VAL D 146 18.39 -25.62 71.89
N ILE D 147 18.03 -26.90 71.80
CA ILE D 147 17.25 -27.58 72.83
C ILE D 147 18.23 -28.45 73.63
N PRO D 148 18.57 -28.06 74.86
CA PRO D 148 19.48 -28.90 75.65
C PRO D 148 18.81 -30.20 76.08
N LEU D 149 19.56 -31.30 75.99
CA LEU D 149 19.04 -32.61 76.33
C LEU D 149 19.24 -32.88 77.83
N ASP D 150 18.55 -32.07 78.62
CA ASP D 150 18.51 -32.23 80.06
C ASP D 150 17.41 -33.20 80.45
N ARG D 151 17.61 -33.88 81.58
CA ARG D 151 16.61 -34.85 82.04
C ARG D 151 15.29 -34.17 82.36
N ASP D 152 15.34 -32.94 82.86
CA ASP D 152 14.16 -32.21 83.30
C ASP D 152 13.52 -31.35 82.21
N ASN D 153 14.16 -31.21 81.04
CA ASN D 153 13.67 -30.31 80.00
C ASN D 153 12.49 -30.98 79.29
N LYS D 154 11.42 -31.19 80.06
CA LYS D 154 10.23 -31.88 79.55
C LYS D 154 9.38 -30.99 78.66
N GLU D 155 9.58 -29.68 78.68
CA GLU D 155 8.89 -28.77 77.78
C GLU D 155 9.71 -28.44 76.54
N LEU D 156 10.90 -29.01 76.39
CA LEU D 156 11.76 -28.73 75.24
C LEU D 156 12.00 -27.23 75.10
N LYS D 157 12.35 -26.61 76.22
CA LYS D 157 12.73 -25.20 76.20
C LYS D 157 14.02 -25.02 75.43
N ALA D 158 14.13 -23.88 74.75
CA ALA D 158 15.28 -23.65 73.87
C ALA D 158 15.64 -22.17 73.85
N PHE D 159 16.86 -21.91 73.40
CA PHE D 159 17.39 -20.56 73.25
C PHE D 159 17.99 -20.45 71.86
N ASN D 160 18.09 -19.22 71.36
CA ASN D 160 18.66 -18.95 70.04
C ASN D 160 20.04 -18.33 70.19
N ILE D 161 20.96 -18.74 69.30
CA ILE D 161 22.30 -18.16 69.21
C ILE D 161 22.35 -17.41 67.90
N ARG D 162 22.69 -16.12 67.95
CA ARG D 162 22.74 -15.34 66.73
C ARG D 162 23.79 -15.91 65.78
N LEU D 163 23.43 -16.02 64.50
CA LEU D 163 24.30 -16.59 63.48
C LEU D 163 24.55 -15.54 62.40
N GLU D 164 25.84 -15.20 62.19
CA GLU D 164 26.16 -14.18 61.20
C GLU D 164 25.83 -14.65 59.79
N GLU D 165 26.07 -15.92 59.47
CA GLU D 165 25.84 -16.43 58.12
C GLU D 165 24.35 -16.66 57.93
N LEU D 166 23.71 -15.78 57.17
CA LEU D 166 22.25 -15.81 57.09
C LEU D 166 21.76 -16.95 56.22
N HIS D 167 22.47 -17.26 55.15
CA HIS D 167 22.05 -18.27 54.17
C HIS D 167 22.91 -19.51 54.35
N VAL D 168 22.43 -20.45 55.16
CA VAL D 168 23.12 -21.70 55.43
C VAL D 168 22.54 -22.79 54.54
N ILE D 169 23.42 -23.57 53.92
CA ILE D 169 23.00 -24.64 53.03
C ILE D 169 22.75 -25.94 53.80
N ASP D 170 23.73 -26.38 54.58
CA ASP D 170 23.60 -27.59 55.37
C ASP D 170 24.50 -27.48 56.59
N VAL D 171 24.09 -28.11 57.69
CA VAL D 171 24.85 -28.09 58.94
C VAL D 171 24.76 -29.45 59.61
N LYS D 172 25.85 -29.84 60.27
CA LYS D 172 25.90 -31.10 61.01
C LYS D 172 26.75 -30.90 62.26
N PHE D 173 26.47 -31.69 63.30
CA PHE D 173 27.37 -31.75 64.45
C PHE D 173 28.54 -32.68 64.11
N LEU D 174 29.74 -32.27 64.48
CA LEU D 174 30.94 -33.02 64.15
C LEU D 174 31.29 -34.04 65.23
N TYR D 175 32.05 -35.06 64.82
CA TYR D 175 32.55 -36.09 65.71
C TYR D 175 34.00 -35.81 66.08
N GLY D 176 34.39 -36.29 67.26
CA GLY D 176 35.76 -36.22 67.69
C GLY D 176 36.23 -34.86 68.14
N CYS D 177 35.34 -34.06 68.71
CA CYS D 177 35.67 -32.75 69.24
C CYS D 177 35.40 -32.74 70.74
N GLN D 178 36.25 -32.02 71.48
CA GLN D 178 36.07 -31.96 72.93
C GLN D 178 34.84 -31.14 73.33
N ALA D 179 34.39 -30.23 72.49
CA ALA D 179 33.19 -29.45 72.74
C ALA D 179 32.25 -29.60 71.57
N PRO D 180 30.95 -29.37 71.78
CA PRO D 180 30.00 -29.43 70.66
C PRO D 180 30.42 -28.52 69.52
N THR D 181 30.58 -29.09 68.32
CA THR D 181 31.04 -28.35 67.16
C THR D 181 30.06 -28.56 66.02
N ILE D 182 29.70 -27.49 65.34
CA ILE D 182 28.84 -27.54 64.17
C ILE D 182 29.69 -27.18 62.96
N CYS D 183 29.54 -27.94 61.88
CA CYS D 183 30.19 -27.65 60.61
C CYS D 183 29.11 -27.48 59.57
N PHE D 184 29.13 -26.36 58.85
CA PHE D 184 28.06 -26.04 57.92
C PHE D 184 28.62 -25.33 56.71
N VAL D 185 27.96 -25.56 55.57
CA VAL D 185 28.22 -24.84 54.34
C VAL D 185 27.21 -23.70 54.23
N TYR D 186 27.70 -22.51 53.92
CA TYR D 186 26.87 -21.32 53.83
C TYR D 186 27.21 -20.60 52.52
N GLN D 187 26.32 -19.71 52.12
CA GLN D 187 26.47 -18.95 50.88
C GLN D 187 26.43 -17.46 51.18
N ASP D 188 27.38 -16.73 50.62
CA ASP D 188 27.44 -15.28 50.69
C ASP D 188 27.77 -14.77 49.30
N PRO D 189 27.85 -13.46 49.08
CA PRO D 189 28.17 -12.98 47.72
C PRO D 189 29.51 -13.46 47.20
N GLN D 190 30.39 -13.95 48.06
CA GLN D 190 31.73 -14.35 47.66
C GLN D 190 31.82 -15.83 47.25
N GLY D 191 30.68 -16.51 47.16
CA GLY D 191 30.65 -17.92 46.87
C GLY D 191 30.11 -18.73 48.03
N ARG D 192 30.42 -20.02 48.02
CA ARG D 192 30.03 -20.91 49.11
C ARG D 192 31.27 -21.31 49.90
N HIS D 193 31.10 -21.44 51.22
CA HIS D 193 32.19 -21.70 52.13
C HIS D 193 31.76 -22.71 53.17
N VAL D 194 32.75 -23.34 53.80
CA VAL D 194 32.54 -24.23 54.93
C VAL D 194 33.17 -23.59 56.16
N LYS D 195 32.49 -23.67 57.30
CA LYS D 195 32.91 -22.99 58.50
C LYS D 195 32.47 -23.81 59.71
N THR D 196 33.16 -23.60 60.83
CA THR D 196 32.85 -24.33 62.06
C THR D 196 32.63 -23.35 63.21
N TYR D 197 31.77 -23.75 64.13
CA TYR D 197 31.56 -23.04 65.39
C TYR D 197 31.52 -24.07 66.50
N GLU D 198 31.82 -23.63 67.71
CA GLU D 198 31.61 -24.43 68.91
C GLU D 198 30.43 -23.87 69.68
N VAL D 199 29.60 -24.76 70.21
CA VAL D 199 28.37 -24.40 70.92
C VAL D 199 28.58 -24.61 72.40
N SER D 200 28.42 -23.55 73.18
CA SER D 200 28.57 -23.60 74.64
C SER D 200 27.19 -23.49 75.25
N LEU D 201 26.69 -24.60 75.81
CA LEU D 201 25.39 -24.57 76.48
C LEU D 201 25.42 -23.70 77.73
N ARG D 202 26.59 -23.59 78.38
CA ARG D 202 26.69 -22.79 79.59
C ARG D 202 26.59 -21.30 79.27
N GLU D 203 27.32 -20.84 78.25
CA GLU D 203 27.28 -19.43 77.88
C GLU D 203 26.11 -19.10 76.97
N LYS D 204 25.52 -20.11 76.31
CA LYS D 204 24.43 -19.88 75.37
C LYS D 204 24.90 -19.00 74.21
N GLU D 205 26.04 -19.36 73.63
CA GLU D 205 26.55 -18.63 72.47
C GLU D 205 27.60 -19.49 71.76
N PHE D 206 28.03 -19.00 70.60
CA PHE D 206 29.09 -19.64 69.82
C PHE D 206 30.46 -19.19 70.32
N ASN D 207 31.42 -20.12 70.24
CA ASN D 207 32.83 -19.83 70.43
C ASN D 207 33.59 -20.22 69.16
N LYS D 208 34.82 -19.73 69.08
CA LYS D 208 35.66 -19.96 67.91
C LYS D 208 35.69 -21.44 67.55
N GLY D 209 35.62 -21.72 66.25
CA GLY D 209 35.53 -23.08 65.77
C GLY D 209 36.89 -23.75 65.67
N PRO D 210 36.89 -25.09 65.59
CA PRO D 210 38.17 -25.82 65.60
C PRO D 210 39.03 -25.58 64.37
N TRP D 211 38.46 -25.39 63.20
CA TRP D 211 39.27 -25.15 62.02
C TRP D 211 38.68 -24.04 61.16
N LYS D 212 39.55 -23.46 60.33
CA LYS D 212 39.28 -22.23 59.62
C LYS D 212 38.27 -22.42 58.50
N GLN D 213 37.75 -21.30 58.00
CA GLN D 213 36.86 -21.34 56.86
C GLN D 213 37.63 -21.75 55.62
N GLU D 214 36.97 -22.48 54.74
CA GLU D 214 37.56 -22.84 53.45
C GLU D 214 36.54 -22.51 52.36
N ASN D 215 37.02 -21.94 51.26
CA ASN D 215 36.15 -21.73 50.10
C ASN D 215 35.91 -23.08 49.44
N VAL D 216 34.64 -23.37 49.13
CA VAL D 216 34.25 -24.69 48.63
C VAL D 216 33.46 -24.53 47.34
N GLU D 217 33.16 -25.67 46.72
CA GLU D 217 32.46 -25.71 45.45
C GLU D 217 31.20 -24.85 45.48
N ALA D 218 30.93 -24.19 44.35
CA ALA D 218 29.77 -23.31 44.25
C ALA D 218 28.46 -24.05 44.47
N GLU D 219 28.44 -25.36 44.17
CA GLU D 219 27.25 -26.18 44.33
C GLU D 219 27.38 -27.15 45.49
N ALA D 220 28.16 -26.78 46.51
CA ALA D 220 28.23 -27.59 47.72
C ALA D 220 26.84 -27.80 48.31
N SER D 221 26.41 -29.07 48.35
CA SER D 221 25.04 -29.40 48.70
C SER D 221 24.88 -30.01 50.08
N MET D 222 25.76 -30.93 50.48
CA MET D 222 25.54 -31.71 51.68
C MET D 222 26.81 -31.81 52.51
N VAL D 223 26.63 -31.85 53.84
CA VAL D 223 27.72 -31.99 54.79
C VAL D 223 27.61 -33.36 55.46
N ILE D 224 28.68 -34.14 55.39
CA ILE D 224 28.74 -35.46 56.02
C ILE D 224 29.69 -35.38 57.21
N ALA D 225 29.18 -35.77 58.38
CA ALA D 225 29.98 -35.80 59.60
C ALA D 225 30.64 -37.16 59.70
N VAL D 226 31.96 -37.20 59.56
CA VAL D 226 32.70 -38.46 59.60
C VAL D 226 32.96 -38.87 61.04
N PRO D 227 32.93 -40.17 61.38
CA PRO D 227 33.09 -40.56 62.79
C PRO D 227 34.48 -40.35 63.33
N GLU D 228 34.68 -40.68 64.60
CA GLU D 228 35.93 -40.33 65.28
C GLU D 228 37.18 -40.95 64.65
N PRO D 229 37.18 -42.20 64.17
CA PRO D 229 38.43 -42.75 63.60
C PRO D 229 39.04 -41.88 62.52
N PHE D 230 38.23 -41.30 61.63
CA PHE D 230 38.72 -40.33 60.66
C PHE D 230 38.51 -38.89 61.15
N GLY D 231 37.30 -38.55 61.58
CA GLY D 231 37.02 -37.20 62.01
C GLY D 231 36.79 -36.27 60.83
N GLY D 232 36.49 -35.02 61.15
CA GLY D 232 36.31 -34.03 60.12
C GLY D 232 34.96 -34.17 59.43
N ALA D 233 34.88 -33.63 58.22
CA ALA D 233 33.64 -33.61 57.46
C ALA D 233 33.93 -33.79 55.98
N ILE D 234 32.94 -34.32 55.27
CA ILE D 234 32.98 -34.46 53.82
C ILE D 234 31.90 -33.56 53.24
N ILE D 235 32.23 -32.90 52.13
CA ILE D 235 31.33 -31.96 51.47
C ILE D 235 31.02 -32.51 50.09
N ILE D 236 29.73 -32.73 49.82
CA ILE D 236 29.27 -33.26 48.54
C ILE D 236 28.83 -32.08 47.68
N GLY D 237 29.33 -32.03 46.46
CA GLY D 237 28.94 -30.97 45.54
C GLY D 237 28.35 -31.49 44.25
N GLN D 238 28.43 -30.69 43.18
CA GLN D 238 27.98 -31.12 41.86
C GLN D 238 29.09 -31.83 41.09
N GLU D 239 30.33 -31.29 41.16
CA GLU D 239 31.46 -31.86 40.46
C GLU D 239 32.54 -32.47 41.35
N SER D 240 32.55 -32.18 42.65
CA SER D 240 33.66 -32.59 43.50
C SER D 240 33.19 -32.96 44.89
N ILE D 241 33.94 -33.86 45.52
CA ILE D 241 33.75 -34.26 46.90
C ILE D 241 35.02 -33.91 47.67
N THR D 242 34.87 -33.24 48.81
CA THR D 242 36.01 -32.73 49.55
C THR D 242 35.92 -33.19 51.01
N TYR D 243 37.08 -33.43 51.61
CA TYR D 243 37.21 -33.75 53.02
C TYR D 243 37.97 -32.63 53.71
N HIS D 244 37.45 -32.19 54.86
CA HIS D 244 38.06 -31.11 55.63
C HIS D 244 38.20 -31.56 57.07
N ASN D 245 39.37 -31.27 57.66
CA ASN D 245 39.59 -31.52 59.08
C ASN D 245 40.87 -30.82 59.53
N GLY D 246 40.75 -29.59 60.01
CA GLY D 246 41.90 -28.84 60.44
C GLY D 246 42.92 -28.59 59.34
N ASP D 247 44.08 -29.22 59.47
CA ASP D 247 45.14 -29.05 58.50
C ASP D 247 44.97 -29.95 57.28
N LYS D 248 44.15 -30.98 57.37
CA LYS D 248 44.00 -31.94 56.28
C LYS D 248 42.99 -31.44 55.26
N TYR D 249 43.31 -31.63 53.98
CA TYR D 249 42.41 -31.26 52.88
C TYR D 249 42.57 -32.24 51.74
N LEU D 250 41.47 -32.89 51.36
CA LEU D 250 41.43 -33.77 50.20
C LEU D 250 40.29 -33.36 49.27
N ALA D 251 40.51 -33.55 47.98
CA ALA D 251 39.50 -33.22 46.99
C ALA D 251 39.58 -34.24 45.85
N ILE D 252 38.48 -34.93 45.58
CA ILE D 252 38.37 -35.83 44.44
C ILE D 252 37.23 -35.32 43.57
N ALA D 253 37.47 -35.27 42.26
CA ALA D 253 36.52 -34.75 41.29
C ALA D 253 36.40 -35.74 40.14
N PRO D 254 35.79 -36.90 40.37
CA PRO D 254 35.67 -37.89 39.31
C PRO D 254 34.63 -37.45 38.28
N PRO D 255 34.86 -37.70 37.00
CA PRO D 255 33.93 -37.20 35.98
C PRO D 255 32.55 -37.84 36.06
N ILE D 256 32.42 -38.94 36.79
CA ILE D 256 31.18 -39.72 36.76
C ILE D 256 30.05 -38.98 37.47
N ILE D 257 30.34 -38.35 38.61
CA ILE D 257 29.28 -37.71 39.38
C ILE D 257 28.74 -36.45 38.72
N LYS D 258 29.54 -35.79 37.88
CA LYS D 258 29.09 -34.55 37.25
C LYS D 258 27.86 -34.77 36.37
N GLN D 259 27.65 -36.01 35.88
CA GLN D 259 26.53 -36.24 34.97
C GLN D 259 25.18 -36.02 35.65
N SER D 260 25.05 -36.40 36.91
CA SER D 260 23.77 -36.25 37.61
C SER D 260 24.03 -35.81 39.05
N THR D 261 23.16 -34.95 39.56
CA THR D 261 23.35 -34.39 40.89
C THR D 261 23.15 -35.43 41.97
N ILE D 262 24.06 -35.45 42.95
CA ILE D 262 23.98 -36.37 44.08
C ILE D 262 23.13 -35.73 45.16
N VAL D 263 22.12 -36.47 45.66
CA VAL D 263 21.13 -35.89 46.55
C VAL D 263 21.06 -36.56 47.92
N CYS D 264 21.54 -37.80 48.10
CA CYS D 264 21.36 -38.50 49.37
C CYS D 264 22.61 -39.27 49.73
N HIS D 265 22.90 -39.36 51.04
CA HIS D 265 24.06 -40.06 51.58
C HIS D 265 23.70 -40.87 52.82
N ASN D 266 24.47 -41.94 53.05
CA ASN D 266 24.34 -42.75 54.27
C ASN D 266 25.66 -43.41 54.61
N ARG D 267 25.84 -43.74 55.90
CA ARG D 267 27.08 -44.34 56.39
C ARG D 267 26.92 -45.86 56.47
N VAL D 268 27.78 -46.57 55.75
CA VAL D 268 27.73 -48.04 55.76
C VAL D 268 28.52 -48.59 56.95
N ASP D 269 29.76 -48.13 57.12
CA ASP D 269 30.65 -48.68 58.13
C ASP D 269 30.69 -47.73 59.33
N PRO D 270 30.40 -48.21 60.55
CA PRO D 270 30.39 -47.27 61.69
C PRO D 270 31.65 -46.43 61.83
N ASN D 271 32.82 -46.94 61.43
CA ASN D 271 34.04 -46.14 61.52
C ASN D 271 34.15 -45.10 60.41
N GLY D 272 33.27 -45.13 59.41
CA GLY D 272 33.31 -44.14 58.35
C GLY D 272 34.11 -44.52 57.12
N SER D 273 34.54 -45.77 57.02
CA SER D 273 35.34 -46.18 55.86
C SER D 273 34.54 -46.09 54.57
N ARG D 274 33.26 -46.45 54.62
CA ARG D 274 32.43 -46.53 53.41
C ARG D 274 31.14 -45.75 53.59
N TYR D 275 30.79 -44.93 52.61
CA TYR D 275 29.55 -44.17 52.57
C TYR D 275 28.82 -44.47 51.26
N LEU D 276 27.49 -44.35 51.30
CA LEU D 276 26.65 -44.57 50.13
C LEU D 276 26.15 -43.23 49.58
N LEU D 277 26.09 -43.12 48.25
CA LEU D 277 25.66 -41.89 47.58
C LEU D 277 24.65 -42.19 46.48
N GLY D 278 23.63 -41.35 46.37
CA GLY D 278 22.64 -41.49 45.32
C GLY D 278 22.42 -40.18 44.59
N ASP D 279 22.06 -40.29 43.31
CA ASP D 279 21.86 -39.14 42.44
C ASP D 279 20.51 -39.24 41.73
N MET D 280 20.13 -38.14 41.06
CA MET D 280 18.80 -38.05 40.45
C MET D 280 18.60 -39.05 39.32
N GLU D 281 19.66 -39.62 38.77
CA GLU D 281 19.53 -40.66 37.75
C GLU D 281 19.36 -42.04 38.34
N GLY D 282 19.28 -42.16 39.67
CA GLY D 282 19.11 -43.45 40.29
C GLY D 282 20.40 -44.21 40.48
N ARG D 283 21.53 -43.62 40.12
CA ARG D 283 22.81 -44.30 40.26
C ARG D 283 23.17 -44.39 41.73
N LEU D 284 23.72 -45.54 42.12
CA LEU D 284 24.15 -45.78 43.48
C LEU D 284 25.67 -45.90 43.50
N PHE D 285 26.31 -45.08 44.33
CA PHE D 285 27.77 -45.04 44.43
C PHE D 285 28.22 -45.44 45.83
N MET D 286 29.45 -45.97 45.90
CA MET D 286 30.13 -46.22 47.16
C MET D 286 31.28 -45.23 47.29
N LEU D 287 31.26 -44.43 48.35
CA LEU D 287 32.33 -43.50 48.66
C LEU D 287 33.27 -44.17 49.66
N LEU D 288 34.54 -44.29 49.29
CA LEU D 288 35.52 -45.04 50.06
C LEU D 288 36.53 -44.07 50.66
N LEU D 289 36.77 -44.20 51.97
CA LEU D 289 37.80 -43.44 52.66
C LEU D 289 38.98 -44.36 52.92
N GLU D 290 40.07 -44.15 52.19
CA GLU D 290 41.24 -44.99 52.31
C GLU D 290 42.09 -44.51 53.48
N LYS D 291 42.27 -45.39 54.47
CA LYS D 291 42.94 -45.03 55.70
C LYS D 291 44.45 -45.23 55.56
N GLU D 292 45.20 -44.43 56.33
CA GLU D 292 46.65 -44.57 56.41
C GLU D 292 47.05 -44.46 57.87
N GLU D 293 47.66 -45.51 58.39
CA GLU D 293 48.11 -45.53 59.78
C GLU D 293 49.49 -44.90 59.88
N GLN D 294 49.63 -43.93 60.78
CA GLN D 294 50.91 -43.29 61.05
C GLN D 294 51.72 -44.12 62.02
N MET D 295 53.03 -43.83 62.06
CA MET D 295 53.89 -44.53 63.01
C MET D 295 53.46 -44.26 64.44
N ASP D 296 52.75 -43.14 64.69
CA ASP D 296 52.24 -42.85 66.02
C ASP D 296 51.22 -43.87 66.50
N GLY D 297 50.68 -44.70 65.60
CA GLY D 297 49.54 -45.53 65.91
C GLY D 297 48.21 -44.87 65.62
N THR D 298 48.22 -43.61 65.19
CA THR D 298 47.02 -42.87 64.84
C THR D 298 46.69 -43.09 63.37
N VAL D 299 45.46 -42.75 62.99
CA VAL D 299 44.96 -42.99 61.64
C VAL D 299 44.56 -41.66 61.01
N THR D 300 45.02 -41.45 59.77
CA THR D 300 44.65 -40.30 58.97
C THR D 300 44.02 -40.78 57.66
N LEU D 301 43.39 -39.84 56.95
CA LEU D 301 42.72 -40.13 55.69
C LEU D 301 43.68 -39.88 54.53
N LYS D 302 43.98 -40.95 53.78
CA LYS D 302 44.95 -40.86 52.69
C LYS D 302 44.32 -40.41 51.38
N ASP D 303 43.18 -40.99 51.00
CA ASP D 303 42.59 -40.67 49.71
C ASP D 303 41.11 -41.02 49.73
N LEU D 304 40.40 -40.53 48.70
CA LEU D 304 38.99 -40.79 48.51
C LEU D 304 38.79 -41.51 47.18
N ARG D 305 37.82 -42.42 47.15
CA ARG D 305 37.50 -43.18 45.95
C ARG D 305 35.99 -43.34 45.81
N VAL D 306 35.52 -43.31 44.57
CA VAL D 306 34.10 -43.49 44.24
C VAL D 306 33.97 -44.66 43.28
N GLU D 307 33.02 -45.56 43.57
CA GLU D 307 32.77 -46.74 42.76
C GLU D 307 31.28 -46.82 42.45
N LEU D 308 30.94 -46.94 41.17
CA LEU D 308 29.55 -47.11 40.77
C LEU D 308 29.10 -48.53 41.10
N LEU D 309 27.98 -48.63 41.82
CA LEU D 309 27.44 -49.93 42.21
C LEU D 309 26.36 -50.43 41.26
N GLY D 310 25.46 -49.56 40.83
CA GLY D 310 24.39 -49.98 39.96
C GLY D 310 23.29 -48.94 39.90
N GLU D 311 22.08 -49.40 39.61
CA GLU D 311 20.92 -48.55 39.47
C GLU D 311 19.88 -48.92 40.52
N THR D 312 19.35 -47.90 41.19
CA THR D 312 18.24 -48.04 42.10
C THR D 312 17.16 -47.04 41.71
N SER D 313 16.05 -47.07 42.41
CA SER D 313 15.04 -46.03 42.23
C SER D 313 15.58 -44.69 42.72
N ILE D 314 15.10 -43.61 42.10
CA ILE D 314 15.51 -42.27 42.50
C ILE D 314 15.23 -42.12 43.99
N ALA D 315 16.26 -41.84 44.78
CA ALA D 315 16.22 -42.01 46.22
C ALA D 315 16.22 -40.68 46.93
N GLU D 316 15.21 -40.44 47.75
CA GLU D 316 15.22 -39.28 48.63
C GLU D 316 16.21 -39.50 49.78
N CYS D 317 16.19 -40.70 50.35
CA CYS D 317 17.08 -41.06 51.44
C CYS D 317 17.51 -42.51 51.30
N LEU D 318 18.76 -42.79 51.63
CA LEU D 318 19.30 -44.14 51.67
C LEU D 318 19.63 -44.51 53.10
N THR D 319 19.44 -45.78 53.44
CA THR D 319 19.87 -46.27 54.76
C THR D 319 20.33 -47.71 54.61
N TYR D 320 21.60 -47.96 54.97
CA TYR D 320 22.14 -49.31 54.97
C TYR D 320 21.60 -50.02 56.21
N LEU D 321 21.15 -51.26 56.03
CA LEU D 321 20.62 -52.03 57.16
C LEU D 321 21.69 -52.99 57.67
N ASP D 322 21.91 -54.10 56.97
CA ASP D 322 22.95 -55.05 57.38
C ASP D 322 23.04 -56.16 56.36
N ASN D 323 24.22 -56.81 56.33
CA ASN D 323 24.46 -57.96 55.47
C ASN D 323 24.25 -57.61 53.99
N GLY D 324 24.60 -56.38 53.63
CA GLY D 324 24.53 -55.92 52.26
C GLY D 324 23.17 -55.43 51.81
N VAL D 325 22.19 -55.39 52.72
CA VAL D 325 20.84 -54.96 52.39
C VAL D 325 20.72 -53.46 52.62
N VAL D 326 20.14 -52.76 51.65
CA VAL D 326 19.93 -51.32 51.71
C VAL D 326 18.48 -50.99 51.42
N PHE D 327 17.90 -50.09 52.19
CA PHE D 327 16.55 -49.59 51.94
C PHE D 327 16.62 -48.29 51.14
N VAL D 328 15.93 -48.27 50.01
CA VAL D 328 15.90 -47.11 49.13
C VAL D 328 14.56 -46.42 49.32
N GLY D 329 14.56 -45.29 50.02
CA GLY D 329 13.36 -44.51 50.21
C GLY D 329 13.17 -43.49 49.11
N SER D 330 12.10 -43.65 48.33
CA SER D 330 11.89 -42.85 47.13
C SER D 330 10.61 -42.04 47.28
N ARG D 331 10.69 -40.76 46.91
CA ARG D 331 9.52 -39.90 46.85
C ARG D 331 8.94 -39.79 45.46
N LEU D 332 9.75 -40.01 44.42
CA LEU D 332 9.29 -39.95 43.04
C LEU D 332 8.94 -41.31 42.45
N GLY D 333 9.35 -42.41 43.07
CA GLY D 333 9.06 -43.73 42.55
C GLY D 333 8.91 -44.77 43.64
N ASP D 334 8.82 -46.04 43.25
CA ASP D 334 8.67 -47.10 44.22
C ASP D 334 9.92 -47.22 45.08
N SER D 335 9.73 -47.42 46.38
CA SER D 335 10.84 -47.66 47.31
C SER D 335 11.31 -49.10 47.18
N GLN D 336 12.47 -49.40 47.79
CA GLN D 336 13.10 -50.68 47.53
C GLN D 336 13.89 -51.21 48.71
N LEU D 337 14.02 -52.52 48.75
CA LEU D 337 15.07 -53.24 49.47
C LEU D 337 16.01 -53.82 48.41
N VAL D 338 17.30 -53.52 48.52
CA VAL D 338 18.25 -54.00 47.51
C VAL D 338 19.41 -54.71 48.20
N LYS D 339 20.00 -55.67 47.48
CA LYS D 339 21.14 -56.44 47.94
C LYS D 339 22.39 -55.94 47.24
N LEU D 340 23.41 -55.61 48.02
CA LEU D 340 24.72 -55.24 47.51
C LEU D 340 25.61 -56.47 47.53
N ASN D 341 26.14 -56.85 46.37
CA ASN D 341 26.98 -58.02 46.22
C ASN D 341 28.44 -57.62 46.07
N VAL D 342 29.34 -58.52 46.49
CA VAL D 342 30.78 -58.27 46.32
C VAL D 342 31.19 -58.46 44.86
N ASP D 343 30.64 -59.45 44.18
CA ASP D 343 30.90 -59.69 42.77
C ASP D 343 29.78 -59.09 41.92
N SER D 344 30.16 -58.45 40.82
CA SER D 344 29.19 -57.91 39.90
C SER D 344 28.54 -59.03 39.07
N ASN D 345 27.35 -58.75 38.57
CA ASN D 345 26.63 -59.70 37.74
C ASN D 345 27.10 -59.55 36.28
N GLU D 346 26.41 -60.24 35.36
CA GLU D 346 26.83 -60.24 33.96
C GLU D 346 26.71 -58.86 33.31
N GLN D 347 25.95 -57.95 33.92
CA GLN D 347 25.76 -56.62 33.37
C GLN D 347 26.74 -55.60 33.94
N GLY D 348 27.57 -56.00 34.90
CA GLY D 348 28.47 -55.08 35.56
C GLY D 348 27.91 -54.45 36.79
N SER D 349 26.71 -54.85 37.22
CA SER D 349 26.03 -54.26 38.36
C SER D 349 26.29 -55.07 39.62
N TYR D 350 26.44 -54.38 40.74
CA TYR D 350 26.57 -55.00 42.04
C TYR D 350 25.27 -54.94 42.85
N VAL D 351 24.19 -54.44 42.26
CA VAL D 351 22.94 -54.19 42.96
C VAL D 351 21.86 -55.08 42.39
N VAL D 352 21.15 -55.79 43.28
CA VAL D 352 20.04 -56.65 42.91
C VAL D 352 18.86 -56.32 43.81
N ALA D 353 17.72 -56.04 43.18
CA ALA D 353 16.53 -55.68 43.94
C ALA D 353 15.98 -56.89 44.66
N MET D 354 15.59 -56.69 45.93
CA MET D 354 14.93 -57.71 46.73
C MET D 354 13.42 -57.52 46.75
N GLU D 355 12.96 -56.38 47.23
CA GLU D 355 11.53 -56.08 47.34
C GLU D 355 11.25 -54.70 46.77
N THR D 356 9.99 -54.52 46.34
CA THR D 356 9.52 -53.25 45.80
C THR D 356 8.29 -52.81 46.60
N PHE D 357 8.36 -51.60 47.15
CA PHE D 357 7.27 -51.04 47.95
C PHE D 357 6.50 -50.03 47.12
N THR D 358 5.21 -50.29 46.94
CA THR D 358 4.39 -49.44 46.08
C THR D 358 4.40 -48.01 46.60
N ASN D 359 4.78 -47.08 45.72
CA ASN D 359 4.70 -45.65 45.99
C ASN D 359 3.93 -45.02 44.85
N LEU D 360 2.75 -44.48 45.15
CA LEU D 360 1.97 -43.79 44.13
C LEU D 360 2.66 -42.51 43.66
N GLY D 361 3.76 -42.11 44.29
CA GLY D 361 4.58 -41.02 43.81
C GLY D 361 3.77 -39.75 43.63
N PRO D 362 4.37 -38.75 43.01
CA PRO D 362 3.61 -37.54 42.66
C PRO D 362 2.47 -37.89 41.72
N ILE D 363 1.24 -37.56 42.13
CA ILE D 363 0.06 -37.80 41.30
C ILE D 363 -0.19 -36.50 40.54
N VAL D 364 0.34 -36.43 39.32
CA VAL D 364 0.20 -35.21 38.53
C VAL D 364 -1.24 -35.03 38.07
N ASP D 365 -1.87 -36.12 37.60
CA ASP D 365 -3.25 -36.08 37.13
C ASP D 365 -3.86 -37.47 37.37
N MET D 366 -5.18 -37.56 37.21
CA MET D 366 -5.86 -38.84 37.35
C MET D 366 -7.28 -38.72 36.78
N CYS D 367 -7.82 -39.88 36.39
CA CYS D 367 -9.18 -39.97 35.87
C CYS D 367 -9.85 -41.22 36.42
N VAL D 368 -11.17 -41.13 36.61
CA VAL D 368 -11.97 -42.24 37.09
C VAL D 368 -12.74 -42.84 35.93
N VAL D 369 -12.58 -44.14 35.71
CA VAL D 369 -13.21 -44.84 34.59
C VAL D 369 -13.69 -46.21 35.09
N ASP D 370 -14.91 -46.58 34.69
CA ASP D 370 -15.46 -47.90 35.01
C ASP D 370 -15.03 -48.82 33.87
N LEU D 371 -13.89 -49.48 34.06
CA LEU D 371 -13.32 -50.30 32.99
C LEU D 371 -14.15 -51.54 32.71
N GLU D 372 -14.76 -52.12 33.74
CA GLU D 372 -15.61 -53.29 33.58
C GLU D 372 -17.06 -52.91 33.30
N ARG D 373 -17.34 -51.62 33.12
CA ARG D 373 -18.68 -51.08 32.89
C ARG D 373 -19.64 -51.40 34.01
N GLN D 374 -19.14 -51.88 35.14
CA GLN D 374 -19.93 -52.14 36.33
C GLN D 374 -19.95 -50.87 37.18
N GLY D 375 -20.75 -50.87 38.24
CA GLY D 375 -20.77 -49.68 39.06
C GLY D 375 -19.45 -49.39 39.75
N GLN D 376 -18.49 -50.31 39.64
CA GLN D 376 -17.19 -50.18 40.27
C GLN D 376 -16.33 -49.20 39.48
N GLY D 377 -15.83 -48.17 40.16
CA GLY D 377 -14.97 -47.17 39.55
C GLY D 377 -13.51 -47.49 39.81
N GLN D 378 -12.67 -47.21 38.81
CA GLN D 378 -11.24 -47.45 38.93
C GLN D 378 -10.51 -46.15 38.63
N LEU D 379 -9.40 -45.94 39.33
CA LEU D 379 -8.64 -44.70 39.24
C LEU D 379 -7.31 -44.95 38.55
N VAL D 380 -7.13 -44.34 37.38
CA VAL D 380 -5.86 -44.41 36.64
C VAL D 380 -5.15 -43.08 36.81
N THR D 381 -3.93 -43.12 37.35
CA THR D 381 -3.20 -41.91 37.76
C THR D 381 -1.90 -41.77 37.00
N CYS D 382 -1.56 -40.54 36.65
CA CYS D 382 -0.23 -40.18 36.18
C CYS D 382 0.67 -40.02 37.39
N SER D 383 1.57 -40.98 37.62
CA SER D 383 2.35 -41.04 38.85
C SER D 383 3.84 -41.09 38.54
N GLY D 384 4.63 -40.51 39.44
CA GLY D 384 6.08 -40.54 39.33
C GLY D 384 6.66 -39.44 38.45
N ALA D 385 7.98 -39.45 38.37
CA ALA D 385 8.71 -38.52 37.52
C ALA D 385 9.95 -39.22 36.96
N PHE D 386 10.38 -38.76 35.80
CA PHE D 386 11.61 -39.25 35.14
C PHE D 386 11.49 -40.75 34.92
N LYS D 387 12.53 -41.54 35.22
CA LYS D 387 12.47 -42.97 34.92
C LYS D 387 11.38 -43.68 35.71
N GLU D 388 10.97 -43.10 36.84
CA GLU D 388 9.95 -43.73 37.68
C GLU D 388 8.54 -43.42 37.19
N GLY D 389 8.40 -42.65 36.12
CA GLY D 389 7.06 -42.32 35.63
C GLY D 389 6.28 -43.58 35.31
N SER D 390 5.01 -43.57 35.68
CA SER D 390 4.18 -44.76 35.53
C SER D 390 2.72 -44.35 35.50
N LEU D 391 1.90 -45.25 35.00
CA LEU D 391 0.45 -45.17 35.10
C LEU D 391 0.03 -46.20 36.14
N ARG D 392 -0.75 -45.78 37.13
CA ARG D 392 -1.17 -46.65 38.22
C ARG D 392 -2.69 -46.77 38.18
N ILE D 393 -3.18 -47.98 37.97
CA ILE D 393 -4.61 -48.25 37.96
C ILE D 393 -4.96 -48.81 39.33
N ILE D 394 -5.84 -48.09 40.03
CA ILE D 394 -6.20 -48.40 41.41
C ILE D 394 -7.69 -48.70 41.44
N ARG D 395 -8.05 -49.81 42.06
CA ARG D 395 -9.43 -50.25 42.19
C ARG D 395 -9.65 -50.70 43.62
N ASN D 396 -10.90 -50.58 44.07
CA ASN D 396 -11.24 -51.05 45.40
C ASN D 396 -11.50 -52.55 45.31
N GLY D 397 -10.88 -53.31 46.21
CA GLY D 397 -10.98 -54.75 46.15
C GLY D 397 -12.20 -55.30 46.86
N ILE D 398 -12.38 -56.61 46.71
CA ILE D 398 -13.48 -57.32 47.36
C ILE D 398 -12.95 -58.66 47.87
N GLN D 408 -8.93 -55.80 53.89
CA GLN D 408 -9.35 -54.73 53.00
C GLN D 408 -8.15 -53.93 52.52
N LYS D 409 -8.01 -53.82 51.19
CA LYS D 409 -6.90 -53.12 50.59
C LYS D 409 -7.31 -52.66 49.20
N LEU D 410 -6.54 -51.74 48.65
CA LEU D 410 -6.70 -51.29 47.27
C LEU D 410 -5.74 -52.09 46.39
N HIS D 411 -6.26 -52.62 45.28
CA HIS D 411 -5.43 -53.37 44.34
C HIS D 411 -4.89 -52.39 43.31
N ILE D 412 -3.57 -52.38 43.14
CA ILE D 412 -2.89 -51.39 42.33
C ILE D 412 -2.12 -52.11 41.24
N ARG D 413 -2.38 -51.75 40.00
CA ARG D 413 -1.60 -52.23 38.85
C ARG D 413 -0.71 -51.09 38.39
N THR D 414 0.54 -51.43 38.05
CA THR D 414 1.52 -50.43 37.65
C THR D 414 1.89 -50.62 36.18
N VAL D 415 1.80 -49.53 35.42
CA VAL D 415 2.20 -49.52 34.01
C VAL D 415 3.45 -48.66 33.90
N PRO D 416 4.63 -49.26 33.77
CA PRO D 416 5.86 -48.45 33.71
C PRO D 416 5.97 -47.69 32.39
N LEU D 417 6.29 -46.40 32.49
CA LEU D 417 6.48 -45.54 31.32
C LEU D 417 7.92 -45.10 31.11
N TYR D 418 8.74 -45.08 32.17
CA TYR D 418 10.15 -44.71 32.12
C TYR D 418 10.35 -43.27 31.65
N GLU D 419 9.29 -42.49 31.60
CA GLU D 419 9.36 -41.06 31.32
C GLU D 419 8.28 -40.39 32.16
N SER D 420 8.35 -39.07 32.27
CA SER D 420 7.48 -38.35 33.19
C SER D 420 6.08 -38.22 32.61
N PRO D 421 5.06 -38.74 33.28
CA PRO D 421 3.67 -38.49 32.84
C PRO D 421 3.13 -37.22 33.49
N ARG D 422 2.37 -36.46 32.69
CA ARG D 422 1.87 -35.15 33.14
C ARG D 422 0.35 -35.08 33.21
N LYS D 423 -0.37 -35.46 32.16
CA LYS D 423 -1.82 -35.44 32.19
C LYS D 423 -2.38 -36.68 31.48
N ILE D 424 -3.58 -37.09 31.89
CA ILE D 424 -4.23 -38.27 31.36
C ILE D 424 -5.70 -37.94 31.05
N CYS D 425 -6.21 -38.55 29.99
CA CYS D 425 -7.59 -38.34 29.58
C CYS D 425 -8.09 -39.63 28.97
N TYR D 426 -9.33 -40.00 29.31
CA TYR D 426 -9.93 -41.25 28.84
C TYR D 426 -10.84 -40.96 27.66
N GLN D 427 -10.74 -41.79 26.64
CA GLN D 427 -11.56 -41.70 25.42
C GLN D 427 -12.25 -43.05 25.23
N GLU D 428 -13.52 -43.13 25.61
CA GLU D 428 -14.23 -44.41 25.55
C GLU D 428 -14.37 -44.89 24.11
N VAL D 429 -14.67 -43.99 23.18
CA VAL D 429 -14.93 -44.39 21.80
C VAL D 429 -13.77 -45.23 21.25
N SER D 430 -12.55 -44.90 21.65
CA SER D 430 -11.36 -45.60 21.17
C SER D 430 -10.83 -46.62 22.17
N GLN D 431 -11.55 -46.84 23.28
CA GLN D 431 -11.12 -47.77 24.33
C GLN D 431 -9.65 -47.56 24.68
N CYS D 432 -9.28 -46.29 24.86
CA CYS D 432 -7.88 -45.97 25.13
C CYS D 432 -7.79 -44.69 25.93
N PHE D 433 -6.61 -44.48 26.52
CA PHE D 433 -6.31 -43.27 27.26
C PHE D 433 -5.36 -42.39 26.46
N GLY D 434 -5.53 -41.08 26.57
CA GLY D 434 -4.56 -40.13 26.09
C GLY D 434 -3.73 -39.66 27.27
N VAL D 435 -2.41 -39.73 27.11
CA VAL D 435 -1.49 -39.35 28.16
C VAL D 435 -0.43 -38.42 27.60
N LEU D 436 -0.27 -37.26 28.24
CA LEU D 436 0.81 -36.34 27.93
C LEU D 436 2.02 -36.70 28.77
N SER D 437 3.19 -36.75 28.15
CA SER D 437 4.41 -37.16 28.84
C SER D 437 5.58 -36.36 28.30
N SER D 438 6.64 -36.29 29.11
CA SER D 438 7.87 -35.62 28.71
C SER D 438 9.06 -36.44 29.15
N ARG D 439 10.08 -36.48 28.29
CA ARG D 439 11.32 -37.18 28.56
C ARG D 439 12.49 -36.22 28.44
N ILE D 440 13.57 -36.52 29.13
CA ILE D 440 14.75 -35.66 29.16
C ILE D 440 15.76 -36.18 28.15
N GLU D 441 16.09 -35.33 27.18
CA GLU D 441 17.22 -35.58 26.29
C GLU D 441 18.27 -34.51 26.55
N VAL D 442 19.50 -34.79 26.11
CA VAL D 442 20.65 -33.96 26.40
C VAL D 442 21.32 -33.57 25.09
N GLN D 443 21.83 -32.34 25.02
CA GLN D 443 22.56 -31.87 23.85
C GLN D 443 23.77 -32.77 23.60
N ASP D 444 23.91 -33.22 22.36
CA ASP D 444 24.99 -34.12 21.98
C ASP D 444 25.88 -33.46 20.92
N THR D 445 26.96 -34.16 20.58
CA THR D 445 27.94 -33.61 19.65
C THR D 445 27.39 -33.47 18.24
N SER D 446 26.28 -34.14 17.93
CA SER D 446 25.66 -34.02 16.61
C SER D 446 24.94 -32.70 16.40
N GLY D 447 24.73 -31.92 17.46
CA GLY D 447 23.88 -30.76 17.42
C GLY D 447 22.45 -31.01 17.85
N GLY D 448 22.01 -32.26 17.81
CA GLY D 448 20.70 -32.65 18.32
C GLY D 448 20.74 -33.00 19.78
N THR D 449 19.80 -33.85 20.19
CA THR D 449 19.71 -34.32 21.56
C THR D 449 19.58 -35.83 21.56
N THR D 450 19.95 -36.43 22.69
CA THR D 450 19.94 -37.87 22.88
C THR D 450 19.21 -38.21 24.17
N ALA D 451 18.34 -39.23 24.10
CA ALA D 451 17.60 -39.68 25.26
C ALA D 451 18.50 -40.52 26.16
N LEU D 452 18.38 -40.29 27.48
CA LEU D 452 19.26 -40.99 28.41
C LEU D 452 18.94 -42.48 28.49
N ARG D 453 17.69 -42.84 28.23
CA ARG D 453 17.22 -44.22 28.29
C ARG D 453 15.99 -44.36 27.43
N PRO D 454 15.70 -45.57 26.94
CA PRO D 454 14.45 -45.78 26.20
C PRO D 454 13.25 -45.67 27.13
N SER D 455 12.13 -45.19 26.57
CA SER D 455 10.93 -44.97 27.36
C SER D 455 9.72 -45.06 26.44
N ALA D 456 8.53 -44.88 27.02
CA ALA D 456 7.30 -45.14 26.31
C ALA D 456 7.22 -44.40 24.98
N SER D 457 7.64 -43.13 24.96
CA SER D 457 7.50 -42.35 23.74
C SER D 457 8.49 -42.77 22.66
N THR D 458 9.61 -43.38 23.05
CA THR D 458 10.61 -43.82 22.07
C THR D 458 10.43 -45.26 21.65
N GLN D 459 9.68 -46.05 22.41
CA GLN D 459 9.47 -47.46 22.12
C GLN D 459 8.05 -47.74 21.64
N ALA D 460 7.34 -46.69 21.20
CA ALA D 460 5.97 -46.86 20.75
C ALA D 460 5.91 -47.64 19.44
N LEU D 461 4.80 -48.35 19.26
CA LEU D 461 4.59 -49.12 18.03
C LEU D 461 4.54 -48.20 16.82
N SER D 462 3.64 -47.23 16.84
CA SER D 462 3.55 -46.21 15.80
C SER D 462 3.95 -44.86 16.40
N SER D 463 4.55 -44.01 15.57
CA SER D 463 5.04 -42.72 16.04
C SER D 463 4.86 -41.67 14.96
N SER D 464 4.89 -40.41 15.38
CA SER D 464 4.78 -39.27 14.49
C SER D 464 5.42 -38.06 15.15
N VAL D 465 5.93 -37.15 14.33
CA VAL D 465 6.52 -35.91 14.82
C VAL D 465 5.81 -34.75 14.14
N SER D 466 5.49 -33.72 14.92
CA SER D 466 4.74 -32.60 14.40
C SER D 466 5.55 -31.88 13.33
N SER D 467 4.87 -31.52 12.23
CA SER D 467 5.47 -30.78 11.13
C SER D 467 4.95 -29.36 11.06
N SER D 468 4.31 -28.88 12.14
CA SER D 468 3.69 -27.57 12.12
C SER D 468 4.71 -26.47 11.86
N LYS D 469 4.32 -25.51 11.02
CA LYS D 469 5.18 -24.40 10.65
C LYS D 469 4.69 -23.08 11.26
N LEU D 470 3.74 -23.13 12.19
CA LEU D 470 3.13 -21.90 12.70
C LEU D 470 4.18 -20.95 13.25
N PHE D 471 5.09 -21.45 14.08
CA PHE D 471 6.12 -20.60 14.66
C PHE D 471 7.33 -20.46 13.74
N SER D 472 7.43 -21.35 12.75
CA SER D 472 8.43 -21.27 11.70
C SER D 472 9.78 -20.82 12.24
N SER D 473 10.41 -19.83 11.60
CA SER D 473 11.68 -19.29 12.05
C SER D 473 11.51 -17.95 12.74
N SER D 474 10.28 -17.60 13.11
CA SER D 474 10.02 -16.32 13.77
C SER D 474 10.89 -16.16 15.01
N THR D 475 11.05 -17.21 15.80
CA THR D 475 11.89 -17.14 16.99
C THR D 475 13.34 -17.41 16.59
N ALA D 476 14.24 -16.49 16.96
CA ALA D 476 15.64 -16.69 16.63
C ALA D 476 16.17 -17.90 17.41
N PRO D 477 17.08 -18.68 16.82
CA PRO D 477 17.58 -19.86 17.54
C PRO D 477 18.39 -19.46 18.75
N HIS D 478 18.03 -20.03 19.89
CA HIS D 478 18.73 -19.76 21.14
C HIS D 478 19.97 -20.64 21.22
N GLU D 479 20.97 -20.17 21.95
CA GLU D 479 22.23 -20.89 21.98
C GLU D 479 22.08 -22.19 22.74
N THR D 480 22.72 -23.24 22.25
CA THR D 480 22.67 -24.56 22.87
C THR D 480 24.09 -25.01 23.19
N SER D 481 24.29 -25.46 24.43
CA SER D 481 25.57 -25.94 24.90
C SER D 481 25.50 -27.44 25.15
N PHE D 482 26.56 -28.16 24.75
CA PHE D 482 26.58 -29.60 24.95
C PHE D 482 26.40 -29.93 26.42
N GLY D 483 25.57 -30.93 26.70
CA GLY D 483 25.32 -31.39 28.04
C GLY D 483 24.09 -30.81 28.70
N GLU D 484 23.52 -29.74 28.15
CA GLU D 484 22.32 -29.16 28.73
C GLU D 484 21.12 -30.07 28.50
N GLU D 485 20.22 -30.09 29.48
CA GLU D 485 19.02 -30.91 29.40
C GLU D 485 17.91 -30.14 28.70
N VAL D 486 17.04 -30.88 28.01
CA VAL D 486 15.84 -30.32 27.40
C VAL D 486 14.71 -31.33 27.57
N GLU D 487 13.48 -30.83 27.59
CA GLU D 487 12.30 -31.67 27.68
C GLU D 487 11.71 -31.88 26.29
N VAL D 488 11.32 -33.12 26.01
CA VAL D 488 10.63 -33.48 24.77
C VAL D 488 9.26 -34.03 25.16
N HIS D 489 8.20 -33.38 24.66
CA HIS D 489 6.84 -33.71 25.05
C HIS D 489 6.14 -34.53 23.97
N ASN D 490 5.31 -35.48 24.41
CA ASN D 490 4.64 -36.40 23.50
C ASN D 490 3.20 -36.61 23.96
N LEU D 491 2.37 -37.02 23.00
CA LEU D 491 1.03 -37.51 23.28
C LEU D 491 1.05 -39.02 23.08
N LEU D 492 0.73 -39.76 24.14
CA LEU D 492 0.71 -41.21 24.09
C LEU D 492 -0.73 -41.70 24.00
N ILE D 493 -0.97 -42.65 23.10
CA ILE D 493 -2.25 -43.33 22.99
C ILE D 493 -2.06 -44.72 23.58
N ILE D 494 -2.82 -45.02 24.64
CA ILE D 494 -2.61 -46.23 25.45
C ILE D 494 -3.92 -47.03 25.51
N ASP D 495 -3.82 -48.32 25.22
CA ASP D 495 -4.99 -49.20 25.25
C ASP D 495 -5.50 -49.37 26.68
N GLN D 496 -6.83 -49.36 26.83
CA GLN D 496 -7.41 -49.34 28.17
C GLN D 496 -7.30 -50.67 28.90
N HIS D 497 -7.13 -51.79 28.19
CA HIS D 497 -7.01 -53.10 28.82
C HIS D 497 -5.57 -53.58 28.89
N THR D 498 -4.85 -53.54 27.77
CA THR D 498 -3.46 -54.00 27.75
C THR D 498 -2.50 -52.92 28.25
N PHE D 499 -2.88 -51.66 28.16
CA PHE D 499 -1.99 -50.55 28.53
C PHE D 499 -0.70 -50.60 27.73
N GLU D 500 -0.83 -50.91 26.44
CA GLU D 500 0.28 -50.89 25.50
C GLU D 500 0.26 -49.57 24.75
N VAL D 501 1.43 -48.98 24.56
CA VAL D 501 1.53 -47.70 23.86
C VAL D 501 1.25 -47.96 22.38
N LEU D 502 0.10 -47.48 21.90
CA LEU D 502 -0.29 -47.73 20.52
C LEU D 502 0.33 -46.73 19.57
N HIS D 503 0.46 -45.48 20.00
CA HIS D 503 1.01 -44.42 19.18
C HIS D 503 1.64 -43.37 20.08
N ALA D 504 2.64 -42.69 19.57
CA ALA D 504 3.28 -41.60 20.29
C ALA D 504 3.59 -40.47 19.32
N HIS D 505 3.14 -39.27 19.64
CA HIS D 505 3.32 -38.08 18.81
C HIS D 505 4.28 -37.13 19.52
N GLN D 506 5.40 -36.81 18.87
CA GLN D 506 6.36 -35.86 19.42
C GLN D 506 5.97 -34.46 18.99
N PHE D 507 5.84 -33.55 19.96
CA PHE D 507 5.50 -32.17 19.67
C PHE D 507 6.75 -31.41 19.22
N LEU D 508 6.55 -30.15 18.85
CA LEU D 508 7.62 -29.33 18.31
C LEU D 508 8.75 -29.17 19.32
N GLN D 509 9.93 -28.85 18.80
CA GLN D 509 11.09 -28.57 19.65
C GLN D 509 10.78 -27.38 20.56
N ASN D 510 11.02 -27.57 21.86
CA ASN D 510 10.77 -26.57 22.88
C ASN D 510 9.28 -26.30 23.10
N GLU D 511 8.42 -27.22 22.67
CA GLU D 511 6.98 -27.10 22.90
C GLU D 511 6.59 -28.00 24.07
N TYR D 512 5.91 -27.43 25.06
CA TYR D 512 5.41 -28.17 26.21
C TYR D 512 3.92 -28.44 26.05
N ALA D 513 3.52 -29.68 26.34
CA ALA D 513 2.11 -30.06 26.35
C ALA D 513 1.60 -29.86 27.78
N LEU D 514 0.62 -28.96 27.92
CA LEU D 514 0.13 -28.56 29.24
C LEU D 514 -1.27 -29.03 29.54
N SER D 515 -2.11 -29.23 28.53
CA SER D 515 -3.52 -29.53 28.76
C SER D 515 -4.00 -30.54 27.71
N LEU D 516 -4.95 -31.38 28.11
CA LEU D 516 -5.45 -32.46 27.26
C LEU D 516 -6.91 -32.71 27.57
N VAL D 517 -7.73 -32.84 26.52
CA VAL D 517 -9.14 -33.19 26.67
C VAL D 517 -9.53 -34.20 25.59
N SER D 518 -10.59 -34.96 25.89
CA SER D 518 -11.22 -35.88 24.94
C SER D 518 -12.71 -35.55 24.92
N CYS D 519 -13.22 -35.18 23.75
CA CYS D 519 -14.60 -34.72 23.67
C CYS D 519 -15.05 -34.62 22.22
N LYS D 520 -16.37 -34.51 22.04
CA LYS D 520 -16.99 -34.14 20.78
C LYS D 520 -17.27 -32.64 20.83
N LEU D 521 -17.16 -31.97 19.68
CA LEU D 521 -17.39 -30.54 19.58
C LEU D 521 -18.39 -30.22 18.48
N GLY D 522 -19.15 -29.16 18.71
CA GLY D 522 -20.06 -28.66 17.69
C GLY D 522 -21.00 -29.74 17.19
N LYS D 523 -21.19 -29.78 15.88
CA LYS D 523 -21.99 -30.80 15.22
C LYS D 523 -21.13 -31.94 14.66
N ASP D 524 -19.87 -32.00 15.04
CA ASP D 524 -18.98 -33.05 14.56
C ASP D 524 -19.13 -34.29 15.42
N PRO D 525 -19.57 -35.42 14.86
CA PRO D 525 -19.73 -36.63 15.69
C PRO D 525 -18.41 -37.29 16.07
N ASN D 526 -17.30 -36.89 15.48
CA ASN D 526 -16.01 -37.52 15.78
C ASN D 526 -15.52 -37.07 17.15
N THR D 527 -14.93 -38.01 17.89
CA THR D 527 -14.34 -37.75 19.19
C THR D 527 -12.84 -37.51 19.03
N TYR D 528 -12.35 -36.39 19.56
CA TYR D 528 -10.98 -35.97 19.35
C TYR D 528 -10.20 -35.92 20.65
N PHE D 529 -8.88 -36.11 20.54
CA PHE D 529 -7.94 -35.71 21.58
C PHE D 529 -7.45 -34.31 21.24
N ILE D 530 -7.59 -33.38 22.17
CA ILE D 530 -7.18 -31.99 21.97
C ILE D 530 -6.14 -31.66 23.03
N VAL D 531 -5.04 -31.05 22.60
CA VAL D 531 -3.90 -30.75 23.46
C VAL D 531 -3.60 -29.27 23.39
N GLY D 532 -3.39 -28.65 24.55
CA GLY D 532 -2.98 -27.26 24.63
C GLY D 532 -1.51 -27.20 25.03
N THR D 533 -0.76 -26.39 24.29
CA THR D 533 0.69 -26.39 24.39
C THR D 533 1.19 -24.97 24.66
N ALA D 534 2.49 -24.88 24.95
CA ALA D 534 3.17 -23.61 25.16
C ALA D 534 4.59 -23.73 24.65
N MET D 535 5.06 -22.68 23.99
CA MET D 535 6.44 -22.61 23.50
C MET D 535 7.33 -22.07 24.63
N VAL D 536 8.23 -22.92 25.12
CA VAL D 536 9.01 -22.62 26.31
C VAL D 536 10.44 -22.32 25.86
N TYR D 537 10.85 -21.08 26.01
CA TYR D 537 12.23 -20.69 25.77
C TYR D 537 12.82 -20.14 27.06
N PRO D 538 14.06 -20.49 27.39
CA PRO D 538 14.61 -20.08 28.69
C PRO D 538 14.62 -18.58 28.94
N GLU D 539 14.72 -17.76 27.89
CA GLU D 539 14.84 -16.32 28.09
C GLU D 539 13.52 -15.69 28.58
N GLU D 540 12.39 -16.27 28.20
CA GLU D 540 11.10 -15.64 28.48
C GLU D 540 10.59 -16.03 29.86
N ALA D 541 10.04 -15.05 30.57
CA ALA D 541 9.42 -15.33 31.86
C ALA D 541 8.09 -16.04 31.69
N GLU D 542 7.24 -15.52 30.81
CA GLU D 542 5.98 -16.18 30.48
C GLU D 542 5.96 -16.51 29.00
N PRO D 543 5.47 -17.70 28.63
CA PRO D 543 5.43 -18.05 27.21
C PRO D 543 4.56 -17.07 26.44
N LYS D 544 5.01 -16.72 25.23
CA LYS D 544 4.28 -15.80 24.38
C LYS D 544 3.71 -16.48 23.13
N GLN D 545 3.93 -17.79 22.98
CA GLN D 545 3.43 -18.55 21.84
C GLN D 545 2.85 -19.88 22.31
N GLY D 546 1.88 -20.38 21.55
CA GLY D 546 1.22 -21.61 21.93
C GLY D 546 0.36 -22.16 20.81
N ARG D 547 -0.01 -23.43 20.96
CA ARG D 547 -0.82 -24.13 19.97
C ARG D 547 -1.94 -24.90 20.66
N ILE D 548 -3.11 -24.92 20.03
CA ILE D 548 -4.20 -25.82 20.39
C ILE D 548 -4.33 -26.81 19.24
N VAL D 549 -4.10 -28.09 19.52
CA VAL D 549 -4.02 -29.11 18.48
C VAL D 549 -5.14 -30.13 18.69
N VAL D 550 -5.82 -30.48 17.60
CA VAL D 550 -6.88 -31.48 17.61
C VAL D 550 -6.39 -32.73 16.91
N PHE D 551 -6.49 -33.87 17.58
CA PHE D 551 -6.10 -35.16 17.02
C PHE D 551 -7.33 -36.06 16.94
N GLN D 552 -7.36 -36.96 15.95
CA GLN D 552 -8.35 -38.03 15.90
C GLN D 552 -7.60 -39.35 15.84
N TYR D 553 -7.81 -40.21 16.83
CA TYR D 553 -7.25 -41.57 16.79
C TYR D 553 -8.31 -42.50 16.21
N SER D 554 -8.08 -42.99 14.99
CA SER D 554 -9.05 -43.85 14.32
C SER D 554 -8.32 -44.89 13.49
N ASP D 555 -8.71 -46.15 13.62
CA ASP D 555 -8.14 -47.25 12.85
C ASP D 555 -6.63 -47.34 13.04
N GLY D 556 -6.21 -47.28 14.30
CA GLY D 556 -4.81 -47.49 14.64
C GLY D 556 -3.88 -46.35 14.32
N LYS D 557 -4.38 -45.25 13.76
CA LYS D 557 -3.53 -44.13 13.38
C LYS D 557 -4.07 -42.83 13.98
N LEU D 558 -3.14 -41.94 14.31
CA LEU D 558 -3.46 -40.63 14.85
C LEU D 558 -3.29 -39.60 13.75
N GLN D 559 -4.35 -38.82 13.51
CA GLN D 559 -4.36 -37.81 12.46
C GLN D 559 -4.61 -36.44 13.06
N THR D 560 -3.74 -35.49 12.71
CA THR D 560 -3.93 -34.12 13.17
C THR D 560 -5.07 -33.50 12.38
N VAL D 561 -6.11 -33.05 13.08
CA VAL D 561 -7.28 -32.51 12.41
C VAL D 561 -7.16 -31.01 12.18
N ALA D 562 -6.73 -30.26 13.20
CA ALA D 562 -6.60 -28.82 13.07
C ALA D 562 -5.66 -28.28 14.14
N GLU D 563 -5.10 -27.10 13.87
CA GLU D 563 -4.25 -26.39 14.81
C GLU D 563 -4.72 -24.94 14.92
N LYS D 564 -4.64 -24.39 16.12
CA LYS D 564 -5.01 -23.01 16.40
C LYS D 564 -3.86 -22.32 17.12
N GLU D 565 -3.39 -21.20 16.58
CA GLU D 565 -2.27 -20.49 17.18
C GLU D 565 -2.80 -19.54 18.26
N VAL D 566 -2.18 -19.59 19.43
CA VAL D 566 -2.48 -18.66 20.52
C VAL D 566 -1.18 -18.00 20.94
N LYS D 567 -1.32 -16.85 21.59
CA LYS D 567 -0.16 -16.04 22.02
C LYS D 567 0.16 -16.29 23.49
N GLY D 568 0.29 -17.54 23.90
CA GLY D 568 0.58 -17.84 25.28
C GLY D 568 0.45 -19.32 25.55
N ALA D 569 0.49 -19.65 26.84
CA ALA D 569 0.46 -21.04 27.28
C ALA D 569 -0.98 -21.46 27.55
N VAL D 570 -1.37 -22.59 26.98
CA VAL D 570 -2.71 -23.15 27.17
C VAL D 570 -2.66 -24.02 28.42
N TYR D 571 -2.84 -23.40 29.58
CA TYR D 571 -2.69 -24.12 30.84
C TYR D 571 -3.83 -25.10 31.06
N SER D 572 -5.05 -24.75 30.66
CA SER D 572 -6.20 -25.58 30.96
C SER D 572 -7.22 -25.54 29.83
N MET D 573 -7.82 -26.69 29.55
CA MET D 573 -8.92 -26.79 28.61
C MET D 573 -10.01 -27.65 29.21
N VAL D 574 -11.26 -27.39 28.82
CA VAL D 574 -12.40 -28.17 29.28
C VAL D 574 -13.54 -27.97 28.29
N GLU D 575 -14.25 -29.07 28.00
CA GLU D 575 -15.39 -28.98 27.11
C GLU D 575 -16.54 -28.24 27.78
N PHE D 576 -17.16 -27.33 27.03
CA PHE D 576 -18.20 -26.45 27.54
C PHE D 576 -19.37 -26.47 26.55
N ASN D 577 -20.33 -27.36 26.80
CA ASN D 577 -21.58 -27.42 26.04
C ASN D 577 -21.31 -27.41 24.54
N GLY D 578 -20.50 -28.37 24.11
CA GLY D 578 -20.16 -28.49 22.72
C GLY D 578 -19.10 -27.54 22.23
N LYS D 579 -18.61 -26.65 23.09
CA LYS D 579 -17.56 -25.70 22.74
C LYS D 579 -16.34 -25.98 23.61
N LEU D 580 -15.19 -25.42 23.21
CA LEU D 580 -13.93 -25.64 23.90
C LEU D 580 -13.57 -24.41 24.73
N LEU D 581 -13.44 -24.60 26.04
CA LEU D 581 -13.04 -23.54 26.96
C LEU D 581 -11.56 -23.72 27.28
N ALA D 582 -10.74 -22.72 26.92
CA ALA D 582 -9.30 -22.81 27.09
C ALA D 582 -8.78 -21.55 27.78
N SER D 583 -7.73 -21.73 28.58
CA SER D 583 -7.07 -20.62 29.26
C SER D 583 -5.69 -20.41 28.64
N ILE D 584 -5.49 -19.24 28.03
CA ILE D 584 -4.21 -18.84 27.46
C ILE D 584 -3.67 -17.71 28.32
N ASN D 585 -2.71 -18.03 29.20
CA ASN D 585 -2.16 -17.04 30.13
C ASN D 585 -3.29 -16.40 30.92
N SER D 586 -3.41 -15.07 30.87
CA SER D 586 -4.50 -14.39 31.57
C SER D 586 -5.86 -14.58 30.91
N THR D 587 -5.90 -14.76 29.59
CA THR D 587 -7.16 -14.81 28.86
C THR D 587 -7.86 -16.15 29.02
N VAL D 588 -9.19 -16.11 29.15
CA VAL D 588 -10.05 -17.29 29.12
C VAL D 588 -10.97 -17.18 27.91
N ARG D 589 -10.91 -18.16 27.00
CA ARG D 589 -11.62 -18.08 25.73
C ARG D 589 -12.54 -19.27 25.53
N LEU D 590 -13.60 -19.05 24.77
CA LEU D 590 -14.51 -20.11 24.36
C LEU D 590 -14.38 -20.23 22.85
N TYR D 591 -13.99 -21.40 22.36
CA TYR D 591 -13.79 -21.63 20.94
C TYR D 591 -14.97 -22.44 20.43
N GLU D 592 -15.49 -22.05 19.27
CA GLU D 592 -16.52 -22.81 18.58
C GLU D 592 -15.85 -23.69 17.51
N TRP D 593 -16.46 -24.84 17.24
CA TRP D 593 -15.96 -25.79 16.26
C TRP D 593 -16.81 -25.64 15.00
N THR D 594 -16.20 -25.11 13.94
CA THR D 594 -16.94 -24.78 12.73
C THR D 594 -17.20 -26.05 11.90
N THR D 595 -18.06 -25.91 10.90
CA THR D 595 -18.27 -27.01 9.96
C THR D 595 -17.06 -27.26 9.08
N GLU D 596 -16.09 -26.35 9.04
CA GLU D 596 -14.84 -26.58 8.34
C GLU D 596 -13.77 -27.20 9.24
N LYS D 597 -14.18 -27.70 10.42
CA LYS D 597 -13.28 -28.40 11.34
C LYS D 597 -12.11 -27.52 11.77
N GLU D 598 -12.41 -26.30 12.20
CA GLU D 598 -11.41 -25.40 12.76
C GLU D 598 -12.02 -24.59 13.90
N LEU D 599 -11.18 -24.17 14.83
CA LEU D 599 -11.64 -23.45 16.02
C LEU D 599 -11.83 -21.97 15.74
N ARG D 600 -12.92 -21.41 16.28
CA ARG D 600 -13.29 -20.01 16.08
C ARG D 600 -13.59 -19.38 17.44
N THR D 601 -12.88 -18.30 17.76
CA THR D 601 -13.08 -17.62 19.03
C THR D 601 -14.46 -16.98 19.04
N GLU D 602 -15.16 -17.11 20.18
CA GLU D 602 -16.47 -16.49 20.36
C GLU D 602 -16.40 -15.36 21.37
N CYS D 603 -15.93 -15.65 22.58
CA CYS D 603 -15.87 -14.68 23.66
C CYS D 603 -14.60 -14.90 24.44
N ASN D 604 -14.06 -13.81 25.01
CA ASN D 604 -12.86 -13.86 25.82
C ASN D 604 -13.13 -13.12 27.12
N HIS D 605 -12.44 -13.57 28.18
CA HIS D 605 -12.43 -12.92 29.47
C HIS D 605 -10.99 -12.69 29.88
N TYR D 606 -10.68 -11.48 30.34
CA TYR D 606 -9.29 -11.09 30.53
C TYR D 606 -8.90 -10.73 31.96
N ASN D 607 -9.82 -10.70 32.92
CA ASN D 607 -9.48 -10.26 34.29
C ASN D 607 -8.89 -11.42 35.10
N ASN D 608 -7.67 -11.80 34.70
CA ASN D 608 -6.92 -12.83 35.41
C ASN D 608 -5.45 -12.48 35.38
N ILE D 609 -4.71 -13.06 36.33
CA ILE D 609 -3.26 -12.94 36.36
C ILE D 609 -2.62 -14.13 35.66
N MET D 610 -3.01 -15.34 36.06
CA MET D 610 -2.66 -16.56 35.35
C MET D 610 -3.79 -17.57 35.58
N ALA D 611 -4.56 -17.87 34.53
CA ALA D 611 -5.71 -18.76 34.62
C ALA D 611 -5.22 -20.21 34.55
N LEU D 612 -4.81 -20.73 35.70
CA LEU D 612 -4.16 -22.04 35.73
C LEU D 612 -5.17 -23.18 35.64
N TYR D 613 -6.34 -23.05 36.25
CA TYR D 613 -7.27 -24.17 36.37
C TYR D 613 -8.67 -23.79 35.95
N LEU D 614 -9.37 -24.76 35.37
CA LEU D 614 -10.72 -24.55 34.85
C LEU D 614 -11.60 -25.74 35.21
N LYS D 615 -12.84 -25.45 35.57
CA LYS D 615 -13.86 -26.45 35.87
C LYS D 615 -15.20 -25.86 35.48
N THR D 616 -16.11 -26.70 35.01
CA THR D 616 -17.40 -26.23 34.49
C THR D 616 -18.56 -27.05 35.04
N LYS D 617 -19.67 -26.37 35.30
CA LYS D 617 -20.95 -27.01 35.62
C LYS D 617 -22.04 -26.21 34.93
N GLY D 618 -22.68 -26.79 33.93
CA GLY D 618 -23.69 -26.06 33.19
C GLY D 618 -23.05 -24.93 32.39
N ASP D 619 -23.65 -23.74 32.48
CA ASP D 619 -23.08 -22.55 31.88
C ASP D 619 -22.21 -21.75 32.84
N PHE D 620 -21.83 -22.35 33.97
CA PHE D 620 -20.97 -21.73 34.97
C PHE D 620 -19.54 -22.25 34.83
N ILE D 621 -18.57 -21.37 35.08
CA ILE D 621 -17.16 -21.71 34.98
C ILE D 621 -16.46 -21.25 36.25
N LEU D 622 -15.62 -22.12 36.80
CA LEU D 622 -14.77 -21.80 37.94
C LEU D 622 -13.33 -21.71 37.47
N VAL D 623 -12.71 -20.55 37.65
CA VAL D 623 -11.36 -20.29 37.17
C VAL D 623 -10.45 -20.17 38.38
N GLY D 624 -9.33 -20.88 38.36
CA GLY D 624 -8.33 -20.81 39.41
C GLY D 624 -7.13 -20.02 38.94
N ASP D 625 -6.71 -19.07 39.78
CA ASP D 625 -5.65 -18.14 39.42
C ASP D 625 -4.44 -18.43 40.28
N LEU D 626 -3.26 -18.03 39.78
CA LEU D 626 -2.04 -18.26 40.55
C LEU D 626 -2.07 -17.51 41.88
N MET D 627 -2.69 -16.33 41.91
CA MET D 627 -2.62 -15.50 43.10
C MET D 627 -3.94 -14.83 43.48
N ARG D 628 -4.98 -14.90 42.66
CA ARG D 628 -6.24 -14.22 42.93
C ARG D 628 -7.35 -15.22 43.24
N SER D 629 -6.98 -16.42 43.69
CA SER D 629 -7.92 -17.42 44.18
C SER D 629 -8.82 -17.94 43.08
N VAL D 630 -10.14 -17.88 43.25
CA VAL D 630 -11.07 -18.49 42.31
C VAL D 630 -12.12 -17.47 41.90
N LEU D 631 -12.52 -17.54 40.63
CA LEU D 631 -13.53 -16.66 40.06
C LEU D 631 -14.64 -17.51 39.45
N LEU D 632 -15.88 -17.17 39.78
CA LEU D 632 -17.04 -17.83 39.20
C LEU D 632 -17.48 -17.05 37.97
N LEU D 633 -17.19 -17.58 36.78
CA LEU D 633 -17.67 -17.00 35.54
C LEU D 633 -18.98 -17.67 35.14
N ALA D 634 -19.73 -16.98 34.29
CA ALA D 634 -20.95 -17.52 33.72
C ALA D 634 -21.00 -17.15 32.24
N TYR D 635 -21.42 -18.11 31.42
CA TYR D 635 -21.64 -17.87 30.00
C TYR D 635 -23.07 -17.40 29.81
N LYS D 636 -23.24 -16.22 29.24
CA LYS D 636 -24.58 -15.72 28.97
C LYS D 636 -24.91 -16.00 27.51
N PRO D 637 -25.66 -17.05 27.20
CA PRO D 637 -25.83 -17.42 25.78
C PRO D 637 -26.55 -16.37 24.96
N MET D 638 -27.45 -15.60 25.56
CA MET D 638 -28.17 -14.60 24.80
C MET D 638 -27.23 -13.57 24.19
N GLU D 639 -26.17 -13.20 24.91
CA GLU D 639 -25.25 -12.18 24.41
C GLU D 639 -23.99 -12.77 23.79
N GLY D 640 -23.68 -14.04 24.07
CA GLY D 640 -22.48 -14.66 23.53
C GLY D 640 -21.20 -14.13 24.13
N ASN D 641 -21.16 -13.94 25.44
CA ASN D 641 -19.98 -13.43 26.13
C ASN D 641 -20.01 -13.94 27.57
N PHE D 642 -18.88 -13.77 28.26
CA PHE D 642 -18.78 -14.18 29.66
C PHE D 642 -19.26 -13.03 30.55
N GLU D 643 -19.74 -13.38 31.74
CA GLU D 643 -20.10 -12.38 32.75
C GLU D 643 -19.49 -12.81 34.08
N GLU D 644 -18.93 -11.85 34.81
CA GLU D 644 -18.33 -12.15 36.11
C GLU D 644 -19.43 -12.21 37.17
N ILE D 645 -19.60 -13.36 37.79
CA ILE D 645 -20.60 -13.50 38.84
C ILE D 645 -20.03 -13.18 40.21
N ALA D 646 -18.90 -13.78 40.57
CA ALA D 646 -18.36 -13.61 41.91
C ALA D 646 -16.89 -14.00 41.95
N ARG D 647 -16.11 -13.26 42.74
CA ARG D 647 -14.69 -13.55 42.93
C ARG D 647 -14.37 -13.71 44.40
N ASP D 648 -13.40 -14.58 44.70
CA ASP D 648 -12.82 -14.66 46.02
C ASP D 648 -11.73 -13.60 46.11
N PHE D 649 -11.99 -12.52 46.84
CA PHE D 649 -10.99 -11.47 46.94
C PHE D 649 -9.82 -11.89 47.83
N ASN D 650 -10.01 -12.86 48.71
CA ASN D 650 -8.90 -13.36 49.50
C ASN D 650 -7.82 -13.93 48.60
N PRO D 651 -6.54 -13.57 48.80
CA PRO D 651 -5.49 -14.03 47.88
C PRO D 651 -4.89 -15.37 48.31
N ASN D 652 -4.95 -16.35 47.41
CA ASN D 652 -4.45 -17.69 47.68
C ASN D 652 -3.69 -18.19 46.47
N TRP D 653 -2.61 -18.94 46.71
CA TRP D 653 -1.89 -19.60 45.63
C TRP D 653 -2.59 -20.93 45.35
N MET D 654 -3.25 -21.04 44.21
CA MET D 654 -4.09 -22.20 43.92
C MET D 654 -3.24 -23.33 43.34
N SER D 655 -3.62 -24.55 43.70
CA SER D 655 -3.03 -25.76 43.14
C SER D 655 -4.03 -26.64 42.42
N ALA D 656 -5.31 -26.54 42.76
CA ALA D 656 -6.38 -27.26 42.09
C ALA D 656 -7.70 -26.70 42.58
N VAL D 657 -8.72 -26.77 41.73
CA VAL D 657 -10.06 -26.30 42.08
C VAL D 657 -11.06 -27.36 41.65
N GLU D 658 -12.27 -27.24 42.20
CA GLU D 658 -13.35 -28.15 41.83
C GLU D 658 -14.68 -27.54 42.23
N ILE D 659 -15.70 -27.85 41.45
CA ILE D 659 -17.06 -27.41 41.71
C ILE D 659 -17.77 -28.53 42.45
N LEU D 660 -18.28 -28.23 43.65
CA LEU D 660 -19.03 -29.20 44.43
C LEU D 660 -20.50 -29.22 44.03
N ASP D 661 -21.11 -28.05 43.90
CA ASP D 661 -22.49 -27.92 43.44
C ASP D 661 -22.67 -26.49 42.93
N ASP D 662 -23.91 -26.14 42.60
CA ASP D 662 -24.15 -24.84 41.98
C ASP D 662 -23.73 -23.67 42.87
N ASP D 663 -23.56 -23.90 44.19
CA ASP D 663 -23.25 -22.83 45.11
C ASP D 663 -21.89 -22.97 45.80
N ASN D 664 -21.36 -24.19 45.93
CA ASN D 664 -20.11 -24.43 46.65
C ASN D 664 -18.97 -24.70 45.68
N PHE D 665 -17.79 -24.15 46.00
CA PHE D 665 -16.60 -24.29 45.18
C PHE D 665 -15.43 -24.67 46.07
N LEU D 666 -14.66 -25.66 45.66
CA LEU D 666 -13.58 -26.23 46.47
C LEU D 666 -12.23 -25.81 45.90
N GLY D 667 -11.29 -25.49 46.79
CA GLY D 667 -9.98 -25.06 46.38
C GLY D 667 -8.89 -25.69 47.24
N ALA D 668 -7.69 -25.75 46.66
CA ALA D 668 -6.51 -26.29 47.33
C ALA D 668 -5.36 -25.29 47.18
N GLU D 669 -4.72 -24.97 48.30
CA GLU D 669 -3.67 -23.95 48.34
C GLU D 669 -2.30 -24.60 48.41
N ASN D 670 -1.28 -23.81 48.06
CA ASN D 670 0.10 -24.28 48.14
C ASN D 670 0.60 -24.39 49.58
N ALA D 671 -0.20 -23.97 50.54
CA ALA D 671 0.13 -24.11 51.96
C ALA D 671 -0.39 -25.39 52.56
N PHE D 672 -0.88 -26.32 51.72
CA PHE D 672 -1.45 -27.59 52.17
C PHE D 672 -2.80 -27.38 52.83
N ASN D 673 -3.57 -26.40 52.36
CA ASN D 673 -4.87 -26.10 52.91
C ASN D 673 -5.96 -26.31 51.86
N LEU D 674 -7.17 -26.53 52.34
CA LEU D 674 -8.36 -26.65 51.49
C LEU D 674 -9.39 -25.64 51.98
N PHE D 675 -10.03 -24.93 51.05
CA PHE D 675 -11.03 -23.95 51.42
C PHE D 675 -12.23 -24.11 50.50
N VAL D 676 -13.41 -23.78 51.03
CA VAL D 676 -14.66 -23.84 50.27
C VAL D 676 -15.32 -22.48 50.37
N CYS D 677 -15.39 -21.77 49.24
CA CYS D 677 -16.09 -20.49 49.17
C CYS D 677 -17.40 -20.70 48.41
N GLN D 678 -18.44 -19.98 48.82
CA GLN D 678 -19.76 -20.11 48.23
C GLN D 678 -20.34 -18.74 47.95
N LYS D 679 -21.28 -18.70 47.00
CA LYS D 679 -22.01 -17.47 46.75
C LYS D 679 -22.75 -17.04 48.02
N ASP D 680 -22.72 -15.73 48.29
CA ASP D 680 -23.22 -15.23 49.57
C ASP D 680 -24.74 -15.29 49.66
N SER D 681 -25.43 -14.87 48.60
CA SER D 681 -26.90 -14.91 48.56
C SER D 681 -27.54 -14.22 49.77
N ALA D 682 -26.84 -13.25 50.37
CA ALA D 682 -27.37 -12.46 51.46
C ALA D 682 -27.28 -10.97 51.17
N ALA D 683 -28.19 -10.20 51.79
CA ALA D 683 -28.26 -8.75 51.68
C ALA D 683 -28.79 -8.22 50.35
N THR D 684 -28.90 -9.08 49.35
CA THR D 684 -29.45 -8.71 48.04
C THR D 684 -28.77 -7.45 47.49
N THR D 685 -27.46 -7.36 47.66
CA THR D 685 -26.66 -6.25 47.13
C THR D 685 -25.76 -6.76 46.02
N ASP D 686 -25.61 -5.97 44.95
CA ASP D 686 -24.74 -6.40 43.85
C ASP D 686 -23.31 -6.58 44.34
N GLU D 687 -22.87 -5.73 45.27
CA GLU D 687 -21.54 -5.87 45.84
C GLU D 687 -21.43 -7.14 46.68
N GLU D 688 -22.47 -7.43 47.47
CA GLU D 688 -22.46 -8.65 48.26
C GLU D 688 -22.52 -9.89 47.37
N ARG D 689 -23.31 -9.84 46.30
CA ARG D 689 -23.43 -10.98 45.40
C ARG D 689 -22.09 -11.31 44.75
N GLN D 690 -21.35 -10.30 44.32
CA GLN D 690 -20.07 -10.55 43.64
C GLN D 690 -18.97 -10.98 44.58
N HIS D 691 -19.20 -11.03 45.89
CA HIS D 691 -18.16 -11.45 46.83
C HIS D 691 -18.37 -12.93 47.16
N LEU D 692 -17.34 -13.73 46.87
CA LEU D 692 -17.32 -15.14 47.25
C LEU D 692 -16.68 -15.23 48.62
N GLN D 693 -17.43 -15.74 49.59
CA GLN D 693 -16.97 -15.81 50.97
C GLN D 693 -16.40 -17.19 51.26
N GLU D 694 -15.16 -17.22 51.73
CA GLU D 694 -14.56 -18.45 52.23
C GLU D 694 -15.30 -18.88 53.49
N VAL D 695 -16.02 -20.00 53.40
CA VAL D 695 -16.80 -20.50 54.52
C VAL D 695 -16.21 -21.76 55.13
N GLY D 696 -15.35 -22.48 54.41
CA GLY D 696 -14.71 -23.66 54.93
C GLY D 696 -13.19 -23.54 54.85
N LEU D 697 -12.51 -23.85 55.96
CA LEU D 697 -11.06 -23.81 56.04
C LEU D 697 -10.57 -25.08 56.72
N PHE D 698 -9.53 -25.70 56.16
CA PHE D 698 -9.05 -26.98 56.66
C PHE D 698 -7.62 -27.20 56.19
N HIS D 699 -6.73 -27.51 57.14
CA HIS D 699 -5.34 -27.82 56.82
C HIS D 699 -5.25 -29.31 56.51
N LEU D 700 -5.04 -29.63 55.23
CA LEU D 700 -5.01 -31.01 54.78
C LEU D 700 -3.71 -31.70 55.16
N GLY D 701 -2.60 -30.98 55.06
CA GLY D 701 -1.29 -31.58 55.28
C GLY D 701 -0.70 -32.20 54.05
N GLU D 702 -1.41 -32.18 52.92
CA GLU D 702 -0.94 -32.75 51.67
C GLU D 702 -1.06 -31.69 50.59
N PHE D 703 -0.33 -31.89 49.50
CA PHE D 703 -0.37 -30.98 48.36
C PHE D 703 -1.26 -31.60 47.29
N VAL D 704 -2.37 -30.95 46.98
CA VAL D 704 -3.36 -31.47 46.04
C VAL D 704 -3.05 -30.97 44.64
N ASN D 705 -2.94 -31.91 43.68
CA ASN D 705 -2.70 -31.55 42.29
C ASN D 705 -3.94 -31.67 41.42
N VAL D 706 -4.82 -32.62 41.71
CA VAL D 706 -5.96 -32.91 40.86
C VAL D 706 -7.18 -33.22 41.72
N PHE D 707 -8.29 -32.53 41.44
CA PHE D 707 -9.60 -32.91 41.95
C PHE D 707 -10.35 -33.66 40.85
N CYS D 708 -11.10 -34.69 41.24
CA CYS D 708 -11.76 -35.58 40.28
C CYS D 708 -13.04 -36.13 40.88
N HIS D 709 -14.17 -35.85 40.24
CA HIS D 709 -15.45 -36.39 40.68
C HIS D 709 -15.50 -37.89 40.43
N GLY D 710 -15.98 -38.64 41.42
CA GLY D 710 -16.08 -40.08 41.28
C GLY D 710 -15.85 -40.76 42.62
N SER D 711 -16.16 -42.05 42.63
CA SER D 711 -15.98 -42.87 43.83
C SER D 711 -15.48 -44.25 43.41
N LEU D 712 -14.57 -44.81 44.21
CA LEU D 712 -14.04 -46.13 43.92
C LEU D 712 -14.94 -47.26 44.44
N VAL D 713 -15.79 -46.98 45.42
CA VAL D 713 -16.71 -47.99 45.95
C VAL D 713 -17.81 -48.29 44.94
N MET D 714 -18.31 -49.51 44.97
CA MET D 714 -19.39 -49.91 44.06
C MET D 714 -20.62 -49.02 44.25
N GLN D 715 -21.18 -48.57 43.13
CA GLN D 715 -22.36 -47.72 43.12
C GLN D 715 -23.52 -48.56 42.60
N ASN D 716 -24.51 -48.78 43.44
CA ASN D 716 -25.68 -49.58 43.08
C ASN D 716 -26.82 -48.66 42.66
N LEU D 717 -27.36 -48.91 41.47
CA LEU D 717 -28.41 -48.05 40.93
C LEU D 717 -29.63 -47.97 41.85
N GLY D 718 -29.70 -48.80 42.88
CA GLY D 718 -30.82 -48.73 43.80
C GLY D 718 -30.55 -47.66 44.84
N GLU D 719 -31.54 -46.83 45.09
CA GLU D 719 -31.33 -45.64 45.91
C GLU D 719 -31.08 -46.01 47.37
N THR D 720 -29.90 -45.66 47.87
CA THR D 720 -29.54 -45.78 49.28
C THR D 720 -29.41 -44.39 49.89
N SER D 721 -30.12 -44.15 50.99
CA SER D 721 -30.03 -42.85 51.66
C SER D 721 -28.70 -42.80 52.41
N THR D 722 -27.64 -42.34 51.73
CA THR D 722 -26.37 -42.19 52.41
C THR D 722 -26.34 -40.87 53.17
N PRO D 723 -25.64 -40.80 54.30
CA PRO D 723 -25.47 -39.49 54.96
C PRO D 723 -24.65 -38.51 54.14
N THR D 724 -23.62 -39.01 53.46
CA THR D 724 -22.76 -38.18 52.64
C THR D 724 -23.41 -37.90 51.28
N GLN D 725 -23.21 -36.69 50.79
CA GLN D 725 -23.69 -36.27 49.48
C GLN D 725 -22.49 -35.80 48.67
N GLY D 726 -22.35 -36.34 47.47
CA GLY D 726 -21.22 -36.00 46.62
C GLY D 726 -20.01 -36.88 46.89
N SER D 727 -19.09 -36.87 45.93
CA SER D 727 -17.85 -37.65 46.05
C SER D 727 -16.80 -37.03 45.14
N VAL D 728 -15.77 -36.43 45.74
CA VAL D 728 -14.65 -35.87 45.01
C VAL D 728 -13.37 -36.54 45.50
N LEU D 729 -12.64 -37.17 44.58
CA LEU D 729 -11.33 -37.72 44.87
C LEU D 729 -10.24 -36.70 44.53
N PHE D 730 -9.12 -36.78 45.25
CA PHE D 730 -7.99 -35.92 44.94
C PHE D 730 -6.69 -36.69 45.15
N GLY D 731 -5.72 -36.41 44.28
CA GLY D 731 -4.40 -37.00 44.36
C GLY D 731 -3.40 -35.96 44.82
N THR D 732 -2.36 -36.41 45.50
CA THR D 732 -1.40 -35.52 46.13
C THR D 732 0.02 -35.89 45.74
N VAL D 733 0.96 -35.04 46.19
CA VAL D 733 2.36 -35.19 45.83
C VAL D 733 2.97 -36.41 46.52
N ASN D 734 2.48 -36.77 47.69
CA ASN D 734 3.00 -37.88 48.45
C ASN D 734 2.27 -39.19 48.18
N GLY D 735 1.46 -39.24 47.12
CA GLY D 735 0.72 -40.43 46.80
C GLY D 735 -0.58 -40.57 47.54
N MET D 736 -0.80 -39.77 48.57
CA MET D 736 -2.04 -39.83 49.32
C MET D 736 -3.23 -39.56 48.39
N ILE D 737 -4.24 -40.42 48.47
CA ILE D 737 -5.51 -40.22 47.77
C ILE D 737 -6.58 -40.00 48.82
N GLY D 738 -7.33 -38.91 48.67
CA GLY D 738 -8.38 -38.54 49.59
C GLY D 738 -9.72 -38.38 48.91
N LEU D 739 -10.73 -38.10 49.73
CA LEU D 739 -12.10 -37.98 49.25
C LEU D 739 -12.79 -36.86 50.01
N VAL D 740 -13.48 -36.00 49.28
CA VAL D 740 -14.25 -34.90 49.85
C VAL D 740 -15.72 -35.13 49.55
N THR D 741 -16.57 -34.93 50.55
CA THR D 741 -18.01 -35.06 50.38
C THR D 741 -18.69 -34.04 51.29
N SER D 742 -19.90 -33.66 50.92
CA SER D 742 -20.66 -32.67 51.66
C SER D 742 -21.59 -33.35 52.68
N LEU D 743 -22.01 -32.56 53.67
CA LEU D 743 -22.87 -33.06 54.74
C LEU D 743 -24.08 -32.15 54.88
N SER D 744 -25.16 -32.71 55.43
CA SER D 744 -26.28 -31.89 55.84
C SER D 744 -25.96 -31.22 57.18
N GLU D 745 -26.63 -30.10 57.46
CA GLU D 745 -26.36 -29.39 58.70
C GLU D 745 -26.53 -30.30 59.90
N SER D 746 -27.55 -31.17 59.87
CA SER D 746 -27.76 -32.10 60.97
C SER D 746 -26.54 -32.99 61.17
N TRP D 747 -25.96 -33.48 60.07
CA TRP D 747 -24.82 -34.40 60.16
C TRP D 747 -23.54 -33.69 60.59
N TYR D 748 -23.31 -32.46 60.14
CA TYR D 748 -22.09 -31.76 60.50
C TYR D 748 -22.01 -31.57 62.01
N ASN D 749 -23.05 -31.02 62.62
CA ASN D 749 -23.04 -30.77 64.05
C ASN D 749 -22.77 -32.05 64.85
N LEU D 750 -23.40 -33.17 64.47
CA LEU D 750 -23.14 -34.41 65.19
C LEU D 750 -21.67 -34.80 65.10
N LEU D 751 -21.12 -34.77 63.88
CA LEU D 751 -19.74 -35.22 63.70
C LEU D 751 -18.76 -34.23 64.32
N LEU D 752 -19.08 -32.94 64.27
CA LEU D 752 -18.23 -31.95 64.92
C LEU D 752 -18.23 -32.15 66.43
N ASP D 753 -19.41 -32.38 67.02
CA ASP D 753 -19.49 -32.64 68.45
C ASP D 753 -18.65 -33.86 68.84
N MET D 754 -18.66 -34.89 68.00
CA MET D 754 -17.87 -36.09 68.32
C MET D 754 -16.37 -35.79 68.28
N GLN D 755 -15.93 -34.96 67.33
CA GLN D 755 -14.52 -34.61 67.26
C GLN D 755 -14.05 -33.99 68.57
N ASN D 756 -14.78 -32.99 69.06
CA ASN D 756 -14.44 -32.40 70.35
C ASN D 756 -14.45 -33.43 71.47
N ARG D 757 -15.32 -34.43 71.37
CA ARG D 757 -15.34 -35.51 72.37
C ARG D 757 -14.18 -36.46 72.18
N LEU D 758 -13.90 -36.84 70.92
CA LEU D 758 -12.81 -37.76 70.64
C LEU D 758 -11.46 -37.17 71.02
N ASN D 759 -11.28 -35.87 70.82
CA ASN D 759 -9.98 -35.25 71.09
C ASN D 759 -9.64 -35.29 72.58
N LYS D 760 -10.66 -35.28 73.45
CA LYS D 760 -10.39 -35.42 74.87
C LYS D 760 -9.98 -36.85 75.22
N VAL D 761 -10.48 -37.83 74.49
CA VAL D 761 -10.26 -39.24 74.81
C VAL D 761 -8.95 -39.77 74.23
N ILE D 762 -8.66 -39.44 72.97
CA ILE D 762 -7.56 -40.07 72.24
C ILE D 762 -6.24 -39.37 72.59
N LYS D 763 -5.21 -40.18 72.86
CA LYS D 763 -3.88 -39.67 73.12
C LYS D 763 -3.13 -39.58 71.79
N SER D 764 -2.62 -38.38 71.47
CA SER D 764 -1.90 -38.18 70.22
C SER D 764 -0.40 -38.33 70.44
N VAL D 765 0.29 -38.81 69.41
CA VAL D 765 1.73 -38.93 69.47
C VAL D 765 2.33 -37.54 69.55
N GLY D 766 3.20 -37.32 70.54
CA GLY D 766 3.75 -36.01 70.79
C GLY D 766 2.79 -35.07 71.51
N LYS D 767 1.59 -35.52 71.83
CA LYS D 767 0.59 -34.70 72.51
C LYS D 767 0.35 -33.40 71.76
N ILE D 768 0.10 -33.53 70.45
CA ILE D 768 -0.22 -32.40 69.58
C ILE D 768 -1.73 -32.20 69.57
N GLU D 769 -2.16 -30.99 69.90
CA GLU D 769 -3.58 -30.66 69.90
C GLU D 769 -4.14 -30.80 68.48
N HIS D 770 -5.21 -31.58 68.34
CA HIS D 770 -5.81 -31.80 67.03
C HIS D 770 -6.31 -30.49 66.42
N SER D 771 -6.98 -29.66 67.22
CA SER D 771 -7.51 -28.41 66.69
C SER D 771 -6.41 -27.58 66.05
N PHE D 772 -5.21 -27.59 66.64
CA PHE D 772 -4.07 -26.87 66.08
C PHE D 772 -3.64 -27.47 64.75
N TRP D 773 -3.53 -28.80 64.69
CA TRP D 773 -3.05 -29.47 63.48
C TRP D 773 -3.91 -29.13 62.27
N ARG D 774 -5.22 -29.25 62.40
CA ARG D 774 -6.10 -29.01 61.26
C ARG D 774 -6.44 -27.53 61.07
N SER D 775 -5.90 -26.64 61.92
CA SER D 775 -6.14 -25.21 61.74
C SER D 775 -5.50 -24.71 60.46
N PHE D 776 -6.25 -23.88 59.72
CA PHE D 776 -5.72 -23.24 58.53
C PHE D 776 -4.42 -22.51 58.85
N HIS D 777 -3.37 -22.79 58.07
CA HIS D 777 -2.06 -22.23 58.35
C HIS D 777 -1.35 -21.83 57.07
N THR D 778 -1.08 -20.53 56.94
CA THR D 778 -0.15 -19.95 56.00
C THR D 778 0.88 -19.18 56.82
N GLU D 779 2.03 -18.88 56.23
CA GLU D 779 3.04 -18.16 57.00
C GLU D 779 2.49 -16.85 57.55
N ARG D 780 1.60 -16.18 56.81
CA ARG D 780 1.07 -14.91 57.28
C ARG D 780 -0.14 -15.07 58.20
N LYS D 781 -1.00 -16.06 57.96
CA LYS D 781 -2.20 -16.21 58.77
C LYS D 781 -2.34 -17.65 59.26
N THR D 782 -2.92 -17.80 60.45
CA THR D 782 -3.28 -19.10 61.01
C THR D 782 -4.67 -18.93 61.58
N GLU D 783 -5.63 -19.71 61.09
CA GLU D 783 -7.02 -19.61 61.46
C GLU D 783 -7.56 -20.97 61.88
N PRO D 784 -8.54 -21.00 62.77
CA PRO D 784 -9.14 -22.29 63.16
C PRO D 784 -9.94 -22.87 62.01
N ALA D 785 -9.92 -24.20 61.91
CA ALA D 785 -10.66 -24.88 60.86
C ALA D 785 -12.16 -24.66 61.04
N THR D 786 -12.89 -24.66 59.92
CA THR D 786 -14.32 -24.46 59.94
C THR D 786 -14.94 -25.13 58.73
N GLY D 787 -16.10 -25.75 58.92
CA GLY D 787 -16.82 -26.36 57.82
C GLY D 787 -16.30 -27.69 57.34
N PHE D 788 -15.35 -28.29 58.04
CA PHE D 788 -14.73 -29.55 57.61
C PHE D 788 -14.70 -30.52 58.77
N ILE D 789 -15.11 -31.76 58.50
CA ILE D 789 -15.05 -32.84 59.48
C ILE D 789 -13.86 -33.72 59.13
N ASP D 790 -12.94 -33.88 60.08
CA ASP D 790 -11.78 -34.74 59.87
C ASP D 790 -12.22 -36.19 59.90
N GLY D 791 -12.59 -36.73 58.73
CA GLY D 791 -13.14 -38.06 58.67
C GLY D 791 -12.19 -39.11 59.21
N ASP D 792 -10.89 -38.87 59.11
CA ASP D 792 -9.94 -39.83 59.66
C ASP D 792 -10.04 -39.88 61.18
N LEU D 793 -10.44 -38.77 61.81
CA LEU D 793 -10.68 -38.77 63.25
C LEU D 793 -11.98 -39.50 63.59
N ILE D 794 -13.05 -39.22 62.85
CA ILE D 794 -14.31 -39.90 63.10
C ILE D 794 -14.14 -41.41 62.97
N GLU D 795 -13.40 -41.85 61.95
CA GLU D 795 -13.23 -43.28 61.70
C GLU D 795 -12.33 -43.96 62.73
N SER D 796 -11.65 -43.20 63.59
CA SER D 796 -10.88 -43.83 64.67
C SER D 796 -11.74 -44.18 65.87
N PHE D 797 -12.98 -43.71 65.92
CA PHE D 797 -13.91 -44.10 66.98
C PHE D 797 -14.08 -45.61 67.03
N LEU D 798 -14.07 -46.26 65.86
CA LEU D 798 -14.25 -47.70 65.80
C LEU D 798 -13.04 -48.49 66.28
N ASP D 799 -11.92 -47.83 66.57
CA ASP D 799 -10.71 -48.51 67.00
C ASP D 799 -10.39 -48.30 68.47
N ILE D 800 -11.05 -47.36 69.14
CA ILE D 800 -10.80 -47.15 70.56
C ILE D 800 -11.56 -48.19 71.36
N SER D 801 -11.08 -48.46 72.56
CA SER D 801 -11.64 -49.53 73.38
C SER D 801 -13.07 -49.20 73.79
N ARG D 802 -13.81 -50.25 74.15
CA ARG D 802 -15.21 -50.08 74.56
C ARG D 802 -15.34 -49.09 75.71
N PRO D 803 -14.50 -49.13 76.75
CA PRO D 803 -14.62 -48.11 77.81
C PRO D 803 -14.53 -46.68 77.28
N LYS D 804 -13.62 -46.43 76.35
CA LYS D 804 -13.48 -45.09 75.80
C LYS D 804 -14.68 -44.70 74.94
N MET D 805 -15.23 -45.65 74.19
CA MET D 805 -16.42 -45.36 73.41
C MET D 805 -17.56 -44.86 74.29
N GLN D 806 -17.77 -45.53 75.43
CA GLN D 806 -18.81 -45.12 76.35
C GLN D 806 -18.52 -43.74 76.94
N GLU D 807 -17.25 -43.44 77.19
CA GLU D 807 -16.87 -42.11 77.66
C GLU D 807 -17.22 -41.04 76.64
N VAL D 808 -17.09 -41.35 75.34
CA VAL D 808 -17.33 -40.36 74.30
C VAL D 808 -18.81 -39.98 74.25
N VAL D 809 -19.70 -40.96 74.37
CA VAL D 809 -21.14 -40.73 74.23
C VAL D 809 -21.79 -40.16 75.48
N ALA D 810 -21.05 -39.98 76.56
CA ALA D 810 -21.66 -39.46 77.79
C ALA D 810 -22.30 -38.10 77.53
N ASN D 811 -23.54 -37.95 78.00
CA ASN D 811 -24.28 -36.70 77.86
C ASN D 811 -24.43 -36.30 76.40
N LEU D 812 -24.54 -37.29 75.52
CA LEU D 812 -24.71 -37.08 74.09
C LEU D 812 -26.12 -37.52 73.72
N GLN D 813 -26.82 -36.69 72.96
CA GLN D 813 -28.18 -36.98 72.54
C GLN D 813 -28.13 -37.29 71.05
N TYR D 814 -28.88 -38.31 70.65
CA TYR D 814 -28.81 -38.84 69.30
C TYR D 814 -30.04 -38.46 68.50
N ASP D 815 -29.86 -38.44 67.18
CA ASP D 815 -30.92 -38.08 66.23
C ASP D 815 -31.34 -39.36 65.52
N ASP D 816 -32.51 -39.88 65.88
CA ASP D 816 -33.02 -41.06 65.22
C ASP D 816 -33.43 -40.79 63.77
N GLY D 817 -33.46 -39.53 63.35
CA GLY D 817 -34.02 -39.18 62.07
C GLY D 817 -35.54 -39.13 62.05
N SER D 818 -36.19 -39.82 62.99
CA SER D 818 -37.64 -39.74 63.17
C SER D 818 -38.02 -38.61 64.12
N GLY D 819 -37.27 -37.51 64.12
CA GLY D 819 -37.56 -36.40 64.98
C GLY D 819 -37.33 -36.66 66.45
N MET D 820 -36.99 -37.89 66.84
CA MET D 820 -36.79 -38.25 68.23
C MET D 820 -35.33 -38.04 68.64
N LYS D 821 -35.13 -37.47 69.83
CA LYS D 821 -33.81 -37.23 70.39
C LYS D 821 -33.70 -38.05 71.68
N ARG D 822 -32.68 -38.91 71.74
CA ARG D 822 -32.47 -39.76 72.90
C ARG D 822 -30.98 -39.82 73.24
N GLU D 823 -30.70 -40.18 74.50
CA GLU D 823 -29.31 -40.35 74.93
C GLU D 823 -28.64 -41.42 74.07
N ALA D 824 -27.46 -41.10 73.57
CA ALA D 824 -26.74 -41.98 72.65
C ALA D 824 -26.02 -43.12 73.36
N THR D 825 -25.93 -44.25 72.66
CA THR D 825 -25.17 -45.41 73.08
C THR D 825 -24.01 -45.64 72.12
N ALA D 826 -23.01 -46.40 72.59
CA ALA D 826 -21.86 -46.71 71.73
C ALA D 826 -22.29 -47.46 70.48
N ASP D 827 -23.37 -48.25 70.57
CA ASP D 827 -23.85 -48.98 69.41
C ASP D 827 -24.45 -48.02 68.37
N ASP D 828 -25.12 -46.96 68.82
CA ASP D 828 -25.71 -46.02 67.87
C ASP D 828 -24.63 -45.35 67.02
N LEU D 829 -23.56 -44.86 67.67
CA LEU D 829 -22.49 -44.20 66.94
C LEU D 829 -21.70 -45.19 66.09
N ILE D 830 -21.50 -46.41 66.60
CA ILE D 830 -20.77 -47.43 65.82
C ILE D 830 -21.47 -47.68 64.49
N LYS D 831 -22.81 -47.67 64.48
CA LYS D 831 -23.51 -47.83 63.21
C LYS D 831 -23.27 -46.63 62.31
N VAL D 832 -23.27 -45.43 62.88
CA VAL D 832 -23.09 -44.22 62.07
C VAL D 832 -21.70 -44.20 61.46
N VAL D 833 -20.66 -44.43 62.27
CA VAL D 833 -19.29 -44.38 61.76
C VAL D 833 -19.07 -45.46 60.71
N GLU D 834 -19.59 -46.66 60.97
CA GLU D 834 -19.45 -47.74 59.99
C GLU D 834 -20.06 -47.34 58.65
N GLU D 835 -21.17 -46.61 58.67
CA GLU D 835 -21.74 -46.11 57.43
C GLU D 835 -20.79 -45.15 56.73
N LEU D 836 -20.06 -44.33 57.49
CA LEU D 836 -19.12 -43.40 56.89
C LEU D 836 -17.93 -44.10 56.27
N THR D 837 -17.53 -45.26 56.80
CA THR D 837 -16.42 -45.99 56.21
C THR D 837 -16.76 -46.63 54.87
N ARG D 838 -18.03 -46.61 54.45
CA ARG D 838 -18.43 -47.25 53.21
C ARG D 838 -18.42 -46.30 52.02
N ILE D 839 -18.03 -45.03 52.21
CA ILE D 839 -17.95 -44.09 51.10
C ILE D 839 -16.63 -44.16 50.35
N HIS D 840 -15.69 -44.98 50.82
CA HIS D 840 -14.38 -45.08 50.20
C HIS D 840 -13.80 -46.48 50.37
N THR E 7 -11.04 19.92 26.76
CA THR E 7 -9.62 19.89 27.10
C THR E 7 -9.34 18.80 28.13
N GLU E 8 -8.07 18.60 28.44
CA GLU E 8 -7.66 17.59 29.40
C GLU E 8 -8.18 17.86 30.81
N SER E 9 -8.60 19.09 31.10
CA SER E 9 -8.93 19.50 32.46
C SER E 9 -10.42 19.42 32.78
N ASP E 10 -11.29 19.29 31.79
CA ASP E 10 -12.74 19.35 32.01
C ASP E 10 -13.25 17.99 32.47
N TRP E 11 -13.02 17.72 33.76
CA TRP E 11 -13.41 16.45 34.36
C TRP E 11 -14.91 16.42 34.65
N GLY E 12 -15.44 15.21 34.82
CA GLY E 12 -16.84 15.02 35.17
C GLY E 12 -17.80 15.03 33.99
N LYS E 13 -17.31 15.31 32.79
CA LYS E 13 -18.14 15.42 31.59
C LYS E 13 -18.09 14.17 30.73
N ARG E 14 -16.88 13.66 30.49
CA ARG E 14 -16.69 12.48 29.65
C ARG E 14 -17.40 11.27 30.26
N CYS E 15 -17.96 10.43 29.40
CA CYS E 15 -18.75 9.28 29.84
C CYS E 15 -17.88 8.06 30.11
N VAL E 16 -18.40 7.16 30.94
CA VAL E 16 -17.70 5.90 31.20
C VAL E 16 -17.78 4.93 30.04
N ASP E 17 -18.63 5.23 29.04
CA ASP E 17 -18.67 4.42 27.83
C ASP E 17 -17.32 4.39 27.13
N LYS E 18 -16.53 5.45 27.29
CA LYS E 18 -15.22 5.51 26.67
C LYS E 18 -14.28 4.44 27.20
N PHE E 19 -14.61 3.85 28.35
CA PHE E 19 -13.80 2.78 28.94
C PHE E 19 -14.55 1.46 28.84
N ASP E 20 -13.83 0.42 28.42
CA ASP E 20 -14.33 -0.95 28.39
C ASP E 20 -13.89 -1.69 29.66
N ILE E 21 -14.85 -2.26 30.39
CA ILE E 21 -14.56 -2.84 31.69
C ILE E 21 -14.05 -4.27 31.52
N ILE E 22 -12.87 -4.54 32.08
CA ILE E 22 -12.27 -5.87 32.04
C ILE E 22 -12.80 -6.71 33.20
N GLY E 23 -12.94 -6.11 34.38
CA GLY E 23 -13.49 -6.81 35.51
C GLY E 23 -13.39 -5.99 36.78
N ILE E 24 -13.88 -6.60 37.86
CA ILE E 24 -13.86 -6.00 39.18
C ILE E 24 -12.59 -6.50 39.87
N ILE E 25 -11.64 -5.59 40.09
CA ILE E 25 -10.37 -5.97 40.71
C ILE E 25 -10.43 -5.84 42.22
N GLY E 26 -11.37 -5.08 42.76
CA GLY E 26 -11.53 -5.00 44.20
C GLY E 26 -12.79 -4.26 44.57
N GLU E 27 -13.09 -4.33 45.87
CA GLU E 27 -14.20 -3.61 46.49
C GLU E 27 -13.65 -2.49 47.36
N GLY E 28 -14.07 -1.25 47.13
CA GLY E 28 -13.60 -0.12 47.91
C GLY E 28 -14.58 0.30 48.98
N THR E 29 -14.26 1.44 49.62
CA THR E 29 -15.10 1.91 50.71
C THR E 29 -16.30 2.68 50.18
N TYR E 30 -16.07 3.58 49.23
CA TYR E 30 -17.19 4.28 48.60
C TYR E 30 -17.73 3.52 47.40
N GLY E 31 -16.95 2.60 46.83
CA GLY E 31 -17.45 1.84 45.70
C GLY E 31 -16.44 0.82 45.23
N GLN E 32 -16.83 0.12 44.18
CA GLN E 32 -16.05 -0.94 43.57
C GLN E 32 -14.99 -0.38 42.64
N VAL E 33 -13.87 -1.11 42.54
CA VAL E 33 -12.75 -0.73 41.68
C VAL E 33 -12.72 -1.72 40.52
N TYR E 34 -12.67 -1.21 39.30
CA TYR E 34 -12.72 -2.02 38.09
C TYR E 34 -11.43 -1.84 37.30
N LYS E 35 -10.99 -2.91 36.63
CA LYS E 35 -9.93 -2.80 35.64
C LYS E 35 -10.58 -2.55 34.29
N ALA E 36 -10.12 -1.54 33.58
CA ALA E 36 -10.72 -1.13 32.32
C ALA E 36 -9.64 -0.69 31.35
N LYS E 37 -9.99 -0.66 30.07
CA LYS E 37 -9.09 -0.18 29.04
C LYS E 37 -9.77 0.96 28.29
N ASP E 38 -9.04 2.05 28.09
CA ASP E 38 -9.55 3.15 27.28
C ASP E 38 -9.69 2.69 25.84
N LYS E 39 -10.88 2.89 25.26
CA LYS E 39 -11.09 2.44 23.89
C LYS E 39 -10.20 3.22 22.93
N ASP E 40 -9.99 4.51 23.20
CA ASP E 40 -9.24 5.37 22.29
C ASP E 40 -7.74 5.13 22.39
N THR E 41 -7.21 4.98 23.60
CA THR E 41 -5.77 4.87 23.78
C THR E 41 -5.29 3.44 23.97
N GLY E 42 -6.15 2.55 24.45
CA GLY E 42 -5.72 1.19 24.70
C GLY E 42 -4.98 1.02 26.00
N GLU E 43 -5.04 2.02 26.86
CA GLU E 43 -4.35 2.02 28.14
C GLU E 43 -5.17 1.36 29.22
N LEU E 44 -4.53 0.55 30.05
CA LEU E 44 -5.21 -0.06 31.18
C LEU E 44 -5.37 0.97 32.29
N VAL E 45 -6.55 0.96 32.92
CA VAL E 45 -6.92 1.92 33.94
C VAL E 45 -7.60 1.18 35.08
N ALA E 46 -7.68 1.85 36.23
CA ALA E 46 -8.46 1.37 37.37
C ALA E 46 -9.55 2.39 37.62
N LEU E 47 -10.81 1.94 37.56
CA LEU E 47 -11.96 2.82 37.71
C LEU E 47 -12.56 2.60 39.10
N LYS E 48 -12.63 3.66 39.89
CA LYS E 48 -13.21 3.62 41.23
C LYS E 48 -14.59 4.27 41.17
N LYS E 49 -15.61 3.51 41.56
CA LYS E 49 -16.98 3.94 41.39
C LYS E 49 -17.44 4.65 42.66
N VAL E 50 -17.99 5.85 42.50
CA VAL E 50 -18.49 6.66 43.61
C VAL E 50 -19.99 6.80 43.41
N ARG E 51 -20.77 6.26 44.32
CA ARG E 51 -22.22 6.20 44.20
C ARG E 51 -22.86 7.33 45.01
N LEU E 52 -23.63 8.19 44.34
CA LEU E 52 -24.45 9.18 45.01
C LEU E 52 -25.90 8.72 45.20
N ASP E 53 -26.24 7.51 44.77
CA ASP E 53 -27.62 7.06 44.87
C ASP E 53 -28.10 7.00 46.32
N ASN E 54 -27.20 6.73 47.27
CA ASN E 54 -27.60 6.71 48.67
C ASN E 54 -28.22 8.04 49.08
N GLU E 55 -27.63 9.15 48.65
CA GLU E 55 -28.16 10.49 48.90
C GLU E 55 -28.38 10.71 50.40
N LYS E 56 -27.65 9.98 51.24
CA LYS E 56 -27.69 10.25 52.67
C LYS E 56 -27.07 11.61 52.96
N GLU E 57 -25.83 11.82 52.48
CA GLU E 57 -25.17 13.12 52.54
C GLU E 57 -24.58 13.50 51.19
N GLY E 58 -25.09 12.92 50.10
CA GLY E 58 -24.60 13.26 48.78
C GLY E 58 -23.28 12.59 48.46
N PHE E 59 -22.46 13.30 47.70
CA PHE E 59 -21.16 12.77 47.29
C PHE E 59 -20.34 12.40 48.53
N PRO E 60 -19.80 11.17 48.60
CA PRO E 60 -19.09 10.77 49.82
C PRO E 60 -17.91 11.68 50.09
N ILE E 61 -17.77 12.08 51.35
CA ILE E 61 -16.64 12.93 51.74
C ILE E 61 -15.32 12.19 51.53
N THR E 62 -15.33 10.86 51.67
CA THR E 62 -14.11 10.08 51.42
C THR E 62 -13.60 10.31 50.01
N ALA E 63 -14.50 10.30 49.02
CA ALA E 63 -14.08 10.58 47.65
C ALA E 63 -13.66 12.04 47.49
N ILE E 64 -14.37 12.96 48.16
CA ILE E 64 -14.00 14.37 48.05
C ILE E 64 -12.56 14.56 48.50
N ARG E 65 -12.17 13.94 49.60
CA ARG E 65 -10.80 14.07 50.08
C ARG E 65 -9.81 13.56 49.04
N GLU E 66 -10.06 12.36 48.50
CA GLU E 66 -9.13 11.77 47.55
C GLU E 66 -9.03 12.61 46.28
N ILE E 67 -10.15 13.16 45.81
CA ILE E 67 -10.10 13.99 44.61
C ILE E 67 -9.30 15.26 44.87
N LYS E 68 -9.57 15.91 46.00
CA LYS E 68 -8.87 17.13 46.35
C LYS E 68 -7.38 16.88 46.54
N ILE E 69 -7.03 15.81 47.26
CA ILE E 69 -5.63 15.61 47.63
C ILE E 69 -4.84 15.10 46.43
N LEU E 70 -5.41 14.18 45.66
CA LEU E 70 -4.67 13.57 44.57
C LEU E 70 -4.47 14.52 43.39
N ARG E 71 -5.32 15.52 43.21
CA ARG E 71 -5.06 16.53 42.19
C ARG E 71 -4.08 17.59 42.64
N GLN E 72 -3.77 17.62 43.95
CA GLN E 72 -2.74 18.50 44.48
C GLN E 72 -1.36 17.84 44.48
N LEU E 73 -1.31 16.53 44.73
CA LEU E 73 -0.05 15.81 44.89
C LEU E 73 0.34 15.14 43.58
N ILE E 74 1.55 15.44 43.11
CA ILE E 74 2.12 14.83 41.90
C ILE E 74 3.50 14.29 42.28
N HIS E 75 3.60 12.97 42.41
CA HIS E 75 4.87 12.34 42.75
C HIS E 75 4.91 10.95 42.13
N ARG E 76 6.10 10.50 41.76
CA ARG E 76 6.22 9.20 41.12
C ARG E 76 5.70 8.09 42.03
N SER E 77 5.83 8.26 43.34
CA SER E 77 5.39 7.27 44.31
C SER E 77 3.99 7.56 44.83
N VAL E 78 3.21 8.35 44.10
CA VAL E 78 1.84 8.66 44.44
C VAL E 78 0.97 8.38 43.24
N VAL E 79 -0.13 7.66 43.47
CA VAL E 79 -1.02 7.27 42.38
C VAL E 79 -1.59 8.52 41.72
N ASN E 80 -1.69 8.50 40.40
CA ASN E 80 -2.19 9.63 39.64
C ASN E 80 -3.66 9.39 39.31
N MET E 81 -4.52 10.33 39.68
CA MET E 81 -5.91 10.29 39.25
C MET E 81 -5.94 10.89 37.84
N LYS E 82 -6.27 10.08 36.84
CA LYS E 82 -6.19 10.58 35.48
C LYS E 82 -7.36 11.52 35.20
N GLU E 83 -8.57 11.12 35.60
CA GLU E 83 -9.76 11.91 35.34
C GLU E 83 -10.94 11.31 36.11
N ILE E 84 -12.10 11.95 35.96
CA ILE E 84 -13.35 11.49 36.55
C ILE E 84 -14.39 11.43 35.43
N VAL E 85 -15.09 10.29 35.32
CA VAL E 85 -16.09 10.08 34.29
C VAL E 85 -17.38 9.63 34.94
N THR E 86 -18.48 9.73 34.17
CA THR E 86 -19.83 9.52 34.69
C THR E 86 -20.59 8.53 33.81
N ASP E 87 -21.62 7.93 34.40
CA ASP E 87 -22.56 7.11 33.65
C ASP E 87 -23.33 7.99 32.66
N LYS E 88 -23.77 7.39 31.55
CA LYS E 88 -24.48 8.19 30.56
C LYS E 88 -25.71 8.85 31.19
N GLN E 89 -25.68 10.18 31.29
CA GLN E 89 -26.77 10.96 31.86
C GLN E 89 -27.81 11.24 30.76
N ASP E 90 -28.53 10.17 30.39
CA ASP E 90 -29.50 10.27 29.29
C ASP E 90 -30.73 11.09 29.66
N ALA E 91 -31.07 11.19 30.93
CA ALA E 91 -32.29 11.88 31.33
C ALA E 91 -32.10 13.39 31.21
N LEU E 92 -33.05 14.06 30.55
CA LEU E 92 -32.92 15.48 30.31
C LEU E 92 -32.88 16.29 31.60
N ASP E 93 -33.64 15.89 32.60
CA ASP E 93 -33.74 16.64 33.86
C ASP E 93 -32.68 16.12 34.83
N PHE E 94 -31.83 17.01 35.32
CA PHE E 94 -30.85 16.64 36.32
C PHE E 94 -31.51 16.06 37.57
N LYS E 95 -32.72 16.50 37.90
CA LYS E 95 -33.42 15.91 39.04
C LYS E 95 -33.56 14.41 38.84
N LYS E 96 -33.84 13.99 37.60
CA LYS E 96 -34.01 12.58 37.28
C LYS E 96 -32.70 11.80 37.44
N ASP E 97 -31.57 12.42 37.13
CA ASP E 97 -30.30 11.70 37.07
C ASP E 97 -29.95 11.07 38.41
N LYS E 98 -29.68 9.76 38.37
CA LYS E 98 -29.18 9.02 39.52
C LYS E 98 -27.89 8.26 39.18
N GLY E 99 -27.26 8.60 38.06
CA GLY E 99 -26.06 7.88 37.67
C GLY E 99 -24.87 8.26 38.54
N ALA E 100 -23.93 7.35 38.64
CA ALA E 100 -22.77 7.53 39.52
C ALA E 100 -21.53 7.91 38.70
N PHE E 101 -20.58 8.55 39.40
CA PHE E 101 -19.30 8.93 38.81
C PHE E 101 -18.25 7.86 39.11
N TYR E 102 -17.27 7.75 38.22
CA TYR E 102 -16.16 6.80 38.37
C TYR E 102 -14.86 7.58 38.33
N LEU E 103 -13.96 7.29 39.27
CA LEU E 103 -12.66 7.94 39.33
C LEU E 103 -11.64 7.10 38.58
N VAL E 104 -10.97 7.70 37.59
CA VAL E 104 -10.05 6.99 36.70
C VAL E 104 -8.63 7.12 37.24
N PHE E 105 -7.89 6.02 37.17
CA PHE E 105 -6.55 5.89 37.71
C PHE E 105 -5.70 5.08 36.75
N GLU E 106 -4.40 5.05 37.01
CA GLU E 106 -3.49 4.16 36.30
C GLU E 106 -3.55 2.79 36.95
N TYR E 107 -3.57 1.75 36.13
CA TYR E 107 -3.58 0.38 36.66
C TYR E 107 -2.17 -0.01 37.05
N MET E 108 -2.02 -0.51 38.28
CA MET E 108 -0.76 -1.05 38.78
C MET E 108 -0.88 -2.57 38.81
N ASP E 109 0.18 -3.26 38.34
CA ASP E 109 0.07 -4.69 38.11
C ASP E 109 -0.32 -5.45 39.38
N HIS E 110 0.17 -5.01 40.54
CA HIS E 110 -0.04 -5.76 41.77
C HIS E 110 -0.20 -4.83 42.96
N ASP E 111 -0.56 -5.42 44.09
CA ASP E 111 -0.48 -4.79 45.40
C ASP E 111 0.31 -5.69 46.32
N LEU E 112 1.02 -5.09 47.28
CA LEU E 112 1.98 -5.85 48.07
C LEU E 112 1.29 -6.96 48.87
N MET E 113 0.08 -6.69 49.38
CA MET E 113 -0.62 -7.69 50.18
C MET E 113 -0.94 -8.94 49.37
N GLY E 114 -1.29 -8.78 48.09
CA GLY E 114 -1.60 -9.93 47.27
C GLY E 114 -0.38 -10.81 47.06
N LEU E 115 0.78 -10.18 46.93
CA LEU E 115 2.02 -10.92 46.69
C LEU E 115 2.48 -11.66 47.95
N LEU E 116 2.52 -10.96 49.09
CA LEU E 116 2.99 -11.58 50.32
C LEU E 116 2.07 -12.71 50.77
N GLU E 117 0.75 -12.52 50.65
CA GLU E 117 -0.18 -13.55 51.10
C GLU E 117 -0.05 -14.82 50.28
N SER E 118 0.13 -14.67 48.97
CA SER E 118 0.35 -15.83 48.12
C SER E 118 1.72 -16.47 48.36
N GLY E 119 2.63 -15.77 49.04
CA GLY E 119 3.95 -16.30 49.24
C GLY E 119 4.79 -16.32 47.98
N LEU E 120 4.22 -15.79 46.90
CA LEU E 120 4.83 -15.75 45.57
C LEU E 120 5.82 -14.61 45.38
N VAL E 121 6.49 -14.14 46.43
CA VAL E 121 7.44 -13.04 46.27
C VAL E 121 8.61 -13.24 47.23
N HIS E 122 9.81 -13.02 46.72
CA HIS E 122 11.04 -13.05 47.50
C HIS E 122 11.74 -11.71 47.38
N PHE E 123 12.01 -11.06 48.51
CA PHE E 123 12.59 -9.72 48.53
C PHE E 123 14.02 -9.80 49.03
N SER E 124 14.96 -9.48 48.15
CA SER E 124 16.37 -9.36 48.52
C SER E 124 16.61 -8.00 49.17
N GLU E 125 17.77 -7.84 49.81
CA GLU E 125 18.07 -6.58 50.46
C GLU E 125 17.92 -5.42 49.48
N ASP E 126 18.49 -5.57 48.27
CA ASP E 126 18.42 -4.48 47.29
C ASP E 126 16.98 -4.19 46.89
N HIS E 127 16.15 -5.22 46.77
CA HIS E 127 14.75 -4.98 46.43
C HIS E 127 14.06 -4.19 47.54
N ILE E 128 14.38 -4.51 48.79
CA ILE E 128 13.77 -3.80 49.91
C ILE E 128 14.26 -2.35 49.93
N LYS E 129 15.51 -2.11 49.54
CA LYS E 129 16.02 -0.75 49.47
C LYS E 129 15.24 0.05 48.43
N SER E 130 15.07 -0.52 47.23
CA SER E 130 14.32 0.18 46.19
C SER E 130 12.90 0.43 46.64
N PHE E 131 12.28 -0.55 47.29
CA PHE E 131 10.89 -0.41 47.72
C PHE E 131 10.75 0.70 48.75
N MET E 132 11.46 0.57 49.88
CA MET E 132 11.27 1.52 50.97
C MET E 132 11.62 2.94 50.57
N LYS E 133 12.68 3.11 49.77
CA LYS E 133 13.06 4.47 49.39
C LYS E 133 11.94 5.16 48.63
N GLN E 134 11.29 4.44 47.71
CA GLN E 134 10.19 5.03 46.97
C GLN E 134 9.05 5.38 47.91
N LEU E 135 8.68 4.45 48.80
CA LEU E 135 7.58 4.69 49.72
C LEU E 135 7.86 5.89 50.62
N MET E 136 9.07 5.94 51.19
CA MET E 136 9.42 7.04 52.08
C MET E 136 9.51 8.36 51.30
N GLU E 137 9.98 8.31 50.05
CA GLU E 137 9.97 9.51 49.22
C GLU E 137 8.56 10.00 48.99
N GLY E 138 7.62 9.10 48.72
CA GLY E 138 6.24 9.50 48.60
C GLY E 138 5.70 10.08 49.90
N LEU E 139 6.00 9.43 51.02
CA LEU E 139 5.53 9.93 52.31
C LEU E 139 6.13 11.29 52.63
N GLU E 140 7.41 11.49 52.33
CA GLU E 140 8.02 12.78 52.57
C GLU E 140 7.34 13.85 51.72
N TYR E 141 7.04 13.55 50.45
CA TYR E 141 6.33 14.50 49.61
C TYR E 141 4.98 14.86 50.21
N CYS E 142 4.23 13.84 50.64
CA CYS E 142 2.92 14.10 51.24
C CYS E 142 3.05 14.85 52.54
N HIS E 143 4.04 14.48 53.37
CA HIS E 143 4.19 15.15 54.66
C HIS E 143 4.67 16.59 54.52
N LYS E 144 5.50 16.90 53.53
CA LYS E 144 5.90 18.28 53.33
C LYS E 144 4.73 19.14 52.90
N LYS E 145 3.79 18.56 52.15
CA LYS E 145 2.54 19.24 51.80
C LYS E 145 1.55 19.22 52.95
N ASN E 146 1.94 18.66 54.10
CA ASN E 146 1.15 18.67 55.34
C ASN E 146 -0.10 17.80 55.22
N PHE E 147 0.01 16.68 54.50
CA PHE E 147 -1.08 15.71 54.40
C PHE E 147 -0.65 14.43 55.10
N LEU E 148 -1.58 13.82 55.84
CA LEU E 148 -1.37 12.55 56.50
C LEU E 148 -2.24 11.48 55.85
N HIS E 149 -1.63 10.35 55.48
CA HIS E 149 -2.37 9.28 54.83
C HIS E 149 -3.35 8.64 55.80
N ARG E 150 -2.88 8.26 56.98
CA ARG E 150 -3.69 7.77 58.10
C ARG E 150 -4.26 6.37 57.88
N ASP E 151 -3.97 5.73 56.75
CA ASP E 151 -4.40 4.35 56.53
C ASP E 151 -3.33 3.59 55.74
N ILE E 152 -2.10 3.61 56.23
CA ILE E 152 -1.00 2.94 55.53
C ILE E 152 -1.06 1.47 55.87
N LYS E 153 -1.22 0.64 54.84
CA LYS E 153 -1.31 -0.81 54.99
C LYS E 153 -0.81 -1.42 53.68
N CYS E 154 -0.32 -2.66 53.77
CA CYS E 154 0.27 -3.31 52.61
C CYS E 154 -0.64 -3.30 51.38
N SER E 155 -1.97 -3.30 51.60
CA SER E 155 -2.90 -3.29 50.48
C SER E 155 -2.88 -1.96 49.73
N ASN E 156 -2.52 -0.87 50.41
CA ASN E 156 -2.55 0.45 49.80
C ASN E 156 -1.22 0.87 49.20
N ILE E 157 -0.26 -0.06 49.14
CA ILE E 157 0.98 0.13 48.39
C ILE E 157 0.86 -0.72 47.14
N LEU E 158 0.69 -0.09 46.00
CA LEU E 158 0.60 -0.81 44.73
C LEU E 158 1.99 -0.92 44.12
N LEU E 159 2.27 -2.08 43.55
CA LEU E 159 3.58 -2.40 42.99
C LEU E 159 3.35 -2.96 41.60
N ASN E 160 3.86 -2.28 40.58
CA ASN E 160 3.84 -2.83 39.22
C ASN E 160 5.15 -3.57 38.94
N ASN E 161 5.12 -4.42 37.91
CA ASN E 161 6.22 -5.34 37.67
C ASN E 161 7.55 -4.65 37.41
N SER E 162 7.55 -3.38 37.01
CA SER E 162 8.82 -2.69 36.79
C SER E 162 9.55 -2.36 38.09
N GLY E 163 8.92 -2.54 39.25
CA GLY E 163 9.50 -2.18 40.52
C GLY E 163 9.08 -0.83 41.05
N GLN E 164 8.22 -0.12 40.34
CA GLN E 164 7.73 1.16 40.82
C GLN E 164 6.73 0.94 41.95
N ILE E 165 6.84 1.77 42.98
CA ILE E 165 5.96 1.72 44.14
C ILE E 165 5.09 2.96 44.10
N LYS E 166 3.81 2.80 44.44
CA LYS E 166 2.91 3.94 44.48
C LYS E 166 1.94 3.79 45.65
N LEU E 167 1.78 4.87 46.42
CA LEU E 167 0.83 4.91 47.50
C LEU E 167 -0.57 5.24 46.99
N ALA E 168 -1.59 4.61 47.60
CA ALA E 168 -2.95 4.72 47.10
C ALA E 168 -3.93 4.86 48.27
N ASP E 169 -5.22 4.92 47.91
CA ASP E 169 -6.34 5.19 48.80
C ASP E 169 -5.98 6.29 49.79
N PHE E 170 -6.17 7.54 49.37
CA PHE E 170 -5.95 8.71 50.21
C PHE E 170 -7.27 9.25 50.73
N GLY E 171 -8.26 8.37 50.91
CA GLY E 171 -9.59 8.80 51.29
C GLY E 171 -9.69 9.30 52.71
N LEU E 172 -8.87 8.77 53.61
CA LEU E 172 -8.86 9.18 55.00
C LEU E 172 -7.82 10.25 55.27
N ALA E 173 -7.13 10.73 54.24
CA ALA E 173 -6.05 11.70 54.42
C ALA E 173 -6.60 13.07 54.79
N ARG E 174 -5.86 13.77 55.66
CA ARG E 174 -6.26 15.08 56.16
C ARG E 174 -5.04 15.99 56.29
N LEU E 175 -5.30 17.30 56.23
CA LEU E 175 -4.24 18.30 56.37
C LEU E 175 -3.90 18.46 57.86
N TYR E 176 -2.61 18.64 58.16
CA TYR E 176 -2.14 18.74 59.53
C TYR E 176 -1.55 20.12 59.78
N ASN E 177 -2.07 20.81 60.79
CA ASN E 177 -1.51 22.08 61.25
C ASN E 177 -1.06 21.92 62.69
N SER E 178 0.22 22.16 62.95
CA SER E 178 0.70 22.10 64.33
C SER E 178 0.04 23.17 65.17
N GLU E 179 -0.07 24.39 64.64
CA GLU E 179 -0.82 25.45 65.30
C GLU E 179 -2.32 25.19 65.14
N GLU E 180 -3.12 25.77 66.02
CA GLU E 180 -4.58 25.63 65.95
C GLU E 180 -4.94 24.15 65.79
N SER E 181 -4.46 23.36 66.76
CA SER E 181 -4.73 21.94 66.76
C SER E 181 -6.20 21.64 66.98
N ARG E 182 -6.75 20.74 66.18
CA ARG E 182 -8.13 20.29 66.26
C ARG E 182 -8.17 18.77 66.28
N PRO E 183 -9.13 18.17 66.99
CA PRO E 183 -9.21 16.71 67.06
C PRO E 183 -9.50 16.10 65.69
N TYR E 184 -8.76 15.04 65.37
CA TYR E 184 -8.87 14.34 64.11
C TYR E 184 -9.53 13.01 64.45
N ASN E 186 -9.88 9.74 65.65
CA ASN E 186 -8.93 8.95 66.43
C ASN E 186 -9.01 7.49 65.99
N LYS E 187 -7.92 6.75 66.21
CA LYS E 187 -7.80 5.37 65.74
C LYS E 187 -8.26 5.25 64.29
N VAL E 188 -7.42 5.69 63.37
CA VAL E 188 -7.68 5.65 61.95
C VAL E 188 -6.98 4.48 61.28
N ILE E 189 -5.73 4.19 61.65
CA ILE E 189 -4.97 3.19 60.93
C ILE E 189 -5.45 1.81 61.36
N THR E 190 -5.30 0.83 60.46
CA THR E 190 -5.71 -0.54 60.78
C THR E 190 -4.88 -1.08 61.94
N LEU E 191 -5.52 -1.93 62.75
CA LEU E 191 -4.91 -2.33 64.02
C LEU E 191 -3.51 -2.90 63.85
N TRP E 192 -3.29 -3.72 62.82
CA TRP E 192 -1.99 -4.37 62.71
C TRP E 192 -0.88 -3.35 62.44
N TYR E 193 -1.20 -2.23 61.81
CA TYR E 193 -0.21 -1.21 61.49
C TYR E 193 -0.44 0.10 62.26
N ARG E 194 -1.21 0.06 63.35
CA ARG E 194 -1.55 1.26 64.11
C ARG E 194 -0.46 1.58 65.13
N PRO E 195 -0.10 2.86 65.31
CA PRO E 195 0.96 3.23 66.27
C PRO E 195 0.44 3.22 67.70
N PRO E 196 1.33 3.15 68.70
CA PRO E 196 0.85 3.08 70.09
C PRO E 196 0.13 4.32 70.57
N GLU E 197 0.47 5.52 70.06
CA GLU E 197 -0.20 6.72 70.54
C GLU E 197 -1.69 6.67 70.21
N LEU E 198 -2.04 6.13 69.04
CA LEU E 198 -3.47 6.02 68.71
C LEU E 198 -4.16 4.96 69.55
N LEU E 199 -3.45 3.90 69.92
CA LEU E 199 -4.02 2.90 70.82
C LEU E 199 -4.34 3.50 72.17
N LEU E 200 -3.48 4.38 72.66
CA LEU E 200 -3.66 5.06 73.94
C LEU E 200 -4.52 6.31 73.80
N GLY E 201 -5.12 6.52 72.62
CA GLY E 201 -6.15 7.54 72.45
C GLY E 201 -5.66 8.96 72.22
N GLU E 202 -4.62 9.14 71.42
CA GLU E 202 -4.12 10.46 71.03
C GLU E 202 -5.13 11.10 70.06
N GLU E 203 -5.92 12.05 70.54
CA GLU E 203 -6.90 12.68 69.64
C GLU E 203 -6.26 13.62 68.62
N ARG E 204 -5.13 14.23 68.95
CA ARG E 204 -4.41 15.15 68.06
C ARG E 204 -3.02 14.56 67.82
N TYR E 205 -2.83 13.90 66.68
CA TYR E 205 -1.61 13.15 66.42
C TYR E 205 -0.72 13.83 65.39
N THR E 206 0.55 13.41 65.37
CA THR E 206 1.56 13.92 64.44
C THR E 206 1.58 13.08 63.18
N PRO E 207 2.26 13.53 62.13
CA PRO E 207 2.44 12.68 60.94
C PRO E 207 3.20 11.40 61.21
N ALA E 208 3.87 11.31 62.36
CA ALA E 208 4.66 10.11 62.68
C ALA E 208 3.80 8.85 62.75
N ILE E 209 2.48 8.99 62.79
CA ILE E 209 1.63 7.80 62.74
C ILE E 209 1.89 7.03 61.45
N ASP E 210 2.05 7.75 60.33
CA ASP E 210 2.31 7.09 59.06
C ASP E 210 3.69 6.44 59.05
N VAL E 211 4.67 7.08 59.68
CA VAL E 211 6.02 6.50 59.73
C VAL E 211 5.98 5.15 60.44
N TRP E 212 5.29 5.09 61.58
CA TRP E 212 5.18 3.82 62.30
C TRP E 212 4.66 2.73 61.38
N SER E 213 3.61 3.04 60.61
CA SER E 213 3.06 2.06 59.69
C SER E 213 4.12 1.57 58.71
N CYS E 214 4.84 2.50 58.09
CA CYS E 214 5.87 2.11 57.13
C CYS E 214 6.96 1.30 57.81
N GLY E 215 7.18 1.52 59.11
CA GLY E 215 8.14 0.70 59.83
C GLY E 215 7.68 -0.75 59.96
N CYS E 216 6.42 -0.95 60.31
CA CYS E 216 5.86 -2.30 60.33
C CYS E 216 6.00 -2.98 58.98
N ILE E 217 5.84 -2.21 57.90
CA ILE E 217 5.98 -2.78 56.56
C ILE E 217 7.42 -3.19 56.31
N LEU E 218 8.37 -2.37 56.78
CA LEU E 218 9.78 -2.70 56.58
C LEU E 218 10.13 -4.05 57.22
N GLY E 219 9.73 -4.24 58.48
CA GLY E 219 10.01 -5.50 59.14
C GLY E 219 9.29 -6.66 58.48
N GLU E 220 8.09 -6.39 57.96
CA GLU E 220 7.31 -7.44 57.31
C GLU E 220 7.97 -7.87 56.01
N LEU E 221 8.75 -6.98 55.38
CA LEU E 221 9.46 -7.34 54.15
C LEU E 221 10.63 -8.27 54.42
N PHE E 222 11.30 -8.12 55.55
CA PHE E 222 12.39 -9.02 55.91
C PHE E 222 11.87 -10.35 56.45
N THR E 223 10.85 -10.31 57.32
CA THR E 223 10.35 -11.55 57.92
C THR E 223 9.31 -12.24 57.06
N LYS E 224 8.68 -11.52 56.13
CA LYS E 224 7.63 -12.04 55.27
C LYS E 224 6.35 -12.34 56.04
N LYS E 225 6.23 -11.84 57.27
CA LYS E 225 5.09 -12.05 58.15
C LYS E 225 4.84 -10.72 58.84
N PRO E 226 3.59 -10.27 58.96
CA PRO E 226 3.33 -9.02 59.69
C PRO E 226 3.93 -9.07 61.09
N ILE E 227 4.46 -7.93 61.55
CA ILE E 227 5.17 -7.92 62.82
C ILE E 227 4.17 -8.08 63.98
N PHE E 228 3.06 -7.34 63.94
CA PHE E 228 2.07 -7.33 65.02
C PHE E 228 0.71 -7.77 64.47
N GLN E 229 0.29 -8.98 64.80
CA GLN E 229 -1.02 -9.49 64.37
C GLN E 229 -1.89 -9.68 65.61
N ALA E 230 -3.00 -8.95 65.70
CA ALA E 230 -3.90 -9.09 66.83
C ALA E 230 -5.32 -8.74 66.42
N ASN E 231 -6.29 -9.19 67.22
CA ASN E 231 -7.69 -8.90 66.94
C ASN E 231 -8.27 -7.82 67.87
N LEU E 232 -7.55 -7.47 68.94
CA LEU E 232 -8.01 -6.46 69.90
C LEU E 232 -6.92 -5.43 70.19
N GLU E 233 -7.38 -4.20 70.49
CA GLU E 233 -6.43 -3.11 70.69
C GLU E 233 -5.48 -3.39 71.83
N LEU E 234 -5.98 -3.96 72.93
CA LEU E 234 -5.10 -4.25 74.06
C LEU E 234 -4.06 -5.30 73.69
N ALA E 235 -4.48 -6.33 72.94
CA ALA E 235 -3.52 -7.35 72.51
C ALA E 235 -2.45 -6.75 71.60
N GLN E 236 -2.84 -5.82 70.72
CA GLN E 236 -1.87 -5.15 69.87
C GLN E 236 -0.88 -4.36 70.71
N LEU E 237 -1.39 -3.60 71.70
CA LEU E 237 -0.51 -2.88 72.60
C LEU E 237 0.44 -3.83 73.32
N GLU E 238 -0.06 -5.01 73.69
CA GLU E 238 0.78 -6.00 74.35
C GLU E 238 1.90 -6.48 73.43
N LEU E 239 1.56 -6.78 72.17
CA LEU E 239 2.58 -7.22 71.23
C LEU E 239 3.63 -6.14 71.02
N ILE E 240 3.19 -4.89 70.84
CA ILE E 240 4.14 -3.79 70.69
C ILE E 240 5.03 -3.69 71.91
N SER E 241 4.46 -3.81 73.11
CA SER E 241 5.25 -3.68 74.33
C SER E 241 6.31 -4.77 74.42
N ARG E 242 5.97 -5.99 74.03
CA ARG E 242 6.93 -7.09 74.12
C ARG E 242 8.17 -6.81 73.28
N LEU E 243 7.98 -6.20 72.10
CA LEU E 243 9.08 -5.95 71.18
C LEU E 243 9.75 -4.60 71.42
N CYS E 244 8.96 -3.54 71.50
CA CYS E 244 9.50 -2.19 71.60
C CYS E 244 9.68 -1.70 73.04
N GLY E 245 9.17 -2.43 74.02
CA GLY E 245 9.16 -1.97 75.39
C GLY E 245 7.83 -1.34 75.76
N SER E 246 7.48 -1.44 77.03
CA SER E 246 6.19 -0.94 77.46
C SER E 246 6.18 0.59 77.44
N PRO E 247 5.11 1.21 76.96
CA PRO E 247 5.02 2.68 77.06
C PRO E 247 5.10 3.11 78.52
N CYS E 248 6.05 4.00 78.79
CA CYS E 248 6.27 4.48 80.15
C CYS E 248 6.94 5.84 80.06
N PRO E 249 6.79 6.70 81.07
CA PRO E 249 7.39 8.03 80.99
C PRO E 249 8.91 8.02 80.82
N ALA E 250 9.58 6.94 81.20
CA ALA E 250 11.04 6.91 81.10
C ALA E 250 11.49 7.12 79.65
N VAL E 251 10.82 6.45 78.70
CA VAL E 251 11.13 6.61 77.29
C VAL E 251 10.15 7.51 76.56
N TRP E 252 9.00 7.81 77.16
CA TRP E 252 7.90 8.52 76.51
C TRP E 252 7.31 9.53 77.48
N PRO E 253 7.98 10.67 77.67
CA PRO E 253 7.59 11.56 78.78
C PRO E 253 6.12 11.97 78.80
N ASP E 254 5.51 12.18 77.64
CA ASP E 254 4.15 12.68 77.58
C ASP E 254 3.11 11.56 77.50
N VAL E 255 3.51 10.30 77.69
CA VAL E 255 2.55 9.20 77.60
C VAL E 255 1.50 9.34 78.69
N ILE E 256 1.86 9.96 79.82
CA ILE E 256 0.93 10.11 80.93
C ILE E 256 -0.25 10.99 80.55
N ARG E 257 -0.11 11.83 79.51
CA ARG E 257 -1.20 12.68 79.07
C ARG E 257 -2.28 11.92 78.30
N LEU E 258 -1.99 10.70 77.85
CA LEU E 258 -2.90 9.99 76.97
C LEU E 258 -4.07 9.40 77.75
N PRO E 259 -5.30 9.45 77.20
CA PRO E 259 -6.46 8.97 77.96
C PRO E 259 -6.33 7.55 78.49
N TYR E 260 -5.90 6.62 77.65
CA TYR E 260 -5.91 5.20 78.01
C TYR E 260 -4.58 4.70 78.55
N PHE E 261 -3.68 5.61 78.95
CA PHE E 261 -2.39 5.17 79.47
C PHE E 261 -2.56 4.26 80.68
N ASN E 262 -3.36 4.71 81.65
CA ASN E 262 -3.65 3.86 82.81
C ASN E 262 -4.64 2.75 82.44
N THR E 263 -5.60 3.04 81.58
CA THR E 263 -6.62 2.05 81.24
C THR E 263 -5.98 0.85 80.54
N MET E 264 -5.25 1.12 79.45
CA MET E 264 -4.62 0.08 78.66
C MET E 264 -3.20 -0.07 79.18
N LYS E 265 -3.02 -0.96 80.14
CA LYS E 265 -1.69 -1.21 80.64
C LYS E 265 -1.21 -2.55 80.13
N PRO E 266 0.04 -2.66 79.68
CA PRO E 266 0.55 -3.98 79.27
C PRO E 266 0.69 -4.91 80.46
N LYS E 267 0.73 -6.21 80.15
CA LYS E 267 0.81 -7.21 81.21
C LYS E 267 2.00 -6.95 82.12
N LYS E 268 3.15 -6.56 81.54
CA LYS E 268 4.34 -6.23 82.29
C LYS E 268 4.89 -4.90 81.78
N GLN E 269 5.92 -4.41 82.47
CA GLN E 269 6.73 -3.30 81.98
C GLN E 269 7.92 -3.90 81.22
N TYR E 270 7.66 -4.24 79.96
CA TYR E 270 8.66 -4.92 79.15
C TYR E 270 9.80 -3.98 78.76
N ARG E 271 10.99 -4.54 78.65
CA ARG E 271 12.12 -3.83 78.08
C ARG E 271 12.09 -3.99 76.56
N ARG E 272 12.79 -3.08 75.88
CA ARG E 272 12.86 -3.15 74.43
C ARG E 272 13.75 -4.30 74.00
N ARG E 273 13.27 -5.11 73.05
CA ARG E 273 14.02 -6.25 72.56
C ARG E 273 14.13 -6.25 71.04
N LEU E 274 13.80 -5.13 70.39
CA LEU E 274 13.71 -5.09 68.93
C LEU E 274 15.01 -5.53 68.27
N ARG E 275 16.14 -4.96 68.71
CA ARG E 275 17.41 -5.30 68.07
C ARG E 275 17.74 -6.78 68.23
N GLU E 276 17.39 -7.34 69.39
CA GLU E 276 17.65 -8.75 69.63
C GLU E 276 16.79 -9.61 68.71
N GLU E 277 15.49 -9.31 68.66
CA GLU E 277 14.56 -10.16 67.92
C GLU E 277 14.79 -10.08 66.41
N PHE E 278 15.27 -8.95 65.90
CA PHE E 278 15.55 -8.77 64.48
C PHE E 278 17.04 -8.85 64.16
N SER E 279 17.79 -9.71 64.86
CA SER E 279 19.23 -9.76 64.66
C SER E 279 19.61 -10.17 63.24
N PHE E 280 18.75 -10.91 62.56
CA PHE E 280 19.04 -11.33 61.18
C PHE E 280 18.98 -10.19 60.19
N ILE E 281 18.30 -9.09 60.52
CA ILE E 281 18.21 -7.97 59.56
C ILE E 281 19.58 -7.31 59.44
N PRO E 282 20.00 -6.88 58.24
CA PRO E 282 21.26 -6.15 58.12
C PRO E 282 21.32 -4.94 59.03
N SER E 283 22.53 -4.59 59.47
CA SER E 283 22.69 -3.54 60.47
C SER E 283 22.13 -2.22 59.98
N ALA E 284 22.43 -1.86 58.73
CA ALA E 284 21.94 -0.58 58.21
C ALA E 284 20.41 -0.53 58.25
N ALA E 285 19.76 -1.65 57.90
CA ALA E 285 18.30 -1.69 57.91
C ALA E 285 17.76 -1.80 59.33
N LEU E 286 18.42 -2.59 60.19
CA LEU E 286 17.96 -2.74 61.57
C LEU E 286 17.93 -1.38 62.27
N ASP E 287 18.94 -0.54 62.00
CA ASP E 287 18.96 0.80 62.58
C ASP E 287 17.76 1.61 62.12
N LEU E 288 17.40 1.50 60.83
CA LEU E 288 16.21 2.16 60.35
C LEU E 288 14.95 1.66 61.05
N LEU E 289 14.83 0.34 61.21
CA LEU E 289 13.67 -0.21 61.90
C LEU E 289 13.57 0.33 63.32
N ASP E 290 14.69 0.36 64.03
CA ASP E 290 14.67 0.79 65.42
C ASP E 290 14.10 2.20 65.55
N HIS E 291 14.47 3.10 64.63
CA HIS E 291 14.01 4.48 64.72
C HIS E 291 12.55 4.61 64.30
N MET E 292 12.15 3.92 63.23
CA MET E 292 10.76 4.02 62.79
C MET E 292 9.81 3.43 63.83
N LEU E 293 10.23 2.38 64.52
CA LEU E 293 9.42 1.74 65.56
C LEU E 293 9.80 2.25 66.95
N THR E 294 9.88 3.57 67.10
CA THR E 294 10.13 4.20 68.38
C THR E 294 8.80 4.60 68.99
N LEU E 295 8.61 4.28 70.27
CA LEU E 295 7.29 4.44 70.89
C LEU E 295 6.84 5.90 70.89
N ASP E 296 7.71 6.80 71.34
CA ASP E 296 7.33 8.20 71.49
C ASP E 296 7.30 8.89 70.13
N PRO E 297 6.15 9.36 69.65
CA PRO E 297 6.13 9.99 68.32
C PRO E 297 7.05 11.19 68.20
N SER E 298 7.35 11.86 69.32
CA SER E 298 8.28 12.98 69.28
C SER E 298 9.72 12.54 69.14
N LYS E 299 10.04 11.29 69.46
CA LYS E 299 11.36 10.73 69.24
C LYS E 299 11.45 9.87 67.98
N ARG E 300 10.32 9.50 67.39
CA ARG E 300 10.34 8.69 66.18
C ARG E 300 10.84 9.51 65.00
N CYS E 301 11.66 8.88 64.16
CA CYS E 301 12.23 9.56 63.01
C CYS E 301 11.13 9.96 62.03
N THR E 302 11.44 10.95 61.20
CA THR E 302 10.52 11.44 60.18
C THR E 302 10.84 10.76 58.84
N ALA E 303 9.99 11.01 57.85
CA ALA E 303 10.23 10.44 56.53
C ALA E 303 11.54 10.94 55.94
N GLU E 304 11.82 12.24 56.07
CA GLU E 304 13.07 12.78 55.59
C GLU E 304 14.25 12.12 56.27
N GLN E 305 14.15 11.90 57.59
CA GLN E 305 15.27 11.31 58.31
C GLN E 305 15.54 9.88 57.83
N THR E 306 14.48 9.13 57.50
CA THR E 306 14.68 7.78 57.01
C THR E 306 15.48 7.78 55.70
N LEU E 307 15.22 8.77 54.84
CA LEU E 307 15.96 8.88 53.59
C LEU E 307 17.43 9.20 53.85
N GLN E 308 17.72 9.90 54.94
CA GLN E 308 19.10 10.21 55.32
C GLN E 308 19.64 9.14 56.27
N SER E 309 19.46 7.88 55.90
CA SER E 309 19.96 6.75 56.66
C SER E 309 20.95 5.96 55.82
N ASP E 310 21.87 5.27 56.48
CA ASP E 310 22.82 4.44 55.76
C ASP E 310 22.11 3.45 54.84
N PHE E 311 20.91 3.02 55.21
CA PHE E 311 20.21 2.01 54.42
C PHE E 311 19.67 2.58 53.11
N LEU E 312 19.07 3.77 53.16
CA LEU E 312 18.38 4.33 52.00
C LEU E 312 19.08 5.53 51.39
N LYS E 313 20.15 6.04 52.01
CA LYS E 313 20.76 7.27 51.55
C LYS E 313 21.36 7.12 50.16
N ASP E 314 22.15 6.09 49.95
CA ASP E 314 22.88 5.90 48.70
C ASP E 314 22.14 5.01 47.71
N VAL E 315 20.90 4.63 48.01
CA VAL E 315 20.11 3.87 47.07
C VAL E 315 19.74 4.76 45.89
N GLU E 316 19.96 4.26 44.68
CA GLU E 316 19.71 5.00 43.46
C GLU E 316 18.44 4.50 42.79
N LEU E 317 17.46 5.39 42.62
CA LEU E 317 16.21 5.00 42.00
C LEU E 317 16.39 4.64 40.53
N SER E 318 17.48 5.09 39.90
CA SER E 318 17.70 4.77 38.49
C SER E 318 17.74 3.27 38.29
N LYS E 319 18.45 2.55 39.15
CA LYS E 319 18.43 1.09 39.16
C LYS E 319 17.14 0.65 39.85
N MET E 320 16.17 0.15 39.08
CA MET E 320 14.87 -0.17 39.66
C MET E 320 14.92 -1.37 40.60
N ALA E 321 15.73 -2.38 40.27
CA ALA E 321 15.80 -3.62 41.04
C ALA E 321 14.40 -4.21 41.21
N PRO E 322 13.85 -4.82 40.15
CA PRO E 322 12.48 -5.34 40.22
C PRO E 322 12.39 -6.56 41.13
N PRO E 323 11.27 -6.75 41.82
CA PRO E 323 11.15 -7.90 42.72
C PRO E 323 11.11 -9.23 41.97
N ASP E 324 11.49 -10.29 42.68
CA ASP E 324 11.56 -11.65 42.13
C ASP E 324 10.19 -12.34 42.09
N LEU E 325 9.53 -12.30 40.94
CA LEU E 325 8.24 -12.95 40.78
C LEU E 325 8.41 -14.37 40.23
N PRO E 326 8.07 -15.43 40.99
CA PRO E 326 8.20 -16.80 40.44
C PRO E 326 7.48 -16.97 39.12
N HIS E 327 6.16 -16.77 39.14
CA HIS E 327 5.29 -16.84 37.96
C HIS E 327 5.37 -18.19 37.27
N TRP E 328 5.59 -18.26 35.95
CA TRP E 328 5.28 -19.45 35.18
C TRP E 328 6.17 -20.65 35.53
N GLN E 329 7.47 -20.43 35.76
CA GLN E 329 8.35 -21.58 35.96
C GLN E 329 7.92 -22.43 37.14
N ASP E 330 7.48 -21.80 38.23
CA ASP E 330 7.06 -22.52 39.43
C ASP E 330 5.55 -22.71 39.52
N CYS E 331 4.79 -22.25 38.53
CA CYS E 331 3.35 -22.43 38.54
C CYS E 331 2.99 -23.91 38.55
N THR F 24 -3.33 20.46 32.44
CA THR F 24 -3.40 19.83 33.75
C THR F 24 -4.63 20.34 34.52
N LYS F 25 -4.56 21.59 35.03
CA LYS F 25 -5.64 22.20 35.80
C LYS F 25 -6.36 23.25 34.95
N PRO F 26 -7.66 23.43 35.14
CA PRO F 26 -8.41 24.37 34.28
C PRO F 26 -8.17 25.81 34.68
N CYS F 27 -8.46 26.71 33.75
CA CYS F 27 -8.30 28.14 33.96
C CYS F 27 -9.62 28.72 34.47
N TRP F 28 -9.57 29.34 35.66
CA TRP F 28 -10.76 29.85 36.32
C TRP F 28 -10.79 31.38 36.34
N TYR F 29 -10.15 32.02 35.36
CA TYR F 29 -10.09 33.48 35.31
C TYR F 29 -10.50 33.98 33.93
N TRP F 30 -11.35 35.00 33.93
CA TRP F 30 -11.88 35.66 32.74
C TRP F 30 -11.49 37.13 32.76
N ASP F 31 -11.64 37.79 31.61
CA ASP F 31 -11.46 39.23 31.52
C ASP F 31 -12.81 39.91 31.77
N LYS F 32 -12.77 41.10 32.38
CA LYS F 32 -14.03 41.81 32.65
C LYS F 32 -14.89 41.93 31.40
N LYS F 33 -14.26 42.25 30.26
CA LYS F 33 -15.02 42.38 29.02
C LYS F 33 -15.78 41.10 28.71
N ASP F 34 -15.28 39.95 29.16
CA ASP F 34 -15.97 38.69 28.92
C ASP F 34 -17.25 38.58 29.73
N LEU F 35 -17.37 39.30 30.84
CA LEU F 35 -18.56 39.21 31.67
C LEU F 35 -19.80 39.79 31.00
N ALA F 36 -19.63 40.51 29.89
CA ALA F 36 -20.78 40.95 29.12
C ALA F 36 -21.42 39.82 28.33
N HIS F 37 -20.82 38.62 28.36
CA HIS F 37 -21.24 37.48 27.55
C HIS F 37 -21.45 36.24 28.39
N THR F 38 -21.88 36.41 29.64
CA THR F 38 -22.26 35.28 30.45
C THR F 38 -23.58 34.71 29.96
N PRO F 39 -23.85 33.43 30.24
CA PRO F 39 -25.18 32.89 29.90
C PRO F 39 -26.31 33.78 30.39
N SER F 40 -26.16 34.37 31.57
CA SER F 40 -27.19 35.25 32.10
C SER F 40 -27.39 36.47 31.22
N GLN F 41 -26.30 37.13 30.83
CA GLN F 41 -26.42 38.30 29.97
C GLN F 41 -27.09 37.95 28.65
N LEU F 42 -26.71 36.81 28.06
CA LEU F 42 -27.21 36.45 26.75
C LEU F 42 -28.65 35.96 26.78
N GLU F 43 -29.19 35.66 27.96
CA GLU F 43 -30.61 35.37 28.10
C GLU F 43 -31.43 36.62 28.42
N GLY F 44 -30.84 37.81 28.27
CA GLY F 44 -31.58 39.05 28.43
C GLY F 44 -31.44 39.73 29.78
N LEU F 45 -30.65 39.18 30.69
CA LEU F 45 -30.39 39.82 31.97
C LEU F 45 -29.40 40.97 31.77
N ASP F 46 -29.68 42.14 32.35
CA ASP F 46 -28.81 43.28 32.12
C ASP F 46 -27.65 43.28 33.10
N PRO F 47 -26.59 44.06 32.81
CA PRO F 47 -25.40 43.97 33.67
C PRO F 47 -25.69 44.25 35.14
N ALA F 48 -26.52 45.25 35.44
CA ALA F 48 -26.80 45.57 36.82
C ALA F 48 -27.48 44.42 37.55
N THR F 49 -28.43 43.76 36.89
CA THR F 49 -29.18 42.70 37.55
C THR F 49 -28.27 41.52 37.90
N GLU F 50 -27.43 41.09 36.97
CA GLU F 50 -26.56 39.97 37.29
C GLU F 50 -25.63 40.34 38.44
N ALA F 51 -25.15 41.59 38.47
CA ALA F 51 -24.34 42.02 39.60
C ALA F 51 -25.12 41.89 40.91
N ARG F 52 -26.37 42.36 40.91
CA ARG F 52 -27.19 42.24 42.11
C ARG F 52 -27.43 40.78 42.48
N TYR F 53 -27.71 39.94 41.49
CA TYR F 53 -27.94 38.53 41.77
C TYR F 53 -26.70 37.87 42.37
N ARG F 54 -25.51 38.33 41.97
CA ARG F 54 -24.29 37.75 42.53
C ARG F 54 -24.05 38.27 43.95
N ARG F 55 -24.22 39.57 44.16
CA ARG F 55 -24.10 40.13 45.50
C ARG F 55 -25.05 39.44 46.46
N GLU F 56 -26.29 39.20 46.02
CA GLU F 56 -27.27 38.59 46.90
C GLU F 56 -26.90 37.15 47.22
N GLY F 57 -26.52 36.39 46.20
CA GLY F 57 -26.10 35.02 46.42
C GLY F 57 -24.87 34.92 47.30
N ALA F 58 -23.88 35.78 47.05
CA ALA F 58 -22.67 35.76 47.86
C ALA F 58 -23.01 36.06 49.32
N ARG F 59 -23.74 37.14 49.56
CA ARG F 59 -24.10 37.51 50.93
C ARG F 59 -25.00 36.47 51.57
N PHE F 60 -25.84 35.80 50.78
CA PHE F 60 -26.67 34.73 51.32
C PHE F 60 -25.82 33.58 51.82
N ILE F 61 -24.86 33.13 51.01
CA ILE F 61 -23.92 32.11 51.47
C ILE F 61 -23.18 32.60 52.70
N PHE F 62 -22.72 33.86 52.66
CA PHE F 62 -21.94 34.40 53.77
C PHE F 62 -22.76 34.41 55.05
N ASP F 63 -23.99 34.92 54.98
CA ASP F 63 -24.83 35.03 56.17
C ASP F 63 -25.29 33.65 56.65
N VAL F 64 -25.69 32.78 55.72
CA VAL F 64 -26.15 31.44 56.11
C VAL F 64 -25.03 30.70 56.83
N GLY F 65 -23.83 30.71 56.25
CA GLY F 65 -22.71 30.03 56.88
C GLY F 65 -22.28 30.69 58.18
N THR F 66 -22.36 32.02 58.24
CA THR F 66 -22.02 32.71 59.47
C THR F 66 -22.96 32.30 60.60
N ARG F 67 -24.26 32.19 60.28
CA ARG F 67 -25.23 31.71 61.26
C ARG F 67 -24.92 30.28 61.70
N LEU F 68 -24.43 29.46 60.78
CA LEU F 68 -24.04 28.08 61.10
C LEU F 68 -22.70 27.97 61.80
N GLY F 69 -21.99 29.08 61.98
CA GLY F 69 -20.72 29.05 62.66
C GLY F 69 -19.57 28.52 61.84
N LEU F 70 -19.56 28.77 60.54
CA LEU F 70 -18.57 28.20 59.64
C LEU F 70 -17.30 29.05 59.56
N HIS F 71 -16.18 28.36 59.38
CA HIS F 71 -14.88 28.99 59.17
C HIS F 71 -14.93 29.92 57.95
N TYR F 72 -14.06 30.95 57.97
CA TYR F 72 -14.11 31.94 56.90
C TYR F 72 -13.70 31.35 55.55
N ASP F 73 -12.80 30.38 55.53
CA ASP F 73 -12.44 29.71 54.27
C ASP F 73 -13.64 29.00 53.69
N THR F 74 -14.45 28.36 54.54
CA THR F 74 -15.61 27.63 54.05
C THR F 74 -16.59 28.56 53.33
N LEU F 75 -16.81 29.75 53.89
CA LEU F 75 -17.71 30.69 53.25
C LEU F 75 -17.17 31.09 51.87
N ALA F 76 -15.88 31.42 51.80
CA ALA F 76 -15.32 31.87 50.54
C ALA F 76 -15.38 30.76 49.49
N THR F 77 -15.06 29.53 49.89
CA THR F 77 -15.06 28.43 48.93
C THR F 77 -16.44 28.30 48.28
N GLY F 78 -17.50 28.30 49.09
CA GLY F 78 -18.84 28.26 48.54
C GLY F 78 -19.13 29.42 47.62
N ILE F 79 -18.68 30.62 48.00
CA ILE F 79 -18.95 31.80 47.18
C ILE F 79 -18.24 31.69 45.84
N ILE F 80 -17.00 31.19 45.84
CA ILE F 80 -16.26 31.06 44.58
C ILE F 80 -16.87 29.97 43.73
N TYR F 81 -17.27 28.84 44.32
CA TYR F 81 -18.05 27.86 43.57
C TYR F 81 -19.26 28.53 42.96
N PHE F 82 -19.98 29.32 43.76
CA PHE F 82 -21.16 30.04 43.31
C PHE F 82 -20.84 30.93 42.10
N HIS F 83 -19.80 31.75 42.22
CA HIS F 83 -19.46 32.65 41.13
C HIS F 83 -19.10 31.87 39.87
N ARG F 84 -18.29 30.82 40.01
CA ARG F 84 -17.91 30.02 38.85
C ARG F 84 -19.13 29.38 38.19
N PHE F 85 -20.05 28.87 39.01
CA PHE F 85 -21.24 28.22 38.49
C PHE F 85 -21.94 29.08 37.45
N TYR F 86 -22.12 30.37 37.74
CA TYR F 86 -22.88 31.25 36.86
C TYR F 86 -22.04 31.85 35.75
N MET F 87 -20.83 31.35 35.55
CA MET F 87 -20.14 31.53 34.27
C MET F 87 -20.54 30.45 33.27
N PHE F 88 -21.19 29.38 33.72
CA PHE F 88 -21.60 28.29 32.84
C PHE F 88 -23.10 28.14 32.77
N HIS F 89 -23.85 28.88 33.59
CA HIS F 89 -25.31 28.76 33.61
C HIS F 89 -25.92 30.13 33.80
N SER F 90 -27.23 30.21 33.56
CA SER F 90 -27.97 31.46 33.63
C SER F 90 -28.71 31.55 34.95
N PHE F 91 -28.77 32.76 35.52
CA PHE F 91 -29.54 32.96 36.73
C PHE F 91 -31.01 32.67 36.51
N LYS F 92 -31.46 32.70 35.25
CA LYS F 92 -32.86 32.42 34.93
C LYS F 92 -33.19 30.93 34.98
N GLN F 93 -32.18 30.05 34.89
CA GLN F 93 -32.40 28.63 34.89
C GLN F 93 -32.06 27.95 36.21
N PHE F 94 -31.27 28.61 37.07
CA PHE F 94 -30.87 28.06 38.36
C PHE F 94 -31.09 29.12 39.42
N PRO F 95 -32.14 29.01 40.24
CA PRO F 95 -32.34 29.98 41.34
C PRO F 95 -31.10 30.14 42.19
N ARG F 96 -30.70 31.40 42.42
CA ARG F 96 -29.44 31.71 43.08
C ARG F 96 -29.40 31.16 44.50
N TYR F 97 -30.48 31.34 45.26
CA TYR F 97 -30.44 30.93 46.66
C TYR F 97 -30.33 29.42 46.79
N VAL F 98 -30.91 28.67 45.85
CA VAL F 98 -30.74 27.21 45.86
C VAL F 98 -29.30 26.85 45.54
N THR F 99 -28.77 27.39 44.45
CA THR F 99 -27.37 27.19 44.10
C THR F 99 -26.46 27.56 45.27
N GLY F 100 -26.72 28.71 45.90
CA GLY F 100 -25.93 29.11 47.05
C GLY F 100 -25.91 28.07 48.14
N ALA F 101 -27.08 27.56 48.53
CA ALA F 101 -27.14 26.54 49.57
C ALA F 101 -26.34 25.31 49.16
N CYS F 102 -26.43 24.91 47.89
CA CYS F 102 -25.66 23.78 47.41
C CYS F 102 -24.16 24.05 47.45
N CYS F 103 -23.74 25.24 47.04
CA CYS F 103 -22.32 25.60 47.09
C CYS F 103 -21.80 25.53 48.52
N LEU F 104 -22.54 26.11 49.46
CA LEU F 104 -22.10 26.04 50.86
C LEU F 104 -22.07 24.60 51.33
N PHE F 105 -23.08 23.81 50.97
CA PHE F 105 -23.13 22.41 51.38
C PHE F 105 -21.89 21.67 50.92
N LEU F 106 -21.52 21.81 49.64
CA LEU F 106 -20.33 21.16 49.13
C LEU F 106 -19.07 21.74 49.75
N ALA F 107 -19.02 23.06 49.88
CA ALA F 107 -17.85 23.70 50.47
C ALA F 107 -17.55 23.12 51.84
N GLY F 108 -18.59 22.89 52.65
CA GLY F 108 -18.40 22.30 53.95
C GLY F 108 -17.70 20.96 53.91
N LYS F 109 -18.08 20.12 52.94
CA LYS F 109 -17.41 18.82 52.81
C LYS F 109 -15.98 18.99 52.30
N VAL F 110 -15.76 19.92 51.37
CA VAL F 110 -14.43 20.11 50.82
C VAL F 110 -13.47 20.63 51.89
N GLU F 111 -13.91 21.62 52.67
CA GLU F 111 -13.05 22.27 53.65
C GLU F 111 -13.05 21.57 55.01
N GLU F 112 -13.68 20.40 55.12
CA GLU F 112 -13.70 19.65 56.37
C GLU F 112 -14.40 20.43 57.49
N THR F 113 -15.43 21.19 57.13
CA THR F 113 -16.32 21.83 58.10
C THR F 113 -17.76 21.47 57.75
N PRO F 114 -18.08 20.18 57.71
CA PRO F 114 -19.36 19.75 57.14
C PRO F 114 -20.56 20.12 57.98
N LYS F 115 -21.67 20.36 57.29
CA LYS F 115 -22.97 20.59 57.90
C LYS F 115 -24.02 19.78 57.14
N LYS F 116 -25.06 19.37 57.85
CA LYS F 116 -26.13 18.60 57.22
C LYS F 116 -26.98 19.50 56.35
N CYS F 117 -27.44 18.95 55.22
CA CYS F 117 -28.23 19.76 54.29
C CYS F 117 -29.48 20.33 54.95
N LYS F 118 -30.10 19.57 55.86
CA LYS F 118 -31.30 20.07 56.54
C LYS F 118 -31.01 21.33 57.35
N ASP F 119 -29.81 21.43 57.92
CA ASP F 119 -29.48 22.61 58.72
C ASP F 119 -29.29 23.83 57.83
N ILE F 120 -28.71 23.64 56.64
CA ILE F 120 -28.57 24.76 55.71
C ILE F 120 -29.93 25.26 55.27
N ILE F 121 -30.86 24.33 55.00
CA ILE F 121 -32.21 24.73 54.61
C ILE F 121 -32.87 25.51 55.75
N LYS F 122 -32.78 24.99 56.98
CA LYS F 122 -33.38 25.67 58.11
C LYS F 122 -32.87 27.10 58.23
N THR F 123 -31.56 27.28 58.08
CA THR F 123 -30.99 28.62 58.17
C THR F 123 -31.43 29.49 57.00
N ALA F 124 -31.50 28.90 55.80
CA ALA F 124 -31.96 29.66 54.63
C ALA F 124 -33.37 30.17 54.83
N ARG F 125 -34.24 29.34 55.44
CA ARG F 125 -35.60 29.78 55.69
C ARG F 125 -35.62 30.96 56.66
N SER F 126 -34.72 30.93 57.65
CA SER F 126 -34.65 32.04 58.60
C SER F 126 -34.29 33.34 57.90
N LEU F 127 -33.43 33.27 56.87
CA LEU F 127 -32.91 34.48 56.25
C LEU F 127 -33.69 34.92 55.00
N LEU F 128 -34.47 34.05 54.39
CA LEU F 128 -35.18 34.37 53.16
C LEU F 128 -36.66 34.62 53.46
N ASN F 129 -37.26 35.56 52.74
CA ASN F 129 -38.70 35.78 52.84
C ASN F 129 -39.45 34.68 52.08
N ASP F 130 -40.78 34.77 52.07
CA ASP F 130 -41.57 33.74 51.42
C ASP F 130 -41.35 33.72 49.91
N VAL F 131 -41.26 34.89 49.28
CA VAL F 131 -41.02 34.93 47.83
C VAL F 131 -39.68 34.27 47.51
N GLN F 132 -38.64 34.65 48.25
CA GLN F 132 -37.30 34.14 47.99
C GLN F 132 -37.23 32.63 48.22
N PHE F 133 -37.77 32.17 49.35
CA PHE F 133 -37.72 30.73 49.64
C PHE F 133 -38.57 29.90 48.69
N GLY F 134 -39.44 30.52 47.90
CA GLY F 134 -40.19 29.77 46.90
C GLY F 134 -39.29 29.10 45.88
N GLN F 135 -38.05 29.58 45.73
CA GLN F 135 -37.11 28.96 44.81
C GLN F 135 -36.87 27.50 45.17
N PHE F 136 -36.88 27.18 46.46
CA PHE F 136 -36.62 25.82 46.91
C PHE F 136 -37.78 24.87 46.67
N GLY F 137 -38.93 25.37 46.24
CA GLY F 137 -40.03 24.49 45.87
C GLY F 137 -40.60 23.71 47.05
N ASP F 138 -41.22 22.58 46.70
CA ASP F 138 -41.93 21.78 47.69
C ASP F 138 -40.99 20.95 48.57
N ASP F 139 -39.82 20.58 48.05
CA ASP F 139 -38.84 19.79 48.80
C ASP F 139 -37.50 20.50 48.70
N PRO F 140 -37.22 21.44 49.61
CA PRO F 140 -35.95 22.20 49.51
C PRO F 140 -34.71 21.33 49.52
N LYS F 141 -34.63 20.38 50.46
CA LYS F 141 -33.43 19.53 50.53
C LYS F 141 -33.18 18.84 49.19
N GLU F 142 -34.24 18.29 48.59
CA GLU F 142 -34.07 17.60 47.31
C GLU F 142 -33.52 18.54 46.25
N GLU F 143 -34.06 19.75 46.15
CA GLU F 143 -33.57 20.68 45.15
C GLU F 143 -32.08 20.96 45.33
N VAL F 144 -31.63 21.06 46.58
CA VAL F 144 -30.21 21.30 46.85
C VAL F 144 -29.40 20.06 46.52
N MET F 145 -29.82 18.90 47.04
CA MET F 145 -29.04 17.68 46.86
C MET F 145 -28.93 17.31 45.38
N VAL F 146 -30.01 17.53 44.63
CA VAL F 146 -29.99 17.24 43.20
C VAL F 146 -28.95 18.10 42.49
N LEU F 147 -28.85 19.37 42.87
CA LEU F 147 -27.97 20.30 42.20
C LEU F 147 -26.50 19.94 42.38
N GLU F 148 -26.17 19.20 43.43
CA GLU F 148 -24.77 18.88 43.71
C GLU F 148 -24.07 18.25 42.51
N ARG F 149 -24.75 17.35 41.80
CA ARG F 149 -24.14 16.70 40.65
C ARG F 149 -23.72 17.73 39.61
N ILE F 150 -24.62 18.64 39.25
CA ILE F 150 -24.28 19.66 38.26
C ILE F 150 -23.16 20.54 38.78
N LEU F 151 -23.21 20.89 40.06
CA LEU F 151 -22.16 21.73 40.64
C LEU F 151 -20.79 21.11 40.46
N LEU F 152 -20.66 19.84 40.84
CA LEU F 152 -19.37 19.16 40.70
C LEU F 152 -18.92 19.14 39.24
N GLN F 153 -19.81 18.79 38.32
CA GLN F 153 -19.44 18.79 36.91
C GLN F 153 -19.07 20.20 36.45
N THR F 154 -19.78 21.22 36.92
CA THR F 154 -19.51 22.58 36.48
C THR F 154 -18.15 23.07 36.94
N ILE F 155 -17.80 22.81 38.20
CA ILE F 155 -16.50 23.25 38.72
C ILE F 155 -15.43 22.23 38.34
N LYS F 156 -15.77 21.32 37.43
CA LYS F 156 -14.79 20.41 36.84
C LYS F 156 -14.03 19.63 37.91
N PHE F 157 -14.71 19.32 39.01
CA PHE F 157 -14.14 18.58 40.13
C PHE F 157 -12.82 19.16 40.60
N ASP F 158 -12.57 20.43 40.30
CA ASP F 158 -11.41 21.14 40.82
C ASP F 158 -11.87 21.75 42.14
N LEU F 159 -11.75 20.96 43.22
CA LEU F 159 -12.32 21.33 44.50
C LEU F 159 -11.39 22.20 45.33
N GLN F 160 -10.09 22.12 45.11
CA GLN F 160 -9.16 22.90 45.91
C GLN F 160 -9.21 24.36 45.47
N VAL F 161 -9.53 25.25 46.40
CA VAL F 161 -9.59 26.68 46.13
C VAL F 161 -8.79 27.39 47.21
N GLU F 162 -7.94 28.33 46.79
CA GLU F 162 -7.21 29.19 47.71
C GLU F 162 -7.81 30.59 47.75
N HIS F 163 -7.71 31.24 48.91
CA HIS F 163 -8.40 32.50 49.14
C HIS F 163 -7.42 33.58 49.55
N PRO F 164 -7.76 34.85 49.30
CA PRO F 164 -6.81 35.93 49.60
C PRO F 164 -6.38 36.00 51.06
N TYR F 165 -7.18 35.46 51.98
CA TYR F 165 -6.88 35.62 53.41
C TYR F 165 -5.50 35.10 53.74
N GLN F 166 -5.20 33.87 53.32
CA GLN F 166 -3.93 33.26 53.73
C GLN F 166 -2.75 34.06 53.22
N PHE F 167 -2.84 34.60 52.01
CA PHE F 167 -1.72 35.37 51.47
C PHE F 167 -1.61 36.72 52.18
N LEU F 168 -2.73 37.32 52.57
CA LEU F 168 -2.69 38.55 53.33
C LEU F 168 -1.97 38.37 54.65
N LEU F 169 -2.21 37.24 55.32
CA LEU F 169 -1.54 36.96 56.58
C LEU F 169 -0.07 36.62 56.34
N LYS F 170 0.20 35.80 55.32
CA LYS F 170 1.58 35.43 55.01
C LYS F 170 2.42 36.66 54.70
N TYR F 171 1.86 37.60 53.93
CA TYR F 171 2.61 38.80 53.57
C TYR F 171 2.73 39.73 54.77
N ALA F 172 1.70 39.79 55.62
CA ALA F 172 1.75 40.65 56.79
C ALA F 172 2.82 40.21 57.77
N LYS F 173 3.03 38.89 57.93
CA LYS F 173 4.04 38.45 58.89
C LYS F 173 5.44 38.91 58.51
N GLN F 174 5.69 39.20 57.24
CA GLN F 174 6.99 39.66 56.80
C GLN F 174 7.18 41.16 56.96
N LEU F 175 6.16 41.85 57.47
CA LEU F 175 6.26 43.27 57.76
C LEU F 175 6.71 43.46 59.20
N LYS F 176 7.67 44.32 59.41
CA LYS F 176 8.20 44.61 60.75
C LYS F 176 8.00 46.10 60.99
N GLY F 177 7.34 46.45 62.08
CA GLY F 177 7.06 47.85 62.34
C GLY F 177 6.16 47.97 63.55
N ASP F 178 5.55 49.15 63.69
CA ASP F 178 4.63 49.35 64.82
C ASP F 178 3.51 48.35 64.72
N LYS F 179 3.35 47.51 65.76
CA LYS F 179 2.38 46.43 65.68
C LYS F 179 0.97 46.95 65.45
N ASN F 180 0.60 48.05 66.13
CA ASN F 180 -0.74 48.57 65.97
C ASN F 180 -0.99 49.06 64.55
N LYS F 181 -0.01 49.75 63.96
CA LYS F 181 -0.20 50.25 62.60
C LYS F 181 -0.39 49.08 61.62
N ILE F 182 0.44 48.04 61.76
CA ILE F 182 0.32 46.87 60.88
C ILE F 182 -1.02 46.20 61.11
N GLN F 183 -1.40 45.99 62.37
CA GLN F 183 -2.67 45.33 62.66
C GLN F 183 -3.83 46.09 62.04
N LYS F 184 -3.81 47.43 62.09
CA LYS F 184 -4.88 48.19 61.45
C LYS F 184 -4.90 47.94 59.95
N LEU F 185 -3.71 47.85 59.33
CA LEU F 185 -3.65 47.53 57.91
C LEU F 185 -4.30 46.19 57.62
N VAL F 186 -4.00 45.17 58.43
CA VAL F 186 -4.51 43.83 58.16
C VAL F 186 -6.03 43.81 58.27
N GLN F 187 -6.58 44.35 59.37
CA GLN F 187 -8.03 44.27 59.56
C GLN F 187 -8.76 44.97 58.42
N MET F 188 -8.31 46.16 58.05
CA MET F 188 -8.95 46.87 56.94
C MET F 188 -8.84 46.05 55.66
N ALA F 189 -7.66 45.51 55.38
CA ALA F 189 -7.52 44.65 54.21
C ALA F 189 -8.39 43.41 54.34
N TRP F 190 -8.43 42.81 55.53
CA TRP F 190 -9.30 41.66 55.74
C TRP F 190 -10.76 42.02 55.45
N THR F 191 -11.21 43.19 55.93
CA THR F 191 -12.56 43.63 55.60
C THR F 191 -12.74 43.74 54.08
N PHE F 192 -11.74 44.30 53.39
CA PHE F 192 -11.84 44.44 51.94
C PHE F 192 -11.96 43.09 51.25
N VAL F 193 -11.27 42.07 51.77
CA VAL F 193 -11.41 40.74 51.19
C VAL F 193 -12.84 40.26 51.32
N ASN F 194 -13.43 40.39 52.51
CA ASN F 194 -14.81 39.97 52.73
C ASN F 194 -15.76 40.67 51.77
N ASP F 195 -15.54 41.96 51.52
CA ASP F 195 -16.41 42.69 50.60
C ASP F 195 -16.14 42.29 49.16
N SER F 196 -14.90 41.95 48.83
CA SER F 196 -14.57 41.55 47.47
C SER F 196 -15.23 40.24 47.06
N LEU F 197 -15.78 39.50 48.01
CA LEU F 197 -16.42 38.23 47.67
C LEU F 197 -17.74 38.44 46.94
N CYS F 198 -18.33 39.63 47.04
CA CYS F 198 -19.56 39.97 46.34
C CYS F 198 -19.30 40.42 44.91
N THR F 199 -18.04 40.45 44.48
CA THR F 199 -17.67 40.93 43.17
C THR F 199 -17.10 39.79 42.34
N THR F 200 -16.91 40.08 41.06
CA THR F 200 -16.31 39.13 40.13
C THR F 200 -14.78 39.17 40.17
N LEU F 201 -14.19 39.85 41.16
CA LEU F 201 -12.74 39.85 41.31
C LEU F 201 -12.21 38.44 41.52
N SER F 202 -12.96 37.60 42.24
CA SER F 202 -12.56 36.20 42.40
C SER F 202 -12.37 35.52 41.06
N LEU F 203 -13.05 36.00 40.02
CA LEU F 203 -12.97 35.44 38.69
C LEU F 203 -11.99 36.16 37.77
N GLN F 204 -11.39 37.27 38.23
CA GLN F 204 -10.49 38.07 37.39
C GLN F 204 -9.02 37.95 37.77
N TRP F 205 -8.73 37.77 39.05
CA TRP F 205 -7.36 37.84 39.54
C TRP F 205 -7.10 36.73 40.55
N GLU F 206 -5.88 36.21 40.50
CA GLU F 206 -5.46 35.19 41.44
C GLU F 206 -5.61 35.72 42.87
N PRO F 207 -5.78 34.84 43.86
CA PRO F 207 -5.95 35.32 45.23
C PRO F 207 -4.76 36.13 45.72
N GLU F 208 -3.54 35.74 45.33
CA GLU F 208 -2.36 36.49 45.74
C GLU F 208 -2.46 37.95 45.32
N ILE F 209 -2.91 38.21 44.09
CA ILE F 209 -3.02 39.58 43.61
C ILE F 209 -4.06 40.35 44.41
N ILE F 210 -5.20 39.72 44.72
CA ILE F 210 -6.21 40.37 45.53
C ILE F 210 -5.64 40.74 46.90
N ALA F 211 -4.89 39.81 47.51
CA ALA F 211 -4.31 40.09 48.82
C ALA F 211 -3.44 41.33 48.78
N VAL F 212 -2.62 41.46 47.73
CA VAL F 212 -1.78 42.65 47.59
C VAL F 212 -2.66 43.89 47.42
N ALA F 213 -3.67 43.80 46.55
CA ALA F 213 -4.51 44.97 46.29
C ALA F 213 -5.15 45.49 47.56
N VAL F 214 -5.65 44.61 48.42
CA VAL F 214 -6.33 45.07 49.63
C VAL F 214 -5.32 45.68 50.60
N MET F 215 -4.12 45.11 50.68
CA MET F 215 -3.05 45.76 51.44
C MET F 215 -2.71 47.10 50.81
N TYR F 216 -2.63 47.14 49.48
CA TYR F 216 -2.37 48.38 48.76
C TYR F 216 -3.45 49.41 49.09
N LEU F 217 -4.71 49.00 49.02
CA LEU F 217 -5.81 49.92 49.33
C LEU F 217 -5.74 50.36 50.78
N ALA F 218 -5.64 49.41 51.70
CA ALA F 218 -5.60 49.75 53.12
C ALA F 218 -4.43 50.70 53.42
N GLY F 219 -3.29 50.48 52.78
CA GLY F 219 -2.18 51.39 52.98
C GLY F 219 -2.50 52.81 52.57
N ARG F 220 -3.09 52.98 51.39
CA ARG F 220 -3.45 54.31 50.91
C ARG F 220 -4.42 55.00 51.87
N LEU F 221 -5.48 54.29 52.27
CA LEU F 221 -6.48 54.92 53.12
C LEU F 221 -5.90 55.29 54.48
N CYS F 222 -5.07 54.42 55.05
CA CYS F 222 -4.47 54.67 56.36
C CYS F 222 -3.24 55.55 56.30
N LYS F 223 -2.87 56.05 55.12
CA LYS F 223 -1.71 56.91 54.96
C LYS F 223 -0.44 56.21 55.43
N PHE F 224 -0.32 54.92 55.11
CA PHE F 224 0.84 54.12 55.46
C PHE F 224 1.77 53.95 54.28
N GLU F 225 3.07 53.86 54.57
CA GLU F 225 4.11 53.57 53.59
C GLU F 225 4.54 52.12 53.85
N ILE F 226 3.88 51.17 53.18
CA ILE F 226 4.10 49.77 53.53
C ILE F 226 5.54 49.38 53.27
N GLN F 227 6.21 50.06 52.35
CA GLN F 227 7.58 49.72 51.98
C GLN F 227 8.52 49.74 53.18
N GLU F 228 8.32 50.69 54.10
CA GLU F 228 9.25 50.82 55.21
C GLU F 228 9.30 49.56 56.06
N TRP F 229 8.18 48.84 56.14
CA TRP F 229 8.11 47.61 56.93
C TRP F 229 8.70 46.42 56.19
N THR F 230 8.94 46.53 54.89
CA THR F 230 9.47 45.42 54.12
C THR F 230 10.97 45.26 54.34
N SER F 231 11.48 44.11 53.90
CA SER F 231 12.93 43.85 53.99
C SER F 231 13.75 44.84 53.16
N LYS F 232 13.16 45.38 52.09
CA LYS F 232 13.80 46.38 51.23
C LYS F 232 13.07 47.70 51.46
N PRO F 233 13.50 48.51 52.44
CA PRO F 233 12.70 49.70 52.79
C PRO F 233 12.73 50.81 51.75
N MET F 234 13.63 50.76 50.77
CA MET F 234 13.71 51.78 49.75
C MET F 234 13.14 51.35 48.41
N TYR F 235 12.53 50.17 48.35
CA TYR F 235 11.92 49.68 47.11
C TYR F 235 10.47 50.14 47.08
N ARG F 236 10.19 51.22 46.35
CA ARG F 236 8.85 51.79 46.39
C ARG F 236 7.77 50.77 45.99
N ARG F 237 8.09 49.86 45.09
CA ARG F 237 7.16 48.80 44.71
C ARG F 237 7.30 47.65 45.70
N TRP F 238 6.55 47.74 46.80
CA TRP F 238 6.63 46.73 47.85
C TRP F 238 5.94 45.45 47.43
N TRP F 239 4.96 45.56 46.52
CA TRP F 239 4.22 44.38 46.11
C TRP F 239 5.09 43.42 45.31
N GLU F 240 6.16 43.92 44.68
CA GLU F 240 6.99 43.05 43.87
C GLU F 240 7.72 42.01 44.72
N GLN F 241 7.83 42.24 46.03
CA GLN F 241 8.51 41.28 46.89
C GLN F 241 7.63 40.09 47.24
N PHE F 242 6.31 40.25 47.15
CA PHE F 242 5.36 39.19 47.44
C PHE F 242 4.80 38.55 46.17
N VAL F 243 4.43 39.35 45.18
CA VAL F 243 3.85 38.85 43.94
C VAL F 243 4.54 39.50 42.75
N GLN F 244 5.11 38.68 41.88
CA GLN F 244 5.84 39.19 40.72
C GLN F 244 4.91 39.48 39.55
N ASP F 245 5.28 40.50 38.77
CA ASP F 245 4.62 40.86 37.51
C ASP F 245 3.22 41.43 37.73
N VAL F 246 3.07 42.28 38.75
CA VAL F 246 1.78 42.93 38.96
C VAL F 246 1.95 44.44 38.77
N PRO F 247 1.46 45.02 37.68
CA PRO F 247 1.54 46.47 37.51
C PRO F 247 0.55 47.20 38.40
N VAL F 248 0.85 48.48 38.65
CA VAL F 248 -0.07 49.31 39.41
C VAL F 248 -1.44 49.33 38.76
N ASP F 249 -1.49 49.25 37.43
CA ASP F 249 -2.76 49.29 36.72
C ASP F 249 -3.73 48.26 37.30
N VAL F 250 -3.25 47.05 37.54
CA VAL F 250 -4.11 46.02 38.12
C VAL F 250 -4.54 46.42 39.53
N LEU F 251 -3.59 46.78 40.38
CA LEU F 251 -3.93 47.13 41.76
C LEU F 251 -4.93 48.28 41.81
N GLU F 252 -4.81 49.24 40.89
CA GLU F 252 -5.78 50.33 40.85
C GLU F 252 -7.14 49.85 40.38
N ASP F 253 -7.15 49.01 39.34
CA ASP F 253 -8.42 48.45 38.87
C ASP F 253 -9.13 47.70 39.99
N ILE F 254 -8.38 46.88 40.74
CA ILE F 254 -9.00 46.12 41.82
C ILE F 254 -9.49 47.06 42.92
N CYS F 255 -8.64 48.01 43.33
CA CYS F 255 -9.07 48.97 44.34
C CYS F 255 -10.33 49.70 43.90
N HIS F 256 -10.37 50.12 42.63
CA HIS F 256 -11.53 50.85 42.14
C HIS F 256 -12.80 50.03 42.32
N GLN F 257 -12.75 48.75 41.94
CA GLN F 257 -13.94 47.90 42.05
C GLN F 257 -14.36 47.73 43.50
N ILE F 258 -13.40 47.61 44.42
CA ILE F 258 -13.74 47.45 45.83
C ILE F 258 -14.42 48.70 46.38
N LEU F 259 -13.87 49.88 46.05
CA LEU F 259 -14.45 51.12 46.56
C LEU F 259 -15.84 51.39 45.97
N ASP F 260 -16.12 50.86 44.77
CA ASP F 260 -17.42 51.08 44.16
C ASP F 260 -18.55 50.52 45.03
N LEU F 261 -18.33 49.36 45.66
CA LEU F 261 -19.34 48.79 46.54
C LEU F 261 -19.69 49.76 47.67
N TYR F 262 -18.67 50.41 48.24
CA TYR F 262 -18.91 51.31 49.37
C TYR F 262 -19.72 52.52 48.94
N SER F 263 -19.41 53.09 47.77
CA SER F 263 -20.14 54.26 47.29
C SER F 263 -21.59 53.90 46.93
N GLN F 264 -21.79 52.76 46.26
CA GLN F 264 -23.12 52.36 45.84
C GLN F 264 -24.02 52.06 47.04
N GLY F 265 -23.52 51.26 47.98
CA GLY F 265 -24.27 50.87 49.15
C GLY F 265 -24.36 51.98 50.19
N LYS F 266 -24.93 51.62 51.34
CA LYS F 266 -24.96 52.55 52.46
C LYS F 266 -23.68 52.54 53.28
N GLN F 267 -22.92 51.45 53.25
CA GLN F 267 -21.68 51.38 54.01
C GLN F 267 -20.64 52.33 53.42
N GLN F 268 -19.75 52.81 54.27
CA GLN F 268 -18.67 53.70 53.87
C GLN F 268 -17.35 53.03 54.20
N MET F 269 -16.26 53.63 53.74
CA MET F 269 -14.94 53.02 53.90
C MET F 269 -14.72 52.68 55.38
N PRO F 270 -14.15 51.51 55.69
CA PRO F 270 -14.08 51.11 57.11
C PRO F 270 -13.32 52.07 58.00
N HIS F 271 -12.15 52.56 57.56
CA HIS F 271 -11.31 53.45 58.37
C HIS F 271 -11.38 53.17 59.86
N MET G 5 -43.75 36.43 -28.83
CA MET G 5 -43.75 34.95 -29.08
C MET G 5 -44.40 34.23 -27.90
N SER G 6 -44.29 34.80 -26.70
CA SER G 6 -44.93 34.25 -25.51
C SER G 6 -45.82 35.33 -24.89
N TYR G 7 -46.90 34.88 -24.27
CA TYR G 7 -47.93 35.77 -23.75
C TYR G 7 -48.27 35.38 -22.33
N ASN G 8 -48.15 36.32 -21.39
CA ASN G 8 -48.38 36.04 -19.98
C ASN G 8 -49.09 37.21 -19.32
N TYR G 9 -49.67 36.93 -18.17
CA TYR G 9 -50.53 37.85 -17.42
C TYR G 9 -50.10 37.81 -15.96
N VAL G 10 -49.92 38.98 -15.34
CA VAL G 10 -49.40 39.07 -13.98
C VAL G 10 -50.31 40.00 -13.18
N VAL G 11 -50.84 39.49 -12.06
CA VAL G 11 -51.70 40.26 -11.18
C VAL G 11 -51.20 40.15 -9.75
N THR G 12 -51.58 41.14 -8.95
CA THR G 12 -51.32 41.12 -7.52
C THR G 12 -52.51 40.46 -6.83
N ALA G 13 -52.25 39.39 -6.08
CA ALA G 13 -53.27 38.78 -5.26
C ALA G 13 -53.27 39.36 -3.85
N GLN G 14 -52.08 39.70 -3.35
CA GLN G 14 -51.91 40.35 -2.05
C GLN G 14 -50.91 41.48 -2.23
N LYS G 15 -51.29 42.68 -1.81
CA LYS G 15 -50.43 43.84 -1.96
C LYS G 15 -49.22 43.73 -1.03
N PRO G 16 -48.16 44.50 -1.31
CA PRO G 16 -47.01 44.54 -0.41
C PRO G 16 -47.43 44.89 1.01
N THR G 17 -46.92 44.14 1.98
CA THR G 17 -47.27 44.34 3.38
C THR G 17 -46.16 44.94 4.22
N ALA G 18 -44.92 44.85 3.78
CA ALA G 18 -43.80 45.37 4.55
C ALA G 18 -43.75 46.89 4.47
N VAL G 19 -43.46 47.53 5.60
CA VAL G 19 -43.36 48.98 5.68
C VAL G 19 -41.93 49.38 5.38
N ASN G 20 -41.74 50.16 4.31
CA ASN G 20 -40.42 50.63 3.91
C ASN G 20 -40.08 52.01 4.45
N GLY G 21 -41.09 52.81 4.81
CA GLY G 21 -40.85 54.11 5.40
C GLY G 21 -42.15 54.71 5.88
N CYS G 22 -42.03 55.68 6.79
CA CYS G 22 -43.20 56.29 7.39
C CYS G 22 -42.89 57.69 7.90
N VAL G 23 -43.82 58.62 7.67
CA VAL G 23 -43.66 60.02 8.05
C VAL G 23 -44.94 60.53 8.69
N THR G 24 -44.82 61.62 9.45
CA THR G 24 -45.94 62.31 10.07
C THR G 24 -45.94 63.78 9.64
N GLY G 25 -47.12 64.35 9.52
CA GLY G 25 -47.24 65.73 9.10
C GLY G 25 -48.70 66.11 8.94
N HIS G 26 -48.89 67.29 8.36
CA HIS G 26 -50.22 67.85 8.13
C HIS G 26 -50.48 67.94 6.62
N PHE G 27 -50.75 66.78 6.00
CA PHE G 27 -50.86 66.69 4.55
C PHE G 27 -52.29 66.91 4.05
N THR G 28 -53.26 66.22 4.65
CA THR G 28 -54.63 66.33 4.16
C THR G 28 -55.25 67.67 4.54
N SER G 29 -54.96 68.16 5.74
CA SER G 29 -55.43 69.46 6.19
C SER G 29 -54.42 70.05 7.15
N ALA G 30 -54.38 71.38 7.21
CA ALA G 30 -53.48 72.05 8.15
C ALA G 30 -53.80 71.73 9.60
N GLU G 31 -54.97 71.16 9.89
CA GLU G 31 -55.37 70.88 11.26
C GLU G 31 -55.13 69.44 11.68
N ASP G 32 -55.48 68.47 10.83
CA ASP G 32 -55.37 67.06 11.17
C ASP G 32 -53.91 66.61 11.10
N LEU G 33 -53.53 65.74 12.02
CA LEU G 33 -52.22 65.08 11.99
C LEU G 33 -52.36 63.80 11.18
N ASN G 34 -51.54 63.64 10.15
CA ASN G 34 -51.66 62.53 9.22
C ASN G 34 -50.42 61.65 9.33
N LEU G 35 -50.62 60.35 9.21
CA LEU G 35 -49.54 59.38 9.14
C LEU G 35 -49.50 58.82 7.72
N LEU G 36 -48.40 59.05 7.02
CA LEU G 36 -48.20 58.51 5.68
C LEU G 36 -47.28 57.30 5.76
N ILE G 37 -47.78 56.15 5.38
CA ILE G 37 -47.02 54.91 5.39
C ILE G 37 -46.74 54.51 3.96
N ALA G 38 -45.49 54.21 3.67
CA ALA G 38 -45.07 53.78 2.34
C ALA G 38 -44.73 52.31 2.38
N LYS G 39 -45.50 51.50 1.68
CA LYS G 39 -45.14 50.13 1.35
C LYS G 39 -44.72 50.13 -0.12
N ASN G 40 -43.95 49.13 -0.51
CA ASN G 40 -43.34 49.15 -1.84
C ASN G 40 -44.38 49.47 -2.91
N THR G 41 -44.32 50.67 -3.47
CA THR G 41 -45.20 51.18 -4.53
C THR G 41 -46.57 51.62 -4.02
N ARG G 42 -46.87 51.50 -2.72
CA ARG G 42 -48.18 51.83 -2.18
C ARG G 42 -48.02 52.94 -1.16
N LEU G 43 -48.80 54.01 -1.31
CA LEU G 43 -48.81 55.09 -0.33
C LEU G 43 -50.17 55.05 0.37
N GLU G 44 -50.13 54.90 1.70
CA GLU G 44 -51.33 54.83 2.51
C GLU G 44 -51.39 56.10 3.37
N ILE G 45 -52.53 56.78 3.32
CA ILE G 45 -52.72 58.04 4.05
C ILE G 45 -53.74 57.78 5.16
N TYR G 46 -53.38 58.15 6.39
CA TYR G 46 -54.24 57.97 7.53
C TYR G 46 -54.39 59.30 8.26
N VAL G 47 -55.41 59.40 9.09
CA VAL G 47 -55.63 60.54 9.97
C VAL G 47 -55.49 60.07 11.40
N VAL G 48 -54.61 60.72 12.14
CA VAL G 48 -54.32 60.29 13.51
C VAL G 48 -55.46 60.77 14.39
N THR G 49 -56.10 59.85 15.09
CA THR G 49 -57.13 60.19 16.07
C THR G 49 -56.66 59.67 17.42
N ALA G 50 -57.33 60.09 18.49
CA ALA G 50 -56.92 59.61 19.81
C ALA G 50 -57.20 58.12 20.00
N GLU G 51 -58.14 57.56 19.24
CA GLU G 51 -58.43 56.14 19.38
C GLU G 51 -57.47 55.32 18.51
N GLY G 52 -57.09 55.85 17.35
CA GLY G 52 -56.17 55.17 16.47
C GLY G 52 -56.02 55.89 15.15
N LEU G 53 -55.80 55.11 14.09
CA LEU G 53 -55.59 55.65 12.76
C LEU G 53 -56.87 55.49 11.97
N ARG G 54 -57.25 56.53 11.23
CA ARG G 54 -58.43 56.50 10.37
C ARG G 54 -57.99 56.53 8.91
N PRO G 55 -58.30 55.50 8.11
CA PRO G 55 -57.88 55.51 6.71
C PRO G 55 -58.57 56.60 5.90
N VAL G 56 -57.84 57.15 4.91
CA VAL G 56 -58.35 58.19 4.04
C VAL G 56 -58.30 57.78 2.58
N LYS G 57 -57.14 57.31 2.11
CA LYS G 57 -56.94 56.98 0.71
C LYS G 57 -55.68 56.15 0.59
N GLU G 58 -55.67 55.25 -0.39
CA GLU G 58 -54.48 54.50 -0.75
C GLU G 58 -54.32 54.61 -2.26
N VAL G 59 -53.16 55.10 -2.69
CA VAL G 59 -52.87 55.25 -4.10
C VAL G 59 -51.67 54.36 -4.40
N GLY G 60 -51.61 53.90 -5.65
CA GLY G 60 -50.46 53.16 -6.15
C GLY G 60 -49.64 54.05 -7.07
N MET G 61 -48.33 53.94 -6.97
CA MET G 61 -47.41 54.65 -7.84
C MET G 61 -46.73 53.68 -8.78
N TYR G 62 -46.39 54.18 -9.97
CA TYR G 62 -45.65 53.39 -10.96
C TYR G 62 -44.15 53.50 -10.69
N GLY G 63 -43.77 53.06 -9.50
CA GLY G 63 -42.38 53.13 -9.05
C GLY G 63 -42.23 52.63 -7.63
N LYS G 64 -41.03 52.15 -7.27
CA LYS G 64 -40.76 51.77 -5.89
C LYS G 64 -40.41 53.04 -5.11
N ILE G 65 -41.12 53.26 -4.00
CA ILE G 65 -40.96 54.50 -3.24
C ILE G 65 -39.64 54.43 -2.48
N ALA G 66 -38.68 55.26 -2.89
CA ALA G 66 -37.37 55.32 -2.25
C ALA G 66 -37.28 56.44 -1.22
N VAL G 67 -37.73 57.64 -1.58
CA VAL G 67 -37.74 58.79 -0.68
C VAL G 67 -39.19 59.22 -0.48
N MET G 68 -39.55 59.51 0.76
CA MET G 68 -40.86 60.03 1.08
C MET G 68 -40.69 61.03 2.21
N GLU G 69 -41.00 62.30 1.93
CA GLU G 69 -40.79 63.36 2.91
C GLU G 69 -41.88 64.41 2.77
N LEU G 70 -42.27 65.00 3.91
CA LEU G 70 -43.26 66.05 3.95
C LEU G 70 -42.59 67.39 4.24
N PHE G 71 -42.99 68.43 3.51
CA PHE G 71 -42.45 69.76 3.67
C PHE G 71 -43.54 70.79 3.42
N ARG G 72 -43.34 71.99 3.97
CA ARG G 72 -44.31 73.08 3.86
C ARG G 72 -43.62 74.37 3.43
N PRO G 73 -43.62 74.69 2.15
CA PRO G 73 -42.98 75.94 1.71
C PRO G 73 -43.79 77.16 2.09
N LYS G 74 -43.10 78.28 2.28
CA LYS G 74 -43.75 79.52 2.65
C LYS G 74 -44.86 79.87 1.67
N GLY G 75 -46.05 80.13 2.21
CA GLY G 75 -47.22 80.46 1.42
C GLY G 75 -48.24 79.34 1.29
N GLU G 76 -47.86 78.11 1.63
CA GLU G 76 -48.78 76.99 1.54
C GLU G 76 -49.60 76.88 2.82
N SER G 77 -50.85 76.45 2.67
CA SER G 77 -51.73 76.27 3.83
C SER G 77 -51.41 74.97 4.56
N LYS G 78 -50.89 73.97 3.87
CA LYS G 78 -50.68 72.66 4.44
C LYS G 78 -49.45 72.02 3.80
N ASP G 79 -49.04 70.87 4.35
CA ASP G 79 -47.83 70.21 3.90
C ASP G 79 -47.98 69.63 2.50
N LEU G 80 -46.88 69.65 1.74
CA LEU G 80 -46.75 68.97 0.47
C LEU G 80 -45.89 67.74 0.64
N LEU G 81 -46.04 66.79 -0.27
CA LEU G 81 -45.36 65.51 -0.20
C LEU G 81 -44.35 65.40 -1.34
N PHE G 82 -43.11 65.07 -0.99
CA PHE G 82 -42.08 64.78 -1.97
C PHE G 82 -41.82 63.27 -2.02
N ILE G 83 -41.75 62.72 -3.22
CA ILE G 83 -41.48 61.31 -3.42
C ILE G 83 -40.49 61.15 -4.58
N LEU G 84 -39.52 60.26 -4.39
CA LEU G 84 -38.56 59.89 -5.43
C LEU G 84 -38.55 58.36 -5.54
N THR G 85 -38.76 57.86 -6.75
CA THR G 85 -38.81 56.41 -6.95
C THR G 85 -37.41 55.84 -7.17
N ALA G 86 -37.32 54.50 -7.10
CA ALA G 86 -36.05 53.83 -7.29
C ALA G 86 -35.48 54.03 -8.69
N LYS G 87 -36.34 54.32 -9.67
CA LYS G 87 -35.91 54.66 -11.02
C LYS G 87 -35.66 56.15 -11.19
N TYR G 88 -35.66 56.91 -10.10
CA TYR G 88 -35.35 58.34 -10.09
C TYR G 88 -36.49 59.19 -10.64
N ASN G 89 -37.73 58.75 -10.44
CA ASN G 89 -38.91 59.55 -10.76
C ASN G 89 -39.21 60.44 -9.55
N ALA G 90 -39.12 61.74 -9.74
CA ALA G 90 -39.38 62.71 -8.68
C ALA G 90 -40.70 63.41 -8.92
N CYS G 91 -41.35 63.80 -7.82
CA CYS G 91 -42.61 64.52 -7.91
C CYS G 91 -42.92 65.16 -6.57
N ILE G 92 -43.71 66.23 -6.64
CA ILE G 92 -44.26 66.89 -5.46
C ILE G 92 -45.78 66.78 -5.54
N LEU G 93 -46.39 66.25 -4.48
CA LEU G 93 -47.80 65.90 -4.49
C LEU G 93 -48.57 66.74 -3.49
N GLU G 94 -49.84 67.00 -3.80
CA GLU G 94 -50.73 67.75 -2.93
C GLU G 94 -52.07 67.02 -2.86
N TYR G 95 -52.61 66.91 -1.65
CA TYR G 95 -53.93 66.33 -1.44
C TYR G 95 -55.00 67.38 -1.75
N LYS G 96 -55.99 67.00 -2.55
CA LYS G 96 -57.10 67.89 -2.89
C LYS G 96 -58.39 67.08 -2.77
N GLN G 97 -59.34 67.56 -1.97
CA GLN G 97 -60.60 66.86 -1.77
C GLN G 97 -61.74 67.87 -1.89
N SER G 98 -62.71 67.57 -2.74
CA SER G 98 -63.92 68.39 -2.89
C SER G 98 -65.10 67.47 -2.60
N GLY G 99 -65.57 67.50 -1.35
CA GLY G 99 -66.61 66.58 -0.91
C GLY G 99 -66.12 65.16 -0.80
N GLU G 100 -66.75 64.24 -1.53
CA GLU G 100 -66.36 62.83 -1.48
C GLU G 100 -65.24 62.49 -2.46
N SER G 101 -64.87 63.42 -3.33
CA SER G 101 -63.85 63.16 -4.35
C SER G 101 -62.47 63.39 -3.75
N ILE G 102 -61.66 62.33 -3.73
CA ILE G 102 -60.29 62.38 -3.20
C ILE G 102 -59.33 62.32 -4.37
N ASP G 103 -58.42 63.29 -4.45
CA ASP G 103 -57.45 63.35 -5.52
C ASP G 103 -56.09 63.76 -4.96
N ILE G 104 -55.04 63.27 -5.60
CA ILE G 104 -53.66 63.65 -5.29
C ILE G 104 -53.10 64.35 -6.51
N ILE G 105 -52.77 65.63 -6.36
CA ILE G 105 -52.38 66.45 -7.50
C ILE G 105 -50.87 66.46 -7.59
N THR G 106 -50.36 66.32 -8.81
CA THR G 106 -48.93 66.39 -9.07
C THR G 106 -48.60 67.83 -9.44
N ARG G 107 -47.99 68.55 -8.51
CA ARG G 107 -47.64 69.95 -8.75
C ARG G 107 -46.35 70.09 -9.54
N ALA G 108 -45.42 69.15 -9.36
CA ALA G 108 -44.17 69.14 -10.11
C ALA G 108 -43.71 67.71 -10.29
N HIS G 109 -43.02 67.44 -11.39
CA HIS G 109 -42.54 66.08 -11.63
C HIS G 109 -41.38 66.15 -12.60
N GLY G 110 -40.54 65.11 -12.54
CA GLY G 110 -39.40 64.99 -13.43
C GLY G 110 -38.54 63.82 -13.00
N ASN G 111 -37.61 63.46 -13.88
CA ASN G 111 -36.68 62.36 -13.63
C ASN G 111 -35.30 62.95 -13.37
N VAL G 112 -34.71 62.62 -12.23
CA VAL G 112 -33.46 63.24 -11.78
C VAL G 112 -32.26 62.35 -12.07
N GLN G 113 -32.39 61.38 -12.96
CA GLN G 113 -31.28 60.48 -13.25
C GLN G 113 -30.18 61.20 -14.01
N ASP G 114 -28.93 60.94 -13.62
CA ASP G 114 -27.77 61.51 -14.28
C ASP G 114 -27.21 60.50 -15.29
N ARG G 115 -26.73 61.01 -16.42
CA ARG G 115 -26.18 60.14 -17.46
C ARG G 115 -24.99 59.35 -16.93
N ILE G 116 -24.12 60.00 -16.16
CA ILE G 116 -22.90 59.39 -15.64
C ILE G 116 -22.87 59.55 -14.14
N GLY G 117 -22.78 58.43 -13.43
CA GLY G 117 -22.68 58.45 -11.98
C GLY G 117 -22.59 57.04 -11.44
N ARG G 118 -22.01 56.93 -10.25
CA ARG G 118 -21.88 55.64 -9.56
C ARG G 118 -22.92 55.54 -8.46
N PRO G 119 -23.81 54.54 -8.50
CA PRO G 119 -24.80 54.40 -7.42
C PRO G 119 -24.10 54.28 -6.07
N SER G 120 -24.58 55.02 -5.09
CA SER G 120 -23.92 55.04 -3.80
C SER G 120 -24.16 53.74 -3.04
N GLU G 121 -23.23 53.41 -2.15
CA GLU G 121 -23.32 52.17 -1.39
C GLU G 121 -24.52 52.19 -0.45
N THR G 122 -24.71 53.29 0.28
CA THR G 122 -25.78 53.39 1.27
C THR G 122 -27.12 53.84 0.69
N GLY G 123 -27.27 53.83 -0.65
CA GLY G 123 -28.56 54.05 -1.27
C GLY G 123 -28.99 55.50 -1.38
N ILE G 124 -30.16 55.68 -2.01
CA ILE G 124 -30.70 57.02 -2.24
C ILE G 124 -31.01 57.67 -0.91
N ILE G 125 -30.56 58.91 -0.74
CA ILE G 125 -30.88 59.72 0.43
C ILE G 125 -31.56 61.00 -0.02
N GLY G 126 -32.65 61.35 0.67
CA GLY G 126 -33.34 62.59 0.40
C GLY G 126 -33.51 63.40 1.66
N ILE G 127 -33.08 64.66 1.60
CA ILE G 127 -33.19 65.60 2.72
C ILE G 127 -33.70 66.90 2.17
N ILE G 128 -34.50 67.60 2.97
CA ILE G 128 -35.14 68.85 2.58
C ILE G 128 -34.75 69.92 3.59
N ASP G 129 -34.49 71.13 3.09
CA ASP G 129 -34.06 72.22 3.94
C ASP G 129 -35.14 72.59 4.95
N PRO G 130 -34.75 72.98 6.17
CA PRO G 130 -35.77 73.42 7.15
C PRO G 130 -36.55 74.64 6.67
N GLU G 131 -35.95 75.49 5.85
CA GLU G 131 -36.63 76.64 5.26
C GLU G 131 -37.34 76.29 3.97
N CYS G 132 -37.42 75.00 3.62
CA CYS G 132 -38.04 74.57 2.37
C CYS G 132 -37.50 75.36 1.19
N ARG G 133 -36.18 75.54 1.18
CA ARG G 133 -35.49 76.23 0.11
C ARG G 133 -35.05 75.29 -1.01
N MET G 134 -34.75 74.04 -0.68
CA MET G 134 -34.23 73.11 -1.67
C MET G 134 -34.46 71.68 -1.18
N ILE G 135 -34.39 70.75 -2.14
CA ILE G 135 -34.38 69.32 -1.86
C ILE G 135 -32.99 68.80 -2.16
N GLY G 136 -32.36 68.19 -1.16
CA GLY G 136 -31.05 67.58 -1.34
C GLY G 136 -31.19 66.11 -1.64
N LEU G 137 -30.46 65.64 -2.65
CA LEU G 137 -30.46 64.24 -3.04
C LEU G 137 -29.02 63.74 -3.10
N ARG G 138 -28.76 62.60 -2.46
CA ARG G 138 -27.48 61.90 -2.57
C ARG G 138 -27.78 60.64 -3.38
N LEU G 139 -27.57 60.73 -4.69
CA LEU G 139 -27.84 59.64 -5.61
C LEU G 139 -26.58 58.88 -6.02
N TYR G 140 -25.47 59.59 -6.23
CA TYR G 140 -24.25 58.98 -6.73
C TYR G 140 -23.08 59.38 -5.86
N ASP G 141 -22.07 58.50 -5.81
CA ASP G 141 -20.85 58.81 -5.08
C ASP G 141 -20.21 60.08 -5.63
N GLY G 142 -19.78 60.96 -4.73
CA GLY G 142 -19.06 62.15 -5.11
C GLY G 142 -19.91 63.28 -5.67
N LEU G 143 -21.23 63.13 -5.66
CA LEU G 143 -22.12 64.16 -6.18
C LEU G 143 -23.26 64.43 -5.22
N PHE G 144 -23.59 65.71 -5.07
CA PHE G 144 -24.74 66.16 -4.29
C PHE G 144 -25.67 66.94 -5.21
N LYS G 145 -26.90 66.47 -5.36
CA LYS G 145 -27.87 67.06 -6.26
C LYS G 145 -28.82 67.97 -5.49
N VAL G 146 -29.08 69.15 -6.05
CA VAL G 146 -29.94 70.15 -5.43
C VAL G 146 -31.10 70.47 -6.38
N ILE G 147 -32.32 70.26 -5.89
CA ILE G 147 -33.52 70.72 -6.57
C ILE G 147 -34.00 71.99 -5.87
N PRO G 148 -33.83 73.18 -6.45
CA PRO G 148 -34.30 74.39 -5.77
C PRO G 148 -35.82 74.45 -5.75
N LEU G 149 -36.37 74.82 -4.60
CA LEU G 149 -37.81 74.85 -4.39
C LEU G 149 -38.38 76.21 -4.78
N ASP G 150 -38.29 76.49 -6.08
CA ASP G 150 -38.93 77.66 -6.65
C ASP G 150 -40.36 77.29 -7.05
N ARG G 151 -41.26 78.27 -6.98
CA ARG G 151 -42.66 78.02 -7.32
C ARG G 151 -42.82 77.60 -8.77
N ASP G 152 -41.95 78.09 -9.66
CA ASP G 152 -42.05 77.81 -11.09
C ASP G 152 -41.33 76.54 -11.51
N ASN G 153 -40.56 75.91 -10.61
CA ASN G 153 -39.78 74.73 -10.96
C ASN G 153 -40.66 73.48 -10.97
N LYS G 154 -41.64 73.49 -11.87
CA LYS G 154 -42.59 72.39 -11.97
C LYS G 154 -42.01 71.18 -12.70
N GLU G 155 -40.88 71.32 -13.38
CA GLU G 155 -40.19 70.20 -14.00
C GLU G 155 -39.11 69.62 -13.10
N LEU G 156 -38.92 70.18 -11.90
CA LEU G 156 -37.92 69.72 -10.94
C LEU G 156 -36.52 69.67 -11.57
N LYS G 157 -36.15 70.76 -12.24
CA LYS G 157 -34.80 70.88 -12.76
C LYS G 157 -33.82 71.02 -11.60
N ALA G 158 -32.62 70.46 -11.78
CA ALA G 158 -31.67 70.39 -10.69
C ALA G 158 -30.24 70.47 -11.22
N PHE G 159 -29.31 70.78 -10.31
CA PHE G 159 -27.90 70.86 -10.63
C PHE G 159 -27.12 70.04 -9.61
N ASN G 160 -25.92 69.61 -10.01
CA ASN G 160 -25.05 68.82 -9.15
C ASN G 160 -23.90 69.68 -8.64
N ILE G 161 -23.55 69.48 -7.37
CA ILE G 161 -22.40 70.11 -6.74
C ILE G 161 -21.38 69.02 -6.47
N ARG G 162 -20.16 69.22 -6.96
CA ARG G 162 -19.11 68.23 -6.75
C ARG G 162 -18.89 68.03 -5.25
N LEU G 163 -18.80 66.77 -4.85
CA LEU G 163 -18.65 66.39 -3.44
C LEU G 163 -17.29 65.72 -3.30
N GLU G 164 -16.42 66.31 -2.49
CA GLU G 164 -15.07 65.78 -2.36
C GLU G 164 -15.07 64.40 -1.72
N GLU G 165 -15.91 64.21 -0.70
CA GLU G 165 -15.96 62.95 0.05
C GLU G 165 -16.76 61.93 -0.74
N LEU G 166 -16.08 60.93 -1.30
CA LEU G 166 -16.74 60.04 -2.24
C LEU G 166 -17.67 59.06 -1.54
N HIS G 167 -17.31 58.60 -0.35
CA HIS G 167 -18.06 57.58 0.36
C HIS G 167 -18.80 58.22 1.54
N VAL G 168 -20.03 58.65 1.29
CA VAL G 168 -20.87 59.30 2.30
C VAL G 168 -21.81 58.26 2.88
N ILE G 169 -21.91 58.22 4.20
CA ILE G 169 -22.76 57.26 4.88
C ILE G 169 -24.16 57.81 5.10
N ASP G 170 -24.27 59.00 5.69
CA ASP G 170 -25.57 59.63 5.90
C ASP G 170 -25.39 61.14 5.91
N VAL G 171 -26.42 61.84 5.46
CA VAL G 171 -26.42 63.30 5.38
C VAL G 171 -27.80 63.81 5.77
N LYS G 172 -27.81 64.94 6.46
CA LYS G 172 -29.02 65.64 6.86
C LYS G 172 -28.78 67.15 6.83
N PHE G 173 -29.85 67.89 6.62
CA PHE G 173 -29.81 69.34 6.78
C PHE G 173 -29.85 69.72 8.25
N LEU G 174 -29.01 70.68 8.63
CA LEU G 174 -28.93 71.10 10.02
C LEU G 174 -29.95 72.20 10.28
N TYR G 175 -30.32 72.33 11.55
CA TYR G 175 -31.24 73.35 12.02
C TYR G 175 -30.47 74.50 12.66
N GLY G 176 -31.03 75.70 12.58
CA GLY G 176 -30.46 76.82 13.29
C GLY G 176 -29.21 77.39 12.65
N CYS G 177 -29.15 77.41 11.32
CA CYS G 177 -27.98 77.88 10.61
C CYS G 177 -28.27 79.15 9.82
N GLN G 178 -27.24 79.98 9.70
CA GLN G 178 -27.39 81.25 9.01
C GLN G 178 -27.64 81.05 7.52
N ALA G 179 -27.14 79.96 6.96
CA ALA G 179 -27.38 79.54 5.59
C ALA G 179 -27.72 78.06 5.60
N PRO G 180 -28.36 77.57 4.53
CA PRO G 180 -28.58 76.12 4.43
C PRO G 180 -27.30 75.33 4.63
N THR G 181 -27.30 74.41 5.60
CA THR G 181 -26.11 73.64 5.96
C THR G 181 -26.45 72.15 6.01
N ILE G 182 -25.54 71.34 5.48
CA ILE G 182 -25.64 69.89 5.52
C ILE G 182 -24.54 69.34 6.42
N CYS G 183 -24.89 68.34 7.22
CA CYS G 183 -23.93 67.60 8.03
C CYS G 183 -23.96 66.15 7.58
N PHE G 184 -22.80 65.59 7.29
CA PHE G 184 -22.75 64.24 6.75
C PHE G 184 -21.58 63.49 7.37
N VAL G 185 -21.80 62.20 7.60
CA VAL G 185 -20.73 61.29 8.00
C VAL G 185 -20.24 60.57 6.76
N TYR G 186 -18.93 60.56 6.58
CA TYR G 186 -18.31 59.94 5.41
C TYR G 186 -17.18 59.06 5.87
N GLN G 187 -16.77 58.15 4.99
CA GLN G 187 -15.70 57.20 5.28
C GLN G 187 -14.60 57.32 4.24
N ASP G 188 -13.36 57.40 4.69
CA ASP G 188 -12.19 57.38 3.83
C ASP G 188 -11.18 56.44 4.48
N PRO G 189 -10.00 56.25 3.90
CA PRO G 189 -9.04 55.30 4.49
C PRO G 189 -8.62 55.65 5.91
N GLN G 190 -8.82 56.89 6.36
CA GLN G 190 -8.38 57.32 7.68
C GLN G 190 -9.44 57.10 8.76
N GLY G 191 -10.55 56.42 8.43
CA GLY G 191 -11.64 56.24 9.35
C GLY G 191 -12.91 56.93 8.89
N ARG G 192 -13.82 57.17 9.80
CA ARG G 192 -15.05 57.91 9.52
C ARG G 192 -15.00 59.27 10.20
N HIS G 193 -15.60 60.25 9.55
CA HIS G 193 -15.56 61.63 10.00
C HIS G 193 -16.91 62.28 9.78
N VAL G 194 -17.14 63.36 10.52
CA VAL G 194 -18.32 64.21 10.34
C VAL G 194 -17.84 65.57 9.84
N LYS G 195 -18.58 66.16 8.90
CA LYS G 195 -18.16 67.37 8.23
C LYS G 195 -19.40 68.16 7.85
N THR G 196 -19.23 69.48 7.66
CA THR G 196 -20.33 70.35 7.28
C THR G 196 -19.97 71.19 6.06
N TYR G 197 -21.00 71.50 5.27
CA TYR G 197 -20.89 72.43 4.15
C TYR G 197 -22.08 73.39 4.19
N GLU G 198 -21.92 74.53 3.54
CA GLU G 198 -23.02 75.44 3.26
C GLU G 198 -23.36 75.37 1.79
N VAL G 199 -24.66 75.41 1.49
CA VAL G 199 -25.16 75.25 0.12
C VAL G 199 -25.61 76.62 -0.38
N SER G 200 -25.02 77.06 -1.48
CA SER G 200 -25.34 78.35 -2.10
C SER G 200 -26.11 78.08 -3.38
N LEU G 201 -27.42 78.35 -3.37
CA LEU G 201 -28.21 78.20 -4.58
C LEU G 201 -27.77 79.19 -5.64
N ARG G 202 -27.27 80.35 -5.23
CA ARG G 202 -26.84 81.37 -6.19
C ARG G 202 -25.57 80.96 -6.90
N GLU G 203 -24.57 80.51 -6.14
CA GLU G 203 -23.30 80.09 -6.73
C GLU G 203 -23.31 78.67 -7.25
N LYS G 204 -24.24 77.83 -6.79
CA LYS G 204 -24.30 76.44 -7.19
C LYS G 204 -22.99 75.72 -6.81
N GLU G 205 -22.58 75.89 -5.55
CA GLU G 205 -21.42 75.18 -5.05
C GLU G 205 -21.46 75.19 -3.53
N PHE G 206 -20.57 74.41 -2.93
CA PHE G 206 -20.43 74.37 -1.48
C PHE G 206 -19.50 75.48 -1.03
N ASN G 207 -19.78 76.02 0.16
CA ASN G 207 -18.88 76.92 0.87
C ASN G 207 -18.48 76.27 2.18
N LYS G 208 -17.41 76.77 2.79
CA LYS G 208 -16.92 76.19 4.03
C LYS G 208 -18.06 76.10 5.04
N GLY G 209 -18.11 74.99 5.77
CA GLY G 209 -19.19 74.71 6.67
C GLY G 209 -19.04 75.43 8.01
N PRO G 210 -20.13 75.49 8.77
CA PRO G 210 -20.10 76.27 10.01
C PRO G 210 -19.12 75.73 11.05
N TRP G 211 -18.92 74.42 11.15
CA TRP G 211 -17.96 73.92 12.12
C TRP G 211 -17.10 72.81 11.54
N LYS G 212 -15.97 72.59 12.23
CA LYS G 212 -14.87 71.77 11.77
C LYS G 212 -15.23 70.28 11.82
N GLN G 213 -14.39 69.49 11.16
CA GLN G 213 -14.53 68.04 11.16
C GLN G 213 -14.17 67.44 12.51
N GLU G 214 -14.85 66.34 12.84
CA GLU G 214 -14.54 65.52 14.01
C GLU G 214 -14.46 64.06 13.58
N ASN G 215 -13.50 63.33 14.13
CA ASN G 215 -13.43 61.88 13.94
C ASN G 215 -14.53 61.20 14.73
N VAL G 216 -15.19 60.22 14.09
CA VAL G 216 -16.36 59.58 14.66
C VAL G 216 -16.13 58.07 14.71
N GLU G 217 -17.06 57.39 15.37
CA GLU G 217 -16.99 55.94 15.50
C GLU G 217 -16.78 55.28 14.15
N ALA G 218 -15.98 54.19 14.14
CA ALA G 218 -15.70 53.51 12.89
C ALA G 218 -16.97 53.03 12.20
N GLU G 219 -18.02 52.74 12.98
CA GLU G 219 -19.30 52.30 12.46
C GLU G 219 -20.41 53.34 12.64
N ALA G 220 -20.06 54.62 12.62
CA ALA G 220 -21.06 55.68 12.65
C ALA G 220 -22.07 55.49 11.52
N SER G 221 -23.34 55.32 11.89
CA SER G 221 -24.37 54.88 10.95
C SER G 221 -25.36 55.97 10.53
N MET G 222 -25.85 56.80 11.46
CA MET G 222 -26.94 57.71 11.17
C MET G 222 -26.68 59.10 11.74
N VAL G 223 -27.18 60.11 11.01
CA VAL G 223 -27.10 61.50 11.44
C VAL G 223 -28.51 61.98 11.77
N ILE G 224 -28.68 62.48 12.98
CA ILE G 224 -29.95 63.03 13.45
C ILE G 224 -29.74 64.53 13.62
N ALA G 225 -30.60 65.34 13.01
CA ALA G 225 -30.51 66.79 13.11
C ALA G 225 -31.33 67.27 14.31
N VAL G 226 -30.66 67.85 15.30
CA VAL G 226 -31.31 68.32 16.52
C VAL G 226 -32.02 69.64 16.19
N PRO G 227 -33.24 69.89 16.75
CA PRO G 227 -34.00 71.09 16.35
C PRO G 227 -33.42 72.38 16.92
N GLU G 228 -34.12 73.48 16.70
CA GLU G 228 -33.59 74.80 17.05
C GLU G 228 -33.21 74.95 18.52
N PRO G 229 -33.98 74.45 19.49
CA PRO G 229 -33.60 74.71 20.90
C PRO G 229 -32.18 74.28 21.26
N PHE G 230 -31.74 73.11 20.82
CA PHE G 230 -30.37 72.66 21.03
C PHE G 230 -29.49 72.96 19.82
N GLY G 231 -29.96 72.57 18.63
CA GLY G 231 -29.21 72.72 17.40
C GLY G 231 -28.17 71.65 17.23
N GLY G 232 -27.49 71.69 16.08
CA GLY G 232 -26.45 70.72 15.81
C GLY G 232 -27.01 69.35 15.47
N ALA G 233 -26.19 68.33 15.63
CA ALA G 233 -26.59 66.99 15.23
C ALA G 233 -26.03 65.93 16.17
N ILE G 234 -26.72 64.78 16.19
CA ILE G 234 -26.31 63.60 16.95
C ILE G 234 -25.95 62.50 15.95
N ILE G 235 -24.88 61.77 16.24
CA ILE G 235 -24.39 60.70 15.36
C ILE G 235 -24.46 59.39 16.12
N ILE G 236 -25.24 58.44 15.59
CA ILE G 236 -25.48 57.15 16.22
C ILE G 236 -24.56 56.10 15.60
N GLY G 237 -23.87 55.34 16.44
CA GLY G 237 -23.02 54.27 15.97
C GLY G 237 -23.40 52.92 16.55
N GLN G 238 -22.43 52.00 16.63
CA GLN G 238 -22.65 50.70 17.26
C GLN G 238 -22.40 50.75 18.76
N GLU G 239 -21.35 51.46 19.20
CA GLU G 239 -21.02 51.53 20.61
C GLU G 239 -21.23 52.90 21.26
N SER G 240 -21.38 53.97 20.49
CA SER G 240 -21.40 55.31 21.07
C SER G 240 -22.38 56.21 20.35
N ILE G 241 -22.93 57.15 21.11
CA ILE G 241 -23.79 58.22 20.59
C ILE G 241 -23.12 59.54 20.92
N THR G 242 -22.97 60.41 19.92
CA THR G 242 -22.23 61.64 20.07
C THR G 242 -23.06 62.82 19.57
N TYR G 243 -22.85 63.97 20.22
CA TYR G 243 -23.46 65.24 19.82
C TYR G 243 -22.36 66.19 19.37
N HIS G 244 -22.60 66.86 18.25
CA HIS G 244 -21.63 67.78 17.67
C HIS G 244 -22.32 69.11 17.37
N ASN G 245 -21.65 70.20 17.73
CA ASN G 245 -22.12 71.53 17.37
C ASN G 245 -21.04 72.58 17.63
N GLY G 246 -20.24 72.89 16.62
CA GLY G 246 -19.18 73.86 16.78
C GLY G 246 -18.19 73.45 17.84
N ASP G 247 -18.14 74.20 18.93
CA ASP G 247 -17.22 73.89 20.01
C ASP G 247 -17.75 72.82 20.95
N LYS G 248 -19.07 72.56 20.92
CA LYS G 248 -19.66 71.61 21.84
C LYS G 248 -19.52 70.18 21.31
N TYR G 249 -19.17 69.27 22.21
CA TYR G 249 -19.03 67.85 21.88
C TYR G 249 -19.42 67.02 23.10
N LEU G 250 -20.37 66.11 22.91
CA LEU G 250 -20.78 65.17 23.94
C LEU G 250 -20.67 63.75 23.41
N ALA G 251 -20.33 62.82 24.30
CA ALA G 251 -20.23 61.42 23.89
C ALA G 251 -20.66 60.52 25.04
N ILE G 252 -21.67 59.69 24.80
CA ILE G 252 -22.11 58.66 25.74
C ILE G 252 -21.99 57.32 25.02
N ALA G 253 -21.44 56.33 25.69
CA ALA G 253 -21.20 55.00 25.13
C ALA G 253 -21.72 53.94 26.10
N PRO G 254 -23.04 53.82 26.24
CA PRO G 254 -23.59 52.84 27.17
C PRO G 254 -23.42 51.43 26.64
N PRO G 255 -23.11 50.46 27.51
CA PRO G 255 -22.83 49.10 27.01
C PRO G 255 -24.04 48.40 26.43
N ILE G 256 -25.24 48.89 26.71
CA ILE G 256 -26.46 48.18 26.31
C ILE G 256 -26.66 48.26 24.80
N ILE G 257 -26.37 49.42 24.19
CA ILE G 257 -26.60 49.55 22.76
C ILE G 257 -25.61 48.71 21.97
N LYS G 258 -24.45 48.41 22.55
CA LYS G 258 -23.46 47.61 21.84
C LYS G 258 -23.98 46.22 21.52
N GLN G 259 -24.96 45.73 22.29
CA GLN G 259 -25.47 44.38 22.09
C GLN G 259 -26.13 44.20 20.73
N SER G 260 -26.85 45.22 20.26
CA SER G 260 -27.56 45.14 19.00
C SER G 260 -27.46 46.47 18.26
N THR G 261 -27.34 46.40 16.93
CA THR G 261 -27.17 47.59 16.12
C THR G 261 -28.44 48.44 16.07
N ILE G 262 -28.29 49.75 16.25
CA ILE G 262 -29.41 50.67 16.19
C ILE G 262 -29.64 51.05 14.74
N VAL G 263 -30.88 50.91 14.28
CA VAL G 263 -31.18 51.07 12.86
C VAL G 263 -32.17 52.19 12.57
N CYS G 264 -33.00 52.60 13.52
CA CYS G 264 -34.04 53.59 13.24
C CYS G 264 -34.17 54.58 14.38
N HIS G 265 -34.42 55.84 14.04
CA HIS G 265 -34.59 56.90 15.03
C HIS G 265 -35.75 57.80 14.64
N ASN G 266 -36.38 58.40 15.66
CA ASN G 266 -37.46 59.36 15.45
C ASN G 266 -37.46 60.34 16.62
N ARG G 267 -38.01 61.53 16.37
CA ARG G 267 -38.02 62.62 17.34
C ARG G 267 -39.36 62.62 18.06
N VAL G 268 -39.33 62.46 19.38
CA VAL G 268 -40.57 62.44 20.15
C VAL G 268 -41.04 63.87 20.41
N ASP G 269 -40.13 64.73 20.88
CA ASP G 269 -40.45 66.10 21.29
C ASP G 269 -40.01 67.11 20.25
N PRO G 270 -40.90 68.03 19.82
CA PRO G 270 -40.47 69.05 18.86
C PRO G 270 -39.26 69.84 19.33
N ASN G 271 -39.12 70.02 20.65
CA ASN G 271 -37.96 70.74 21.19
C ASN G 271 -36.70 69.90 21.15
N GLY G 272 -36.81 68.60 20.87
CA GLY G 272 -35.66 67.74 20.71
C GLY G 272 -35.17 67.10 21.98
N SER G 273 -35.88 67.26 23.09
CA SER G 273 -35.42 66.68 24.35
C SER G 273 -35.42 65.16 24.29
N ARG G 274 -36.40 64.59 23.59
CA ARG G 274 -36.62 63.14 23.61
C ARG G 274 -36.62 62.59 22.18
N TYR G 275 -35.83 61.54 21.96
CA TYR G 275 -35.75 60.82 20.69
C TYR G 275 -35.96 59.33 20.93
N LEU G 276 -36.47 58.63 19.92
CA LEU G 276 -36.70 57.19 19.98
C LEU G 276 -35.65 56.44 19.16
N LEU G 277 -35.21 55.27 19.66
CA LEU G 277 -34.22 54.45 18.98
C LEU G 277 -34.66 52.99 18.95
N GLY G 278 -34.40 52.32 17.82
CA GLY G 278 -34.70 50.91 17.68
C GLY G 278 -33.51 50.13 17.15
N ASP G 279 -33.45 48.85 17.51
CA ASP G 279 -32.32 47.99 17.14
C ASP G 279 -32.80 46.70 16.50
N MET G 280 -31.84 45.96 15.93
CA MET G 280 -32.15 44.75 15.17
C MET G 280 -32.75 43.65 16.04
N GLU G 281 -32.59 43.71 17.36
CA GLU G 281 -33.21 42.73 18.25
C GLU G 281 -34.61 43.14 18.69
N GLY G 282 -35.15 44.23 18.16
CA GLY G 282 -36.50 44.66 18.48
C GLY G 282 -36.61 45.54 19.70
N ARG G 283 -35.51 45.89 20.35
CA ARG G 283 -35.53 46.74 21.54
C ARG G 283 -35.80 48.19 21.17
N LEU G 284 -36.59 48.87 22.00
CA LEU G 284 -36.91 50.28 21.81
C LEU G 284 -36.31 51.11 22.93
N PHE G 285 -35.52 52.13 22.57
CA PHE G 285 -34.84 53.00 23.51
C PHE G 285 -35.36 54.43 23.39
N MET G 286 -35.20 55.18 24.49
CA MET G 286 -35.44 56.61 24.54
C MET G 286 -34.11 57.33 24.69
N LEU G 287 -33.80 58.20 23.74
CA LEU G 287 -32.60 59.06 23.81
C LEU G 287 -33.01 60.41 24.39
N LEU G 288 -32.41 60.78 25.52
CA LEU G 288 -32.77 61.98 26.25
C LEU G 288 -31.64 63.00 26.19
N LEU G 289 -31.98 64.24 25.89
CA LEU G 289 -31.04 65.36 25.89
C LEU G 289 -31.26 66.14 27.18
N GLU G 290 -30.25 66.14 28.05
CA GLU G 290 -30.39 66.72 29.37
C GLU G 290 -30.29 68.24 29.31
N LYS G 291 -31.37 68.91 29.71
CA LYS G 291 -31.44 70.35 29.66
C LYS G 291 -30.92 70.93 30.97
N GLU G 292 -30.38 72.15 30.89
CA GLU G 292 -29.96 72.91 32.06
C GLU G 292 -30.48 74.33 31.86
N GLU G 293 -31.31 74.79 32.79
CA GLU G 293 -31.90 76.11 32.66
C GLU G 293 -30.92 77.17 33.14
N GLN G 294 -30.59 78.09 32.24
CA GLN G 294 -29.74 79.23 32.56
C GLN G 294 -30.61 80.37 33.06
N MET G 295 -29.98 81.31 33.76
CA MET G 295 -30.73 82.47 34.23
C MET G 295 -31.25 83.33 33.08
N ASP G 296 -30.61 83.27 31.92
CA ASP G 296 -31.05 84.01 30.74
C ASP G 296 -32.45 83.61 30.30
N GLY G 297 -32.98 82.50 30.82
CA GLY G 297 -34.19 81.91 30.32
C GLY G 297 -33.95 80.89 29.23
N THR G 298 -32.71 80.71 28.81
CA THR G 298 -32.32 79.75 27.80
C THR G 298 -31.89 78.43 28.44
N VAL G 299 -31.79 77.40 27.59
CA VAL G 299 -31.45 76.05 27.99
C VAL G 299 -30.18 75.62 27.25
N THR G 300 -29.28 74.96 27.96
CA THR G 300 -28.05 74.43 27.37
C THR G 300 -28.05 72.91 27.51
N LEU G 301 -27.22 72.25 26.71
CA LEU G 301 -27.15 70.79 26.69
C LEU G 301 -26.04 70.30 27.62
N LYS G 302 -26.44 69.58 28.67
CA LYS G 302 -25.51 69.10 29.68
C LYS G 302 -24.97 67.71 29.37
N ASP G 303 -25.86 66.76 29.07
CA ASP G 303 -25.45 65.38 28.83
C ASP G 303 -26.54 64.64 28.07
N LEU G 304 -26.21 63.43 27.62
CA LEU G 304 -27.10 62.56 26.89
C LEU G 304 -27.37 61.29 27.69
N ARG G 305 -28.56 60.74 27.56
CA ARG G 305 -28.94 59.52 28.27
C ARG G 305 -29.76 58.61 27.37
N VAL G 306 -29.53 57.30 27.53
CA VAL G 306 -30.25 56.27 26.79
C VAL G 306 -30.96 55.37 27.79
N GLU G 307 -32.25 55.14 27.56
CA GLU G 307 -33.08 54.36 28.47
C GLU G 307 -33.88 53.33 27.67
N LEU G 308 -33.75 52.07 28.06
CA LEU G 308 -34.50 51.00 27.42
C LEU G 308 -35.97 51.06 27.84
N LEU G 309 -36.86 51.07 26.85
CA LEU G 309 -38.31 51.09 27.12
C LEU G 309 -38.93 49.71 27.06
N GLY G 310 -38.56 48.91 26.06
CA GLY G 310 -39.16 47.59 25.90
C GLY G 310 -38.86 47.00 24.54
N GLU G 311 -39.74 46.12 24.10
CA GLU G 311 -39.57 45.41 22.84
C GLU G 311 -40.74 45.69 21.90
N THR G 312 -40.41 45.92 20.64
CA THR G 312 -41.38 46.04 19.55
C THR G 312 -40.97 45.05 18.47
N SER G 313 -41.74 44.98 17.40
CA SER G 313 -41.30 44.21 16.25
C SER G 313 -40.06 44.89 15.68
N ILE G 314 -39.17 44.09 15.08
CA ILE G 314 -37.97 44.64 14.47
C ILE G 314 -38.43 45.74 13.52
N ALA G 315 -37.98 46.97 13.74
CA ALA G 315 -38.61 48.14 13.14
C ALA G 315 -37.70 48.76 12.09
N GLU G 316 -38.23 48.90 10.88
CA GLU G 316 -37.54 49.67 9.86
C GLU G 316 -37.66 51.17 10.12
N CYS G 317 -38.85 51.63 10.52
CA CYS G 317 -39.08 53.05 10.78
C CYS G 317 -39.90 53.19 12.06
N LEU G 318 -39.58 54.21 12.85
CA LEU G 318 -40.36 54.60 14.00
C LEU G 318 -40.93 55.99 13.75
N THR G 319 -42.16 56.22 14.18
CA THR G 319 -42.72 57.57 14.12
C THR G 319 -43.65 57.74 15.32
N TYR G 320 -43.34 58.72 16.17
CA TYR G 320 -44.17 59.02 17.32
C TYR G 320 -45.42 59.79 16.92
N LEU G 321 -46.56 59.35 17.43
CA LEU G 321 -47.85 60.00 17.26
C LEU G 321 -48.21 60.69 18.57
N ASP G 322 -49.23 61.55 18.51
CA ASP G 322 -49.65 62.25 19.73
C ASP G 322 -50.13 61.27 20.78
N ASN G 323 -50.10 61.72 22.04
CA ASN G 323 -50.60 60.96 23.18
C ASN G 323 -49.88 59.62 23.38
N GLY G 324 -48.56 59.66 23.37
CA GLY G 324 -47.76 58.49 23.70
C GLY G 324 -47.87 57.31 22.76
N VAL G 325 -48.57 57.45 21.64
CA VAL G 325 -48.75 56.37 20.69
C VAL G 325 -47.62 56.40 19.67
N VAL G 326 -47.05 55.23 19.38
CA VAL G 326 -45.97 55.10 18.42
C VAL G 326 -46.34 54.06 17.39
N PHE G 327 -46.09 54.36 16.11
CA PHE G 327 -46.28 53.41 15.03
C PHE G 327 -44.95 52.76 14.70
N VAL G 328 -44.91 51.44 14.75
CA VAL G 328 -43.71 50.66 14.47
C VAL G 328 -43.85 50.01 13.10
N GLY G 329 -43.13 50.53 12.11
CA GLY G 329 -43.12 49.96 10.78
C GLY G 329 -42.04 48.90 10.62
N SER G 330 -42.44 47.66 10.35
CA SER G 330 -41.53 46.53 10.30
C SER G 330 -41.51 45.93 8.90
N ARG G 331 -40.30 45.67 8.38
CA ARG G 331 -40.14 44.95 7.14
C ARG G 331 -39.92 43.46 7.36
N LEU G 332 -39.41 43.07 8.52
CA LEU G 332 -39.17 41.68 8.85
C LEU G 332 -40.30 41.03 9.63
N GLY G 333 -41.18 41.81 10.23
CA GLY G 333 -42.26 41.27 11.03
C GLY G 333 -43.51 42.12 10.98
N ASP G 334 -44.51 41.80 11.80
CA ASP G 334 -45.75 42.56 11.78
C ASP G 334 -45.53 43.97 12.30
N SER G 335 -46.13 44.94 11.63
CA SER G 335 -46.10 46.32 12.10
C SER G 335 -47.14 46.49 13.19
N GLN G 336 -47.01 47.57 13.97
CA GLN G 336 -47.86 47.71 15.14
C GLN G 336 -47.98 49.17 15.55
N LEU G 337 -49.06 49.44 16.29
CA LEU G 337 -49.19 50.62 17.12
C LEU G 337 -48.96 50.20 18.56
N VAL G 338 -48.09 50.92 19.27
CA VAL G 338 -47.74 50.58 20.64
C VAL G 338 -48.00 51.79 21.53
N LYS G 339 -48.26 51.50 22.80
CA LYS G 339 -48.50 52.52 23.80
C LYS G 339 -47.23 52.66 24.63
N LEU G 340 -46.71 53.89 24.73
CA LEU G 340 -45.58 54.19 25.59
C LEU G 340 -46.14 54.70 26.90
N ASN G 341 -45.85 53.99 27.98
CA ASN G 341 -46.37 54.32 29.30
C ASN G 341 -45.30 54.92 30.18
N VAL G 342 -45.76 55.76 31.12
CA VAL G 342 -44.89 56.27 32.17
C VAL G 342 -44.61 55.17 33.18
N ASP G 343 -45.60 54.28 33.38
CA ASP G 343 -45.50 53.18 34.31
C ASP G 343 -45.02 51.90 33.61
N SER G 344 -44.10 51.20 34.27
CA SER G 344 -43.64 49.92 33.79
C SER G 344 -44.67 48.84 34.11
N ASN G 345 -44.67 47.77 33.30
CA ASN G 345 -45.58 46.66 33.52
C ASN G 345 -44.94 45.63 34.46
N GLU G 346 -45.59 44.47 34.59
CA GLU G 346 -45.14 43.47 35.54
C GLU G 346 -43.78 42.88 35.17
N GLN G 347 -43.36 43.03 33.92
CA GLN G 347 -42.07 42.54 33.45
C GLN G 347 -41.00 43.63 33.44
N GLY G 348 -41.35 44.86 33.76
CA GLY G 348 -40.41 45.96 33.70
C GLY G 348 -40.44 46.76 32.40
N SER G 349 -41.38 46.49 31.52
CA SER G 349 -41.46 47.13 30.21
C SER G 349 -42.43 48.30 30.23
N TYR G 350 -42.09 49.34 29.49
CA TYR G 350 -42.94 50.52 29.33
C TYR G 350 -43.75 50.50 28.03
N VAL G 351 -43.66 49.42 27.26
CA VAL G 351 -44.26 49.34 25.93
C VAL G 351 -45.37 48.30 25.95
N VAL G 352 -46.55 48.69 25.46
CA VAL G 352 -47.72 47.83 25.40
C VAL G 352 -48.32 47.91 24.01
N ALA G 353 -48.50 46.76 23.38
CA ALA G 353 -49.05 46.73 22.03
C ALA G 353 -50.53 47.11 22.04
N MET G 354 -50.91 47.98 21.11
CA MET G 354 -52.32 48.34 20.90
C MET G 354 -52.92 47.54 19.75
N GLU G 355 -52.33 47.67 18.56
CA GLU G 355 -52.82 47.01 17.36
C GLU G 355 -51.66 46.30 16.67
N THR G 356 -51.99 45.25 15.94
CA THR G 356 -51.01 44.49 15.17
C THR G 356 -51.48 44.45 13.72
N PHE G 357 -50.62 44.90 12.82
CA PHE G 357 -50.94 44.95 11.39
C PHE G 357 -50.22 43.78 10.72
N THR G 358 -51.00 42.90 10.11
CA THR G 358 -50.41 41.72 9.50
C THR G 358 -49.41 42.13 8.43
N ASN G 359 -48.19 41.62 8.56
CA ASN G 359 -47.15 41.79 7.54
C ASN G 359 -46.69 40.39 7.17
N LEU G 360 -46.94 39.99 5.93
CA LEU G 360 -46.47 38.70 5.46
C LEU G 360 -44.95 38.62 5.44
N GLY G 361 -44.26 39.73 5.72
CA GLY G 361 -42.83 39.74 5.93
C GLY G 361 -42.10 39.14 4.75
N PRO G 362 -40.79 38.94 4.89
CA PRO G 362 -40.05 38.22 3.85
C PRO G 362 -40.60 36.81 3.70
N ILE G 363 -41.04 36.48 2.48
CA ILE G 363 -41.57 35.16 2.17
C ILE G 363 -40.39 34.34 1.64
N VAL G 364 -39.77 33.59 2.54
CA VAL G 364 -38.59 32.81 2.16
C VAL G 364 -39.01 31.62 1.29
N ASP G 365 -40.11 30.96 1.65
CA ASP G 365 -40.61 29.81 0.92
C ASP G 365 -42.13 29.74 1.13
N MET G 366 -42.78 28.88 0.36
CA MET G 366 -44.21 28.65 0.54
C MET G 366 -44.61 27.38 -0.19
N CYS G 367 -45.72 26.78 0.28
CA CYS G 367 -46.29 25.59 -0.34
C CYS G 367 -47.81 25.73 -0.35
N VAL G 368 -48.41 25.14 -1.38
CA VAL G 368 -49.86 25.14 -1.55
C VAL G 368 -50.38 23.76 -1.16
N VAL G 369 -51.33 23.73 -0.24
CA VAL G 369 -51.91 22.48 0.25
C VAL G 369 -53.41 22.68 0.35
N ASP G 370 -54.17 21.74 -0.19
CA ASP G 370 -55.62 21.76 -0.09
C ASP G 370 -55.97 20.96 1.16
N LEU G 371 -56.02 21.63 2.31
CA LEU G 371 -56.25 20.93 3.57
C LEU G 371 -57.70 20.45 3.66
N GLU G 372 -58.63 21.21 3.09
CA GLU G 372 -60.04 20.88 3.16
C GLU G 372 -60.48 19.97 2.04
N ARG G 373 -59.57 19.57 1.14
CA ARG G 373 -59.93 18.73 -0.01
C ARG G 373 -61.06 19.35 -0.81
N GLN G 374 -61.26 20.66 -0.62
CA GLN G 374 -62.32 21.43 -1.24
C GLN G 374 -62.00 21.88 -2.65
N GLY G 375 -60.91 21.41 -3.25
CA GLY G 375 -60.49 21.90 -4.54
C GLY G 375 -60.01 23.33 -4.54
N GLN G 376 -60.13 24.03 -3.41
CA GLN G 376 -59.70 25.43 -3.32
C GLN G 376 -58.18 25.53 -3.23
N GLY G 377 -57.62 25.15 -2.09
CA GLY G 377 -56.19 25.21 -1.87
C GLY G 377 -55.84 26.32 -0.90
N GLN G 378 -54.85 26.06 -0.03
CA GLN G 378 -54.42 27.01 0.98
C GLN G 378 -52.91 27.20 0.86
N LEU G 379 -52.45 28.42 1.16
CA LEU G 379 -51.05 28.80 0.99
C LEU G 379 -50.39 28.97 2.35
N VAL G 380 -49.42 28.09 2.64
CA VAL G 380 -48.63 28.17 3.87
C VAL G 380 -47.25 28.72 3.53
N THR G 381 -46.88 29.84 4.14
CA THR G 381 -45.67 30.56 3.78
C THR G 381 -44.72 30.63 4.98
N CYS G 382 -43.42 30.47 4.69
CA CYS G 382 -42.36 30.78 5.64
C CYS G 382 -42.11 32.28 5.62
N SER G 383 -42.53 32.99 6.66
CA SER G 383 -42.50 34.45 6.66
C SER G 383 -41.75 34.98 7.87
N GLY G 384 -41.08 36.11 7.68
CA GLY G 384 -40.37 36.78 8.75
C GLY G 384 -38.95 36.27 8.93
N ALA G 385 -38.27 36.90 9.90
CA ALA G 385 -36.93 36.50 10.28
C ALA G 385 -36.72 36.75 11.77
N PHE G 386 -35.83 35.97 12.36
CA PHE G 386 -35.41 36.11 13.76
C PHE G 386 -36.65 36.02 14.65
N LYS G 387 -36.85 36.92 15.62
CA LYS G 387 -37.96 36.79 16.54
C LYS G 387 -39.30 36.87 15.85
N GLU G 388 -39.37 37.54 14.70
CA GLU G 388 -40.62 37.72 13.97
C GLU G 388 -40.93 36.57 13.03
N GLY G 389 -40.07 35.56 12.96
CA GLY G 389 -40.33 34.44 12.07
C GLY G 389 -41.66 33.79 12.38
N SER G 390 -42.39 33.41 11.32
CA SER G 390 -43.72 32.88 11.48
C SER G 390 -44.10 32.03 10.27
N LEU G 391 -45.09 31.17 10.46
CA LEU G 391 -45.77 30.45 9.40
C LEU G 391 -47.13 31.08 9.18
N ARG G 392 -47.46 31.41 7.93
CA ARG G 392 -48.70 32.12 7.62
C ARG G 392 -49.58 31.26 6.74
N ILE G 393 -50.79 30.97 7.22
CA ILE G 393 -51.78 30.18 6.50
C ILE G 393 -52.75 31.16 5.83
N ILE G 394 -52.81 31.13 4.50
CA ILE G 394 -53.60 32.09 3.73
C ILE G 394 -54.64 31.35 2.89
N ARG G 395 -55.89 31.80 2.99
CA ARG G 395 -56.99 31.22 2.22
C ARG G 395 -57.90 32.33 1.69
N ASN G 396 -58.62 32.01 0.61
CA ASN G 396 -59.59 32.94 0.05
C ASN G 396 -60.93 32.82 0.77
N GLY G 397 -61.50 33.96 1.14
CA GLY G 397 -62.77 33.98 1.85
C GLY G 397 -63.92 33.82 0.88
N ILE G 398 -64.81 32.86 1.17
CA ILE G 398 -65.89 32.52 0.26
C ILE G 398 -67.22 32.51 1.02
N LYS G 409 -61.54 39.40 0.35
CA LYS G 409 -60.30 39.51 1.12
C LYS G 409 -59.76 38.14 1.51
N LEU G 410 -58.51 38.12 1.95
CA LEU G 410 -57.84 36.90 2.38
C LEU G 410 -57.88 36.72 3.89
N HIS G 411 -58.19 35.49 4.32
CA HIS G 411 -58.13 35.12 5.72
C HIS G 411 -56.74 34.57 6.00
N ILE G 412 -56.06 35.14 6.99
CA ILE G 412 -54.66 34.81 7.28
C ILE G 412 -54.56 34.36 8.73
N ARG G 413 -54.02 33.17 8.94
CA ARG G 413 -53.70 32.66 10.26
C ARG G 413 -52.19 32.74 10.46
N THR G 414 -51.77 33.13 11.66
CA THR G 414 -50.35 33.33 11.97
C THR G 414 -49.90 32.29 12.99
N VAL G 415 -48.83 31.57 12.66
CA VAL G 415 -48.21 30.61 13.56
C VAL G 415 -46.82 31.12 13.93
N PRO G 416 -46.65 31.71 15.12
CA PRO G 416 -45.34 32.25 15.49
C PRO G 416 -44.31 31.18 15.80
N LEU G 417 -43.10 31.38 15.27
CA LEU G 417 -41.98 30.47 15.49
C LEU G 417 -40.88 31.07 16.36
N TYR G 418 -40.76 32.39 16.41
CA TYR G 418 -39.73 33.09 17.18
C TYR G 418 -38.32 32.76 16.71
N GLU G 419 -38.20 32.11 15.55
CA GLU G 419 -36.92 31.89 14.88
C GLU G 419 -37.18 31.97 13.39
N SER G 420 -36.10 32.02 12.63
CA SER G 420 -36.22 32.28 11.19
C SER G 420 -36.68 31.04 10.45
N PRO G 421 -37.81 31.09 9.73
CA PRO G 421 -38.21 29.97 8.88
C PRO G 421 -37.52 30.07 7.53
N ARG G 422 -37.09 28.93 7.01
CA ARG G 422 -36.27 28.90 5.80
C ARG G 422 -36.91 28.16 4.64
N LYS G 423 -37.35 26.91 4.84
CA LYS G 423 -38.02 26.14 3.80
C LYS G 423 -39.18 25.37 4.43
N ILE G 424 -40.21 25.09 3.62
CA ILE G 424 -41.38 24.36 4.08
C ILE G 424 -41.77 23.31 3.05
N CYS G 425 -42.21 22.16 3.52
CA CYS G 425 -42.64 21.08 2.65
C CYS G 425 -43.74 20.30 3.35
N TYR G 426 -44.80 19.98 2.61
CA TYR G 426 -45.96 19.29 3.17
C TYR G 426 -45.89 17.80 2.88
N GLN G 427 -46.17 16.99 3.90
CA GLN G 427 -46.13 15.55 3.81
C GLN G 427 -47.50 15.01 4.25
N GLU G 428 -48.35 14.66 3.29
CA GLU G 428 -49.70 14.23 3.62
C GLU G 428 -49.69 12.95 4.44
N VAL G 429 -48.78 12.02 4.10
CA VAL G 429 -48.76 10.73 4.79
C VAL G 429 -48.69 10.92 6.30
N SER G 430 -47.96 11.94 6.76
CA SER G 430 -47.80 12.19 8.17
C SER G 430 -48.69 13.31 8.69
N GLN G 431 -49.57 13.86 7.86
CA GLN G 431 -50.46 14.96 8.26
C GLN G 431 -49.69 16.05 9.00
N CYS G 432 -48.55 16.43 8.42
CA CYS G 432 -47.68 17.41 9.06
C CYS G 432 -46.91 18.15 7.98
N PHE G 433 -46.35 19.28 8.37
CA PHE G 433 -45.49 20.08 7.52
C PHE G 433 -44.05 19.92 8.00
N GLY G 434 -43.12 19.89 7.06
CA GLY G 434 -41.71 19.99 7.36
C GLY G 434 -41.22 21.40 7.10
N VAL G 435 -40.58 21.99 8.12
CA VAL G 435 -40.07 23.36 8.04
C VAL G 435 -38.64 23.39 8.54
N LEU G 436 -37.75 23.96 7.73
CA LEU G 436 -36.38 24.22 8.12
C LEU G 436 -36.29 25.60 8.78
N SER G 437 -35.53 25.68 9.88
CA SER G 437 -35.45 26.89 10.66
C SER G 437 -34.03 27.09 11.18
N SER G 438 -33.72 28.34 11.53
CA SER G 438 -32.43 28.69 12.11
C SER G 438 -32.68 29.67 13.24
N ARG G 439 -31.93 29.51 14.33
CA ARG G 439 -32.00 30.41 15.47
C ARG G 439 -30.59 30.93 15.76
N ILE G 440 -30.52 32.15 16.29
CA ILE G 440 -29.24 32.79 16.56
C ILE G 440 -28.90 32.59 18.03
N GLU G 441 -27.77 31.95 18.29
CA GLU G 441 -27.18 31.85 19.61
C GLU G 441 -25.86 32.62 19.61
N VAL G 442 -25.36 32.93 20.81
CA VAL G 442 -24.17 33.75 20.97
C VAL G 442 -23.14 32.97 21.78
N GLN G 443 -21.88 33.07 21.38
CA GLN G 443 -20.81 32.44 22.13
C GLN G 443 -20.76 33.00 23.54
N ASP G 444 -20.74 32.12 24.53
CA ASP G 444 -20.80 32.55 25.93
C ASP G 444 -19.52 32.13 26.66
N THR G 445 -19.45 32.56 27.93
CA THR G 445 -18.25 32.35 28.74
C THR G 445 -18.00 30.89 29.06
N SER G 446 -19.00 30.02 28.91
CA SER G 446 -18.78 28.60 29.16
C SER G 446 -18.00 27.91 28.05
N GLY G 447 -17.81 28.59 26.91
CA GLY G 447 -17.27 27.96 25.74
C GLY G 447 -18.31 27.48 24.76
N GLY G 448 -19.53 27.27 25.23
CA GLY G 448 -20.65 26.94 24.37
C GLY G 448 -21.37 28.17 23.89
N THR G 449 -22.64 28.01 23.57
CA THR G 449 -23.47 29.10 23.09
C THR G 449 -24.78 29.13 23.87
N THR G 450 -25.39 30.32 23.89
CA THR G 450 -26.63 30.54 24.61
C THR G 450 -27.64 31.19 23.68
N ALA G 451 -28.86 30.68 23.68
CA ALA G 451 -29.92 31.23 22.85
C ALA G 451 -30.49 32.48 23.51
N LEU G 452 -30.75 33.49 22.70
CA LEU G 452 -31.23 34.77 23.22
C LEU G 452 -32.66 34.67 23.72
N ARG G 453 -33.46 33.75 23.17
CA ARG G 453 -34.85 33.60 23.55
C ARG G 453 -35.28 32.19 23.16
N PRO G 454 -36.29 31.63 23.82
CA PRO G 454 -36.81 30.32 23.40
C PRO G 454 -37.55 30.44 22.08
N SER G 455 -37.52 29.37 21.30
CA SER G 455 -38.13 29.37 19.98
C SER G 455 -38.53 27.95 19.60
N ALA G 456 -39.10 27.81 18.40
CA ALA G 456 -39.72 26.55 18.01
C ALA G 456 -38.78 25.37 18.20
N SER G 457 -37.50 25.52 17.85
CA SER G 457 -36.60 24.39 17.94
C SER G 457 -36.32 23.96 19.37
N THR G 458 -36.50 24.86 20.34
CA THR G 458 -36.28 24.55 21.74
C THR G 458 -37.55 24.16 22.48
N GLN G 459 -38.72 24.46 21.93
CA GLN G 459 -39.99 24.20 22.59
C GLN G 459 -40.78 23.09 21.91
N ALA G 460 -40.13 22.25 21.10
CA ALA G 460 -40.81 21.13 20.48
C ALA G 460 -41.18 20.10 21.53
N LEU G 461 -42.23 19.31 21.25
CA LEU G 461 -42.63 18.27 22.20
C LEU G 461 -41.49 17.28 22.41
N SER G 462 -41.01 16.68 21.33
CA SER G 462 -39.81 15.85 21.35
C SER G 462 -38.74 16.50 20.48
N SER G 463 -37.49 16.21 20.78
CA SER G 463 -36.38 16.84 20.07
C SER G 463 -35.27 15.82 19.87
N SER G 464 -34.36 16.13 18.95
CA SER G 464 -33.24 15.26 18.65
C SER G 464 -32.08 16.09 18.11
N VAL G 465 -30.87 15.59 18.33
CA VAL G 465 -29.65 16.23 17.85
C VAL G 465 -28.87 15.23 17.01
N SER G 466 -28.35 15.70 15.88
CA SER G 466 -27.62 14.81 14.98
C SER G 466 -26.35 14.31 15.67
N SER G 467 -26.11 13.01 15.54
CA SER G 467 -24.90 12.38 16.06
C SER G 467 -23.96 11.99 14.93
N SER G 468 -24.18 12.52 13.74
CA SER G 468 -23.38 12.12 12.59
C SER G 468 -21.93 12.47 12.84
N LYS G 469 -21.06 11.50 12.58
CA LYS G 469 -19.61 11.68 12.64
C LYS G 469 -19.02 11.66 11.23
N LEU G 470 -19.89 11.73 10.21
CA LEU G 470 -19.46 11.63 8.82
C LEU G 470 -18.36 12.64 8.53
N PHE G 471 -18.51 13.88 9.00
CA PHE G 471 -17.45 14.86 8.81
C PHE G 471 -16.36 14.72 9.86
N SER G 472 -16.63 14.00 10.94
CA SER G 472 -15.63 13.73 11.98
C SER G 472 -14.88 15.00 12.36
N SER G 473 -13.67 14.86 12.90
CA SER G 473 -12.91 16.04 13.26
C SER G 473 -12.24 16.65 12.03
N SER G 474 -12.01 15.82 11.01
CA SER G 474 -11.51 16.28 9.72
C SER G 474 -10.36 17.28 9.86
N THR G 475 -9.56 17.13 10.90
CA THR G 475 -8.44 18.01 11.22
C THR G 475 -8.79 19.48 10.91
N ALA G 476 -9.81 20.00 11.59
CA ALA G 476 -10.27 21.37 11.36
C ALA G 476 -10.68 22.07 12.64
N PRO G 477 -9.71 22.43 13.51
CA PRO G 477 -10.04 23.20 14.71
C PRO G 477 -10.30 24.67 14.38
N HIS G 478 -11.41 25.22 14.88
CA HIS G 478 -11.78 26.62 14.67
C HIS G 478 -11.89 27.42 15.96
N GLU G 479 -11.25 28.60 15.97
CA GLU G 479 -11.28 29.48 17.13
C GLU G 479 -12.66 30.13 17.27
N THR G 480 -13.12 30.27 18.51
CA THR G 480 -14.41 30.90 18.81
C THR G 480 -14.19 32.05 19.79
N SER G 481 -14.79 33.20 19.49
CA SER G 481 -14.66 34.39 20.33
C SER G 481 -15.96 34.74 21.02
N PHE G 482 -15.87 35.10 22.30
CA PHE G 482 -17.06 35.48 23.07
C PHE G 482 -17.77 36.65 22.39
N GLY G 483 -19.10 36.55 22.31
CA GLY G 483 -19.92 37.58 21.73
C GLY G 483 -20.29 37.35 20.29
N GLU G 484 -19.60 36.43 19.61
CA GLU G 484 -19.91 36.14 18.21
C GLU G 484 -21.24 35.41 18.08
N GLU G 485 -21.97 35.71 17.01
CA GLU G 485 -23.23 35.04 16.74
C GLU G 485 -22.98 33.78 15.92
N VAL G 486 -23.85 32.80 16.09
CA VAL G 486 -23.85 31.59 15.28
C VAL G 486 -25.30 31.21 14.98
N GLU G 487 -25.50 30.55 13.84
CA GLU G 487 -26.81 30.03 13.48
C GLU G 487 -26.88 28.54 13.79
N VAL G 488 -28.00 28.13 14.38
CA VAL G 488 -28.28 26.73 14.66
C VAL G 488 -29.49 26.32 13.84
N HIS G 489 -29.31 25.36 12.94
CA HIS G 489 -30.34 24.98 11.98
C HIS G 489 -31.05 23.71 12.44
N ASN G 490 -32.36 23.68 12.21
CA ASN G 490 -33.19 22.59 12.71
C ASN G 490 -34.23 22.24 11.65
N LEU G 491 -34.72 21.01 11.72
CA LEU G 491 -35.89 20.58 10.97
C LEU G 491 -37.06 20.45 11.93
N LEU G 492 -38.12 21.21 11.69
CA LEU G 492 -39.30 21.20 12.53
C LEU G 492 -40.42 20.40 11.85
N ILE G 493 -41.10 19.57 12.62
CA ILE G 493 -42.29 18.85 12.19
C ILE G 493 -43.49 19.52 12.85
N ILE G 494 -44.42 20.01 12.04
CA ILE G 494 -45.52 20.84 12.50
C ILE G 494 -46.83 20.16 12.09
N ASP G 495 -47.74 19.99 13.06
CA ASP G 495 -49.02 19.35 12.76
C ASP G 495 -49.87 20.24 11.85
N GLN G 496 -50.57 19.62 10.90
CA GLN G 496 -51.30 20.38 9.91
C GLN G 496 -52.56 21.03 10.47
N HIS G 497 -53.07 20.55 11.61
CA HIS G 497 -54.24 21.12 12.24
C HIS G 497 -53.89 22.00 13.44
N THR G 498 -53.08 21.47 14.36
CA THR G 498 -52.71 22.23 15.55
C THR G 498 -51.59 23.21 15.26
N PHE G 499 -50.77 22.94 14.25
CA PHE G 499 -49.59 23.76 13.95
C PHE G 499 -48.71 23.88 15.20
N GLU G 500 -48.61 22.77 15.93
CA GLU G 500 -47.74 22.64 17.09
C GLU G 500 -46.48 21.90 16.69
N VAL G 501 -45.35 22.34 17.23
CA VAL G 501 -44.07 21.72 16.91
C VAL G 501 -44.03 20.34 17.56
N LEU G 502 -44.09 19.29 16.75
CA LEU G 502 -44.12 17.93 17.27
C LEU G 502 -42.72 17.39 17.52
N HIS G 503 -41.77 17.71 16.64
CA HIS G 503 -40.40 17.23 16.78
C HIS G 503 -39.49 18.26 16.14
N ALA G 504 -38.26 18.33 16.65
CA ALA G 504 -37.24 19.22 16.10
C ALA G 504 -35.90 18.50 16.11
N HIS G 505 -35.22 18.51 14.97
CA HIS G 505 -33.92 17.87 14.82
C HIS G 505 -32.88 18.96 14.61
N GLN G 506 -31.89 19.02 15.51
CA GLN G 506 -30.81 20.00 15.40
C GLN G 506 -29.68 19.41 14.57
N PHE G 507 -29.27 20.14 13.53
CA PHE G 507 -28.21 19.67 12.67
C PHE G 507 -26.84 19.91 13.31
N LEU G 508 -25.80 19.44 12.64
CA LEU G 508 -24.46 19.49 13.18
C LEU G 508 -24.01 20.93 13.42
N GLN G 509 -23.03 21.07 14.30
CA GLN G 509 -22.45 22.39 14.58
C GLN G 509 -21.91 22.99 13.29
N ASN G 510 -22.30 24.24 13.02
CA ASN G 510 -21.89 24.99 11.84
C ASN G 510 -22.49 24.43 10.55
N GLU G 511 -23.54 23.62 10.65
CA GLU G 511 -24.20 23.07 9.47
C GLU G 511 -25.47 23.85 9.17
N TYR G 512 -25.60 24.30 7.91
CA TYR G 512 -26.77 24.99 7.44
C TYR G 512 -27.66 24.05 6.63
N ALA G 513 -28.96 24.11 6.89
CA ALA G 513 -29.96 23.37 6.12
C ALA G 513 -30.45 24.27 4.99
N LEU G 514 -30.25 23.85 3.75
CA LEU G 514 -30.55 24.68 2.60
C LEU G 514 -31.74 24.21 1.76
N SER G 515 -32.05 22.92 1.77
CA SER G 515 -33.07 22.39 0.87
C SER G 515 -33.85 21.29 1.57
N LEU G 516 -35.13 21.18 1.21
CA LEU G 516 -36.04 20.25 1.86
C LEU G 516 -37.05 19.73 0.87
N VAL G 517 -37.26 18.41 0.86
CA VAL G 517 -38.28 17.76 0.05
C VAL G 517 -38.95 16.66 0.86
N SER G 518 -40.17 16.34 0.47
CA SER G 518 -40.93 15.22 1.02
C SER G 518 -41.38 14.37 -0.16
N CYS G 519 -40.97 13.10 -0.19
CA CYS G 519 -41.23 12.27 -1.35
C CYS G 519 -40.93 10.81 -1.03
N LYS G 520 -41.42 9.94 -1.91
CA LYS G 520 -41.03 8.54 -1.96
C LYS G 520 -39.95 8.36 -3.03
N LEU G 521 -39.02 7.45 -2.78
CA LEU G 521 -37.92 7.20 -3.72
C LEU G 521 -37.85 5.72 -4.08
N GLY G 522 -37.46 5.46 -5.32
CA GLY G 522 -37.30 4.10 -5.80
C GLY G 522 -38.59 3.32 -5.60
N LYS G 523 -38.45 2.07 -5.15
CA LYS G 523 -39.59 1.23 -4.81
C LYS G 523 -39.86 1.22 -3.31
N ASP G 524 -39.29 2.16 -2.57
CA ASP G 524 -39.48 2.22 -1.13
C ASP G 524 -40.81 2.90 -0.82
N PRO G 525 -41.77 2.20 -0.19
CA PRO G 525 -43.08 2.82 0.04
C PRO G 525 -43.10 3.89 1.11
N ASN G 526 -42.04 4.03 1.90
CA ASN G 526 -42.02 5.02 2.96
C ASN G 526 -41.83 6.42 2.38
N THR G 527 -42.51 7.39 2.97
CA THR G 527 -42.38 8.79 2.58
C THR G 527 -41.38 9.45 3.51
N TYR G 528 -40.38 10.11 2.93
CA TYR G 528 -39.27 10.64 3.70
C TYR G 528 -39.22 12.16 3.64
N PHE G 529 -38.64 12.74 4.68
CA PHE G 529 -38.13 14.11 4.64
C PHE G 529 -36.64 14.03 4.30
N ILE G 530 -36.24 14.75 3.26
CA ILE G 530 -34.85 14.77 2.81
C ILE G 530 -34.35 16.20 2.90
N VAL G 531 -33.18 16.38 3.49
CA VAL G 531 -32.61 17.70 3.73
C VAL G 531 -31.21 17.76 3.13
N GLY G 532 -30.92 18.85 2.44
CA GLY G 532 -29.60 19.13 1.91
C GLY G 532 -28.93 20.23 2.72
N THR G 533 -27.69 19.99 3.13
CA THR G 533 -27.00 20.85 4.07
C THR G 533 -25.64 21.28 3.52
N ALA G 534 -25.03 22.23 4.22
CA ALA G 534 -23.70 22.71 3.89
C ALA G 534 -22.97 23.07 5.17
N MET G 535 -21.68 22.75 5.22
CA MET G 535 -20.82 23.11 6.36
C MET G 535 -20.29 24.52 6.13
N VAL G 536 -20.73 25.47 6.96
CA VAL G 536 -20.50 26.89 6.74
C VAL G 536 -19.47 27.39 7.73
N TYR G 537 -18.28 27.75 7.23
CA TYR G 537 -17.26 28.39 8.03
C TYR G 537 -16.91 29.74 7.42
N PRO G 538 -16.72 30.79 8.24
CA PRO G 538 -16.40 32.10 7.65
C PRO G 538 -15.17 32.09 6.77
N GLU G 539 -14.23 31.16 7.01
CA GLU G 539 -12.98 31.16 6.25
C GLU G 539 -13.21 30.76 4.80
N GLU G 540 -14.21 29.93 4.52
CA GLU G 540 -14.42 29.41 3.18
C GLU G 540 -15.29 30.37 2.38
N ALA G 541 -14.90 30.62 1.14
CA ALA G 541 -15.73 31.43 0.25
C ALA G 541 -16.94 30.63 -0.21
N GLU G 542 -16.70 29.41 -0.69
CA GLU G 542 -17.76 28.49 -1.04
C GLU G 542 -17.64 27.25 -0.18
N PRO G 543 -18.74 26.73 0.36
CA PRO G 543 -18.66 25.53 1.19
C PRO G 543 -18.10 24.35 0.41
N LYS G 544 -17.24 23.58 1.07
CA LYS G 544 -16.61 22.43 0.45
C LYS G 544 -17.10 21.11 1.02
N GLN G 545 -18.02 21.14 1.99
CA GLN G 545 -18.56 19.92 2.59
C GLN G 545 -20.06 20.04 2.74
N GLY G 546 -20.74 18.89 2.68
CA GLY G 546 -22.19 18.89 2.74
C GLY G 546 -22.72 17.49 2.94
N ARG G 547 -23.98 17.44 3.35
CA ARG G 547 -24.68 16.19 3.60
C ARG G 547 -26.07 16.23 2.97
N ILE G 548 -26.48 15.07 2.43
CA ILE G 548 -27.87 14.82 2.06
C ILE G 548 -28.38 13.79 3.05
N VAL G 549 -29.41 14.15 3.81
CA VAL G 549 -29.90 13.31 4.90
C VAL G 549 -31.32 12.91 4.60
N VAL G 550 -31.63 11.63 4.80
CA VAL G 550 -32.98 11.08 4.62
C VAL G 550 -33.55 10.80 6.00
N PHE G 551 -34.71 11.40 6.28
CA PHE G 551 -35.40 11.22 7.55
C PHE G 551 -36.75 10.56 7.30
N GLN G 552 -37.20 9.77 8.29
CA GLN G 552 -38.57 9.29 8.30
C GLN G 552 -39.23 9.69 9.61
N TYR G 553 -40.36 10.39 9.52
CA TYR G 553 -41.16 10.75 10.68
C TYR G 553 -42.16 9.63 10.95
N SER G 554 -41.98 8.95 12.08
CA SER G 554 -42.83 7.82 12.44
C SER G 554 -43.05 7.81 13.95
N ASP G 555 -44.33 7.73 14.34
CA ASP G 555 -44.70 7.61 15.75
C ASP G 555 -44.14 8.77 16.58
N GLY G 556 -44.36 9.98 16.09
CA GLY G 556 -44.00 11.19 16.81
C GLY G 556 -42.53 11.53 16.82
N LYS G 557 -41.68 10.69 16.22
CA LYS G 557 -40.25 10.95 16.13
C LYS G 557 -39.79 10.65 14.71
N LEU G 558 -38.83 11.45 14.21
CA LEU G 558 -38.24 11.21 12.90
C LEU G 558 -36.81 10.72 13.07
N GLN G 559 -36.49 9.61 12.42
CA GLN G 559 -35.20 8.93 12.54
C GLN G 559 -34.48 8.89 11.20
N THR G 560 -33.17 9.10 11.24
CA THR G 560 -32.33 9.13 10.06
C THR G 560 -32.19 7.75 9.42
N VAL G 561 -32.53 7.65 8.15
CA VAL G 561 -32.40 6.39 7.41
C VAL G 561 -31.02 6.25 6.77
N ALA G 562 -30.51 7.31 6.14
CA ALA G 562 -29.20 7.24 5.50
C ALA G 562 -28.63 8.65 5.35
N GLU G 563 -27.30 8.71 5.23
CA GLU G 563 -26.59 9.95 5.01
C GLU G 563 -25.70 9.80 3.79
N LYS G 564 -25.62 10.86 2.99
CA LYS G 564 -24.77 10.90 1.81
C LYS G 564 -23.92 12.16 1.88
N GLU G 565 -22.61 12.00 1.85
CA GLU G 565 -21.69 13.12 1.94
C GLU G 565 -21.43 13.69 0.56
N VAL G 566 -21.52 15.02 0.44
CA VAL G 566 -21.22 15.71 -0.80
C VAL G 566 -20.12 16.73 -0.49
N LYS G 567 -19.42 17.15 -1.53
CA LYS G 567 -18.31 18.11 -1.37
C LYS G 567 -18.75 19.53 -1.70
N GLY G 568 -19.84 19.99 -1.09
CA GLY G 568 -20.35 21.31 -1.35
C GLY G 568 -21.72 21.50 -0.73
N ALA G 569 -22.37 22.59 -1.11
CA ALA G 569 -23.66 22.95 -0.55
C ALA G 569 -24.78 22.40 -1.42
N VAL G 570 -25.74 21.71 -0.80
CA VAL G 570 -26.89 21.16 -1.51
C VAL G 570 -27.94 22.28 -1.53
N TYR G 571 -27.83 23.16 -2.52
CA TYR G 571 -28.69 24.33 -2.56
C TYR G 571 -30.14 23.95 -2.87
N SER G 572 -30.36 22.99 -3.76
CA SER G 572 -31.71 22.68 -4.21
C SER G 572 -31.85 21.19 -4.45
N MET G 573 -33.01 20.65 -4.07
CA MET G 573 -33.37 19.26 -4.33
C MET G 573 -34.79 19.20 -4.84
N VAL G 574 -35.08 18.17 -5.64
CA VAL G 574 -36.41 17.98 -6.20
C VAL G 574 -36.55 16.52 -6.59
N GLU G 575 -37.73 15.95 -6.36
CA GLU G 575 -37.97 14.56 -6.74
C GLU G 575 -38.04 14.46 -8.25
N PHE G 576 -37.37 13.44 -8.80
CA PHE G 576 -37.26 13.23 -10.24
C PHE G 576 -37.54 11.76 -10.55
N ASN G 577 -38.80 11.45 -10.85
CA ASN G 577 -39.20 10.13 -11.32
C ASN G 577 -38.62 9.02 -10.44
N GLY G 578 -38.89 9.11 -9.15
CA GLY G 578 -38.40 8.12 -8.20
C GLY G 578 -36.95 8.28 -7.82
N LYS G 579 -36.25 9.24 -8.39
CA LYS G 579 -34.86 9.51 -8.09
C LYS G 579 -34.75 10.91 -7.48
N LEU G 580 -33.61 11.16 -6.84
CA LEU G 580 -33.36 12.41 -6.15
C LEU G 580 -32.43 13.27 -6.98
N LEU G 581 -32.91 14.43 -7.40
CA LEU G 581 -32.14 15.39 -8.15
C LEU G 581 -31.67 16.48 -7.20
N ALA G 582 -30.36 16.62 -7.05
CA ALA G 582 -29.78 17.57 -6.11
C ALA G 582 -28.72 18.40 -6.82
N SER G 583 -28.62 19.66 -6.43
CA SER G 583 -27.62 20.58 -6.95
C SER G 583 -26.60 20.83 -5.85
N ILE G 584 -25.36 20.42 -6.10
CA ILE G 584 -24.26 20.61 -5.16
C ILE G 584 -23.27 21.58 -5.82
N ASN G 585 -23.28 22.84 -5.38
CA ASN G 585 -22.43 23.90 -5.92
C ASN G 585 -22.61 23.99 -7.43
N SER G 586 -21.57 23.85 -8.25
CA SER G 586 -21.72 23.90 -9.70
C SER G 586 -22.44 22.66 -10.23
N THR G 587 -22.30 21.53 -9.56
CA THR G 587 -22.81 20.26 -10.07
C THR G 587 -24.31 20.12 -9.88
N VAL G 588 -24.96 19.55 -10.90
CA VAL G 588 -26.35 19.10 -10.83
C VAL G 588 -26.32 17.60 -10.94
N ARG G 589 -26.82 16.91 -9.92
CA ARG G 589 -26.65 15.47 -9.78
C ARG G 589 -27.98 14.76 -9.63
N LEU G 590 -28.03 13.52 -10.13
CA LEU G 590 -29.19 12.64 -9.99
C LEU G 590 -28.79 11.42 -9.18
N TYR G 591 -29.49 11.19 -8.07
CA TYR G 591 -29.22 10.08 -7.18
C TYR G 591 -30.32 9.03 -7.33
N GLU G 592 -29.92 7.77 -7.30
CA GLU G 592 -30.85 6.66 -7.22
C GLU G 592 -30.98 6.18 -5.78
N TRP G 593 -32.18 5.69 -5.43
CA TRP G 593 -32.47 5.18 -4.09
C TRP G 593 -32.42 3.65 -4.17
N THR G 594 -31.39 3.07 -3.57
CA THR G 594 -31.15 1.65 -3.71
C THR G 594 -32.05 0.83 -2.81
N THR G 595 -32.05 -0.49 -3.05
CA THR G 595 -32.75 -1.42 -2.19
C THR G 595 -32.11 -1.51 -0.80
N GLU G 596 -30.90 -0.98 -0.65
CA GLU G 596 -30.22 -0.92 0.63
C GLU G 596 -30.51 0.37 1.39
N LYS G 597 -31.49 1.16 0.95
CA LYS G 597 -31.87 2.41 1.62
C LYS G 597 -30.65 3.35 1.69
N GLU G 598 -29.98 3.49 0.55
CA GLU G 598 -28.84 4.40 0.41
C GLU G 598 -28.86 5.04 -0.96
N LEU G 599 -28.34 6.26 -1.04
CA LEU G 599 -28.31 7.02 -2.28
C LEU G 599 -27.09 6.66 -3.13
N ARG G 600 -27.32 6.49 -4.43
CA ARG G 600 -26.27 6.13 -5.37
C ARG G 600 -26.31 7.09 -6.56
N THR G 601 -25.17 7.71 -6.84
CA THR G 601 -25.06 8.64 -7.95
C THR G 601 -25.26 7.93 -9.28
N GLU G 602 -25.98 8.59 -10.20
CA GLU G 602 -26.18 8.07 -11.54
C GLU G 602 -25.53 8.94 -12.61
N CYS G 603 -25.93 10.22 -12.72
CA CYS G 603 -25.40 11.10 -13.75
C CYS G 603 -25.22 12.51 -13.18
N ASN G 604 -24.22 13.22 -13.69
CA ASN G 604 -23.88 14.56 -13.21
C ASN G 604 -23.73 15.54 -14.35
N HIS G 605 -24.04 16.80 -14.08
CA HIS G 605 -23.83 17.92 -14.98
C HIS G 605 -23.08 19.02 -14.26
N TYR G 606 -22.07 19.60 -14.91
CA TYR G 606 -21.19 20.55 -14.24
C TYR G 606 -21.17 21.94 -14.88
N ASN G 607 -21.84 22.16 -16.01
CA ASN G 607 -21.73 23.45 -16.68
C ASN G 607 -22.62 24.48 -15.98
N ASN G 608 -22.25 24.80 -14.76
CA ASN G 608 -22.94 25.82 -13.99
C ASN G 608 -21.90 26.57 -13.17
N ILE G 609 -22.26 27.78 -12.76
CA ILE G 609 -21.42 28.55 -11.86
C ILE G 609 -21.83 28.31 -10.40
N MET G 610 -23.13 28.45 -10.13
CA MET G 610 -23.69 28.05 -8.85
C MET G 610 -25.11 27.61 -9.18
N ALA G 611 -25.42 26.31 -9.06
CA ALA G 611 -26.75 25.79 -9.40
C ALA G 611 -27.69 26.00 -8.22
N LEU G 612 -28.25 27.22 -8.15
CA LEU G 612 -29.01 27.63 -6.98
C LEU G 612 -30.42 27.05 -6.95
N TYR G 613 -31.09 26.95 -8.10
CA TYR G 613 -32.49 26.60 -8.14
C TYR G 613 -32.75 25.49 -9.15
N LEU G 614 -33.71 24.62 -8.82
CA LEU G 614 -34.05 23.49 -9.67
C LEU G 614 -35.56 23.32 -9.73
N LYS G 615 -36.04 22.98 -10.92
CA LYS G 615 -37.44 22.67 -11.17
C LYS G 615 -37.47 21.64 -12.29
N THR G 616 -38.43 20.71 -12.21
CA THR G 616 -38.51 19.61 -13.16
C THR G 616 -39.92 19.43 -13.68
N LYS G 617 -40.02 19.07 -14.95
CA LYS G 617 -41.29 18.67 -15.58
C LYS G 617 -41.00 17.49 -16.49
N GLY G 618 -41.49 16.31 -16.12
CA GLY G 618 -41.19 15.12 -16.90
C GLY G 618 -39.73 14.78 -16.76
N ASP G 619 -39.07 14.50 -17.88
CA ASP G 619 -37.63 14.28 -17.89
C ASP G 619 -36.85 15.56 -18.18
N PHE G 620 -37.49 16.73 -18.09
CA PHE G 620 -36.84 18.00 -18.30
C PHE G 620 -36.48 18.63 -16.96
N ILE G 621 -35.34 19.33 -16.92
CA ILE G 621 -34.85 20.00 -15.72
C ILE G 621 -34.53 21.44 -16.08
N LEU G 622 -34.98 22.37 -15.24
CA LEU G 622 -34.67 23.80 -15.40
C LEU G 622 -33.73 24.20 -14.28
N VAL G 623 -32.55 24.71 -14.62
CA VAL G 623 -31.52 25.05 -13.64
C VAL G 623 -31.35 26.56 -13.60
N GLY G 624 -31.37 27.11 -12.40
CA GLY G 624 -31.14 28.54 -12.19
C GLY G 624 -29.75 28.75 -11.61
N ASP G 625 -29.02 29.69 -12.20
CA ASP G 625 -27.64 29.96 -11.87
C ASP G 625 -27.51 31.31 -11.20
N LEU G 626 -26.44 31.46 -10.41
CA LEU G 626 -26.23 32.74 -9.74
C LEU G 626 -26.07 33.87 -10.75
N MET G 627 -25.44 33.60 -11.88
CA MET G 627 -25.10 34.68 -12.79
C MET G 627 -25.33 34.34 -14.25
N ARG G 628 -25.66 33.10 -14.59
CA ARG G 628 -25.80 32.67 -15.98
C ARG G 628 -27.24 32.34 -16.34
N SER G 629 -28.21 32.92 -15.61
CA SER G 629 -29.62 32.85 -15.99
C SER G 629 -30.10 31.40 -15.88
N VAL G 630 -30.68 30.84 -16.95
CA VAL G 630 -31.36 29.56 -16.85
C VAL G 630 -30.88 28.61 -17.94
N LEU G 631 -30.76 27.32 -17.59
CA LEU G 631 -30.37 26.26 -18.51
C LEU G 631 -31.42 25.16 -18.48
N LEU G 632 -31.84 24.71 -19.67
CA LEU G 632 -32.77 23.60 -19.80
C LEU G 632 -31.99 22.29 -19.99
N LEU G 633 -31.97 21.46 -18.95
CA LEU G 633 -31.39 20.13 -19.03
C LEU G 633 -32.47 19.10 -19.37
N ALA G 634 -32.02 17.95 -19.87
CA ALA G 634 -32.89 16.81 -20.12
C ALA G 634 -32.18 15.53 -19.70
N TYR G 635 -32.94 14.62 -19.09
CA TYR G 635 -32.44 13.30 -18.75
C TYR G 635 -32.70 12.37 -19.93
N LYS G 636 -31.64 11.76 -20.46
CA LYS G 636 -31.79 10.82 -21.56
C LYS G 636 -31.81 9.41 -20.99
N PRO G 637 -32.99 8.79 -20.85
CA PRO G 637 -33.04 7.50 -20.15
C PRO G 637 -32.25 6.40 -20.83
N MET G 638 -32.18 6.40 -22.16
CA MET G 638 -31.54 5.32 -22.88
C MET G 638 -30.06 5.24 -22.53
N GLU G 639 -29.42 6.39 -22.38
CA GLU G 639 -27.98 6.49 -22.15
C GLU G 639 -27.63 6.68 -20.69
N GLY G 640 -28.60 7.04 -19.86
CA GLY G 640 -28.35 7.25 -18.45
C GLY G 640 -27.48 8.45 -18.18
N ASN G 641 -27.72 9.56 -18.87
CA ASN G 641 -26.91 10.76 -18.74
C ASN G 641 -27.78 11.98 -19.00
N PHE G 642 -27.24 13.15 -18.68
CA PHE G 642 -27.92 14.41 -18.96
C PHE G 642 -27.55 14.93 -20.34
N GLU G 643 -28.44 15.74 -20.91
CA GLU G 643 -28.18 16.45 -22.16
C GLU G 643 -28.57 17.91 -22.02
N GLU G 644 -27.68 18.80 -22.49
CA GLU G 644 -27.98 20.23 -22.49
C GLU G 644 -28.86 20.53 -23.68
N ILE G 645 -30.07 21.00 -23.42
CA ILE G 645 -31.00 21.30 -24.49
C ILE G 645 -30.84 22.72 -24.98
N ALA G 646 -30.88 23.69 -24.06
CA ALA G 646 -30.94 25.08 -24.45
C ALA G 646 -30.52 25.98 -23.29
N ARG G 647 -29.80 27.07 -23.59
CA ARG G 647 -29.42 28.02 -22.55
C ARG G 647 -29.78 29.45 -22.93
N ASP G 648 -30.09 30.25 -21.89
CA ASP G 648 -30.19 31.70 -22.02
C ASP G 648 -28.79 32.28 -21.87
N PHE G 649 -28.19 32.73 -22.97
CA PHE G 649 -26.83 33.24 -22.83
C PHE G 649 -26.80 34.62 -22.17
N ASN G 650 -27.88 35.38 -22.23
CA ASN G 650 -27.90 36.67 -21.56
C ASN G 650 -27.66 36.44 -20.07
N PRO G 651 -26.77 37.20 -19.43
CA PRO G 651 -26.46 36.93 -18.01
C PRO G 651 -27.44 37.63 -17.09
N ASN G 652 -28.07 36.87 -16.20
CA ASN G 652 -29.00 37.44 -15.22
C ASN G 652 -28.73 36.81 -13.87
N TRP G 653 -28.78 37.63 -12.82
CA TRP G 653 -28.64 37.15 -11.45
C TRP G 653 -30.00 36.63 -10.99
N MET G 654 -30.11 35.32 -10.78
CA MET G 654 -31.37 34.67 -10.51
C MET G 654 -31.74 34.69 -9.03
N SER G 655 -33.04 34.77 -8.76
CA SER G 655 -33.60 34.64 -7.42
C SER G 655 -34.59 33.50 -7.30
N ALA G 656 -35.24 33.10 -8.39
CA ALA G 656 -36.16 31.97 -8.41
C ALA G 656 -36.52 31.66 -9.86
N VAL G 657 -36.86 30.41 -10.14
CA VAL G 657 -37.25 29.97 -11.47
C VAL G 657 -38.49 29.09 -11.38
N GLU G 658 -39.13 28.90 -12.53
CA GLU G 658 -40.31 28.06 -12.60
C GLU G 658 -40.55 27.65 -14.05
N ILE G 659 -41.13 26.47 -14.22
CA ILE G 659 -41.49 25.93 -15.53
C ILE G 659 -42.96 26.23 -15.76
N LEU G 660 -43.26 26.93 -16.86
CA LEU G 660 -44.65 27.20 -17.20
C LEU G 660 -45.25 26.07 -18.02
N ASP G 661 -44.54 25.62 -19.06
CA ASP G 661 -44.95 24.49 -19.86
C ASP G 661 -43.69 23.96 -20.56
N ASP G 662 -43.87 22.99 -21.45
CA ASP G 662 -42.72 22.31 -22.05
C ASP G 662 -41.83 23.26 -22.84
N ASP G 663 -42.32 24.44 -23.23
CA ASP G 663 -41.55 25.36 -24.03
C ASP G 663 -41.24 26.70 -23.36
N ASN G 664 -42.06 27.14 -22.39
CA ASN G 664 -41.89 28.44 -21.76
C ASN G 664 -41.33 28.30 -20.35
N PHE G 665 -40.40 29.19 -20.00
CA PHE G 665 -39.73 29.16 -18.70
C PHE G 665 -39.69 30.54 -18.08
N LEU G 666 -40.04 30.64 -16.80
CA LEU G 666 -40.18 31.91 -16.09
C LEU G 666 -39.03 32.10 -15.11
N GLY G 667 -38.50 33.32 -15.03
CA GLY G 667 -37.41 33.61 -14.13
C GLY G 667 -37.59 34.95 -13.45
N ALA G 668 -36.97 35.08 -12.27
CA ALA G 668 -36.98 36.31 -11.50
C ALA G 668 -35.56 36.65 -11.09
N GLU G 669 -35.11 37.87 -11.39
CA GLU G 669 -33.75 38.31 -11.14
C GLU G 669 -33.69 39.29 -9.97
N ASN G 670 -32.46 39.52 -9.49
CA ASN G 670 -32.21 40.42 -8.38
C ASN G 670 -32.47 41.88 -8.72
N ALA G 671 -32.78 42.21 -9.96
CA ALA G 671 -33.12 43.57 -10.36
C ALA G 671 -34.61 43.85 -10.30
N PHE G 672 -35.39 42.93 -9.72
CA PHE G 672 -36.84 43.05 -9.62
C PHE G 672 -37.51 42.89 -10.97
N ASN G 673 -36.96 42.05 -11.83
CA ASN G 673 -37.52 41.82 -13.16
C ASN G 673 -37.92 40.36 -13.31
N LEU G 674 -38.86 40.13 -14.22
CA LEU G 674 -39.34 38.80 -14.57
C LEU G 674 -39.12 38.61 -16.07
N PHE G 675 -38.61 37.45 -16.45
CA PHE G 675 -38.36 37.16 -17.85
C PHE G 675 -38.85 35.76 -18.19
N VAL G 676 -39.22 35.57 -19.44
CA VAL G 676 -39.72 34.28 -19.94
C VAL G 676 -38.85 33.86 -21.12
N CYS G 677 -38.20 32.71 -21.00
CA CYS G 677 -37.39 32.14 -22.06
C CYS G 677 -38.18 31.05 -22.77
N GLN G 678 -38.00 30.94 -24.09
CA GLN G 678 -38.68 29.96 -24.90
C GLN G 678 -37.68 29.28 -25.83
N LYS G 679 -37.87 27.98 -26.06
CA LYS G 679 -37.09 27.26 -27.06
C LYS G 679 -37.44 27.75 -28.46
N ASP G 680 -36.44 27.85 -29.33
CA ASP G 680 -36.71 28.34 -30.69
C ASP G 680 -37.48 27.27 -31.47
N SER G 681 -38.66 26.91 -30.99
CA SER G 681 -39.53 25.90 -31.63
C SER G 681 -38.68 24.64 -31.84
N ALA G 682 -38.72 24.01 -33.01
CA ALA G 682 -37.88 22.87 -33.35
C ALA G 682 -37.10 23.23 -34.61
N ALA G 683 -36.09 24.09 -34.47
CA ALA G 683 -35.34 24.57 -35.62
C ALA G 683 -34.50 23.46 -36.24
N THR G 684 -34.10 23.69 -37.51
CA THR G 684 -33.24 22.77 -38.24
C THR G 684 -31.78 22.96 -37.90
N THR G 685 -31.43 24.00 -37.16
CA THR G 685 -30.04 24.30 -36.82
C THR G 685 -29.83 23.96 -35.35
N ASP G 686 -28.73 23.26 -35.06
CA ASP G 686 -28.43 22.90 -33.68
C ASP G 686 -28.15 24.14 -32.84
N GLU G 687 -27.54 25.17 -33.44
CA GLU G 687 -27.24 26.37 -32.67
C GLU G 687 -28.52 27.09 -32.25
N GLU G 688 -29.50 27.18 -33.15
CA GLU G 688 -30.76 27.82 -32.79
C GLU G 688 -31.48 27.03 -31.69
N ARG G 689 -31.43 25.70 -31.76
CA ARG G 689 -32.11 24.90 -30.74
C ARG G 689 -31.48 25.12 -29.37
N GLN G 690 -30.14 25.15 -29.31
CA GLN G 690 -29.42 25.28 -28.05
C GLN G 690 -29.53 26.68 -27.46
N HIS G 691 -30.14 27.61 -28.17
CA HIS G 691 -30.32 28.99 -27.73
C HIS G 691 -31.73 29.17 -27.18
N LEU G 692 -31.83 29.66 -25.94
CA LEU G 692 -33.12 30.04 -25.36
C LEU G 692 -33.31 31.54 -25.57
N GLN G 693 -34.38 31.92 -26.25
CA GLN G 693 -34.62 33.33 -26.54
C GLN G 693 -35.57 33.89 -25.49
N GLU G 694 -35.13 34.94 -24.81
CA GLU G 694 -36.00 35.66 -23.88
C GLU G 694 -37.13 36.30 -24.65
N VAL G 695 -38.36 35.85 -24.38
CA VAL G 695 -39.53 36.31 -25.12
C VAL G 695 -40.38 37.26 -24.29
N GLY G 696 -40.31 37.20 -22.96
CA GLY G 696 -41.07 38.06 -22.11
C GLY G 696 -40.20 38.85 -21.15
N LEU G 697 -40.43 40.16 -21.06
CA LEU G 697 -39.69 41.02 -20.17
C LEU G 697 -40.68 41.91 -19.42
N PHE G 698 -40.50 42.03 -18.12
CA PHE G 698 -41.44 42.77 -17.28
C PHE G 698 -40.76 43.14 -15.98
N HIS G 699 -40.79 44.42 -15.64
CA HIS G 699 -40.26 44.89 -14.36
C HIS G 699 -41.35 44.76 -13.31
N LEU G 700 -41.17 43.81 -12.39
CA LEU G 700 -42.18 43.56 -11.37
C LEU G 700 -42.13 44.60 -10.27
N GLY G 701 -40.94 45.02 -9.87
CA GLY G 701 -40.77 45.90 -8.74
C GLY G 701 -40.63 45.19 -7.41
N GLU G 702 -40.70 43.86 -7.40
CA GLU G 702 -40.58 43.08 -6.19
C GLU G 702 -39.52 42.01 -6.38
N PHE G 703 -39.02 41.49 -5.27
CA PHE G 703 -38.01 40.44 -5.25
C PHE G 703 -38.71 39.12 -5.00
N VAL G 704 -38.67 38.23 -5.99
CA VAL G 704 -39.37 36.95 -5.90
C VAL G 704 -38.42 35.91 -5.32
N ASN G 705 -38.84 35.24 -4.24
CA ASN G 705 -38.05 34.18 -3.63
C ASN G 705 -38.56 32.79 -3.99
N VAL G 706 -39.86 32.63 -4.21
CA VAL G 706 -40.47 31.31 -4.43
C VAL G 706 -41.51 31.40 -5.54
N PHE G 707 -41.38 30.55 -6.54
CA PHE G 707 -42.44 30.27 -7.50
C PHE G 707 -43.12 28.96 -7.10
N CYS G 708 -44.45 28.90 -7.27
CA CYS G 708 -45.20 27.74 -6.81
C CYS G 708 -46.45 27.57 -7.65
N HIS G 709 -46.58 26.40 -8.29
CA HIS G 709 -47.79 26.08 -9.04
C HIS G 709 -48.97 25.88 -8.09
N GLY G 710 -50.10 26.48 -8.43
CA GLY G 710 -51.30 26.34 -7.63
C GLY G 710 -52.12 27.62 -7.65
N SER G 711 -53.35 27.50 -7.15
CA SER G 711 -54.24 28.64 -7.05
C SER G 711 -55.09 28.54 -5.79
N LEU G 712 -55.38 29.68 -5.20
CA LEU G 712 -56.23 29.71 -4.01
C LEU G 712 -57.72 29.70 -4.34
N VAL G 713 -58.09 30.06 -5.58
CA VAL G 713 -59.48 30.06 -6.02
C VAL G 713 -60.01 28.64 -6.19
N MET G 714 -61.33 28.50 -6.09
CA MET G 714 -61.99 27.21 -6.26
C MET G 714 -61.71 26.63 -7.65
N GLN G 715 -61.43 25.33 -7.68
CA GLN G 715 -61.08 24.60 -8.90
C GLN G 715 -62.24 23.69 -9.29
N ASN G 716 -62.78 23.87 -10.49
CA ASN G 716 -63.90 23.07 -10.98
C ASN G 716 -63.42 21.93 -11.88
N LEU G 717 -64.02 20.75 -11.68
CA LEU G 717 -63.68 19.58 -12.49
C LEU G 717 -64.28 19.64 -13.88
N GLY G 718 -65.21 20.57 -14.12
CA GLY G 718 -65.82 20.71 -15.43
C GLY G 718 -65.02 21.67 -16.28
N GLU G 719 -64.66 21.23 -17.48
CA GLU G 719 -63.80 22.02 -18.36
C GLU G 719 -64.55 23.26 -18.85
N THR G 720 -63.98 24.44 -18.60
CA THR G 720 -64.52 25.70 -19.04
C THR G 720 -63.43 26.53 -19.71
N SER G 721 -63.70 27.03 -20.92
CA SER G 721 -62.72 27.80 -21.66
C SER G 721 -62.48 29.16 -21.05
N THR G 722 -61.59 29.24 -20.08
CA THR G 722 -61.19 30.52 -19.51
C THR G 722 -60.12 31.14 -20.40
N PRO G 723 -60.04 32.48 -20.46
CA PRO G 723 -58.94 33.09 -21.22
C PRO G 723 -57.58 32.74 -20.67
N THR G 724 -57.43 32.72 -19.35
CA THR G 724 -56.18 32.39 -18.69
C THR G 724 -55.96 30.88 -18.60
N GLN G 725 -54.72 30.46 -18.84
CA GLN G 725 -54.31 29.06 -18.69
C GLN G 725 -53.06 28.99 -17.81
N GLY G 726 -53.09 28.08 -16.85
CA GLY G 726 -51.99 27.92 -15.90
C GLY G 726 -52.16 28.80 -14.67
N SER G 727 -51.42 28.46 -13.63
CA SER G 727 -51.49 29.22 -12.38
C SER G 727 -50.21 29.03 -11.60
N VAL G 728 -49.41 30.09 -11.51
CA VAL G 728 -48.18 30.10 -10.72
C VAL G 728 -48.27 31.24 -9.71
N LEU G 729 -48.18 30.90 -8.43
CA LEU G 729 -48.09 31.89 -7.36
C LEU G 729 -46.63 32.15 -7.03
N PHE G 730 -46.35 33.37 -6.57
CA PHE G 730 -45.02 33.69 -6.11
C PHE G 730 -45.08 34.63 -4.91
N GLY G 731 -44.15 34.44 -3.98
CA GLY G 731 -44.01 35.28 -2.81
C GLY G 731 -42.78 36.17 -2.95
N THR G 732 -42.83 37.33 -2.32
CA THR G 732 -41.78 38.33 -2.48
C THR G 732 -41.25 38.77 -1.11
N VAL G 733 -40.18 39.58 -1.17
CA VAL G 733 -39.53 40.01 0.06
C VAL G 733 -40.41 40.98 0.84
N ASN G 734 -41.25 41.75 0.16
CA ASN G 734 -42.10 42.74 0.82
C ASN G 734 -43.48 42.20 1.18
N GLY G 735 -43.67 40.88 1.12
CA GLY G 735 -44.94 40.27 1.44
C GLY G 735 -45.93 40.20 0.30
N MET G 736 -45.69 40.92 -0.78
CA MET G 736 -46.58 40.85 -1.93
C MET G 736 -46.65 39.42 -2.46
N ILE G 737 -47.87 38.93 -2.71
CA ILE G 737 -48.08 37.63 -3.36
C ILE G 737 -48.71 37.89 -4.72
N GLY G 738 -48.11 37.32 -5.78
CA GLY G 738 -48.56 37.54 -7.12
C GLY G 738 -48.92 36.25 -7.84
N LEU G 739 -49.41 36.43 -9.07
CA LEU G 739 -49.92 35.33 -9.88
C LEU G 739 -49.51 35.53 -11.33
N VAL G 740 -48.96 34.48 -11.93
CA VAL G 740 -48.55 34.48 -13.33
C VAL G 740 -49.39 33.43 -14.06
N THR G 741 -49.89 33.80 -15.24
CA THR G 741 -50.67 32.90 -16.07
C THR G 741 -50.44 33.20 -17.54
N SER G 742 -50.69 32.20 -18.37
CA SER G 742 -50.51 32.32 -19.81
C SER G 742 -51.79 32.81 -20.46
N LEU G 743 -51.64 33.42 -21.64
CA LEU G 743 -52.76 33.94 -22.42
C LEU G 743 -52.64 33.47 -23.86
N SER G 744 -53.79 33.47 -24.54
CA SER G 744 -53.80 33.24 -25.98
C SER G 744 -53.38 34.51 -26.69
N GLU G 745 -52.84 34.36 -27.90
CA GLU G 745 -52.37 35.55 -28.63
C GLU G 745 -53.49 36.55 -28.81
N SER G 746 -54.68 36.08 -29.19
CA SER G 746 -55.81 36.97 -29.36
C SER G 746 -56.16 37.64 -28.03
N TRP G 747 -56.12 36.88 -26.94
CA TRP G 747 -56.45 37.44 -25.64
C TRP G 747 -55.40 38.45 -25.21
N TYR G 748 -54.15 38.16 -25.53
CA TYR G 748 -53.07 39.10 -25.24
C TYR G 748 -53.24 40.39 -26.03
N ASN G 749 -53.35 40.28 -27.36
CA ASN G 749 -53.48 41.48 -28.18
C ASN G 749 -54.65 42.33 -27.71
N LEU G 750 -55.77 41.67 -27.41
CA LEU G 750 -56.95 42.39 -26.93
C LEU G 750 -56.62 43.16 -25.66
N LEU G 751 -55.97 42.53 -24.71
CA LEU G 751 -55.67 43.18 -23.44
C LEU G 751 -54.54 44.19 -23.58
N LEU G 752 -53.54 43.90 -24.43
CA LEU G 752 -52.46 44.85 -24.64
C LEU G 752 -53.00 46.14 -25.24
N ASP G 753 -53.86 46.02 -26.25
CA ASP G 753 -54.50 47.19 -26.84
C ASP G 753 -55.27 47.97 -25.79
N MET G 754 -55.92 47.27 -24.86
CA MET G 754 -56.64 47.96 -23.80
C MET G 754 -55.69 48.72 -22.89
N GLN G 755 -54.52 48.14 -22.61
CA GLN G 755 -53.56 48.80 -21.73
C GLN G 755 -53.12 50.13 -22.30
N ASN G 756 -52.61 50.12 -23.54
CA ASN G 756 -52.17 51.36 -24.17
C ASN G 756 -53.32 52.36 -24.22
N ARG G 757 -54.55 51.87 -24.33
CA ARG G 757 -55.71 52.76 -24.24
C ARG G 757 -55.92 53.20 -22.80
N LEU G 758 -55.79 52.28 -21.84
CA LEU G 758 -56.00 52.63 -20.45
C LEU G 758 -54.99 53.65 -19.97
N ASN G 759 -53.75 53.55 -20.44
CA ASN G 759 -52.70 54.47 -19.99
C ASN G 759 -53.01 55.90 -20.39
N LYS G 760 -53.74 56.10 -21.49
CA LYS G 760 -54.15 57.45 -21.88
C LYS G 760 -55.20 58.00 -20.93
N VAL G 761 -56.04 57.12 -20.40
CA VAL G 761 -57.16 57.53 -19.55
C VAL G 761 -56.71 57.74 -18.12
N ILE G 762 -55.90 56.84 -17.59
CA ILE G 762 -55.60 56.81 -16.16
C ILE G 762 -54.49 57.81 -15.84
N LYS G 763 -54.72 58.63 -14.83
CA LYS G 763 -53.70 59.55 -14.31
C LYS G 763 -52.95 58.86 -13.17
N SER G 764 -51.62 58.79 -13.29
CA SER G 764 -50.78 58.18 -12.27
C SER G 764 -50.26 59.24 -11.31
N VAL G 765 -50.03 58.82 -10.07
CA VAL G 765 -49.41 59.71 -9.10
C VAL G 765 -47.99 60.01 -9.53
N GLY G 766 -47.62 61.29 -9.53
CA GLY G 766 -46.33 61.73 -10.02
C GLY G 766 -46.20 61.82 -11.52
N LYS G 767 -47.28 61.56 -12.28
CA LYS G 767 -47.24 61.62 -13.73
C LYS G 767 -46.14 60.72 -14.29
N ILE G 768 -46.09 59.48 -13.79
CA ILE G 768 -45.12 58.49 -14.22
C ILE G 768 -45.71 57.66 -15.35
N GLU G 769 -45.02 57.62 -16.49
CA GLU G 769 -45.47 56.80 -17.61
C GLU G 769 -45.48 55.32 -17.24
N HIS G 770 -46.60 54.65 -17.49
CA HIS G 770 -46.69 53.23 -17.15
C HIS G 770 -45.64 52.41 -17.91
N SER G 771 -45.47 52.69 -19.21
CA SER G 771 -44.49 51.94 -19.99
C SER G 771 -43.10 52.03 -19.38
N PHE G 772 -42.75 53.20 -18.84
CA PHE G 772 -41.45 53.36 -18.19
C PHE G 772 -41.33 52.50 -16.94
N TRP G 773 -42.35 52.53 -16.08
CA TRP G 773 -42.30 51.81 -14.82
C TRP G 773 -42.10 50.31 -15.05
N ARG G 774 -42.86 49.72 -15.96
CA ARG G 774 -42.79 48.29 -16.19
C ARG G 774 -41.66 47.90 -17.14
N SER G 775 -40.89 48.86 -17.64
CA SER G 775 -39.77 48.53 -18.51
C SER G 775 -38.71 47.77 -17.73
N PHE G 776 -38.19 46.71 -18.35
CA PHE G 776 -37.09 45.93 -17.78
C PHE G 776 -35.95 46.86 -17.43
N HIS G 777 -35.47 46.77 -16.18
CA HIS G 777 -34.48 47.73 -15.71
C HIS G 777 -33.43 47.09 -14.82
N THR G 778 -32.17 47.17 -15.26
CA THR G 778 -31.00 46.94 -14.43
C THR G 778 -30.15 48.20 -14.49
N GLU G 779 -29.20 48.32 -13.57
CA GLU G 779 -28.34 49.51 -13.59
C GLU G 779 -27.68 49.68 -14.95
N ARG G 780 -27.40 48.58 -15.64
CA ARG G 780 -26.70 48.64 -16.93
C ARG G 780 -27.64 48.80 -18.13
N LYS G 781 -28.79 48.12 -18.16
CA LYS G 781 -29.66 48.17 -19.34
C LYS G 781 -31.11 48.42 -18.96
N THR G 782 -31.85 49.04 -19.89
CA THR G 782 -33.29 49.26 -19.77
C THR G 782 -33.97 48.98 -21.10
N GLU G 783 -34.95 48.07 -21.10
CA GLU G 783 -35.69 47.70 -22.30
C GLU G 783 -37.20 47.76 -22.01
N PRO G 784 -38.01 48.04 -23.03
CA PRO G 784 -39.46 48.04 -22.82
C PRO G 784 -40.01 46.66 -22.58
N ALA G 785 -41.03 46.58 -21.74
CA ALA G 785 -41.64 45.29 -21.41
C ALA G 785 -42.24 44.65 -22.65
N THR G 786 -42.27 43.32 -22.65
CA THR G 786 -42.81 42.56 -23.78
C THR G 786 -43.31 41.22 -23.27
N GLY G 787 -44.44 40.77 -23.83
CA GLY G 787 -44.98 39.47 -23.49
C GLY G 787 -45.68 39.40 -22.15
N PHE G 788 -45.93 40.55 -21.52
CA PHE G 788 -46.54 40.60 -20.20
C PHE G 788 -47.65 41.63 -20.18
N ILE G 789 -48.80 41.24 -19.63
CA ILE G 789 -49.94 42.12 -19.41
C ILE G 789 -49.98 42.49 -17.93
N ASP G 790 -49.93 43.78 -17.62
CA ASP G 790 -50.00 44.25 -16.25
C ASP G 790 -51.42 44.05 -15.73
N GLY G 791 -51.68 42.88 -15.14
CA GLY G 791 -53.04 42.56 -14.74
C GLY G 791 -53.65 43.55 -13.80
N ASP G 792 -52.84 44.20 -12.96
CA ASP G 792 -53.37 45.21 -12.06
C ASP G 792 -53.85 46.44 -12.84
N LEU G 793 -53.28 46.68 -14.02
CA LEU G 793 -53.79 47.74 -14.89
C LEU G 793 -55.11 47.34 -15.54
N ILE G 794 -55.17 46.11 -16.07
CA ILE G 794 -56.41 45.63 -16.68
C ILE G 794 -57.55 45.64 -15.66
N GLU G 795 -57.27 45.17 -14.44
CA GLU G 795 -58.32 45.10 -13.43
C GLU G 795 -58.77 46.48 -12.95
N SER G 796 -58.07 47.55 -13.32
CA SER G 796 -58.51 48.88 -12.97
C SER G 796 -59.60 49.41 -13.91
N PHE G 797 -59.89 48.69 -15.00
CA PHE G 797 -60.96 49.08 -15.90
C PHE G 797 -62.30 49.16 -15.18
N LEU G 798 -62.54 48.25 -14.24
CA LEU G 798 -63.82 48.22 -13.53
C LEU G 798 -63.97 49.39 -12.56
N ASP G 799 -62.94 50.24 -12.43
CA ASP G 799 -62.96 51.37 -11.52
C ASP G 799 -63.06 52.72 -12.23
N ILE G 800 -62.82 52.77 -13.55
CA ILE G 800 -62.84 54.05 -14.26
C ILE G 800 -64.27 54.46 -14.59
N SER G 801 -64.46 55.76 -14.78
CA SER G 801 -65.79 56.30 -15.03
C SER G 801 -66.30 55.83 -16.40
N ARG G 802 -67.63 55.86 -16.55
CA ARG G 802 -68.23 55.43 -17.81
C ARG G 802 -67.75 56.25 -19.01
N PRO G 803 -67.66 57.59 -18.95
CA PRO G 803 -67.11 58.31 -20.11
C PRO G 803 -65.75 57.80 -20.53
N LYS G 804 -64.89 57.50 -19.56
CA LYS G 804 -63.58 56.96 -19.86
C LYS G 804 -63.69 55.54 -20.42
N MET G 805 -64.62 54.74 -19.89
CA MET G 805 -64.85 53.42 -20.47
C MET G 805 -65.19 53.53 -21.95
N GLN G 806 -66.03 54.52 -22.28
CA GLN G 806 -66.40 54.72 -23.68
C GLN G 806 -65.19 55.09 -24.53
N GLU G 807 -64.27 55.90 -23.98
CA GLU G 807 -63.07 56.24 -24.73
C GLU G 807 -62.25 54.99 -25.02
N VAL G 808 -62.20 54.05 -24.07
CA VAL G 808 -61.40 52.84 -24.26
C VAL G 808 -62.05 51.93 -25.29
N VAL G 809 -63.38 51.77 -25.24
CA VAL G 809 -64.04 50.83 -26.14
C VAL G 809 -64.28 51.44 -27.52
N ALA G 810 -64.08 52.75 -27.67
CA ALA G 810 -64.22 53.42 -28.96
C ALA G 810 -63.13 52.97 -29.93
N ASN G 811 -63.53 52.73 -31.18
CA ASN G 811 -62.61 52.34 -32.24
C ASN G 811 -61.86 51.05 -31.89
N LEU G 812 -62.53 50.17 -31.14
CA LEU G 812 -61.95 48.92 -30.68
C LEU G 812 -62.70 47.73 -31.26
N GLN G 813 -61.97 46.82 -31.89
CA GLN G 813 -62.52 45.58 -32.41
C GLN G 813 -61.83 44.39 -31.75
N TYR G 814 -62.62 43.39 -31.36
CA TYR G 814 -62.12 42.20 -30.67
C TYR G 814 -62.83 40.98 -31.24
N ASP G 815 -62.33 39.79 -30.88
CA ASP G 815 -62.84 38.55 -31.46
C ASP G 815 -64.35 38.38 -31.28
N ASP G 816 -64.89 38.80 -30.13
CA ASP G 816 -66.34 38.77 -29.90
C ASP G 816 -66.93 37.40 -30.30
N GLY G 817 -66.29 36.35 -29.80
CA GLY G 817 -66.59 35.00 -30.23
C GLY G 817 -65.58 34.55 -31.27
N SER G 818 -65.92 33.46 -31.95
CA SER G 818 -65.11 32.94 -33.04
C SER G 818 -65.79 33.15 -34.38
N GLY G 819 -65.12 33.85 -35.29
CA GLY G 819 -65.61 34.05 -36.63
C GLY G 819 -66.46 35.29 -36.86
N MET G 820 -66.97 35.91 -35.80
CA MET G 820 -67.81 37.09 -35.91
C MET G 820 -67.15 38.20 -35.11
N LYS G 821 -66.81 39.29 -35.79
CA LYS G 821 -66.09 40.40 -35.17
C LYS G 821 -66.98 41.62 -35.16
N ARG G 822 -67.16 42.20 -33.98
CA ARG G 822 -68.02 43.36 -33.78
C ARG G 822 -67.28 44.33 -32.88
N GLU G 823 -67.58 45.61 -33.05
CA GLU G 823 -66.96 46.62 -32.21
C GLU G 823 -67.24 46.28 -30.76
N ALA G 824 -66.21 46.33 -29.93
CA ALA G 824 -66.40 45.98 -28.53
C ALA G 824 -67.35 47.01 -27.91
N THR G 825 -68.13 46.55 -26.96
CA THR G 825 -69.03 47.43 -26.22
C THR G 825 -68.47 47.55 -24.81
N ALA G 826 -68.86 48.63 -24.12
CA ALA G 826 -68.37 48.81 -22.76
C ALA G 826 -68.77 47.64 -21.88
N ASP G 827 -69.95 47.06 -22.13
CA ASP G 827 -70.38 45.90 -21.36
C ASP G 827 -69.54 44.68 -21.69
N ASP G 828 -69.14 44.53 -22.95
CA ASP G 828 -68.33 43.37 -23.34
C ASP G 828 -67.02 43.36 -22.58
N LEU G 829 -66.34 44.51 -22.51
CA LEU G 829 -65.06 44.58 -21.83
C LEU G 829 -65.23 44.39 -20.32
N ILE G 830 -66.30 44.91 -19.73
CA ILE G 830 -66.54 44.71 -18.30
C ILE G 830 -66.63 43.23 -17.99
N LYS G 831 -67.25 42.45 -18.88
CA LYS G 831 -67.34 41.01 -18.66
C LYS G 831 -65.97 40.37 -18.73
N VAL G 832 -65.14 40.81 -19.69
CA VAL G 832 -63.81 40.22 -19.86
C VAL G 832 -62.97 40.45 -18.61
N VAL G 833 -62.95 41.68 -18.11
CA VAL G 833 -62.15 42.00 -16.94
C VAL G 833 -62.67 41.23 -15.73
N GLU G 834 -64.00 41.15 -15.58
CA GLU G 834 -64.58 40.45 -14.44
C GLU G 834 -64.18 38.98 -14.43
N GLU G 835 -64.18 38.32 -15.59
CA GLU G 835 -63.75 36.93 -15.65
C GLU G 835 -62.28 36.80 -15.24
N LEU G 836 -61.47 37.82 -15.58
CA LEU G 836 -60.05 37.80 -15.21
C LEU G 836 -59.85 37.98 -13.70
N THR G 837 -60.72 38.73 -13.03
CA THR G 837 -60.58 38.91 -11.60
C THR G 837 -60.88 37.63 -10.82
N ARG G 838 -61.34 36.58 -11.50
CA ARG G 838 -61.70 35.34 -10.86
C ARG G 838 -60.53 34.35 -10.78
N ILE G 839 -59.35 34.75 -11.28
CA ILE G 839 -58.18 33.87 -11.20
C ILE G 839 -57.47 33.96 -9.85
N HIS G 840 -57.93 34.85 -8.97
CA HIS G 840 -57.32 34.99 -7.65
C HIS G 840 -58.38 35.46 -6.66
N THR H 7 4.23 15.51 -32.71
CA THR H 7 5.00 16.54 -32.01
C THR H 7 4.06 17.65 -31.52
N GLU H 8 4.62 18.61 -30.78
CA GLU H 8 3.82 19.70 -30.24
C GLU H 8 3.24 20.62 -31.32
N SER H 9 3.80 20.58 -32.54
CA SER H 9 3.46 21.54 -33.57
C SER H 9 2.44 21.04 -34.58
N ASP H 10 2.18 19.73 -34.64
CA ASP H 10 1.32 19.15 -35.67
C ASP H 10 -0.14 19.30 -35.28
N TRP H 11 -0.65 20.51 -35.46
CA TRP H 11 -2.04 20.81 -35.10
C TRP H 11 -2.98 20.26 -36.16
N GLY H 12 -4.24 20.11 -35.78
CA GLY H 12 -5.26 19.66 -36.70
C GLY H 12 -5.39 18.16 -36.86
N LYS H 13 -4.51 17.38 -36.22
CA LYS H 13 -4.55 15.93 -36.35
C LYS H 13 -5.23 15.25 -35.17
N ARG H 14 -4.90 15.67 -33.95
CA ARG H 14 -5.50 15.09 -32.75
C ARG H 14 -7.01 15.29 -32.76
N CYS H 15 -7.73 14.29 -32.27
CA CYS H 15 -9.19 14.28 -32.32
C CYS H 15 -9.76 14.98 -31.08
N VAL H 16 -11.00 15.47 -31.22
CA VAL H 16 -11.68 16.09 -30.09
C VAL H 16 -12.08 15.08 -29.04
N ASP H 17 -11.97 13.79 -29.36
CA ASP H 17 -12.28 12.74 -28.39
C ASP H 17 -11.40 12.83 -27.15
N LYS H 18 -10.18 13.39 -27.30
CA LYS H 18 -9.27 13.51 -26.18
C LYS H 18 -9.81 14.43 -25.09
N PHE H 19 -10.80 15.25 -25.42
CA PHE H 19 -11.42 16.18 -24.48
C PHE H 19 -12.82 15.70 -24.13
N ASP H 20 -13.17 15.78 -22.84
CA ASP H 20 -14.52 15.51 -22.38
C ASP H 20 -15.30 16.82 -22.37
N ILE H 21 -16.42 16.86 -23.10
CA ILE H 21 -17.17 18.10 -23.27
C ILE H 21 -18.07 18.30 -22.05
N ILE H 22 -17.94 19.45 -21.39
CA ILE H 22 -18.75 19.75 -20.22
C ILE H 22 -20.04 20.47 -20.57
N GLY H 23 -19.99 21.45 -21.46
CA GLY H 23 -21.18 22.18 -21.83
C GLY H 23 -20.86 23.35 -22.73
N ILE H 24 -21.92 24.06 -23.12
CA ILE H 24 -21.84 25.20 -24.02
C ILE H 24 -21.79 26.47 -23.18
N ILE H 25 -20.67 27.18 -23.21
CA ILE H 25 -20.52 28.40 -22.43
C ILE H 25 -20.96 29.65 -23.19
N GLY H 26 -21.00 29.59 -24.51
CA GLY H 26 -21.51 30.71 -25.27
C GLY H 26 -21.61 30.34 -26.73
N GLU H 27 -22.27 31.21 -27.48
CA GLU H 27 -22.35 31.13 -28.92
C GLU H 27 -21.43 32.20 -29.47
N GLY H 28 -20.51 31.81 -30.32
CA GLY H 28 -19.50 32.67 -30.90
C GLY H 28 -19.90 33.17 -32.26
N THR H 29 -18.90 33.43 -33.10
CA THR H 29 -19.17 33.95 -34.43
C THR H 29 -19.22 32.88 -35.51
N TYR H 30 -18.19 32.03 -35.58
CA TYR H 30 -18.11 30.95 -36.55
C TYR H 30 -18.62 29.62 -36.02
N GLY H 31 -18.84 29.50 -34.71
CA GLY H 31 -19.39 28.30 -34.12
C GLY H 31 -19.65 28.52 -32.65
N GLN H 32 -20.16 27.48 -32.00
CA GLN H 32 -20.45 27.53 -30.58
C GLN H 32 -19.20 27.22 -29.76
N VAL H 33 -19.14 27.80 -28.57
CA VAL H 33 -17.98 27.69 -27.69
C VAL H 33 -18.34 26.80 -26.51
N TYR H 34 -17.54 25.77 -26.27
CA TYR H 34 -17.80 24.75 -25.26
C TYR H 34 -16.68 24.76 -24.22
N LYS H 35 -17.04 24.48 -22.97
CA LYS H 35 -16.08 24.21 -21.90
C LYS H 35 -15.80 22.71 -21.87
N ALA H 36 -14.52 22.34 -21.82
CA ALA H 36 -14.15 20.93 -21.88
C ALA H 36 -12.97 20.65 -20.96
N LYS H 37 -12.78 19.37 -20.66
CA LYS H 37 -11.67 18.88 -19.84
C LYS H 37 -10.83 17.89 -20.62
N ASP H 38 -9.50 18.06 -20.57
CA ASP H 38 -8.59 17.10 -21.19
C ASP H 38 -8.55 15.80 -20.39
N LYS H 39 -8.74 14.68 -21.08
CA LYS H 39 -8.70 13.38 -20.43
C LYS H 39 -7.31 13.05 -19.91
N ASP H 40 -6.26 13.44 -20.65
CA ASP H 40 -4.91 13.02 -20.28
C ASP H 40 -4.40 13.81 -19.08
N THR H 41 -4.60 15.14 -19.07
CA THR H 41 -4.04 16.00 -18.03
C THR H 41 -5.07 16.52 -17.02
N GLY H 42 -6.33 16.68 -17.43
CA GLY H 42 -7.32 17.28 -16.57
C GLY H 42 -7.39 18.79 -16.58
N GLU H 43 -6.78 19.46 -17.56
CA GLU H 43 -6.85 20.92 -17.63
C GLU H 43 -8.18 21.32 -18.25
N LEU H 44 -8.79 22.35 -17.71
CA LEU H 44 -10.01 22.89 -18.30
C LEU H 44 -9.67 23.72 -19.53
N VAL H 45 -10.51 23.58 -20.56
CA VAL H 45 -10.28 24.25 -21.82
C VAL H 45 -11.59 24.85 -22.31
N ALA H 46 -11.46 25.78 -23.24
CA ALA H 46 -12.60 26.31 -23.97
C ALA H 46 -12.39 25.94 -25.43
N LEU H 47 -13.36 25.24 -26.00
CA LEU H 47 -13.28 24.77 -27.38
C LEU H 47 -14.18 25.65 -28.24
N LYS H 48 -13.60 26.26 -29.26
CA LYS H 48 -14.32 27.07 -30.22
C LYS H 48 -14.45 26.21 -31.48
N LYS H 49 -15.69 25.94 -31.88
CA LYS H 49 -15.95 24.97 -32.93
C LYS H 49 -16.02 25.72 -34.24
N VAL H 50 -15.32 25.21 -35.25
CA VAL H 50 -15.29 25.84 -36.56
C VAL H 50 -16.00 24.90 -37.52
N ARG H 51 -17.12 25.35 -38.05
CA ARG H 51 -17.97 24.53 -38.91
C ARG H 51 -17.65 24.87 -40.36
N LEU H 52 -17.21 23.86 -41.11
CA LEU H 52 -17.04 23.97 -42.54
C LEU H 52 -18.25 23.43 -43.28
N ASP H 53 -19.26 22.94 -42.55
CA ASP H 53 -20.42 22.34 -43.18
C ASP H 53 -21.19 23.34 -44.04
N ASN H 54 -21.21 24.61 -43.64
CA ASN H 54 -21.86 25.62 -44.48
C ASN H 54 -21.22 25.65 -45.85
N GLU H 55 -19.89 25.57 -45.91
CA GLU H 55 -19.17 25.49 -47.18
C GLU H 55 -19.57 26.63 -48.12
N LYS H 56 -20.00 27.74 -47.53
CA LYS H 56 -20.28 28.92 -48.35
C LYS H 56 -19.00 29.45 -48.96
N GLU H 57 -18.00 29.71 -48.12
CA GLU H 57 -16.66 30.07 -48.57
C GLU H 57 -15.60 29.25 -47.84
N GLY H 58 -15.98 28.08 -47.33
CA GLY H 58 -15.02 27.21 -46.68
C GLY H 58 -14.70 27.66 -45.26
N PHE H 59 -13.45 27.43 -44.87
CA PHE H 59 -13.02 27.79 -43.53
C PHE H 59 -13.23 29.28 -43.29
N PRO H 60 -13.95 29.68 -42.24
CA PRO H 60 -14.24 31.10 -42.03
C PRO H 60 -12.99 31.92 -41.83
N ILE H 61 -12.95 33.09 -42.47
CA ILE H 61 -11.82 33.99 -42.30
C ILE H 61 -11.71 34.46 -40.86
N THR H 62 -12.84 34.60 -40.15
CA THR H 62 -12.78 35.02 -38.76
C THR H 62 -11.89 34.09 -37.95
N ALA H 63 -12.01 32.78 -38.19
CA ALA H 63 -11.13 31.82 -37.53
C ALA H 63 -9.71 31.91 -38.09
N ILE H 64 -9.57 32.08 -39.41
CA ILE H 64 -8.24 32.20 -40.00
C ILE H 64 -7.48 33.34 -39.36
N ARG H 65 -8.13 34.48 -39.16
CA ARG H 65 -7.48 35.60 -38.51
C ARG H 65 -7.02 35.22 -37.11
N GLU H 66 -7.91 34.60 -36.33
CA GLU H 66 -7.56 34.26 -34.96
C GLU H 66 -6.41 33.25 -34.93
N ILE H 67 -6.42 32.27 -35.84
CA ILE H 67 -5.34 31.29 -35.89
C ILE H 67 -4.05 31.95 -36.34
N LYS H 68 -4.12 32.75 -37.40
CA LYS H 68 -2.93 33.41 -37.93
C LYS H 68 -2.31 34.34 -36.89
N ILE H 69 -3.14 35.11 -36.19
CA ILE H 69 -2.64 36.15 -35.31
C ILE H 69 -2.22 35.58 -33.95
N LEU H 70 -3.03 34.70 -33.37
CA LEU H 70 -2.73 34.24 -32.01
C LEU H 70 -1.55 33.29 -31.94
N ARG H 71 -1.18 32.65 -33.05
CA ARG H 71 0.06 31.88 -33.04
C ARG H 71 1.28 32.78 -33.16
N GLN H 72 1.08 34.06 -33.46
CA GLN H 72 2.14 35.05 -33.44
C GLN H 72 2.27 35.72 -32.08
N LEU H 73 1.16 35.91 -31.37
CA LEU H 73 1.14 36.69 -30.14
C LEU H 73 1.35 35.78 -28.94
N ILE H 74 2.34 36.11 -28.13
CA ILE H 74 2.65 35.39 -26.90
C ILE H 74 2.76 36.46 -25.81
N HIS H 75 1.72 36.62 -25.01
CA HIS H 75 1.75 37.59 -23.91
C HIS H 75 0.82 37.10 -22.81
N ARG H 76 1.18 37.41 -21.56
CA ARG H 76 0.39 36.94 -20.44
C ARG H 76 -1.03 37.48 -20.49
N SER H 77 -1.22 38.68 -21.04
CA SER H 77 -2.53 39.32 -21.08
C SER H 77 -3.25 39.12 -22.41
N VAL H 78 -2.87 38.12 -23.20
CA VAL H 78 -3.54 37.82 -24.46
C VAL H 78 -3.89 36.35 -24.47
N VAL H 79 -5.13 36.02 -24.86
CA VAL H 79 -5.60 34.64 -24.80
C VAL H 79 -4.70 33.76 -25.65
N ASN H 80 -4.38 32.58 -25.12
CA ASN H 80 -3.49 31.64 -25.80
C ASN H 80 -4.27 30.51 -26.46
N MET H 81 -4.01 30.31 -27.76
CA MET H 81 -4.50 29.14 -28.49
C MET H 81 -3.53 27.99 -28.30
N LYS H 82 -3.99 26.94 -27.61
CA LYS H 82 -3.13 25.81 -27.27
C LYS H 82 -2.92 24.86 -28.44
N GLU H 83 -3.99 24.48 -29.15
CA GLU H 83 -3.86 23.57 -30.28
C GLU H 83 -5.18 23.57 -31.05
N ILE H 84 -5.22 22.81 -32.14
CA ILE H 84 -6.41 22.65 -32.97
C ILE H 84 -6.69 21.17 -33.15
N VAL H 85 -7.94 20.77 -32.91
CA VAL H 85 -8.37 19.38 -32.98
C VAL H 85 -9.55 19.27 -33.94
N THR H 86 -9.83 18.06 -34.38
CA THR H 86 -10.81 17.81 -35.43
C THR H 86 -11.81 16.76 -34.99
N ASP H 87 -12.98 16.80 -35.62
CA ASP H 87 -13.96 15.72 -35.43
C ASP H 87 -13.42 14.44 -36.04
N LYS H 88 -13.86 13.31 -35.48
CA LYS H 88 -13.41 12.01 -35.95
C LYS H 88 -13.67 11.86 -37.45
N GLN H 89 -12.60 11.68 -38.20
CA GLN H 89 -12.67 11.58 -39.66
C GLN H 89 -13.14 10.17 -40.04
N ASP H 90 -14.35 9.84 -39.56
CA ASP H 90 -14.91 8.51 -39.78
C ASP H 90 -15.22 8.22 -41.24
N ALA H 91 -15.24 9.25 -42.09
CA ALA H 91 -15.57 9.05 -43.48
C ALA H 91 -14.34 8.47 -44.19
N LEU H 92 -14.53 7.37 -44.90
CA LEU H 92 -13.43 6.67 -45.54
C LEU H 92 -12.67 7.59 -46.51
N ASP H 93 -13.31 8.66 -46.99
CA ASP H 93 -12.73 9.60 -47.94
C ASP H 93 -12.68 11.02 -47.39
N PHE H 94 -11.63 11.77 -47.76
CA PHE H 94 -11.58 13.18 -47.33
C PHE H 94 -12.72 13.97 -47.96
N LYS H 95 -13.12 13.60 -49.18
CA LYS H 95 -14.26 14.24 -49.84
C LYS H 95 -15.54 14.02 -49.05
N LYS H 96 -15.74 12.81 -48.52
CA LYS H 96 -16.95 12.51 -47.78
C LYS H 96 -17.01 13.29 -46.45
N ASP H 97 -15.87 13.49 -45.80
CA ASP H 97 -15.85 14.08 -44.48
C ASP H 97 -16.41 15.50 -44.51
N LYS H 98 -17.38 15.75 -43.62
CA LYS H 98 -17.99 17.07 -43.42
C LYS H 98 -17.84 17.55 -41.98
N GLY H 99 -16.88 16.98 -41.25
CA GLY H 99 -16.67 17.31 -39.85
C GLY H 99 -16.02 18.67 -39.64
N ALA H 100 -16.15 19.15 -38.40
CA ALA H 100 -15.68 20.47 -37.99
C ALA H 100 -14.37 20.41 -37.22
N PHE H 101 -13.66 21.55 -37.22
CA PHE H 101 -12.45 21.75 -36.42
C PHE H 101 -12.77 22.52 -35.14
N TYR H 102 -11.92 22.32 -34.12
CA TYR H 102 -12.04 22.98 -32.83
C TYR H 102 -10.75 23.70 -32.48
N LEU H 103 -10.86 24.96 -32.05
CA LEU H 103 -9.74 25.74 -31.56
C LEU H 103 -9.72 25.63 -30.03
N VAL H 104 -8.60 25.17 -29.47
CA VAL H 104 -8.50 24.91 -28.03
C VAL H 104 -7.87 26.11 -27.35
N PHE H 105 -8.41 26.47 -26.19
CA PHE H 105 -7.98 27.63 -25.42
C PHE H 105 -7.99 27.24 -23.95
N GLU H 106 -7.44 28.12 -23.11
CA GLU H 106 -7.55 27.97 -21.67
C GLU H 106 -8.89 28.52 -21.18
N TYR H 107 -9.51 27.86 -20.22
CA TYR H 107 -10.78 28.32 -19.69
C TYR H 107 -10.53 29.47 -18.71
N MET H 108 -11.26 30.57 -18.90
CA MET H 108 -11.24 31.70 -18.00
C MET H 108 -12.54 31.73 -17.22
N ASP H 109 -12.43 31.98 -15.91
CA ASP H 109 -13.56 31.80 -15.02
C ASP H 109 -14.74 32.70 -15.40
N HIS H 110 -14.47 33.90 -15.89
CA HIS H 110 -15.53 34.86 -16.13
C HIS H 110 -15.24 35.72 -17.35
N ASP H 111 -16.24 36.53 -17.73
CA ASP H 111 -16.08 37.65 -18.65
C ASP H 111 -16.67 38.88 -17.97
N LEU H 112 -16.11 40.04 -18.28
CA LEU H 112 -16.45 41.24 -17.52
C LEU H 112 -17.92 41.60 -17.67
N MET H 113 -18.50 41.39 -18.85
CA MET H 113 -19.92 41.71 -19.05
C MET H 113 -20.79 40.86 -18.11
N GLY H 114 -20.40 39.61 -17.87
CA GLY H 114 -21.14 38.77 -16.95
C GLY H 114 -20.99 39.18 -15.50
N LEU H 115 -19.77 39.55 -15.09
CA LEU H 115 -19.56 39.96 -13.71
C LEU H 115 -20.19 41.33 -13.44
N LEU H 116 -20.01 42.27 -14.36
CA LEU H 116 -20.59 43.59 -14.17
C LEU H 116 -22.11 43.54 -14.14
N GLU H 117 -22.71 42.66 -14.95
CA GLU H 117 -24.17 42.58 -15.00
C GLU H 117 -24.76 42.15 -13.66
N SER H 118 -24.07 41.25 -12.92
CA SER H 118 -24.60 40.87 -11.62
C SER H 118 -24.51 42.02 -10.62
N GLY H 119 -23.62 42.97 -10.85
CA GLY H 119 -23.50 44.10 -9.96
C GLY H 119 -22.93 43.80 -8.60
N LEU H 120 -22.56 42.55 -8.32
CA LEU H 120 -22.00 42.23 -7.03
C LEU H 120 -20.56 42.70 -6.92
N VAL H 121 -19.83 42.57 -8.02
CA VAL H 121 -18.42 42.94 -8.03
C VAL H 121 -18.28 44.43 -7.78
N HIS H 122 -17.36 44.78 -6.90
CA HIS H 122 -16.97 46.16 -6.65
C HIS H 122 -15.48 46.21 -6.97
N PHE H 123 -15.12 47.08 -7.90
CA PHE H 123 -13.73 47.18 -8.35
C PHE H 123 -13.20 48.41 -7.63
N SER H 124 -12.27 48.19 -6.71
CA SER H 124 -11.62 49.30 -6.04
C SER H 124 -10.58 49.91 -6.95
N GLU H 125 -10.12 51.11 -6.58
CA GLU H 125 -9.11 51.77 -7.38
C GLU H 125 -7.93 50.83 -7.62
N ASP H 126 -7.48 50.16 -6.56
CA ASP H 126 -6.35 49.24 -6.72
C ASP H 126 -6.69 48.11 -7.70
N HIS H 127 -7.93 47.60 -7.65
CA HIS H 127 -8.34 46.58 -8.62
C HIS H 127 -8.39 47.16 -10.03
N ILE H 128 -8.88 48.39 -10.19
CA ILE H 128 -8.98 48.98 -11.52
C ILE H 128 -7.58 49.21 -12.09
N LYS H 129 -6.60 49.51 -11.23
CA LYS H 129 -5.23 49.67 -11.70
C LYS H 129 -4.66 48.35 -12.21
N SER H 130 -4.83 47.28 -11.43
CA SER H 130 -4.34 45.98 -11.86
C SER H 130 -5.02 45.54 -13.15
N PHE H 131 -6.32 45.82 -13.28
CA PHE H 131 -7.06 45.44 -14.47
C PHE H 131 -6.54 46.18 -15.69
N MET H 132 -6.55 47.52 -15.62
CA MET H 132 -6.18 48.30 -16.80
C MET H 132 -4.73 48.07 -17.21
N LYS H 133 -3.82 47.92 -16.24
CA LYS H 133 -2.43 47.75 -16.61
C LYS H 133 -2.25 46.49 -17.45
N GLN H 134 -2.89 45.39 -17.06
CA GLN H 134 -2.79 44.16 -17.84
C GLN H 134 -3.40 44.36 -19.22
N LEU H 135 -4.59 44.96 -19.27
CA LEU H 135 -5.27 45.16 -20.56
C LEU H 135 -4.41 46.01 -21.47
N MET H 136 -3.89 47.13 -20.95
CA MET H 136 -3.09 48.02 -21.77
C MET H 136 -1.75 47.39 -22.17
N GLU H 137 -1.15 46.60 -21.27
CA GLU H 137 0.06 45.89 -21.64
C GLU H 137 -0.20 44.90 -22.78
N GLY H 138 -1.34 44.21 -22.74
CA GLY H 138 -1.69 43.35 -23.85
C GLY H 138 -1.91 44.13 -25.14
N LEU H 139 -2.60 45.26 -25.05
CA LEU H 139 -2.86 46.04 -26.26
C LEU H 139 -1.57 46.58 -26.84
N GLU H 140 -0.66 47.07 -25.98
CA GLU H 140 0.65 47.53 -26.46
C GLU H 140 1.40 46.41 -27.14
N TYR H 141 1.36 45.20 -26.57
CA TYR H 141 2.02 44.08 -27.23
C TYR H 141 1.46 43.88 -28.62
N CYS H 142 0.12 43.91 -28.74
CA CYS H 142 -0.53 43.73 -30.04
C CYS H 142 -0.24 44.90 -30.97
N HIS H 143 -0.31 46.13 -30.47
CA HIS H 143 -0.06 47.27 -31.34
C HIS H 143 1.40 47.34 -31.75
N LYS H 144 2.31 46.95 -30.86
CA LYS H 144 3.72 46.91 -31.23
C LYS H 144 3.96 45.87 -32.30
N LYS H 145 3.18 44.79 -32.29
CA LYS H 145 3.19 43.81 -33.38
C LYS H 145 2.37 44.25 -34.57
N ASN H 146 1.80 45.47 -34.54
CA ASN H 146 1.08 46.05 -35.68
C ASN H 146 -0.25 45.36 -35.96
N PHE H 147 -0.96 44.99 -34.89
CA PHE H 147 -2.28 44.40 -34.99
C PHE H 147 -3.36 45.29 -34.39
N LEU H 148 -4.51 45.34 -35.05
CA LEU H 148 -5.68 46.09 -34.58
C LEU H 148 -6.71 45.08 -34.10
N HIS H 149 -7.22 45.27 -32.88
CA HIS H 149 -8.20 44.33 -32.36
C HIS H 149 -9.55 44.50 -33.07
N ARG H 150 -10.07 45.73 -33.10
CA ARG H 150 -11.27 46.13 -33.82
C ARG H 150 -12.55 45.59 -33.19
N ASP H 151 -12.48 44.83 -32.10
CA ASP H 151 -13.68 44.34 -31.42
C ASP H 151 -13.47 44.29 -29.90
N ILE H 152 -13.09 45.41 -29.31
CA ILE H 152 -12.90 45.49 -27.86
C ILE H 152 -14.26 45.75 -27.20
N LYS H 153 -14.66 44.85 -26.30
CA LYS H 153 -15.91 45.00 -25.56
C LYS H 153 -15.73 44.28 -24.23
N CYS H 154 -16.53 44.69 -23.23
CA CYS H 154 -16.42 44.05 -21.92
C CYS H 154 -16.56 42.54 -22.04
N SER H 155 -17.33 42.07 -23.04
CA SER H 155 -17.52 40.65 -23.23
C SER H 155 -16.26 39.94 -23.71
N ASN H 156 -15.37 40.65 -24.42
CA ASN H 156 -14.18 40.01 -24.98
C ASN H 156 -12.96 40.17 -24.08
N ILE H 157 -13.14 40.64 -22.85
CA ILE H 157 -12.10 40.66 -21.82
C ILE H 157 -12.44 39.56 -20.81
N LEU H 158 -11.67 38.47 -20.81
CA LEU H 158 -11.89 37.37 -19.89
C LEU H 158 -11.05 37.52 -18.63
N LEU H 159 -11.65 37.16 -17.49
CA LEU H 159 -11.06 37.34 -16.17
C LEU H 159 -11.18 36.04 -15.38
N ASN H 160 -10.06 35.45 -15.00
CA ASN H 160 -10.09 34.35 -14.04
C ASN H 160 -9.84 34.89 -12.62
N ASN H 161 -10.22 34.07 -11.63
CA ASN H 161 -10.33 34.54 -10.25
C ASN H 161 -9.04 35.08 -9.64
N SER H 162 -7.87 34.72 -10.18
CA SER H 162 -6.64 35.26 -9.61
C SER H 162 -6.46 36.74 -9.90
N GLY H 163 -7.29 37.32 -10.77
CA GLY H 163 -7.12 38.68 -11.22
C GLY H 163 -6.43 38.82 -12.55
N GLN H 164 -6.04 37.72 -13.18
CA GLN H 164 -5.40 37.79 -14.48
C GLN H 164 -6.42 38.13 -15.55
N ILE H 165 -6.05 39.05 -16.44
CA ILE H 165 -6.91 39.50 -17.54
C ILE H 165 -6.30 39.06 -18.86
N LYS H 166 -7.16 38.63 -19.78
CA LYS H 166 -6.72 38.20 -21.11
C LYS H 166 -7.73 38.70 -22.14
N LEU H 167 -7.22 39.28 -23.23
CA LEU H 167 -8.06 39.71 -24.36
C LEU H 167 -8.38 38.50 -25.24
N ALA H 168 -9.57 38.50 -25.87
CA ALA H 168 -10.05 37.22 -26.37
C ALA H 168 -10.52 37.07 -27.81
N ASP H 169 -11.40 37.93 -28.34
CA ASP H 169 -11.90 37.65 -29.69
C ASP H 169 -11.03 38.40 -30.69
N PHE H 170 -10.10 37.67 -31.30
CA PHE H 170 -9.22 38.18 -32.33
C PHE H 170 -9.71 37.81 -33.73
N GLY H 171 -11.03 37.68 -33.88
CA GLY H 171 -11.60 37.34 -35.17
C GLY H 171 -11.58 38.47 -36.16
N LEU H 172 -11.67 39.71 -35.69
CA LEU H 172 -11.65 40.88 -36.56
C LEU H 172 -10.28 41.56 -36.61
N ALA H 173 -9.26 40.96 -36.01
CA ALA H 173 -7.95 41.62 -35.94
C ALA H 173 -7.30 41.69 -37.32
N ARG H 174 -6.65 42.82 -37.59
CA ARG H 174 -5.98 43.01 -38.87
C ARG H 174 -4.68 43.75 -38.65
N LEU H 175 -3.75 43.57 -39.59
CA LEU H 175 -2.46 44.24 -39.55
C LEU H 175 -2.60 45.69 -39.99
N TYR H 176 -1.85 46.57 -39.33
CA TYR H 176 -1.88 48.00 -39.58
C TYR H 176 -0.53 48.45 -40.12
N ASN H 177 -0.54 49.09 -41.29
CA ASN H 177 0.65 49.71 -41.86
C ASN H 177 0.42 51.21 -41.96
N SER H 178 1.23 51.99 -41.24
CA SER H 178 1.12 53.44 -41.31
C SER H 178 1.58 53.99 -42.65
N GLU H 179 2.66 53.43 -43.20
CA GLU H 179 3.20 53.92 -44.47
C GLU H 179 2.30 53.57 -45.65
N GLU H 180 1.62 52.43 -45.61
CA GLU H 180 0.71 51.97 -46.66
C GLU H 180 -0.70 51.93 -46.10
N SER H 181 -1.38 53.07 -46.14
CA SER H 181 -2.79 53.09 -45.75
C SER H 181 -3.63 52.33 -46.76
N ARG H 182 -4.49 51.44 -46.25
CA ARG H 182 -5.40 50.66 -47.08
C ARG H 182 -6.79 50.81 -46.48
N PRO H 183 -7.84 50.87 -47.31
CA PRO H 183 -9.20 51.05 -46.78
C PRO H 183 -9.66 49.85 -45.98
N TYR H 184 -10.19 50.10 -44.79
CA TYR H 184 -10.69 49.02 -43.95
C TYR H 184 -12.20 49.15 -43.78
N ASN H 186 -15.47 50.38 -41.94
CA ASN H 186 -15.93 51.45 -41.08
C ASN H 186 -16.64 51.00 -39.81
N LYS H 187 -17.50 49.99 -39.93
CA LYS H 187 -18.32 49.54 -38.80
C LYS H 187 -17.72 48.27 -38.22
N VAL H 188 -16.65 48.43 -37.44
CA VAL H 188 -15.94 47.30 -36.86
C VAL H 188 -16.27 47.11 -35.39
N ILE H 189 -16.14 48.16 -34.58
CA ILE H 189 -16.33 48.01 -33.14
C ILE H 189 -17.80 48.13 -32.78
N THR H 190 -18.18 47.55 -31.64
CA THR H 190 -19.56 47.67 -31.16
C THR H 190 -19.89 49.12 -30.85
N LEU H 191 -21.14 49.50 -31.12
CA LEU H 191 -21.51 50.93 -31.09
C LEU H 191 -21.14 51.57 -29.75
N TRP H 192 -21.36 50.86 -28.64
CA TRP H 192 -21.11 51.43 -27.32
C TRP H 192 -19.64 51.73 -27.09
N TYR H 193 -18.76 50.97 -27.73
CA TYR H 193 -17.32 51.14 -27.58
C TYR H 193 -16.67 51.63 -28.87
N ARG H 194 -17.48 52.14 -29.81
CA ARG H 194 -16.94 52.57 -31.09
C ARG H 194 -16.43 54.00 -30.98
N PRO H 195 -15.29 54.30 -31.59
CA PRO H 195 -14.72 55.65 -31.50
C PRO H 195 -15.44 56.62 -32.42
N PRO H 196 -15.31 57.92 -32.16
CA PRO H 196 -16.03 58.90 -32.98
C PRO H 196 -15.59 58.93 -34.43
N GLU H 197 -14.31 58.65 -34.70
CA GLU H 197 -13.83 58.69 -36.09
C GLU H 197 -14.56 57.65 -36.93
N LEU H 198 -14.82 56.48 -36.37
CA LEU H 198 -15.55 55.47 -37.13
C LEU H 198 -17.01 55.86 -37.29
N LEU H 199 -17.57 56.57 -36.32
CA LEU H 199 -18.93 57.05 -36.46
C LEU H 199 -19.05 58.04 -37.61
N LEU H 200 -18.02 58.88 -37.80
CA LEU H 200 -17.97 59.84 -38.89
C LEU H 200 -17.48 59.22 -40.19
N GLY H 201 -17.33 57.91 -40.22
CA GLY H 201 -17.04 57.16 -41.43
C GLY H 201 -15.60 57.15 -41.88
N GLU H 202 -14.66 57.11 -40.93
CA GLU H 202 -13.25 56.93 -41.28
C GLU H 202 -13.02 55.48 -41.70
N GLU H 203 -12.41 55.31 -42.87
CA GLU H 203 -12.15 53.99 -43.41
C GLU H 203 -10.69 53.58 -43.28
N ARG H 204 -9.78 54.53 -43.06
CA ARG H 204 -8.37 54.26 -42.83
C ARG H 204 -8.07 54.69 -41.39
N TYR H 205 -8.31 53.79 -40.44
CA TYR H 205 -8.19 54.12 -39.04
C TYR H 205 -6.91 53.55 -38.45
N THR H 206 -6.46 54.16 -37.36
CA THR H 206 -5.28 53.80 -36.62
C THR H 206 -5.62 52.90 -35.44
N PRO H 207 -4.60 52.37 -34.76
CA PRO H 207 -4.86 51.62 -33.50
C PRO H 207 -5.55 52.44 -32.44
N ALA H 208 -5.67 53.75 -32.60
CA ALA H 208 -6.33 54.55 -31.57
C ALA H 208 -7.78 54.11 -31.38
N ILE H 209 -8.34 53.37 -32.34
CA ILE H 209 -9.70 52.85 -32.17
C ILE H 209 -9.75 51.92 -30.96
N ASP H 210 -8.73 51.09 -30.79
CA ASP H 210 -8.70 50.17 -29.65
C ASP H 210 -8.55 50.95 -28.35
N VAL H 211 -7.76 52.02 -28.35
CA VAL H 211 -7.58 52.81 -27.14
C VAL H 211 -8.92 53.39 -26.70
N TRP H 212 -9.66 53.99 -27.64
CA TRP H 212 -10.96 54.56 -27.30
C TRP H 212 -11.86 53.53 -26.64
N SER H 213 -11.93 52.33 -27.22
CA SER H 213 -12.75 51.27 -26.63
C SER H 213 -12.30 50.98 -25.21
N CYS H 214 -11.00 50.77 -25.01
CA CYS H 214 -10.52 50.46 -23.67
C CYS H 214 -10.74 51.61 -22.71
N GLY H 215 -10.76 52.85 -23.22
CA GLY H 215 -11.09 53.97 -22.36
C GLY H 215 -12.53 53.93 -21.88
N CYS H 216 -13.45 53.62 -22.79
CA CYS H 216 -14.84 53.42 -22.38
C CYS H 216 -14.92 52.39 -21.26
N ILE H 217 -14.06 51.38 -21.30
CA ILE H 217 -14.04 50.37 -20.24
C ILE H 217 -13.49 50.96 -18.94
N LEU H 218 -12.48 51.82 -19.03
CA LEU H 218 -11.96 52.43 -17.80
C LEU H 218 -13.07 53.16 -17.06
N GLY H 219 -13.83 53.99 -17.77
CA GLY H 219 -14.92 54.69 -17.14
C GLY H 219 -16.02 53.76 -16.66
N GLU H 220 -16.25 52.66 -17.38
CA GLU H 220 -17.30 51.73 -17.00
C GLU H 220 -16.96 51.01 -15.70
N LEU H 221 -15.67 50.88 -15.40
CA LEU H 221 -15.26 50.22 -14.16
C LEU H 221 -15.54 51.09 -12.95
N PHE H 222 -15.44 52.41 -13.10
CA PHE H 222 -15.77 53.31 -12.00
C PHE H 222 -17.28 53.48 -11.85
N THR H 223 -18.01 53.64 -12.97
CA THR H 223 -19.44 53.87 -12.89
C THR H 223 -20.25 52.58 -12.84
N LYS H 224 -19.70 51.47 -13.31
CA LYS H 224 -20.37 50.18 -13.37
C LYS H 224 -21.50 50.16 -14.39
N LYS H 225 -21.54 51.15 -15.28
CA LYS H 225 -22.55 51.32 -16.34
C LYS H 225 -21.77 51.78 -17.57
N PRO H 226 -22.01 51.20 -18.75
CA PRO H 226 -21.34 51.71 -19.96
C PRO H 226 -21.58 53.20 -20.14
N ILE H 227 -20.55 53.90 -20.60
CA ILE H 227 -20.61 55.37 -20.65
C ILE H 227 -21.56 55.84 -21.75
N PHE H 228 -21.45 55.26 -22.94
CA PHE H 228 -22.22 55.70 -24.11
C PHE H 228 -23.09 54.55 -24.56
N GLN H 229 -24.38 54.60 -24.21
CA GLN H 229 -25.35 53.58 -24.60
C GLN H 229 -26.40 54.22 -25.50
N ALA H 230 -26.42 53.78 -26.76
CA ALA H 230 -27.37 54.23 -27.75
C ALA H 230 -27.52 53.11 -28.76
N ASN H 231 -28.57 53.19 -29.57
CA ASN H 231 -28.86 52.15 -30.54
C ASN H 231 -28.53 52.54 -31.98
N LEU H 232 -28.31 53.82 -32.25
CA LEU H 232 -28.08 54.28 -33.61
C LEU H 232 -26.83 55.16 -33.62
N GLU H 233 -26.12 55.11 -34.74
CA GLU H 233 -24.81 55.74 -34.82
C GLU H 233 -24.88 57.24 -34.55
N LEU H 234 -25.89 57.92 -35.08
CA LEU H 234 -26.01 59.36 -34.81
C LEU H 234 -26.28 59.61 -33.33
N ALA H 235 -27.17 58.80 -32.72
CA ALA H 235 -27.45 58.96 -31.30
C ALA H 235 -26.19 58.72 -30.48
N GLN H 236 -25.35 57.78 -30.92
CA GLN H 236 -24.10 57.53 -30.23
C GLN H 236 -23.17 58.74 -30.31
N LEU H 237 -23.03 59.33 -31.50
CA LEU H 237 -22.22 60.53 -31.65
C LEU H 237 -22.72 61.65 -30.77
N GLU H 238 -24.04 61.77 -30.62
CA GLU H 238 -24.62 62.80 -29.75
C GLU H 238 -24.18 62.58 -28.30
N LEU H 239 -24.28 61.34 -27.82
CA LEU H 239 -23.86 61.06 -26.45
C LEU H 239 -22.37 61.36 -26.26
N ILE H 240 -21.55 60.93 -27.21
CA ILE H 240 -20.12 61.22 -27.14
C ILE H 240 -19.89 62.72 -27.13
N SER H 241 -20.61 63.46 -27.97
CA SER H 241 -20.40 64.90 -28.05
C SER H 241 -20.76 65.59 -26.74
N ARG H 242 -21.82 65.15 -26.08
CA ARG H 242 -22.25 65.79 -24.85
C ARG H 242 -21.17 65.73 -23.78
N LEU H 243 -20.44 64.62 -23.73
CA LEU H 243 -19.42 64.44 -22.70
C LEU H 243 -18.06 64.96 -23.14
N CYS H 244 -17.61 64.58 -24.33
CA CYS H 244 -16.27 64.91 -24.81
C CYS H 244 -16.21 66.20 -25.61
N GLY H 245 -17.35 66.78 -25.95
CA GLY H 245 -17.38 67.92 -26.83
C GLY H 245 -17.70 67.50 -28.26
N SER H 246 -18.30 68.41 -29.01
CA SER H 246 -18.67 68.08 -30.39
C SER H 246 -17.43 68.05 -31.27
N PRO H 247 -17.33 67.08 -32.18
CA PRO H 247 -16.24 67.10 -33.16
C PRO H 247 -16.27 68.38 -33.98
N CYS H 248 -15.16 69.10 -34.00
CA CYS H 248 -15.06 70.37 -34.72
C CYS H 248 -13.59 70.61 -35.04
N PRO H 249 -13.30 71.39 -36.09
CA PRO H 249 -11.89 71.60 -36.46
C PRO H 249 -11.05 72.23 -35.36
N ALA H 250 -11.65 72.99 -34.44
CA ALA H 250 -10.86 73.64 -33.39
C ALA H 250 -10.10 72.63 -32.56
N VAL H 251 -10.75 71.53 -32.18
CA VAL H 251 -10.11 70.48 -31.41
C VAL H 251 -9.66 69.30 -32.26
N TRP H 252 -10.13 69.22 -33.51
CA TRP H 252 -9.89 68.06 -34.37
C TRP H 252 -9.63 68.59 -35.78
N PRO H 253 -8.43 69.11 -36.03
CA PRO H 253 -8.22 69.86 -37.28
C PRO H 253 -8.59 69.11 -38.55
N ASP H 254 -8.38 67.79 -38.61
CA ASP H 254 -8.62 67.03 -39.83
C ASP H 254 -10.01 66.41 -39.90
N VAL H 255 -10.91 66.78 -38.98
CA VAL H 255 -12.25 66.20 -38.99
C VAL H 255 -12.98 66.58 -40.28
N ILE H 256 -12.64 67.73 -40.86
CA ILE H 256 -13.32 68.18 -42.08
C ILE H 256 -13.09 67.22 -43.24
N ARG H 257 -12.05 66.39 -43.18
CA ARG H 257 -11.83 65.40 -44.22
C ARG H 257 -12.78 64.20 -44.13
N LEU H 258 -13.45 64.02 -42.99
CA LEU H 258 -14.23 62.80 -42.80
C LEU H 258 -15.51 62.85 -43.62
N PRO H 259 -15.92 61.72 -44.19
CA PRO H 259 -17.11 61.73 -45.08
C PRO H 259 -18.34 62.35 -44.44
N TYR H 260 -18.64 61.98 -43.20
CA TYR H 260 -19.91 62.31 -42.57
C TYR H 260 -19.82 63.52 -41.65
N PHE H 261 -18.75 64.31 -41.74
CA PHE H 261 -18.60 65.43 -40.82
C PHE H 261 -19.75 66.41 -40.96
N ASN H 262 -20.10 66.78 -42.20
CA ASN H 262 -21.26 67.64 -42.42
C ASN H 262 -22.57 66.88 -42.19
N THR H 263 -22.59 65.60 -42.59
CA THR H 263 -23.83 64.82 -42.50
C THR H 263 -24.25 64.58 -41.05
N MET H 264 -23.36 64.00 -40.25
CA MET H 264 -23.69 63.64 -38.88
C MET H 264 -23.28 64.79 -37.97
N LYS H 265 -24.20 65.69 -37.71
CA LYS H 265 -23.88 66.78 -36.82
C LYS H 265 -24.60 66.58 -35.49
N PRO H 266 -23.94 66.84 -34.36
CA PRO H 266 -24.63 66.79 -33.07
C PRO H 266 -25.65 67.92 -32.95
N LYS H 267 -26.58 67.74 -31.99
CA LYS H 267 -27.63 68.72 -31.80
C LYS H 267 -27.06 70.12 -31.63
N LYS H 268 -25.98 70.26 -30.88
CA LYS H 268 -25.30 71.52 -30.66
C LYS H 268 -23.80 71.33 -30.86
N GLN H 269 -23.07 72.44 -30.74
CA GLN H 269 -21.60 72.41 -30.61
C GLN H 269 -21.28 72.38 -29.10
N TYR H 270 -21.31 71.17 -28.55
CA TYR H 270 -21.14 71.00 -27.12
C TYR H 270 -19.70 71.28 -26.68
N ARG H 271 -19.56 71.79 -25.46
CA ARG H 271 -18.27 71.92 -24.83
C ARG H 271 -17.89 70.60 -24.16
N ARG H 272 -16.60 70.43 -23.90
CA ARG H 272 -16.14 69.22 -23.22
C ARG H 272 -16.50 69.30 -21.75
N ARG H 273 -17.08 68.22 -21.22
CA ARG H 273 -17.53 68.17 -19.84
C ARG H 273 -16.98 66.94 -19.12
N LEU H 274 -16.01 66.24 -19.73
CA LEU H 274 -15.58 64.95 -19.20
C LEU H 274 -15.09 65.06 -17.76
N ARG H 275 -14.18 66.00 -17.49
CA ARG H 275 -13.66 66.12 -16.14
C ARG H 275 -14.76 66.49 -15.16
N GLU H 276 -15.72 67.30 -15.60
CA GLU H 276 -16.80 67.70 -14.72
C GLU H 276 -17.70 66.51 -14.40
N GLU H 277 -18.14 65.79 -15.44
CA GLU H 277 -19.09 64.70 -15.21
C GLU H 277 -18.44 63.52 -14.52
N PHE H 278 -17.13 63.32 -14.71
CA PHE H 278 -16.39 62.28 -14.01
C PHE H 278 -15.55 62.83 -12.86
N SER H 279 -16.02 63.89 -12.19
CA SER H 279 -15.24 64.47 -11.10
C SER H 279 -15.06 63.47 -9.96
N PHE H 280 -15.96 62.49 -9.83
CA PHE H 280 -15.84 61.51 -8.75
C PHE H 280 -14.64 60.59 -8.96
N ILE H 281 -14.14 60.45 -10.19
CA ILE H 281 -12.98 59.59 -10.47
C ILE H 281 -11.72 60.23 -9.88
N PRO H 282 -10.78 59.45 -9.34
CA PRO H 282 -9.52 60.01 -8.85
C PRO H 282 -8.74 60.74 -9.93
N SER H 283 -7.91 61.72 -9.50
CA SER H 283 -7.24 62.61 -10.45
C SER H 283 -6.36 61.85 -11.44
N ALA H 284 -5.58 60.88 -10.96
CA ALA H 284 -4.72 60.13 -11.88
C ALA H 284 -5.56 59.40 -12.93
N ALA H 285 -6.68 58.82 -12.53
CA ALA H 285 -7.52 58.11 -13.49
C ALA H 285 -8.27 59.08 -14.37
N LEU H 286 -8.77 60.18 -13.81
CA LEU H 286 -9.49 61.16 -14.60
C LEU H 286 -8.61 61.68 -15.72
N ASP H 287 -7.33 61.90 -15.43
CA ASP H 287 -6.38 62.31 -16.46
C ASP H 287 -6.23 61.24 -17.53
N LEU H 288 -6.16 59.97 -17.13
CA LEU H 288 -6.09 58.90 -18.10
C LEU H 288 -7.34 58.88 -18.98
N LEU H 289 -8.51 58.97 -18.35
CA LEU H 289 -9.76 58.96 -19.10
C LEU H 289 -9.84 60.11 -20.09
N ASP H 290 -9.47 61.32 -19.64
CA ASP H 290 -9.55 62.48 -20.52
C ASP H 290 -8.78 62.25 -21.81
N HIS H 291 -7.60 61.63 -21.70
CA HIS H 291 -6.75 61.39 -22.86
C HIS H 291 -7.24 60.22 -23.72
N MET H 292 -7.65 59.12 -23.10
CA MET H 292 -8.13 57.99 -23.88
C MET H 292 -9.40 58.35 -24.64
N LEU H 293 -10.24 59.18 -24.04
CA LEU H 293 -11.49 59.62 -24.67
C LEU H 293 -11.31 60.99 -25.33
N THR H 294 -10.24 61.13 -26.11
CA THR H 294 -9.97 62.34 -26.88
C THR H 294 -10.45 62.11 -28.31
N LEU H 295 -11.19 63.09 -28.84
CA LEU H 295 -11.86 62.90 -30.13
C LEU H 295 -10.85 62.67 -31.25
N ASP H 296 -9.83 63.51 -31.33
CA ASP H 296 -8.92 63.40 -32.47
C ASP H 296 -7.98 62.22 -32.27
N PRO H 297 -8.07 61.18 -33.11
CA PRO H 297 -7.20 60.00 -32.90
C PRO H 297 -5.72 60.31 -32.95
N SER H 298 -5.32 61.37 -33.66
CA SER H 298 -3.92 61.73 -33.69
C SER H 298 -3.49 62.40 -32.39
N LYS H 299 -4.44 62.91 -31.61
CA LYS H 299 -4.16 63.48 -30.30
C LYS H 299 -4.47 62.50 -29.17
N ARG H 300 -5.16 61.40 -29.47
CA ARG H 300 -5.47 60.40 -28.46
C ARG H 300 -4.19 59.65 -28.05
N CYS H 301 -4.06 59.42 -26.75
CA CYS H 301 -2.86 58.75 -26.24
C CYS H 301 -2.77 57.34 -26.81
N THR H 302 -1.55 56.81 -26.82
CA THR H 302 -1.28 55.46 -27.28
C THR H 302 -1.26 54.49 -26.10
N ALA H 303 -1.21 53.20 -26.40
CA ALA H 303 -1.17 52.20 -25.32
C ALA H 303 0.09 52.40 -24.47
N GLU H 304 1.24 52.58 -25.11
CA GLU H 304 2.45 52.80 -24.35
C GLU H 304 2.30 54.01 -23.44
N GLN H 305 1.72 55.08 -23.97
CA GLN H 305 1.57 56.30 -23.16
C GLN H 305 0.69 56.03 -21.95
N THR H 306 -0.34 55.20 -22.09
CA THR H 306 -1.19 54.88 -20.95
C THR H 306 -0.40 54.16 -19.87
N LEU H 307 0.50 53.26 -20.27
CA LEU H 307 1.36 52.57 -19.30
C LEU H 307 2.30 53.54 -18.62
N GLN H 308 2.70 54.61 -19.32
CA GLN H 308 3.54 55.65 -18.74
C GLN H 308 2.68 56.79 -18.18
N SER H 309 1.67 56.42 -17.39
CA SER H 309 0.79 57.39 -16.75
C SER H 309 0.91 57.24 -15.24
N ASP H 310 0.64 58.33 -14.52
CA ASP H 310 0.69 58.27 -13.07
C ASP H 310 -0.18 57.13 -12.55
N PHE H 311 -1.26 56.83 -13.25
CA PHE H 311 -2.21 55.84 -12.76
C PHE H 311 -1.63 54.43 -12.85
N LEU H 312 -0.97 54.11 -13.97
CA LEU H 312 -0.53 52.75 -14.25
C LEU H 312 0.97 52.56 -14.25
N LYS H 313 1.75 53.64 -14.16
CA LYS H 313 3.20 53.52 -14.32
C LYS H 313 3.82 52.71 -13.20
N ASP H 314 3.48 53.04 -11.96
CA ASP H 314 4.09 52.42 -10.80
C ASP H 314 3.29 51.24 -10.25
N VAL H 315 2.25 50.81 -10.97
CA VAL H 315 1.50 49.63 -10.55
C VAL H 315 2.36 48.39 -10.72
N GLU H 316 2.40 47.55 -9.68
CA GLU H 316 3.20 46.35 -9.67
C GLU H 316 2.32 45.13 -9.92
N LEU H 317 2.65 44.37 -10.97
CA LEU H 317 1.87 43.19 -11.34
C LEU H 317 1.94 42.09 -10.30
N SER H 318 2.97 42.10 -9.44
CA SER H 318 3.14 41.06 -8.43
C SER H 318 1.98 41.00 -7.45
N LYS H 319 1.43 42.15 -7.07
CA LYS H 319 0.36 42.13 -6.07
C LYS H 319 -0.90 41.48 -6.63
N MET H 320 -1.27 41.81 -7.87
CA MET H 320 -2.41 41.20 -8.55
C MET H 320 -3.57 40.93 -7.60
N ALA H 321 -3.93 41.95 -6.83
CA ALA H 321 -5.00 41.87 -5.84
C ALA H 321 -6.24 41.22 -6.43
N PRO H 322 -6.62 40.01 -6.03
CA PRO H 322 -7.78 39.35 -6.65
C PRO H 322 -9.04 40.19 -6.45
N PRO H 323 -9.89 40.29 -7.47
CA PRO H 323 -11.09 41.14 -7.35
C PRO H 323 -12.12 40.55 -6.40
N ASP H 324 -13.05 41.42 -5.98
CA ASP H 324 -14.15 41.02 -5.11
C ASP H 324 -15.14 40.23 -5.94
N LEU H 325 -14.97 38.93 -5.98
CA LEU H 325 -15.75 38.02 -6.81
C LEU H 325 -16.96 37.48 -6.05
N PRO H 326 -17.96 36.97 -6.78
CA PRO H 326 -19.18 36.47 -6.13
C PRO H 326 -18.87 35.54 -4.97
N HIS H 327 -19.63 35.70 -3.90
CA HIS H 327 -19.47 34.91 -2.68
C HIS H 327 -20.75 34.15 -2.41
N TRP H 328 -20.64 33.06 -1.65
CA TRP H 328 -21.82 32.25 -1.37
C TRP H 328 -22.79 33.05 -0.52
N GLN H 329 -22.27 33.91 0.37
CA GLN H 329 -23.12 34.76 1.20
C GLN H 329 -24.06 35.60 0.34
N ASP H 330 -23.65 35.94 -0.89
CA ASP H 330 -24.47 36.78 -1.73
C ASP H 330 -25.59 36.00 -2.40
N CYS H 331 -25.45 34.67 -2.50
CA CYS H 331 -26.48 33.84 -3.09
C CYS H 331 -27.74 33.80 -2.24
N HIS H 332 -27.68 34.29 -1.01
CA HIS H 332 -28.84 34.42 -0.14
C HIS H 332 -29.13 35.89 0.12
N GLU H 333 -30.41 36.21 0.23
CA GLU H 333 -30.82 37.56 0.60
C GLU H 333 -30.56 37.78 2.08
N LEU H 334 -29.84 38.84 2.40
CA LEU H 334 -29.42 39.11 3.77
C LEU H 334 -30.52 39.89 4.48
N TRP H 335 -31.12 39.29 5.50
CA TRP H 335 -32.17 39.95 6.26
C TRP H 335 -31.54 40.84 7.33
N THR I 24 6.77 24.33 -30.27
CA THR I 24 5.83 25.44 -30.43
C THR I 24 5.30 25.47 -31.88
N LYS I 25 6.12 26.02 -32.81
CA LYS I 25 5.77 26.11 -34.23
C LYS I 25 6.65 25.16 -35.05
N PRO I 26 6.13 24.64 -36.16
CA PRO I 26 6.84 23.57 -36.87
C PRO I 26 7.98 24.06 -37.74
N CYS I 27 8.85 23.11 -38.10
CA CYS I 27 9.99 23.34 -38.98
C CYS I 27 9.61 23.04 -40.42
N TRP I 28 9.74 24.02 -41.30
CA TRP I 28 9.32 23.92 -42.69
C TRP I 28 10.48 23.87 -43.68
N TYR I 29 11.65 23.41 -43.26
CA TYR I 29 12.81 23.38 -44.13
C TYR I 29 13.47 22.01 -44.15
N TRP I 30 13.78 21.55 -45.36
CA TRP I 30 14.41 20.26 -45.60
C TRP I 30 15.76 20.46 -46.28
N ASP I 31 16.56 19.40 -46.31
CA ASP I 31 17.80 19.40 -47.07
C ASP I 31 17.55 18.90 -48.48
N LYS I 32 18.35 19.41 -49.42
CA LYS I 32 18.23 18.99 -50.82
C LYS I 32 18.18 17.48 -50.95
N LYS I 33 19.04 16.78 -50.19
CA LYS I 33 19.06 15.32 -50.26
C LYS I 33 17.70 14.72 -49.91
N ASP I 34 16.92 15.41 -49.08
CA ASP I 34 15.65 14.86 -48.63
C ASP I 34 14.60 14.82 -49.72
N LEU I 35 14.74 15.64 -50.76
CA LEU I 35 13.73 15.66 -51.82
C LEU I 35 13.70 14.38 -52.63
N ALA I 36 14.71 13.51 -52.48
CA ALA I 36 14.71 12.21 -53.11
C ALA I 36 13.74 11.25 -52.44
N HIS I 37 13.10 11.65 -51.34
CA HIS I 37 12.24 10.78 -50.56
C HIS I 37 10.88 11.41 -50.30
N THR I 38 10.39 12.22 -51.23
CA THR I 38 9.05 12.73 -51.12
C THR I 38 8.06 11.61 -51.43
N PRO I 39 6.82 11.72 -50.95
CA PRO I 39 5.80 10.72 -51.31
C PRO I 39 5.74 10.46 -52.81
N SER I 40 5.89 11.53 -53.61
CA SER I 40 5.84 11.39 -55.06
C SER I 40 6.98 10.50 -55.56
N GLN I 41 8.20 10.76 -55.09
CA GLN I 41 9.33 9.93 -55.50
C GLN I 41 9.11 8.47 -55.14
N LEU I 42 8.62 8.22 -53.93
CA LEU I 42 8.48 6.86 -53.44
C LEU I 42 7.30 6.12 -54.06
N GLU I 43 6.39 6.83 -54.73
CA GLU I 43 5.34 6.19 -55.50
C GLU I 43 5.72 6.00 -56.97
N GLY I 44 7.00 6.13 -57.31
CA GLY I 44 7.47 5.85 -58.65
C GLY I 44 7.64 7.04 -59.55
N LEU I 45 7.34 8.25 -59.08
CA LEU I 45 7.58 9.45 -59.85
C LEU I 45 9.06 9.78 -59.85
N ASP I 46 9.62 10.09 -61.03
CA ASP I 46 11.05 10.35 -61.09
C ASP I 46 11.35 11.81 -60.79
N PRO I 47 12.61 12.13 -60.47
CA PRO I 47 12.91 13.51 -60.03
C PRO I 47 12.55 14.56 -61.05
N ALA I 48 12.80 14.31 -62.33
CA ALA I 48 12.48 15.31 -63.35
C ALA I 48 10.99 15.59 -63.38
N THR I 49 10.17 14.54 -63.27
CA THR I 49 8.71 14.73 -63.36
C THR I 49 8.19 15.53 -62.17
N GLU I 50 8.62 15.19 -60.95
CA GLU I 50 8.13 15.95 -59.80
C GLU I 50 8.56 17.40 -59.91
N ALA I 51 9.77 17.66 -60.41
CA ALA I 51 10.18 19.03 -60.64
C ALA I 51 9.26 19.71 -61.64
N ARG I 52 8.98 19.03 -62.75
CA ARG I 52 8.08 19.60 -63.76
C ARG I 52 6.70 19.85 -63.19
N TYR I 53 6.17 18.89 -62.42
CA TYR I 53 4.86 19.07 -61.82
C TYR I 53 4.83 20.26 -60.87
N ARG I 54 5.96 20.56 -60.22
CA ARG I 54 6.01 21.69 -59.30
C ARG I 54 6.04 23.01 -60.06
N ARG I 55 6.87 23.09 -61.09
CA ARG I 55 6.87 24.28 -61.94
C ARG I 55 5.48 24.54 -62.52
N GLU I 56 4.82 23.48 -62.99
CA GLU I 56 3.51 23.67 -63.60
C GLU I 56 2.49 24.14 -62.57
N GLY I 57 2.49 23.52 -61.40
CA GLY I 57 1.59 23.95 -60.34
C GLY I 57 1.91 25.36 -59.87
N ALA I 58 3.19 25.66 -59.66
CA ALA I 58 3.56 27.00 -59.21
C ALA I 58 3.14 28.06 -60.22
N ARG I 59 3.52 27.88 -61.48
CA ARG I 59 3.16 28.86 -62.50
C ARG I 59 1.65 28.91 -62.71
N PHE I 60 0.94 27.81 -62.51
CA PHE I 60 -0.52 27.85 -62.59
C PHE I 60 -1.07 28.78 -61.51
N ILE I 61 -0.61 28.60 -60.28
CA ILE I 61 -1.03 29.51 -59.20
C ILE I 61 -0.69 30.95 -59.56
N PHE I 62 0.52 31.20 -60.07
CA PHE I 62 0.93 32.56 -60.39
C PHE I 62 0.06 33.17 -61.48
N ASP I 63 -0.19 32.42 -62.56
CA ASP I 63 -0.93 32.96 -63.68
C ASP I 63 -2.39 33.22 -63.32
N VAL I 64 -3.01 32.28 -62.60
CA VAL I 64 -4.41 32.45 -62.21
C VAL I 64 -4.56 33.70 -61.37
N GLY I 65 -3.70 33.85 -60.36
CA GLY I 65 -3.79 35.00 -59.47
C GLY I 65 -3.49 36.32 -60.16
N THR I 66 -2.57 36.31 -61.13
CA THR I 66 -2.27 37.54 -61.86
C THR I 66 -3.50 38.04 -62.60
N ARG I 67 -4.25 37.12 -63.22
CA ARG I 67 -5.51 37.52 -63.84
C ARG I 67 -6.50 38.07 -62.82
N LEU I 68 -6.50 37.50 -61.62
CA LEU I 68 -7.38 38.01 -60.57
C LEU I 68 -6.87 39.31 -59.97
N GLY I 69 -5.66 39.73 -60.35
CA GLY I 69 -5.13 40.99 -59.84
C GLY I 69 -4.70 40.91 -58.40
N LEU I 70 -4.21 39.76 -57.96
CA LEU I 70 -3.90 39.55 -56.56
C LEU I 70 -2.52 40.08 -56.22
N HIS I 71 -2.38 40.54 -54.98
CA HIS I 71 -1.08 41.01 -54.49
C HIS I 71 -0.04 39.92 -54.64
N TYR I 72 1.23 40.33 -54.79
CA TYR I 72 2.28 39.36 -55.03
C TYR I 72 2.50 38.44 -53.83
N ASP I 73 2.28 38.95 -52.61
CA ASP I 73 2.40 38.09 -51.43
C ASP I 73 1.38 36.96 -51.48
N THR I 74 0.16 37.27 -51.94
CA THR I 74 -0.87 36.24 -51.99
C THR I 74 -0.48 35.10 -52.91
N LEU I 75 0.12 35.42 -54.06
CA LEU I 75 0.58 34.37 -54.96
C LEU I 75 1.65 33.52 -54.30
N ALA I 76 2.64 34.16 -53.68
CA ALA I 76 3.72 33.42 -53.06
C ALA I 76 3.20 32.54 -51.94
N THR I 77 2.30 33.07 -51.11
CA THR I 77 1.75 32.27 -50.02
C THR I 77 1.10 31.01 -50.54
N GLY I 78 0.24 31.15 -51.55
CA GLY I 78 -0.38 29.98 -52.15
C GLY I 78 0.66 29.00 -52.67
N ILE I 79 1.72 29.51 -53.30
CA ILE I 79 2.74 28.64 -53.86
C ILE I 79 3.50 27.89 -52.76
N ILE I 80 3.80 28.56 -51.65
CA ILE I 80 4.52 27.87 -50.58
C ILE I 80 3.63 26.80 -49.97
N TYR I 81 2.34 27.10 -49.77
CA TYR I 81 1.39 26.07 -49.38
C TYR I 81 1.48 24.90 -50.34
N PHE I 82 1.44 25.19 -51.63
CA PHE I 82 1.52 24.14 -52.65
C PHE I 82 2.76 23.29 -52.47
N HIS I 83 3.93 23.92 -52.40
CA HIS I 83 5.17 23.16 -52.29
C HIS I 83 5.19 22.32 -51.02
N ARG I 84 4.80 22.90 -49.89
CA ARG I 84 4.77 22.13 -48.65
C ARG I 84 3.80 20.97 -48.76
N PHE I 85 2.64 21.19 -49.38
CA PHE I 85 1.65 20.14 -49.51
C PHE I 85 2.27 18.86 -50.06
N TYR I 86 3.06 18.99 -51.13
CA TYR I 86 3.62 17.81 -51.80
C TYR I 86 4.90 17.33 -51.15
N MET I 87 5.26 17.87 -49.98
CA MET I 87 6.18 17.20 -49.09
C MET I 87 5.46 16.18 -48.19
N PHE I 88 4.13 16.24 -48.12
CA PHE I 88 3.33 15.32 -47.33
C PHE I 88 2.39 14.46 -48.15
N HIS I 89 2.29 14.70 -49.46
CA HIS I 89 1.40 13.94 -50.31
C HIS I 89 2.07 13.69 -51.64
N SER I 90 1.48 12.78 -52.41
CA SER I 90 2.01 12.40 -53.71
C SER I 90 1.24 13.10 -54.82
N PHE I 91 1.95 13.49 -55.87
CA PHE I 91 1.29 14.06 -57.03
C PHE I 91 0.36 13.06 -57.70
N LYS I 92 0.58 11.76 -57.48
CA LYS I 92 -0.26 10.74 -58.09
C LYS I 92 -1.61 10.62 -57.40
N GLN I 93 -1.74 11.10 -56.16
CA GLN I 93 -2.99 11.03 -55.43
C GLN I 93 -3.74 12.34 -55.36
N PHE I 94 -3.06 13.46 -55.64
CA PHE I 94 -3.66 14.78 -55.61
C PHE I 94 -3.32 15.54 -56.88
N PRO I 95 -4.25 15.71 -57.82
CA PRO I 95 -3.96 16.53 -59.01
C PRO I 95 -3.43 17.90 -58.65
N ARG I 96 -2.33 18.29 -59.32
CA ARG I 96 -1.64 19.52 -58.96
C ARG I 96 -2.53 20.76 -59.17
N TYR I 97 -3.24 20.83 -60.30
CA TYR I 97 -3.99 22.04 -60.60
C TYR I 97 -5.14 22.24 -59.62
N VAL I 98 -5.73 21.16 -59.11
CA VAL I 98 -6.76 21.30 -58.06
C VAL I 98 -6.11 21.77 -56.77
N THR I 99 -5.03 21.10 -56.34
CA THR I 99 -4.31 21.55 -55.16
C THR I 99 -3.89 23.01 -55.29
N GLY I 100 -3.34 23.38 -56.44
CA GLY I 100 -2.96 24.77 -56.65
C GLY I 100 -4.12 25.73 -56.43
N ALA I 101 -5.26 25.43 -57.07
CA ALA I 101 -6.44 26.28 -56.91
C ALA I 101 -6.85 26.38 -55.44
N CYS I 102 -6.81 25.26 -54.72
CA CYS I 102 -7.14 25.27 -53.30
C CYS I 102 -6.16 26.12 -52.51
N CYS I 103 -4.85 25.99 -52.81
CA CYS I 103 -3.85 26.80 -52.11
C CYS I 103 -4.11 28.29 -52.29
N LEU I 104 -4.37 28.71 -53.53
CA LEU I 104 -4.62 30.14 -53.76
C LEU I 104 -5.88 30.58 -53.04
N PHE I 105 -6.93 29.76 -53.09
CA PHE I 105 -8.17 30.10 -52.41
C PHE I 105 -7.92 30.36 -50.93
N LEU I 106 -7.19 29.44 -50.28
CA LEU I 106 -6.89 29.63 -48.86
C LEU I 106 -5.95 30.82 -48.67
N ALA I 107 -4.92 30.93 -49.53
CA ALA I 107 -3.98 32.03 -49.42
C ALA I 107 -4.71 33.37 -49.44
N GLY I 108 -5.69 33.53 -50.33
CA GLY I 108 -6.41 34.78 -50.41
C GLY I 108 -7.06 35.17 -49.09
N LYS I 109 -7.65 34.20 -48.40
CA LYS I 109 -8.24 34.49 -47.10
C LYS I 109 -7.17 34.80 -46.07
N VAL I 110 -6.05 34.07 -46.13
CA VAL I 110 -4.99 34.27 -45.15
C VAL I 110 -4.39 35.67 -45.28
N GLU I 111 -4.12 36.10 -46.51
CA GLU I 111 -3.46 37.37 -46.76
C GLU I 111 -4.43 38.54 -46.88
N GLU I 112 -5.72 38.32 -46.59
CA GLU I 112 -6.73 39.38 -46.64
C GLU I 112 -6.89 39.92 -48.06
N THR I 113 -6.75 39.04 -49.06
CA THR I 113 -7.07 39.35 -50.45
C THR I 113 -8.01 38.27 -50.98
N PRO I 114 -9.17 38.10 -50.36
CA PRO I 114 -10.00 36.93 -50.66
C PRO I 114 -10.62 36.98 -52.04
N LYS I 115 -10.82 35.79 -52.60
CA LYS I 115 -11.52 35.61 -53.87
C LYS I 115 -12.49 34.45 -53.72
N LYS I 116 -13.58 34.51 -54.47
CA LYS I 116 -14.58 33.46 -54.42
C LYS I 116 -14.05 32.22 -55.15
N CYS I 117 -14.35 31.05 -54.60
CA CYS I 117 -13.90 29.82 -55.24
C CYS I 117 -14.44 29.74 -56.66
N LYS I 118 -15.64 30.26 -56.90
CA LYS I 118 -16.23 30.28 -58.23
C LYS I 118 -15.36 31.07 -59.20
N ASP I 119 -14.75 32.16 -58.74
CA ASP I 119 -13.92 32.98 -59.62
C ASP I 119 -12.61 32.29 -59.95
N ILE I 120 -12.01 31.58 -58.99
CA ILE I 120 -10.77 30.88 -59.24
C ILE I 120 -10.97 29.76 -60.27
N ILE I 121 -12.08 29.03 -60.16
CA ILE I 121 -12.35 27.97 -61.12
C ILE I 121 -12.51 28.53 -62.52
N LYS I 122 -13.34 29.58 -62.65
CA LYS I 122 -13.57 30.16 -63.98
C LYS I 122 -12.25 30.59 -64.61
N THR I 123 -11.36 31.20 -63.82
CA THR I 123 -10.06 31.62 -64.35
C THR I 123 -9.23 30.41 -64.76
N ALA I 124 -9.30 29.33 -63.97
CA ALA I 124 -8.55 28.12 -64.32
C ALA I 124 -9.00 27.57 -65.66
N ARG I 125 -10.30 27.65 -65.94
CA ARG I 125 -10.80 27.14 -67.22
C ARG I 125 -10.17 27.90 -68.38
N SER I 126 -10.01 29.22 -68.21
CA SER I 126 -9.41 30.03 -69.26
C SER I 126 -7.97 29.64 -69.55
N LEU I 127 -7.20 29.32 -68.51
CA LEU I 127 -5.78 29.07 -68.64
C LEU I 127 -5.43 27.60 -68.84
N LEU I 128 -6.35 26.69 -68.54
CA LEU I 128 -6.10 25.26 -68.68
C LEU I 128 -6.80 24.71 -69.91
N ASN I 129 -6.15 23.76 -70.57
CA ASN I 129 -6.81 23.07 -71.68
C ASN I 129 -7.81 22.08 -71.11
N ASP I 130 -8.58 21.43 -72.00
CA ASP I 130 -9.67 20.59 -71.53
C ASP I 130 -9.11 19.37 -70.79
N VAL I 131 -8.02 18.81 -71.31
CA VAL I 131 -7.40 17.65 -70.67
C VAL I 131 -6.94 18.01 -69.26
N GLN I 132 -6.28 19.16 -69.13
CA GLN I 132 -5.80 19.60 -67.82
C GLN I 132 -6.96 19.84 -66.86
N PHE I 133 -7.99 20.54 -67.33
CA PHE I 133 -9.14 20.85 -66.49
C PHE I 133 -9.92 19.59 -66.13
N GLY I 134 -9.64 18.46 -66.79
CA GLY I 134 -10.25 17.21 -66.40
C GLY I 134 -9.93 16.80 -64.98
N GLN I 135 -8.84 17.33 -64.42
CA GLN I 135 -8.51 17.06 -63.03
C GLN I 135 -9.62 17.53 -62.10
N PHE I 136 -10.28 18.64 -62.44
CA PHE I 136 -11.34 19.17 -61.59
C PHE I 136 -12.60 18.33 -61.64
N GLY I 137 -12.68 17.34 -62.52
CA GLY I 137 -13.80 16.43 -62.48
C GLY I 137 -15.13 17.08 -62.80
N ASP I 138 -16.19 16.46 -62.27
CA ASP I 138 -17.56 16.89 -62.61
C ASP I 138 -17.98 18.15 -61.87
N ASP I 139 -17.43 18.40 -60.69
CA ASP I 139 -17.77 19.57 -59.88
C ASP I 139 -16.48 20.25 -59.45
N PRO I 140 -15.96 21.17 -60.25
CA PRO I 140 -14.68 21.80 -59.89
C PRO I 140 -14.69 22.46 -58.52
N LYS I 141 -15.72 23.27 -58.24
CA LYS I 141 -15.76 24.00 -56.97
C LYS I 141 -15.68 23.06 -55.77
N GLU I 142 -16.52 22.02 -55.75
CA GLU I 142 -16.56 21.13 -54.59
C GLU I 142 -15.20 20.47 -54.36
N GLU I 143 -14.56 20.00 -55.44
CA GLU I 143 -13.26 19.34 -55.29
C GLU I 143 -12.26 20.25 -54.60
N VAL I 144 -12.28 21.54 -54.94
CA VAL I 144 -11.37 22.49 -54.32
C VAL I 144 -11.76 22.73 -52.87
N MET I 145 -13.05 22.98 -52.63
CA MET I 145 -13.50 23.26 -51.26
C MET I 145 -13.20 22.09 -50.34
N VAL I 146 -13.38 20.87 -50.84
CA VAL I 146 -13.11 19.68 -50.04
C VAL I 146 -11.65 19.60 -49.63
N LEU I 147 -10.74 19.93 -50.56
CA LEU I 147 -9.33 19.79 -50.28
C LEU I 147 -8.86 20.74 -49.18
N GLU I 148 -9.59 21.83 -48.96
CA GLU I 148 -9.18 22.81 -47.96
C GLU I 148 -8.96 22.15 -46.60
N ARG I 149 -9.82 21.22 -46.22
CA ARG I 149 -9.66 20.53 -44.95
C ARG I 149 -8.31 19.83 -44.88
N ILE I 150 -7.97 19.07 -45.91
CA ILE I 150 -6.67 18.39 -45.96
C ILE I 150 -5.54 19.41 -45.99
N LEU I 151 -5.69 20.47 -46.79
CA LEU I 151 -4.64 21.48 -46.89
C LEU I 151 -4.34 22.08 -45.52
N LEU I 152 -5.39 22.53 -44.81
CA LEU I 152 -5.20 23.11 -43.49
C LEU I 152 -4.51 22.13 -42.56
N GLN I 153 -4.96 20.88 -42.54
CA GLN I 153 -4.30 19.87 -41.73
C GLN I 153 -2.87 19.64 -42.19
N THR I 154 -2.65 19.66 -43.51
CA THR I 154 -1.32 19.36 -44.03
C THR I 154 -0.30 20.43 -43.64
N ILE I 155 -0.66 21.70 -43.74
CA ILE I 155 0.23 22.79 -43.37
C ILE I 155 0.14 23.05 -41.88
N LYS I 156 -0.47 22.12 -41.14
CA LYS I 156 -0.49 22.16 -39.68
C LYS I 156 -1.04 23.47 -39.13
N PHE I 157 -2.01 24.05 -39.84
CA PHE I 157 -2.64 25.31 -39.45
C PHE I 157 -1.61 26.39 -39.15
N ASP I 158 -0.40 26.25 -39.67
CA ASP I 158 0.63 27.30 -39.61
C ASP I 158 0.46 28.15 -40.85
N LEU I 159 -0.40 29.16 -40.75
CA LEU I 159 -0.82 29.92 -41.93
C LEU I 159 0.09 31.10 -42.24
N GLN I 160 0.79 31.64 -41.25
CA GLN I 160 1.64 32.80 -41.47
C GLN I 160 2.92 32.36 -42.18
N VAL I 161 3.18 32.94 -43.35
CA VAL I 161 4.39 32.65 -44.11
C VAL I 161 5.02 33.99 -44.47
N GLU I 162 6.34 34.08 -44.30
CA GLU I 162 7.09 35.28 -44.69
C GLU I 162 7.73 35.00 -46.05
N HIS I 163 7.90 36.05 -46.85
CA HIS I 163 8.37 35.84 -48.22
C HIS I 163 9.60 36.67 -48.55
N PRO I 164 10.40 36.22 -49.52
CA PRO I 164 11.66 36.92 -49.82
C PRO I 164 11.50 38.38 -50.23
N TYR I 165 10.35 38.74 -50.81
CA TYR I 165 10.21 40.09 -51.34
C TYR I 165 10.45 41.14 -50.25
N GLN I 166 9.80 40.97 -49.11
CA GLN I 166 9.85 41.99 -48.07
C GLN I 166 11.27 42.21 -47.57
N PHE I 167 12.06 41.14 -47.47
CA PHE I 167 13.43 41.26 -47.03
C PHE I 167 14.31 41.90 -48.11
N LEU I 168 14.00 41.64 -49.37
CA LEU I 168 14.72 42.31 -50.46
C LEU I 168 14.51 43.82 -50.41
N LEU I 169 13.30 44.25 -50.07
CA LEU I 169 13.04 45.68 -49.95
C LEU I 169 13.66 46.24 -48.67
N LYS I 170 13.52 45.51 -47.55
CA LYS I 170 14.09 45.97 -46.29
C LYS I 170 15.59 46.16 -46.40
N TYR I 171 16.29 45.20 -47.02
CA TYR I 171 17.73 45.29 -47.12
C TYR I 171 18.18 46.32 -48.15
N ALA I 172 17.48 46.40 -49.28
CA ALA I 172 17.86 47.39 -50.30
C ALA I 172 17.66 48.80 -49.78
N LYS I 173 16.65 49.01 -48.92
CA LYS I 173 16.38 50.34 -48.38
C LYS I 173 17.55 50.87 -47.58
N GLN I 174 18.40 50.01 -47.05
CA GLN I 174 19.57 50.41 -46.30
C GLN I 174 20.79 50.66 -47.18
N LEU I 175 20.64 50.53 -48.50
CA LEU I 175 21.72 50.81 -49.44
C LEU I 175 21.62 52.26 -49.90
N LYS I 176 22.77 52.95 -49.91
CA LYS I 176 22.88 54.32 -50.38
C LYS I 176 23.88 54.40 -51.51
N GLY I 177 23.47 54.99 -52.63
CA GLY I 177 24.34 55.07 -53.80
C GLY I 177 23.55 55.60 -54.98
N ASP I 178 24.08 55.37 -56.17
CA ASP I 178 23.34 55.75 -57.38
C ASP I 178 21.99 55.06 -57.37
N LYS I 179 20.91 55.84 -57.34
CA LYS I 179 19.58 55.27 -57.21
C LYS I 179 19.28 54.32 -58.35
N ASN I 180 19.68 54.69 -59.57
CA ASN I 180 19.38 53.87 -60.74
C ASN I 180 20.10 52.52 -60.66
N LYS I 181 21.36 52.52 -60.21
CA LYS I 181 22.09 51.27 -60.08
C LYS I 181 21.44 50.36 -59.04
N ILE I 182 21.03 50.95 -57.92
CA ILE I 182 20.37 50.17 -56.87
C ILE I 182 19.04 49.62 -57.39
N GLN I 183 18.24 50.48 -58.01
CA GLN I 183 16.94 50.05 -58.51
C GLN I 183 17.08 48.87 -59.48
N LYS I 184 18.09 48.90 -60.35
CA LYS I 184 18.31 47.77 -61.25
C LYS I 184 18.60 46.49 -60.47
N LEU I 185 19.37 46.60 -59.39
CA LEU I 185 19.62 45.43 -58.54
C LEU I 185 18.30 44.87 -58.01
N VAL I 186 17.44 45.75 -57.47
CA VAL I 186 16.19 45.29 -56.87
C VAL I 186 15.30 44.63 -57.92
N GLN I 187 15.16 45.27 -59.08
CA GLN I 187 14.28 44.75 -60.11
C GLN I 187 14.73 43.37 -60.56
N MET I 188 16.03 43.21 -60.79
CA MET I 188 16.55 41.92 -61.20
C MET I 188 16.35 40.87 -60.10
N ALA I 189 16.65 41.24 -58.86
CA ALA I 189 16.42 40.32 -57.75
C ALA I 189 14.95 39.98 -57.61
N TRP I 190 14.07 40.97 -57.77
CA TRP I 190 12.64 40.71 -57.72
C TRP I 190 12.26 39.66 -58.76
N THR I 191 12.80 39.80 -59.97
CA THR I 191 12.57 38.78 -61.00
C THR I 191 13.09 37.42 -60.55
N PHE I 192 14.28 37.38 -59.96
CA PHE I 192 14.84 36.12 -59.50
C PHE I 192 13.96 35.48 -58.42
N VAL I 193 13.38 36.31 -57.53
CA VAL I 193 12.47 35.77 -56.52
C VAL I 193 11.27 35.12 -57.19
N ASN I 194 10.67 35.80 -58.16
CA ASN I 194 9.53 35.23 -58.89
C ASN I 194 9.93 33.90 -59.52
N ASP I 195 11.16 33.80 -60.03
CA ASP I 195 11.60 32.57 -60.67
C ASP I 195 11.86 31.47 -59.63
N SER I 196 12.34 31.84 -58.45
CA SER I 196 12.62 30.85 -57.42
C SER I 196 11.37 30.19 -56.88
N LEU I 197 10.19 30.76 -57.16
CA LEU I 197 8.95 30.17 -56.68
C LEU I 197 8.60 28.89 -57.42
N CYS I 198 9.20 28.65 -58.57
CA CYS I 198 9.00 27.40 -59.29
C CYS I 198 9.89 26.29 -58.77
N THR I 199 10.75 26.58 -57.80
CA THR I 199 11.72 25.63 -57.29
C THR I 199 11.42 25.32 -55.83
N THR I 200 12.11 24.31 -55.31
CA THR I 200 11.99 23.90 -53.91
C THR I 200 12.88 24.72 -52.98
N LEU I 201 13.43 25.84 -53.46
CA LEU I 201 14.19 26.72 -52.59
C LEU I 201 13.32 27.23 -51.45
N SER I 202 12.03 27.45 -51.71
CA SER I 202 11.12 27.85 -50.64
C SER I 202 11.15 26.85 -49.49
N LEU I 203 11.49 25.60 -49.79
CA LEU I 203 11.52 24.52 -48.81
C LEU I 203 12.91 24.28 -48.23
N GLN I 204 13.93 24.96 -48.73
CA GLN I 204 15.31 24.72 -48.28
C GLN I 204 15.88 25.83 -47.42
N TRP I 205 15.52 27.08 -47.66
CA TRP I 205 16.20 28.20 -47.02
C TRP I 205 15.18 29.25 -46.60
N GLU I 206 15.42 29.86 -45.43
CA GLU I 206 14.55 30.91 -44.94
C GLU I 206 14.42 32.03 -45.98
N PRO I 207 13.31 32.78 -45.93
CA PRO I 207 13.12 33.85 -46.93
C PRO I 207 14.22 34.88 -46.92
N GLU I 208 14.73 35.23 -45.74
CA GLU I 208 15.82 36.19 -45.64
C GLU I 208 17.02 35.73 -46.47
N ILE I 209 17.38 34.45 -46.37
CA ILE I 209 18.53 33.93 -47.11
C ILE I 209 18.27 34.03 -48.61
N ILE I 210 17.06 33.69 -49.05
CA ILE I 210 16.72 33.82 -50.47
C ILE I 210 16.90 35.27 -50.92
N ALA I 211 16.41 36.22 -50.12
CA ALA I 211 16.51 37.62 -50.50
C ALA I 211 17.97 38.04 -50.70
N VAL I 212 18.85 37.62 -49.79
CA VAL I 212 20.26 37.94 -49.94
C VAL I 212 20.82 37.27 -51.20
N ALA I 213 20.48 36.01 -51.42
CA ALA I 213 21.00 35.29 -52.57
C ALA I 213 20.66 36.01 -53.87
N VAL I 214 19.42 36.50 -54.00
CA VAL I 214 19.05 37.16 -55.24
C VAL I 214 19.75 38.51 -55.36
N MET I 215 19.94 39.22 -54.25
CA MET I 215 20.77 40.42 -54.29
C MET I 215 22.21 40.05 -54.66
N TYR I 216 22.72 38.96 -54.08
CA TYR I 216 24.05 38.47 -54.40
C TYR I 216 24.19 38.15 -55.88
N LEU I 217 23.21 37.43 -56.44
CA LEU I 217 23.26 37.08 -57.86
C LEU I 217 23.19 38.33 -58.73
N ALA I 218 22.19 39.18 -58.49
CA ALA I 218 22.03 40.39 -59.31
C ALA I 218 23.29 41.25 -59.26
N GLY I 219 23.92 41.33 -58.08
CA GLY I 219 25.16 42.08 -57.99
C GLY I 219 26.22 41.51 -58.91
N ARG I 220 26.38 40.19 -58.90
CA ARG I 220 27.35 39.56 -59.78
C ARG I 220 27.03 39.86 -61.24
N LEU I 221 25.76 39.69 -61.63
CA LEU I 221 25.40 39.89 -63.03
C LEU I 221 25.57 41.35 -63.46
N CYS I 222 25.17 42.29 -62.61
CA CYS I 222 25.29 43.71 -62.93
C CYS I 222 26.67 44.28 -62.61
N LYS I 223 27.60 43.46 -62.13
CA LYS I 223 28.95 43.91 -61.82
C LYS I 223 28.93 45.06 -60.80
N PHE I 224 28.08 44.93 -59.79
CA PHE I 224 27.99 45.90 -58.71
C PHE I 224 28.71 45.37 -57.48
N GLU I 225 29.27 46.28 -56.70
CA GLU I 225 29.92 45.96 -55.44
C GLU I 225 29.02 46.45 -54.30
N ILE I 226 28.14 45.56 -53.84
CA ILE I 226 27.08 45.98 -52.93
C ILE I 226 27.67 46.52 -51.64
N GLN I 227 28.85 46.06 -51.25
CA GLN I 227 29.41 46.51 -49.98
C GLN I 227 29.53 48.02 -49.95
N GLU I 228 29.83 48.65 -51.09
CA GLU I 228 30.05 50.09 -51.12
C GLU I 228 28.80 50.86 -50.70
N TRP I 229 27.61 50.35 -51.02
CA TRP I 229 26.39 51.06 -50.67
C TRP I 229 25.98 50.88 -49.22
N THR I 230 26.54 49.92 -48.50
CA THR I 230 26.17 49.66 -47.12
C THR I 230 26.86 50.65 -46.17
N SER I 231 26.38 50.66 -44.92
CA SER I 231 27.00 51.49 -43.89
C SER I 231 28.44 51.07 -43.62
N LYS I 232 28.79 49.81 -43.91
CA LYS I 232 30.16 49.32 -43.76
C LYS I 232 30.77 49.06 -45.12
N PRO I 233 31.35 50.07 -45.79
CA PRO I 233 31.80 49.88 -47.18
C PRO I 233 33.06 49.03 -47.33
N MET I 234 33.80 48.75 -46.26
CA MET I 234 35.00 47.93 -46.34
C MET I 234 34.78 46.51 -45.82
N TYR I 235 33.55 46.16 -45.50
CA TYR I 235 33.15 44.81 -45.08
C TYR I 235 32.71 44.05 -46.32
N ARG I 236 33.65 43.29 -46.92
CA ARG I 236 33.38 42.64 -48.20
C ARG I 236 32.20 41.68 -48.12
N ARG I 237 31.97 41.08 -46.97
CA ARG I 237 30.79 40.24 -46.74
C ARG I 237 29.65 41.19 -46.43
N TRP I 238 28.98 41.68 -47.48
CA TRP I 238 28.01 42.75 -47.29
C TRP I 238 26.73 42.26 -46.65
N TRP I 239 26.38 41.00 -46.84
CA TRP I 239 25.12 40.47 -46.34
C TRP I 239 25.12 40.16 -44.85
N GLU I 240 26.29 39.95 -44.24
CA GLU I 240 26.32 39.49 -42.86
C GLU I 240 25.67 40.48 -41.91
N GLN I 241 25.52 41.74 -42.32
CA GLN I 241 24.84 42.71 -41.47
C GLN I 241 23.32 42.61 -41.63
N PHE I 242 22.84 41.92 -42.67
CA PHE I 242 21.41 41.69 -42.86
C PHE I 242 20.99 40.31 -42.38
N VAL I 243 21.76 39.28 -42.73
CA VAL I 243 21.46 37.90 -42.36
C VAL I 243 22.73 37.31 -41.76
N GLN I 244 22.65 36.90 -40.51
CA GLN I 244 23.82 36.38 -39.81
C GLN I 244 24.03 34.91 -40.11
N ASP I 245 25.30 34.50 -40.17
CA ASP I 245 25.67 33.10 -40.23
C ASP I 245 25.25 32.45 -41.55
N VAL I 246 25.50 33.14 -42.65
CA VAL I 246 25.19 32.60 -43.98
C VAL I 246 26.49 32.31 -44.70
N PRO I 247 26.81 31.04 -44.96
CA PRO I 247 28.03 30.74 -45.72
C PRO I 247 27.89 31.14 -47.18
N VAL I 248 29.02 31.45 -47.80
CA VAL I 248 29.01 31.82 -49.22
C VAL I 248 28.52 30.65 -50.06
N ASP I 249 28.90 29.43 -49.69
CA ASP I 249 28.48 28.25 -50.43
C ASP I 249 26.97 28.19 -50.56
N VAL I 250 26.26 28.55 -49.49
CA VAL I 250 24.81 28.60 -49.55
C VAL I 250 24.36 29.56 -50.64
N LEU I 251 24.85 30.80 -50.59
CA LEU I 251 24.46 31.77 -51.61
C LEU I 251 24.81 31.26 -53.00
N GLU I 252 25.91 30.53 -53.14
CA GLU I 252 26.25 29.95 -54.44
C GLU I 252 25.29 28.83 -54.81
N ASP I 253 24.93 27.98 -53.84
CA ASP I 253 23.96 26.92 -54.11
C ASP I 253 22.63 27.49 -54.60
N ILE I 254 22.14 28.55 -53.94
CA ILE I 254 20.88 29.15 -54.33
C ILE I 254 20.99 29.80 -55.71
N CYS I 255 22.05 30.57 -55.92
CA CYS I 255 22.26 31.19 -57.22
C CYS I 255 22.30 30.15 -58.32
N HIS I 256 23.00 29.04 -58.08
CA HIS I 256 23.13 28.00 -59.08
C HIS I 256 21.77 27.50 -59.53
N GLN I 257 20.87 27.23 -58.58
CA GLN I 257 19.57 26.68 -58.95
C GLN I 257 18.80 27.64 -59.85
N ILE I 258 18.87 28.93 -59.57
CA ILE I 258 18.18 29.91 -60.41
C ILE I 258 18.79 29.92 -61.81
N LEU I 259 20.12 29.93 -61.88
CA LEU I 259 20.77 29.97 -63.18
C LEU I 259 20.47 28.70 -63.98
N ASP I 260 20.29 27.57 -63.30
CA ASP I 260 19.95 26.33 -63.99
C ASP I 260 18.61 26.43 -64.69
N LEU I 261 17.62 27.05 -64.04
CA LEU I 261 16.31 27.20 -64.67
C LEU I 261 16.40 27.96 -65.98
N TYR I 262 17.16 29.06 -66.00
CA TYR I 262 17.28 29.85 -67.21
C TYR I 262 18.02 29.09 -68.31
N SER I 263 19.12 28.42 -67.96
CA SER I 263 19.89 27.68 -68.95
C SER I 263 19.11 26.47 -69.47
N GLN I 264 18.38 25.80 -68.58
CA GLN I 264 17.60 24.62 -68.98
C GLN I 264 16.56 24.97 -70.03
N GLY I 265 15.78 26.00 -69.76
CA GLY I 265 14.74 26.45 -70.66
C GLY I 265 15.29 27.28 -71.80
N LYS I 266 14.37 27.86 -72.58
CA LYS I 266 14.73 28.80 -73.61
C LYS I 266 14.90 30.23 -73.09
N GLN I 267 14.34 30.55 -71.93
CA GLN I 267 14.44 31.89 -71.36
C GLN I 267 15.88 32.21 -70.96
N GLN I 268 16.23 33.50 -70.97
CA GLN I 268 17.58 33.94 -70.68
C GLN I 268 17.63 34.88 -69.47
N MET I 269 18.84 35.10 -68.96
CA MET I 269 19.03 35.94 -67.79
C MET I 269 18.49 37.35 -68.04
N PRO I 270 17.82 37.98 -67.07
CA PRO I 270 17.24 39.31 -67.35
C PRO I 270 18.29 40.34 -67.72
N HIS I 271 19.38 40.42 -66.96
CA HIS I 271 20.44 41.41 -67.15
C HIS I 271 19.96 42.73 -67.74
#